data_1GQO
#
_entry.id   1GQO
#
_cell.length_a   97.210
_cell.length_b   195.610
_cell.length_c   97.360
_cell.angle_alpha   90.00
_cell.angle_beta   91.87
_cell.angle_gamma   90.00
#
_symmetry.space_group_name_H-M   'P 1 21 1'
#
loop_
_entity.id
_entity.type
_entity.pdbx_description
1 polymer DEHYDROQUINASE
2 non-polymer GLYCEROL
3 water water
#
_entity_poly.entity_id   1
_entity_poly.type   'polypeptide(L)'
_entity_poly.pdbx_seq_one_letter_code
;PHFLILNGPNVNRLGSREPEVFGRQTLTDIETDLFQFAEALHIQLTFFQSNHEGDLIDAIHEAEEQYSGIVLNPGALSHY
SYAIRDAVSSISLPVVEVHLSNLYAREEFRHQSVIAPVAKGQIVGLGAEGYKLAVRYLLSQQG
;
_entity_poly.pdbx_strand_id   A,B,C,D,E,F,G,H,I,J,K,L,M,N,O,P,Q,R,S,T,U,V,X,Y
#
loop_
_chem_comp.id
_chem_comp.type
_chem_comp.name
_chem_comp.formula
GOL non-polymer GLYCEROL 'C3 H8 O3'
#
# COMPACT_ATOMS: atom_id res chain seq x y z
N PRO A 1 47.58 -13.88 17.72
CA PRO A 1 47.08 -14.80 18.75
C PRO A 1 47.16 -16.23 18.24
N HIS A 2 46.96 -17.14 19.20
CA HIS A 2 46.92 -18.57 19.11
C HIS A 2 45.60 -19.26 19.48
N PHE A 3 44.98 -19.93 18.53
CA PHE A 3 43.69 -20.58 18.77
C PHE A 3 43.80 -22.09 18.75
N LEU A 4 42.89 -22.75 19.38
CA LEU A 4 42.74 -24.21 19.38
C LEU A 4 41.62 -24.54 18.40
N ILE A 5 41.75 -25.49 17.53
CA ILE A 5 40.82 -26.05 16.62
C ILE A 5 40.51 -27.45 17.22
N LEU A 6 39.33 -27.59 17.86
CA LEU A 6 38.99 -28.78 18.63
C LEU A 6 37.96 -29.63 17.92
N ASN A 7 38.32 -30.86 17.53
CA ASN A 7 37.41 -31.66 16.74
C ASN A 7 37.03 -32.89 17.55
N GLY A 8 35.75 -33.20 17.59
CA GLY A 8 35.10 -34.26 18.28
C GLY A 8 34.98 -35.57 17.47
N PRO A 9 34.16 -36.47 17.99
CA PRO A 9 34.06 -37.81 17.45
C PRO A 9 33.65 -37.79 16.00
N ASN A 10 34.20 -38.73 15.29
CA ASN A 10 34.06 -39.02 13.85
C ASN A 10 34.54 -37.95 12.90
N VAL A 11 34.95 -36.74 13.29
CA VAL A 11 35.44 -35.70 12.45
C VAL A 11 36.71 -36.19 11.72
N ASN A 12 37.49 -37.11 12.34
CA ASN A 12 38.65 -37.72 11.72
C ASN A 12 38.22 -38.59 10.55
N ARG A 13 36.98 -38.98 10.35
CA ARG A 13 36.50 -39.77 9.26
C ARG A 13 36.02 -38.97 8.04
N LEU A 14 36.04 -37.66 7.98
CA LEU A 14 35.72 -36.88 6.79
C LEU A 14 36.38 -37.57 5.59
N GLY A 15 35.66 -38.25 4.69
CA GLY A 15 36.27 -38.98 3.58
C GLY A 15 35.81 -40.39 3.28
N SER A 16 35.47 -41.25 4.25
CA SER A 16 34.96 -42.58 3.98
C SER A 16 33.67 -42.59 3.18
N ARG A 17 32.91 -41.50 3.23
CA ARG A 17 31.62 -41.37 2.59
C ARG A 17 31.18 -39.96 2.20
N GLU A 18 29.97 -39.90 1.68
CA GLU A 18 29.12 -38.80 1.28
C GLU A 18 29.78 -37.45 1.06
N PRO A 19 30.47 -37.28 -0.06
CA PRO A 19 31.16 -36.06 -0.42
C PRO A 19 30.31 -34.88 -0.84
N GLU A 20 29.03 -35.06 -1.12
CA GLU A 20 28.15 -33.94 -1.48
C GLU A 20 27.63 -33.35 -0.16
N VAL A 21 27.66 -34.19 0.86
CA VAL A 21 27.24 -33.84 2.21
C VAL A 21 28.40 -33.28 3.02
N PHE A 22 29.61 -33.85 2.89
CA PHE A 22 30.75 -33.34 3.64
C PHE A 22 31.98 -33.09 2.75
N GLY A 23 31.82 -32.78 1.46
CA GLY A 23 33.00 -32.50 0.63
C GLY A 23 33.83 -33.77 0.46
N ARG A 24 34.99 -33.72 -0.20
CA ARG A 24 35.81 -34.93 -0.35
C ARG A 24 37.11 -34.80 0.45
N GLN A 25 37.47 -33.59 0.90
CA GLN A 25 38.72 -33.48 1.64
C GLN A 25 38.71 -34.29 2.95
N THR A 26 39.89 -34.53 3.50
CA THR A 26 40.04 -35.31 4.73
C THR A 26 40.35 -34.26 5.82
N LEU A 27 40.33 -34.71 7.09
CA LEU A 27 40.65 -33.81 8.17
C LEU A 27 42.09 -33.31 8.03
N THR A 28 43.03 -34.14 7.56
CA THR A 28 44.39 -33.81 7.26
C THR A 28 44.47 -32.79 6.14
N ASP A 29 43.77 -33.00 5.03
CA ASP A 29 43.70 -31.91 4.02
C ASP A 29 43.30 -30.57 4.65
N ILE A 30 42.21 -30.50 5.44
CA ILE A 30 41.74 -29.27 6.04
C ILE A 30 42.77 -28.61 6.98
N GLU A 31 43.47 -29.40 7.76
CA GLU A 31 44.48 -28.88 8.70
C GLU A 31 45.63 -28.22 7.94
N THR A 32 46.01 -28.83 6.81
CA THR A 32 47.03 -28.21 5.95
C THR A 32 46.57 -26.87 5.41
N ASP A 33 45.33 -26.78 4.90
CA ASP A 33 44.85 -25.48 4.44
C ASP A 33 44.83 -24.43 5.58
N LEU A 34 44.32 -24.83 6.76
CA LEU A 34 44.26 -23.86 7.85
C LEU A 34 45.66 -23.46 8.30
N PHE A 35 46.55 -24.46 8.09
CA PHE A 35 47.96 -24.31 8.32
C PHE A 35 48.52 -23.18 7.45
N GLN A 36 48.35 -23.26 6.12
CA GLN A 36 48.84 -22.15 5.30
C GLN A 36 48.00 -20.91 5.53
N PHE A 37 46.68 -21.08 5.53
CA PHE A 37 45.79 -19.98 5.91
C PHE A 37 46.37 -19.17 7.06
N ALA A 38 46.76 -19.80 8.17
CA ALA A 38 47.30 -19.15 9.34
C ALA A 38 48.69 -18.52 9.14
N GLU A 39 49.62 -19.23 8.47
CA GLU A 39 50.92 -18.64 8.18
C GLU A 39 50.62 -17.21 7.66
N ALA A 40 49.90 -17.16 6.56
CA ALA A 40 49.53 -15.92 5.93
C ALA A 40 48.83 -14.88 6.79
N LEU A 41 48.11 -15.20 7.87
CA LEU A 41 47.56 -14.09 8.69
C LEU A 41 48.46 -13.82 9.92
N HIS A 42 49.57 -14.55 9.98
CA HIS A 42 50.47 -14.36 11.11
C HIS A 42 49.70 -14.68 12.39
N ILE A 43 49.21 -15.90 12.48
CA ILE A 43 48.50 -16.38 13.65
C ILE A 43 48.91 -17.85 13.87
N GLN A 44 48.83 -18.30 15.13
CA GLN A 44 49.09 -19.71 15.40
C GLN A 44 47.78 -20.46 15.74
N LEU A 45 47.75 -21.71 15.34
CA LEU A 45 46.68 -22.66 15.58
C LEU A 45 47.23 -23.97 16.13
N THR A 46 46.53 -24.62 17.02
CA THR A 46 46.88 -25.98 17.40
C THR A 46 45.62 -26.80 17.13
N PHE A 47 45.80 -27.96 16.54
CA PHE A 47 44.70 -28.87 16.27
C PHE A 47 44.66 -30.07 17.24
N PHE A 48 43.51 -30.48 17.69
CA PHE A 48 43.37 -31.67 18.51
C PHE A 48 42.04 -32.39 18.20
N GLN A 49 42.05 -33.67 17.96
CA GLN A 49 40.85 -34.42 17.73
C GLN A 49 40.75 -35.62 18.69
N SER A 50 39.52 -35.96 19.08
CA SER A 50 39.31 -37.12 19.88
C SER A 50 37.83 -37.59 19.82
N ASN A 51 37.68 -38.90 19.88
CA ASN A 51 36.41 -39.54 19.91
C ASN A 51 35.85 -39.61 21.34
N HIS A 52 36.49 -39.12 22.37
CA HIS A 52 36.13 -39.12 23.76
C HIS A 52 35.64 -37.77 24.27
N GLU A 53 34.47 -37.73 24.83
CA GLU A 53 33.79 -36.55 25.32
C GLU A 53 34.66 -35.93 26.41
N GLY A 54 35.23 -36.75 27.28
CA GLY A 54 36.09 -36.35 28.38
C GLY A 54 37.36 -35.69 27.86
N ASP A 55 37.89 -36.14 26.72
CA ASP A 55 39.08 -35.50 26.18
C ASP A 55 38.73 -34.07 25.73
N LEU A 56 37.55 -33.87 25.15
CA LEU A 56 37.18 -32.51 24.72
C LEU A 56 36.96 -31.63 25.95
N ILE A 57 36.40 -32.14 26.98
CA ILE A 57 36.18 -31.42 28.22
C ILE A 57 37.53 -31.03 28.88
N ASP A 58 38.43 -32.02 28.99
CA ASP A 58 39.75 -31.76 29.50
C ASP A 58 40.46 -30.62 28.71
N ALA A 59 40.43 -30.73 27.38
CA ALA A 59 41.04 -29.71 26.51
C ALA A 59 40.46 -28.34 26.70
N ILE A 60 39.14 -28.25 26.87
CA ILE A 60 38.47 -26.98 27.03
C ILE A 60 38.93 -26.36 28.35
N HIS A 61 38.93 -27.10 29.46
CA HIS A 61 39.36 -26.67 30.74
C HIS A 61 40.80 -26.13 30.71
N GLU A 62 41.70 -26.85 30.06
CA GLU A 62 43.09 -26.51 29.93
C GLU A 62 43.40 -25.38 28.94
N ALA A 63 42.47 -25.10 28.05
CA ALA A 63 42.60 -24.09 27.03
C ALA A 63 42.88 -22.68 27.59
N GLU A 64 42.21 -22.35 28.66
CA GLU A 64 42.14 -21.10 29.36
C GLU A 64 43.50 -20.49 29.62
N GLU A 65 44.49 -21.32 29.87
CA GLU A 65 45.82 -20.87 30.17
C GLU A 65 46.72 -20.93 28.96
N GLN A 66 46.21 -21.18 27.76
CA GLN A 66 47.17 -21.28 26.66
C GLN A 66 46.70 -20.68 25.37
N TYR A 67 45.39 -20.56 25.18
CA TYR A 67 44.88 -20.03 23.94
C TYR A 67 44.03 -18.79 24.15
N SER A 68 43.74 -18.04 23.06
CA SER A 68 42.85 -16.94 23.27
C SER A 68 41.47 -17.23 22.70
N GLY A 69 41.19 -18.38 22.10
CA GLY A 69 39.82 -18.72 21.66
C GLY A 69 39.80 -20.15 21.14
N ILE A 70 38.71 -20.79 20.86
CA ILE A 70 38.48 -22.14 20.45
C ILE A 70 37.40 -22.15 19.34
N VAL A 71 37.71 -22.90 18.29
CA VAL A 71 36.81 -23.24 17.24
C VAL A 71 36.51 -24.72 17.53
N LEU A 72 35.29 -25.03 17.84
CA LEU A 72 34.81 -26.33 18.20
C LEU A 72 33.86 -26.98 17.21
N ASN A 73 34.27 -28.17 16.77
CA ASN A 73 33.43 -29.05 15.94
C ASN A 73 33.34 -30.32 16.75
N PRO A 74 32.24 -30.40 17.52
CA PRO A 74 32.05 -31.53 18.42
C PRO A 74 31.50 -32.79 17.82
N GLY A 75 31.21 -32.75 16.52
CA GLY A 75 30.54 -33.85 15.91
C GLY A 75 29.18 -34.05 16.54
N ALA A 76 28.66 -35.30 16.55
CA ALA A 76 27.30 -35.46 17.11
C ALA A 76 27.13 -35.13 18.59
N LEU A 77 28.14 -34.96 19.39
CA LEU A 77 28.13 -34.53 20.79
C LEU A 77 27.45 -33.18 20.93
N SER A 78 27.38 -32.37 19.88
CA SER A 78 26.57 -31.14 19.81
C SER A 78 25.12 -31.37 20.21
N HIS A 79 24.56 -32.53 19.91
CA HIS A 79 23.15 -32.73 20.10
C HIS A 79 22.75 -33.25 21.44
N TYR A 80 23.70 -33.61 22.26
CA TYR A 80 23.36 -34.16 23.56
C TYR A 80 24.31 -33.94 24.69
N SER A 81 25.54 -33.47 24.40
CA SER A 81 26.53 -33.38 25.49
C SER A 81 26.41 -32.16 26.37
N TYR A 82 25.51 -32.22 27.31
CA TYR A 82 25.40 -31.16 28.31
C TYR A 82 26.71 -31.02 29.10
N ALA A 83 27.49 -32.09 29.22
CA ALA A 83 28.77 -31.96 29.86
C ALA A 83 29.73 -31.05 29.08
N ILE A 84 29.71 -30.99 27.79
CA ILE A 84 30.61 -30.15 27.02
C ILE A 84 30.00 -28.76 27.08
N ARG A 85 28.65 -28.70 27.12
CA ARG A 85 28.07 -27.33 27.31
C ARG A 85 28.63 -26.66 28.54
N ASP A 86 28.44 -27.35 29.69
CA ASP A 86 28.93 -26.77 30.97
C ASP A 86 30.41 -26.46 30.97
N ALA A 87 31.30 -27.20 30.36
CA ALA A 87 32.70 -26.94 30.19
C ALA A 87 32.90 -25.63 29.47
N VAL A 88 32.21 -25.35 28.32
CA VAL A 88 32.31 -24.10 27.63
C VAL A 88 31.91 -22.95 28.52
N SER A 89 30.93 -23.07 29.36
CA SER A 89 30.47 -22.05 30.27
C SER A 89 31.44 -21.80 31.42
N SER A 90 32.28 -22.80 31.72
CA SER A 90 33.21 -22.66 32.81
C SER A 90 34.49 -21.91 32.51
N ILE A 91 34.79 -21.52 31.29
CA ILE A 91 35.98 -20.83 30.87
C ILE A 91 35.62 -19.47 30.31
N SER A 92 36.58 -18.58 30.25
CA SER A 92 36.34 -17.22 29.76
C SER A 92 36.60 -17.05 28.30
N LEU A 93 37.28 -17.94 27.61
CA LEU A 93 37.56 -17.78 26.22
C LEU A 93 36.30 -17.81 25.34
N PRO A 94 36.32 -17.08 24.23
CA PRO A 94 35.28 -17.15 23.23
C PRO A 94 35.37 -18.42 22.40
N VAL A 95 34.29 -19.18 22.34
CA VAL A 95 34.18 -20.46 21.59
C VAL A 95 33.17 -20.31 20.47
N VAL A 96 33.47 -20.80 19.29
CA VAL A 96 32.53 -20.77 18.17
C VAL A 96 32.32 -22.23 17.79
N GLU A 97 31.04 -22.62 17.66
CA GLU A 97 30.67 -23.97 17.21
C GLU A 97 30.59 -24.02 15.70
N VAL A 98 31.19 -24.99 15.03
CA VAL A 98 31.25 -25.16 13.66
C VAL A 98 30.86 -26.53 13.12
N HIS A 99 30.02 -26.66 12.14
CA HIS A 99 29.64 -27.88 11.46
C HIS A 99 29.74 -27.62 9.94
N LEU A 100 30.34 -28.57 9.24
CA LEU A 100 30.57 -28.54 7.81
C LEU A 100 29.29 -28.70 6.98
N SER A 101 28.58 -29.78 7.20
CA SER A 101 27.34 -30.00 6.50
C SER A 101 26.20 -29.16 7.03
N ASN A 102 25.17 -29.02 6.24
CA ASN A 102 23.98 -28.28 6.60
C ASN A 102 23.12 -29.23 7.44
N LEU A 103 23.29 -29.26 8.72
CA LEU A 103 22.56 -30.09 9.68
C LEU A 103 21.05 -29.99 9.57
N TYR A 104 20.49 -28.82 9.30
CA TYR A 104 19.10 -28.45 9.17
C TYR A 104 18.49 -29.14 7.98
N ALA A 105 19.25 -29.67 7.04
CA ALA A 105 18.72 -30.44 5.94
C ALA A 105 18.89 -31.89 6.23
N ARG A 106 19.43 -32.32 7.41
CA ARG A 106 19.61 -33.77 7.64
C ARG A 106 18.64 -34.29 8.70
N GLU A 107 18.95 -35.37 9.40
CA GLU A 107 18.07 -35.84 10.45
C GLU A 107 17.69 -34.76 11.48
N GLU A 108 16.46 -34.85 11.98
CA GLU A 108 15.88 -33.97 12.95
C GLU A 108 16.69 -33.80 14.21
N PHE A 109 17.30 -34.92 14.64
CA PHE A 109 18.10 -34.91 15.87
C PHE A 109 19.29 -33.97 15.74
N ARG A 110 19.74 -33.65 14.55
CA ARG A 110 20.85 -32.77 14.29
C ARG A 110 20.46 -31.26 14.32
N HIS A 111 19.18 -30.99 14.41
CA HIS A 111 18.74 -29.60 14.32
C HIS A 111 18.88 -28.81 15.61
N GLN A 112 19.29 -29.35 16.74
CA GLN A 112 19.48 -28.56 17.94
C GLN A 112 20.90 -28.83 18.49
N SER A 113 21.53 -27.76 18.91
CA SER A 113 22.77 -27.84 19.63
C SER A 113 22.52 -27.56 21.08
N VAL A 114 23.08 -28.37 21.97
CA VAL A 114 22.98 -28.02 23.37
C VAL A 114 24.21 -27.18 23.80
N ILE A 115 25.18 -27.01 22.95
CA ILE A 115 26.37 -26.28 23.26
C ILE A 115 26.29 -24.80 22.84
N ALA A 116 25.58 -24.56 21.73
CA ALA A 116 25.45 -23.24 21.19
C ALA A 116 24.89 -22.15 22.02
N PRO A 117 23.99 -22.39 22.94
CA PRO A 117 23.46 -21.33 23.78
C PRO A 117 24.53 -20.63 24.62
N VAL A 118 25.62 -21.33 24.92
CA VAL A 118 26.58 -20.78 25.83
C VAL A 118 27.83 -20.36 25.05
N ALA A 119 27.90 -20.53 23.77
CA ALA A 119 28.98 -20.16 22.96
C ALA A 119 28.72 -18.74 22.44
N LYS A 120 29.75 -18.23 21.77
CA LYS A 120 29.56 -16.90 21.16
C LYS A 120 28.53 -17.05 20.03
N GLY A 121 28.68 -18.10 19.23
CA GLY A 121 27.80 -18.33 18.10
C GLY A 121 28.16 -19.71 17.46
N GLN A 122 27.55 -19.88 16.26
CA GLN A 122 27.64 -21.06 15.49
C GLN A 122 27.55 -20.81 13.99
N ILE A 123 28.29 -21.62 13.27
CA ILE A 123 28.36 -21.66 11.81
C ILE A 123 28.06 -23.07 11.30
N VAL A 124 27.03 -23.26 10.47
CA VAL A 124 26.59 -24.54 9.99
C VAL A 124 26.37 -24.49 8.47
N GLY A 125 26.81 -25.51 7.76
CA GLY A 125 26.55 -25.63 6.39
C GLY A 125 27.59 -24.99 5.45
N LEU A 126 28.59 -24.29 5.93
CA LEU A 126 29.52 -23.62 5.01
C LEU A 126 30.75 -24.43 4.74
N GLY A 127 30.75 -25.72 4.93
CA GLY A 127 31.82 -26.61 4.58
C GLY A 127 33.05 -26.29 5.40
N ALA A 128 34.21 -26.70 4.89
CA ALA A 128 35.45 -26.49 5.66
C ALA A 128 35.80 -25.01 5.80
N GLU A 129 35.27 -24.19 4.89
CA GLU A 129 35.47 -22.76 4.99
C GLU A 129 35.00 -22.22 6.35
N GLY A 130 34.02 -22.87 7.00
CA GLY A 130 33.50 -22.44 8.28
C GLY A 130 34.55 -22.31 9.37
N TYR A 131 35.57 -23.14 9.36
CA TYR A 131 36.69 -23.11 10.26
C TYR A 131 37.50 -21.80 10.09
N LYS A 132 37.69 -21.38 8.84
CA LYS A 132 38.39 -20.13 8.54
C LYS A 132 37.50 -18.97 8.97
N LEU A 133 36.20 -19.08 8.70
CA LEU A 133 35.29 -17.98 9.06
C LEU A 133 35.24 -17.86 10.55
N ALA A 134 35.35 -18.94 11.31
CA ALA A 134 35.30 -18.83 12.79
C ALA A 134 36.62 -18.21 13.29
N VAL A 135 37.71 -18.67 12.65
CA VAL A 135 38.99 -18.04 13.04
C VAL A 135 38.95 -16.55 12.76
N ARG A 136 38.30 -16.10 11.67
CA ARG A 136 38.27 -14.65 11.43
C ARG A 136 37.47 -13.88 12.44
N TYR A 137 36.30 -14.48 12.81
CA TYR A 137 35.51 -13.85 13.87
C TYR A 137 36.31 -13.70 15.19
N LEU A 138 37.03 -14.76 15.52
CA LEU A 138 37.82 -14.75 16.76
C LEU A 138 38.89 -13.67 16.67
N LEU A 139 39.48 -13.51 15.46
CA LEU A 139 40.47 -12.48 15.22
C LEU A 139 39.89 -11.09 15.36
N SER A 140 38.64 -10.89 15.01
CA SER A 140 38.03 -9.57 15.12
C SER A 140 37.55 -9.31 16.53
N GLN A 141 37.78 -10.13 17.52
CA GLN A 141 37.44 -9.90 18.90
C GLN A 141 38.70 -9.67 19.76
N GLN A 142 34.97 -8.06 19.33
N PRO B 1 36.28 -65.46 7.46
CA PRO B 1 36.16 -64.11 8.09
C PRO B 1 36.56 -64.07 9.56
N HIS B 2 36.67 -62.89 10.14
CA HIS B 2 36.97 -62.70 11.54
C HIS B 2 36.01 -61.58 12.01
N PHE B 3 35.19 -61.75 12.99
CA PHE B 3 34.24 -60.78 13.48
C PHE B 3 34.64 -60.22 14.85
N LEU B 4 34.25 -58.99 15.08
CA LEU B 4 34.47 -58.29 16.35
C LEU B 4 33.14 -58.30 17.13
N ILE B 5 33.20 -58.76 18.33
CA ILE B 5 32.14 -58.79 19.30
C ILE B 5 32.50 -57.61 20.25
N LEU B 6 31.74 -56.53 20.07
CA LEU B 6 31.95 -55.29 20.80
C LEU B 6 30.89 -55.01 21.85
N ASN B 7 31.24 -54.99 23.14
CA ASN B 7 30.39 -54.81 24.23
C ASN B 7 30.65 -53.52 25.00
N GLY B 8 29.56 -52.79 25.19
CA GLY B 8 29.47 -51.50 25.81
C GLY B 8 29.42 -51.54 27.32
N PRO B 9 29.21 -50.36 27.95
CA PRO B 9 29.14 -50.20 29.38
C PRO B 9 28.18 -51.09 30.03
N ASN B 10 28.59 -51.62 31.16
CA ASN B 10 27.84 -52.46 32.07
C ASN B 10 27.66 -53.90 31.56
N VAL B 11 27.95 -54.22 30.33
CA VAL B 11 27.82 -55.55 29.77
C VAL B 11 28.68 -56.58 30.52
N ASN B 12 29.82 -56.22 31.06
CA ASN B 12 30.69 -56.92 31.94
C ASN B 12 29.99 -57.29 33.26
N ARG B 13 28.92 -56.64 33.67
CA ARG B 13 28.29 -56.98 34.94
C ARG B 13 27.19 -58.02 34.76
N LEU B 14 27.00 -58.62 33.61
CA LEU B 14 25.94 -59.61 33.42
C LEU B 14 26.12 -60.65 34.53
N GLY B 15 25.05 -60.96 35.29
CA GLY B 15 25.25 -61.93 36.39
C GLY B 15 25.17 -61.25 37.75
N SER B 16 25.46 -59.96 37.77
CA SER B 16 25.38 -59.13 38.95
C SER B 16 24.02 -59.45 39.61
N ARG B 17 23.02 -59.43 38.72
CA ARG B 17 21.65 -59.60 39.17
C ARG B 17 20.84 -60.55 38.33
N GLU B 18 19.54 -60.31 38.34
CA GLU B 18 18.42 -60.89 37.69
C GLU B 18 18.59 -61.74 36.45
N PRO B 19 18.81 -63.03 36.67
CA PRO B 19 18.90 -63.99 35.58
C PRO B 19 17.63 -64.08 34.75
N GLU B 20 16.45 -63.80 35.33
CA GLU B 20 15.18 -63.80 34.63
C GLU B 20 15.27 -62.80 33.47
N VAL B 21 15.74 -61.58 33.75
CA VAL B 21 15.82 -60.58 32.71
C VAL B 21 16.99 -60.78 31.75
N PHE B 22 18.16 -61.14 32.28
CA PHE B 22 19.39 -61.28 31.51
C PHE B 22 19.90 -62.69 31.24
N GLY B 23 19.83 -63.54 32.26
CA GLY B 23 20.35 -64.91 32.16
C GLY B 23 21.49 -65.07 33.17
N ARG B 24 21.53 -66.21 33.81
CA ARG B 24 22.39 -66.72 34.85
C ARG B 24 23.90 -66.56 34.67
N GLN B 25 24.31 -66.68 33.42
CA GLN B 25 25.65 -66.56 32.94
C GLN B 25 26.26 -65.15 33.05
N THR B 26 27.58 -65.14 32.97
CA THR B 26 28.42 -63.97 33.06
C THR B 26 28.89 -63.71 31.63
N LEU B 27 29.56 -62.58 31.43
CA LEU B 27 30.07 -62.31 30.08
C LEU B 27 31.17 -63.33 29.75
N THR B 28 31.89 -63.82 30.78
CA THR B 28 32.96 -64.80 30.53
C THR B 28 32.33 -66.10 30.02
N ASP B 29 31.28 -66.48 30.74
CA ASP B 29 30.47 -67.61 30.30
C ASP B 29 30.10 -67.52 28.82
N ILE B 30 29.47 -66.39 28.39
CA ILE B 30 29.07 -66.20 27.01
C ILE B 30 30.21 -66.23 26.05
N GLU B 31 31.34 -65.58 26.34
CA GLU B 31 32.50 -65.60 25.48
C GLU B 31 32.98 -67.04 25.28
N THR B 32 33.05 -67.84 26.34
CA THR B 32 33.48 -69.22 26.15
C THR B 32 32.61 -69.99 25.18
N ASP B 33 31.30 -69.88 25.33
CA ASP B 33 30.38 -70.59 24.44
C ASP B 33 30.55 -70.09 23.02
N LEU B 34 30.77 -68.79 22.79
CA LEU B 34 30.94 -68.28 21.46
C LEU B 34 32.21 -68.81 20.84
N PHE B 35 33.30 -68.96 21.60
CA PHE B 35 34.54 -69.47 21.06
C PHE B 35 34.40 -70.90 20.54
N GLN B 36 33.72 -71.74 21.29
CA GLN B 36 33.53 -73.13 20.87
C GLN B 36 32.73 -73.26 19.60
N PHE B 37 31.82 -72.33 19.32
CA PHE B 37 30.96 -72.29 18.16
C PHE B 37 31.73 -71.88 16.92
N ALA B 38 32.69 -70.99 17.14
CA ALA B 38 33.57 -70.44 16.14
C ALA B 38 34.60 -71.35 15.48
N GLU B 39 35.32 -72.10 16.28
CA GLU B 39 36.42 -73.00 15.85
C GLU B 39 35.87 -74.16 15.03
N ALA B 40 34.78 -74.60 15.68
CA ALA B 40 33.86 -75.59 15.20
C ALA B 40 33.43 -75.12 13.81
N LEU B 41 32.81 -73.93 13.73
CA LEU B 41 32.45 -73.37 12.40
C LEU B 41 33.67 -72.87 11.67
N HIS B 42 34.90 -73.08 12.13
CA HIS B 42 36.07 -72.54 11.44
C HIS B 42 36.06 -71.04 11.22
N ILE B 43 35.87 -70.26 12.29
CA ILE B 43 35.90 -68.82 12.18
C ILE B 43 36.52 -68.24 13.47
N GLN B 44 36.90 -67.00 13.25
CA GLN B 44 37.53 -66.25 14.32
C GLN B 44 36.65 -65.10 14.81
N LEU B 45 36.74 -64.92 16.12
CA LEU B 45 36.06 -63.86 16.85
C LEU B 45 37.09 -63.18 17.76
N THR B 46 36.92 -61.90 18.01
CA THR B 46 37.73 -61.16 18.92
C THR B 46 36.76 -60.35 19.79
N PHE B 47 36.88 -60.45 21.08
CA PHE B 47 36.02 -59.80 22.01
C PHE B 47 36.67 -58.57 22.60
N PHE B 48 35.91 -57.52 22.78
CA PHE B 48 36.33 -56.31 23.44
C PHE B 48 35.17 -55.72 24.23
N GLN B 49 35.36 -55.41 25.51
CA GLN B 49 34.42 -54.68 26.29
C GLN B 49 35.00 -53.39 26.87
N SER B 50 34.20 -52.32 27.03
CA SER B 50 34.66 -51.11 27.69
C SER B 50 33.43 -50.34 28.15
N ASN B 51 33.72 -49.51 29.16
CA ASN B 51 32.66 -48.67 29.72
C ASN B 51 32.70 -47.28 29.08
N HIS B 52 33.66 -47.07 28.25
CA HIS B 52 33.88 -45.78 27.62
C HIS B 52 33.34 -45.66 26.19
N GLU B 53 32.40 -44.77 25.94
CA GLU B 53 31.86 -44.54 24.62
C GLU B 53 32.99 -44.39 23.60
N GLY B 54 33.96 -43.49 23.88
CA GLY B 54 35.10 -43.24 23.06
C GLY B 54 35.89 -44.49 22.66
N ASP B 55 36.06 -45.43 23.55
CA ASP B 55 36.75 -46.70 23.21
C ASP B 55 35.92 -47.52 22.24
N LEU B 56 34.58 -47.41 22.23
CA LEU B 56 33.79 -48.21 21.33
C LEU B 56 33.90 -47.58 19.92
N ILE B 57 33.93 -46.28 19.87
CA ILE B 57 34.13 -45.48 18.69
C ILE B 57 35.53 -45.66 18.08
N ASP B 58 36.56 -45.77 18.89
CA ASP B 58 37.88 -46.09 18.41
C ASP B 58 37.93 -47.48 17.75
N ALA B 59 37.34 -48.46 18.46
CA ALA B 59 37.29 -49.80 17.94
C ALA B 59 36.51 -49.89 16.62
N ILE B 60 35.37 -49.24 16.45
CA ILE B 60 34.58 -49.26 15.25
C ILE B 60 35.38 -48.69 14.07
N HIS B 61 36.03 -47.56 14.21
CA HIS B 61 36.90 -46.93 13.26
C HIS B 61 38.07 -47.84 12.82
N GLU B 62 38.71 -48.55 13.68
CA GLU B 62 39.82 -49.43 13.43
C GLU B 62 39.42 -50.80 12.92
N ALA B 63 38.13 -51.16 13.09
CA ALA B 63 37.62 -52.46 12.71
C ALA B 63 37.75 -52.70 11.21
N GLU B 64 37.55 -51.65 10.47
CA GLU B 64 37.53 -51.58 9.01
C GLU B 64 38.67 -52.28 8.32
N GLU B 65 39.86 -52.21 8.88
CA GLU B 65 41.05 -52.81 8.35
C GLU B 65 41.34 -54.17 8.98
N GLN B 66 40.47 -54.72 9.80
CA GLN B 66 40.83 -55.99 10.43
C GLN B 66 39.71 -56.97 10.48
N TYR B 67 38.45 -56.54 10.43
CA TYR B 67 37.37 -57.51 10.57
C TYR B 67 36.40 -57.47 9.42
N SER B 68 35.53 -58.49 9.34
CA SER B 68 34.58 -58.47 8.22
C SER B 68 33.18 -58.15 8.72
N GLY B 69 33.00 -57.90 10.01
CA GLY B 69 31.69 -57.62 10.55
C GLY B 69 31.76 -57.37 12.04
N ILE B 70 30.79 -56.64 12.60
CA ILE B 70 30.78 -56.40 14.04
C ILE B 70 29.43 -56.74 14.63
N VAL B 71 29.37 -57.38 15.76
CA VAL B 71 28.23 -57.63 16.56
C VAL B 71 28.42 -56.63 17.77
N LEU B 72 27.46 -55.71 17.83
CA LEU B 72 27.52 -54.65 18.86
C LEU B 72 26.44 -54.69 19.88
N ASN B 73 26.74 -54.85 21.14
CA ASN B 73 25.93 -54.71 22.31
C ASN B 73 26.43 -53.48 23.07
N PRO B 74 25.91 -52.31 22.74
CA PRO B 74 26.38 -51.06 23.31
C PRO B 74 25.93 -50.76 24.69
N GLY B 75 25.16 -51.65 25.31
CA GLY B 75 24.57 -51.30 26.59
C GLY B 75 23.56 -50.14 26.40
N ALA B 76 23.41 -49.41 27.45
CA ALA B 76 22.49 -48.24 27.47
C ALA B 76 22.85 -47.13 26.53
N LEU B 77 24.04 -47.06 26.02
CA LEU B 77 24.49 -46.21 24.99
C LEU B 77 23.61 -46.30 23.74
N SER B 78 22.97 -47.43 23.48
CA SER B 78 22.04 -47.56 22.37
C SER B 78 20.98 -46.44 22.34
N HIS B 79 20.56 -45.98 23.47
CA HIS B 79 19.46 -45.02 23.59
C HIS B 79 19.83 -43.57 23.42
N TYR B 80 21.11 -43.23 23.36
CA TYR B 80 21.43 -41.80 23.29
C TYR B 80 22.75 -41.47 22.59
N SER B 81 23.60 -42.44 22.29
CA SER B 81 24.89 -42.11 21.67
C SER B 81 24.86 -41.94 20.15
N TYR B 82 24.50 -40.79 19.73
CA TYR B 82 24.58 -40.38 18.32
C TYR B 82 26.03 -40.42 17.83
N ALA B 83 27.03 -40.31 18.69
CA ALA B 83 28.40 -40.42 18.33
C ALA B 83 28.70 -41.86 17.87
N ILE B 84 28.10 -42.85 18.45
CA ILE B 84 28.37 -44.25 18.09
C ILE B 84 27.59 -44.57 16.82
N ARG B 85 26.49 -43.86 16.65
CA ARG B 85 25.73 -43.90 15.41
C ARG B 85 26.58 -43.45 14.24
N ASP B 86 27.13 -42.29 14.28
CA ASP B 86 27.94 -41.70 13.25
C ASP B 86 29.19 -42.58 13.08
N ALA B 87 29.75 -43.24 14.08
CA ALA B 87 30.86 -44.14 13.86
C ALA B 87 30.46 -45.32 12.97
N VAL B 88 29.33 -46.00 13.24
CA VAL B 88 28.88 -47.13 12.44
C VAL B 88 28.64 -46.69 11.00
N SER B 89 28.07 -45.53 10.73
CA SER B 89 27.82 -45.02 9.41
C SER B 89 29.13 -44.75 8.66
N SER B 90 30.19 -44.40 9.36
CA SER B 90 31.44 -44.01 8.68
C SER B 90 32.29 -45.21 8.28
N ILE B 91 31.83 -46.41 8.60
CA ILE B 91 32.60 -47.62 8.17
C ILE B 91 31.78 -48.42 7.15
N SER B 92 32.45 -49.30 6.38
CA SER B 92 31.80 -50.12 5.40
C SER B 92 31.37 -51.49 5.89
N LEU B 93 31.84 -52.04 7.01
CA LEU B 93 31.42 -53.36 7.47
C LEU B 93 29.98 -53.38 7.97
N PRO B 94 29.27 -54.48 7.80
CA PRO B 94 27.96 -54.74 8.32
C PRO B 94 27.98 -54.75 9.85
N VAL B 95 27.06 -54.06 10.54
CA VAL B 95 27.09 -54.20 12.01
C VAL B 95 25.72 -54.73 12.41
N VAL B 96 25.63 -55.48 13.48
CA VAL B 96 24.34 -56.02 13.95
C VAL B 96 24.15 -55.65 15.40
N GLU B 97 23.06 -54.98 15.78
CA GLU B 97 23.01 -54.49 17.18
C GLU B 97 22.31 -55.59 17.97
N VAL B 98 22.75 -55.94 19.18
CA VAL B 98 22.21 -57.00 19.96
C VAL B 98 22.01 -56.62 21.41
N HIS B 99 20.87 -56.88 21.96
CA HIS B 99 20.57 -56.76 23.36
C HIS B 99 19.98 -58.09 23.82
N LEU B 100 20.30 -58.62 24.99
CA LEU B 100 19.83 -59.85 25.56
C LEU B 100 18.46 -59.82 26.12
N SER B 101 18.14 -58.82 27.01
CA SER B 101 16.80 -58.78 27.51
C SER B 101 15.83 -58.18 26.52
N ASN B 102 14.54 -58.37 26.83
CA ASN B 102 13.49 -57.74 26.04
C ASN B 102 13.29 -56.28 26.49
N LEU B 103 14.00 -55.43 25.81
CA LEU B 103 13.95 -53.97 26.08
C LEU B 103 12.55 -53.41 26.04
N TYR B 104 11.74 -53.90 25.08
CA TYR B 104 10.39 -53.44 24.88
C TYR B 104 9.52 -53.69 26.08
N ALA B 105 9.91 -54.62 26.94
CA ALA B 105 9.18 -54.85 28.15
C ALA B 105 9.74 -54.04 29.30
N ARG B 106 10.75 -53.21 29.13
CA ARG B 106 11.40 -52.54 30.28
C ARG B 106 11.10 -51.06 30.26
N GLU B 107 11.89 -50.20 30.84
CA GLU B 107 11.58 -48.75 30.85
C GLU B 107 11.47 -48.19 29.42
N GLU B 108 10.62 -47.22 29.21
CA GLU B 108 10.32 -46.57 28.00
C GLU B 108 11.56 -45.99 27.30
N PHE B 109 12.49 -45.40 28.05
CA PHE B 109 13.70 -44.89 27.42
C PHE B 109 14.48 -45.98 26.70
N ARG B 110 14.38 -47.24 27.06
CA ARG B 110 15.02 -48.37 26.34
C ARG B 110 14.29 -48.82 25.08
N HIS B 111 13.21 -48.20 24.66
CA HIS B 111 12.48 -48.62 23.49
C HIS B 111 12.98 -48.01 22.20
N GLN B 112 14.00 -47.21 22.20
CA GLN B 112 14.48 -46.71 20.92
C GLN B 112 15.99 -46.83 20.89
N SER B 113 16.49 -47.30 19.73
CA SER B 113 17.92 -47.22 19.53
C SER B 113 18.28 -46.13 18.55
N VAL B 114 19.25 -45.26 18.79
CA VAL B 114 19.69 -44.27 17.89
C VAL B 114 20.75 -44.85 16.95
N ILE B 115 21.25 -46.04 17.24
CA ILE B 115 22.22 -46.71 16.39
C ILE B 115 21.56 -47.53 15.32
N ALA B 116 20.42 -48.17 15.62
CA ALA B 116 19.84 -49.12 14.67
C ALA B 116 19.46 -48.65 13.29
N PRO B 117 19.04 -47.42 13.05
CA PRO B 117 18.77 -46.92 11.75
C PRO B 117 19.88 -47.12 10.75
N VAL B 118 21.14 -47.06 11.18
CA VAL B 118 22.28 -47.09 10.29
C VAL B 118 22.95 -48.44 10.35
N ALA B 119 22.49 -49.34 11.17
CA ALA B 119 23.08 -50.67 11.18
C ALA B 119 22.33 -51.57 10.17
N LYS B 120 22.86 -52.78 9.98
CA LYS B 120 22.16 -53.76 9.19
C LYS B 120 20.82 -54.12 9.83
N GLY B 121 20.78 -54.34 11.13
CA GLY B 121 19.58 -54.78 11.82
C GLY B 121 19.82 -54.86 13.32
N GLN B 122 18.82 -55.39 14.03
CA GLN B 122 18.90 -55.52 15.46
C GLN B 122 18.17 -56.73 15.97
N ILE B 123 18.67 -57.27 17.09
CA ILE B 123 18.06 -58.51 17.68
C ILE B 123 17.91 -58.20 19.16
N VAL B 124 16.75 -58.29 19.71
CA VAL B 124 16.45 -57.89 21.05
C VAL B 124 15.61 -58.97 21.74
N GLY B 125 15.95 -59.24 23.01
CA GLY B 125 15.17 -60.20 23.76
C GLY B 125 15.42 -61.67 23.64
N LEU B 126 16.32 -62.15 22.86
CA LEU B 126 16.58 -63.59 22.69
C LEU B 126 17.74 -64.08 23.54
N GLY B 127 18.02 -63.39 24.67
CA GLY B 127 19.11 -63.69 25.55
C GLY B 127 20.45 -63.76 24.86
N ALA B 128 21.41 -64.48 25.43
CA ALA B 128 22.77 -64.65 24.89
C ALA B 128 22.88 -65.32 23.54
N GLU B 129 21.87 -66.11 23.16
CA GLU B 129 21.77 -66.72 21.80
C GLU B 129 21.75 -65.70 20.67
N GLY B 130 21.32 -64.43 21.04
CA GLY B 130 21.35 -63.38 20.06
C GLY B 130 22.67 -63.06 19.51
N TYR B 131 23.75 -63.27 20.28
CA TYR B 131 25.09 -63.06 19.76
C TYR B 131 25.38 -64.07 18.64
N LYS B 132 24.87 -65.28 18.90
CA LYS B 132 25.20 -66.35 17.93
C LYS B 132 24.40 -66.12 16.66
N LEU B 133 23.17 -65.69 16.90
CA LEU B 133 22.25 -65.44 15.78
C LEU B 133 22.86 -64.39 14.88
N ALA B 134 23.41 -63.34 15.51
CA ALA B 134 24.02 -62.24 14.78
C ALA B 134 25.21 -62.76 14.02
N VAL B 135 26.05 -63.55 14.65
CA VAL B 135 27.21 -64.09 13.92
C VAL B 135 26.69 -64.87 12.72
N ARG B 136 25.67 -65.70 12.88
CA ARG B 136 25.12 -66.41 11.72
C ARG B 136 24.65 -65.49 10.60
N TYR B 137 23.94 -64.39 10.90
CA TYR B 137 23.55 -63.51 9.82
C TYR B 137 24.75 -62.99 9.10
N LEU B 138 25.81 -62.64 9.81
CA LEU B 138 27.00 -62.01 9.24
C LEU B 138 27.64 -63.16 8.36
N LEU B 139 27.71 -64.36 8.89
CA LEU B 139 28.31 -65.53 8.14
C LEU B 139 27.47 -65.71 6.87
N SER B 140 26.13 -65.76 6.93
CA SER B 140 25.24 -65.84 5.80
C SER B 140 25.38 -64.78 4.72
N GLN B 141 25.84 -63.59 5.00
CA GLN B 141 25.89 -62.49 4.07
C GLN B 141 27.00 -62.56 3.06
N GLN B 142 29.89 -63.61 3.21
CA GLN B 142 30.19 -63.82 1.81
C GLN B 142 30.43 -62.55 1.01
N GLY B 143 31.33 -61.91 5.63
CA GLY B 143 32.66 -62.25 5.14
C GLY B 143 32.74 -63.77 4.96
N PRO C 1 33.18 -47.09 58.83
CA PRO C 1 32.97 -47.30 57.38
C PRO C 1 33.73 -46.35 56.48
N HIS C 2 33.89 -46.64 55.21
CA HIS C 2 34.59 -45.78 54.25
C HIS C 2 33.71 -45.63 52.99
N PHE C 3 33.37 -44.45 52.61
CA PHE C 3 32.55 -44.03 51.51
C PHE C 3 33.35 -43.31 50.45
N LEU C 4 32.86 -43.42 49.24
CA LEU C 4 33.44 -42.84 48.03
C LEU C 4 32.58 -41.59 47.67
N ILE C 5 33.28 -40.51 47.47
CA ILE C 5 32.69 -39.24 47.08
C ILE C 5 33.08 -39.11 45.62
N LEU C 6 32.16 -39.35 44.72
CA LEU C 6 32.47 -39.37 43.27
C LEU C 6 31.91 -38.20 42.51
N ASN C 7 32.75 -37.44 41.88
CA ASN C 7 32.44 -36.22 41.21
C ASN C 7 32.74 -36.28 39.71
N GLY C 8 31.70 -35.85 38.99
CA GLY C 8 31.70 -35.87 37.55
C GLY C 8 32.24 -34.67 36.84
N PRO C 9 31.93 -34.53 35.57
CA PRO C 9 32.48 -33.50 34.71
C PRO C 9 32.10 -32.11 35.24
N ASN C 10 33.09 -31.24 35.18
CA ASN C 10 33.04 -29.86 35.49
C ASN C 10 32.94 -29.58 36.99
N VAL C 11 32.83 -30.49 37.89
CA VAL C 11 32.72 -30.35 39.31
C VAL C 11 34.04 -29.79 39.85
N ASN C 12 35.16 -30.08 39.23
CA ASN C 12 36.45 -29.55 39.45
C ASN C 12 36.52 -28.04 39.18
N ARG C 13 35.60 -27.43 38.46
CA ARG C 13 35.60 -26.01 38.17
C ARG C 13 34.83 -25.18 39.16
N LEU C 14 34.22 -25.75 40.15
CA LEU C 14 33.53 -25.01 41.21
C LEU C 14 34.39 -23.86 41.71
N GLY C 15 33.85 -22.72 42.09
CA GLY C 15 34.71 -21.64 42.60
C GLY C 15 34.89 -20.59 41.52
N SER C 16 35.27 -20.87 40.30
CA SER C 16 35.45 -19.83 39.29
C SER C 16 34.26 -18.96 38.91
N ARG C 17 33.04 -19.28 39.37
CA ARG C 17 31.93 -18.48 38.87
C ARG C 17 30.70 -18.64 39.73
N GLU C 18 29.87 -17.62 39.60
CA GLU C 18 28.57 -17.50 40.24
C GLU C 18 28.42 -18.10 41.61
N PRO C 19 29.08 -17.50 42.59
CA PRO C 19 29.00 -17.89 44.00
C PRO C 19 27.63 -17.87 44.62
N GLU C 20 26.71 -17.11 44.05
CA GLU C 20 25.31 -17.08 44.44
C GLU C 20 24.59 -18.36 43.96
N VAL C 21 25.13 -18.97 42.92
CA VAL C 21 24.60 -20.23 42.43
C VAL C 21 25.24 -21.47 43.05
N PHE C 22 26.56 -21.54 43.01
CA PHE C 22 27.44 -22.61 43.43
C PHE C 22 28.33 -22.48 44.68
N GLY C 23 28.35 -21.28 45.26
CA GLY C 23 29.24 -21.11 46.45
C GLY C 23 30.57 -20.56 45.91
N ARG C 24 31.39 -20.15 46.85
CA ARG C 24 32.70 -19.53 46.57
C ARG C 24 33.81 -20.56 46.73
N GLN C 25 33.44 -21.68 47.31
CA GLN C 25 34.32 -22.77 47.58
C GLN C 25 34.77 -23.50 46.31
N THR C 26 36.05 -23.89 46.28
CA THR C 26 36.55 -24.71 45.21
C THR C 26 36.28 -26.17 45.61
N LEU C 27 36.48 -27.09 44.68
CA LEU C 27 36.33 -28.50 45.01
C LEU C 27 37.29 -28.91 46.11
N THR C 28 38.51 -28.41 46.04
CA THR C 28 39.57 -28.64 47.03
C THR C 28 39.12 -28.16 48.38
N ASP C 29 38.50 -26.99 48.46
CA ASP C 29 37.98 -26.46 49.70
C ASP C 29 37.01 -27.45 50.33
N ILE C 30 36.03 -27.90 49.55
CA ILE C 30 34.99 -28.81 50.00
C ILE C 30 35.59 -30.15 50.41
N GLU C 31 36.59 -30.60 49.67
CA GLU C 31 37.25 -31.86 50.02
C GLU C 31 37.92 -31.76 51.41
N THR C 32 38.60 -30.67 51.66
CA THR C 32 39.18 -30.43 52.98
C THR C 32 38.12 -30.42 54.06
N ASP C 33 37.01 -29.72 53.86
CA ASP C 33 35.95 -29.69 54.86
C ASP C 33 35.35 -31.06 55.16
N LEU C 34 35.14 -31.82 54.09
CA LEU C 34 34.54 -33.14 54.25
C LEU C 34 35.53 -34.11 54.95
N PHE C 35 36.83 -33.94 54.77
CA PHE C 35 37.76 -34.85 55.45
C PHE C 35 37.73 -34.54 56.96
N GLN C 36 37.48 -33.29 57.32
CA GLN C 36 37.35 -32.76 58.67
C GLN C 36 36.03 -33.31 59.18
N PHE C 37 35.00 -33.13 58.33
CA PHE C 37 33.70 -33.73 58.65
C PHE C 37 33.90 -35.21 58.96
N ALA C 38 34.53 -35.96 58.11
CA ALA C 38 34.73 -37.38 58.27
C ALA C 38 35.44 -37.75 59.57
N GLU C 39 36.51 -37.07 59.96
CA GLU C 39 37.24 -37.44 61.17
C GLU C 39 36.36 -37.18 62.38
N ALA C 40 35.61 -36.07 62.43
CA ALA C 40 34.65 -35.91 63.49
C ALA C 40 33.61 -37.02 63.52
N LEU C 41 33.42 -37.85 62.50
CA LEU C 41 32.39 -38.85 62.51
C LEU C 41 33.00 -40.25 62.62
N HIS C 42 34.32 -40.26 62.74
CA HIS C 42 35.00 -41.54 62.95
C HIS C 42 34.82 -42.40 61.70
N ILE C 43 34.99 -41.74 60.55
CA ILE C 43 34.82 -42.49 59.32
C ILE C 43 35.91 -42.16 58.29
N GLN C 44 35.90 -42.89 57.18
CA GLN C 44 36.84 -42.65 56.10
C GLN C 44 36.08 -42.31 54.79
N LEU C 45 36.70 -41.44 54.03
CA LEU C 45 36.28 -40.98 52.74
C LEU C 45 37.42 -41.07 51.70
N THR C 46 37.07 -41.45 50.48
CA THR C 46 37.97 -41.36 49.34
C THR C 46 37.29 -40.44 48.32
N PHE C 47 38.01 -39.53 47.72
CA PHE C 47 37.53 -38.62 46.73
C PHE C 47 38.03 -38.95 45.33
N PHE C 48 37.20 -38.83 44.33
CA PHE C 48 37.66 -39.01 42.96
C PHE C 48 36.83 -38.12 42.06
N GLN C 49 37.46 -37.44 41.12
CA GLN C 49 36.84 -36.62 40.15
C GLN C 49 37.28 -36.93 38.73
N SER C 50 36.37 -36.96 37.80
CA SER C 50 36.77 -37.10 36.40
C SER C 50 35.75 -36.46 35.49
N ASN C 51 36.23 -36.04 34.31
CA ASN C 51 35.42 -35.51 33.25
C ASN C 51 34.92 -36.55 32.27
N HIS C 52 35.28 -37.83 32.50
CA HIS C 52 34.98 -38.92 31.62
C HIS C 52 33.85 -39.80 32.15
N GLU C 53 32.76 -39.99 31.46
CA GLU C 53 31.67 -40.85 31.85
C GLU C 53 32.15 -42.26 32.18
N GLY C 54 32.98 -42.85 31.35
CA GLY C 54 33.59 -44.17 31.56
C GLY C 54 34.38 -44.35 32.85
N ASP C 55 35.06 -43.30 33.34
CA ASP C 55 35.83 -43.35 34.58
C ASP C 55 34.89 -43.52 35.77
N LEU C 56 33.75 -42.81 35.72
CA LEU C 56 32.74 -42.84 36.73
C LEU C 56 32.13 -44.24 36.83
N ILE C 57 31.84 -44.76 35.66
CA ILE C 57 31.30 -46.10 35.56
C ILE C 57 32.28 -47.11 36.19
N ASP C 58 33.54 -47.11 35.77
CA ASP C 58 34.64 -47.96 36.23
C ASP C 58 34.78 -47.90 37.76
N ALA C 59 34.77 -46.70 38.34
CA ALA C 59 34.77 -46.47 39.76
C ALA C 59 33.49 -47.01 40.36
N ILE C 60 32.31 -46.87 39.79
CA ILE C 60 31.11 -47.47 40.44
C ILE C 60 31.17 -49.00 40.58
N HIS C 61 31.56 -49.65 39.49
CA HIS C 61 31.76 -51.06 39.41
C HIS C 61 32.75 -51.51 40.49
N GLU C 62 33.90 -50.98 40.63
CA GLU C 62 34.97 -51.27 41.52
C GLU C 62 34.64 -50.93 42.97
N ALA C 63 33.70 -50.01 43.16
CA ALA C 63 33.33 -49.59 44.49
C ALA C 63 32.81 -50.69 45.41
N GLU C 64 32.07 -51.61 44.84
CA GLU C 64 31.44 -52.74 45.47
C GLU C 64 32.32 -53.56 46.40
N GLU C 65 33.60 -53.72 46.09
CA GLU C 65 34.56 -54.48 46.85
C GLU C 65 35.38 -53.63 47.80
N GLN C 66 35.10 -52.35 47.89
CA GLN C 66 35.96 -51.53 48.72
C GLN C 66 35.23 -50.53 49.59
N TYR C 67 34.04 -50.09 49.23
CA TYR C 67 33.36 -49.08 50.01
C TYR C 67 32.02 -49.56 50.48
N SER C 68 31.39 -48.83 51.40
CA SER C 68 30.07 -49.23 51.81
C SER C 68 29.01 -48.26 51.35
N GLY C 69 29.38 -47.34 50.45
CA GLY C 69 28.40 -46.40 49.92
C GLY C 69 29.02 -45.29 49.08
N ILE C 70 28.22 -44.68 48.18
CA ILE C 70 28.71 -43.67 47.31
C ILE C 70 27.83 -42.42 47.36
N VAL C 71 28.48 -41.29 47.42
CA VAL C 71 27.84 -39.98 47.28
C VAL C 71 28.33 -39.59 45.85
N LEU C 72 27.36 -39.42 44.97
CA LEU C 72 27.62 -39.07 43.59
C LEU C 72 27.07 -37.76 43.10
N ASN C 73 27.97 -36.87 42.69
CA ASN C 73 27.66 -35.62 42.01
C ASN C 73 28.18 -35.79 40.55
N PRO C 74 27.30 -36.20 39.64
CA PRO C 74 27.72 -36.53 38.24
C PRO C 74 27.73 -35.34 37.35
N GLY C 75 27.60 -34.14 37.93
CA GLY C 75 27.53 -33.02 36.99
C GLY C 75 26.37 -33.23 36.02
N ALA C 76 26.44 -32.64 34.86
CA ALA C 76 25.48 -32.63 33.81
C ALA C 76 25.16 -34.00 33.25
N LEU C 77 25.96 -35.00 33.47
CA LEU C 77 25.67 -36.36 33.08
C LEU C 77 24.42 -36.79 33.79
N SER C 78 23.99 -36.25 34.94
CA SER C 78 22.74 -36.56 35.60
C SER C 78 21.49 -36.59 34.63
N HIS C 79 21.56 -35.74 33.62
CA HIS C 79 20.46 -35.52 32.73
C HIS C 79 20.29 -36.42 31.54
N TYR C 80 21.22 -37.28 31.25
CA TYR C 80 21.28 -38.03 30.07
C TYR C 80 22.14 -39.28 30.12
N SER C 81 22.94 -39.48 31.15
CA SER C 81 23.78 -40.72 31.15
C SER C 81 23.09 -41.95 31.67
N TYR C 82 22.39 -42.68 30.82
CA TYR C 82 21.73 -43.91 31.13
C TYR C 82 22.80 -44.98 31.45
N ALA C 83 24.02 -44.82 30.96
CA ALA C 83 25.11 -45.70 31.28
C ALA C 83 25.49 -45.61 32.75
N ILE C 84 25.43 -44.39 33.35
CA ILE C 84 25.80 -44.33 34.76
C ILE C 84 24.63 -44.81 35.56
N ARG C 85 23.41 -44.60 35.04
CA ARG C 85 22.22 -45.17 35.67
C ARG C 85 22.38 -46.70 35.85
N ASP C 86 22.73 -47.39 34.80
CA ASP C 86 22.80 -48.83 34.77
C ASP C 86 23.97 -49.28 35.64
N ALA C 87 25.07 -48.51 35.70
CA ALA C 87 26.12 -48.86 36.60
C ALA C 87 25.68 -48.89 38.06
N VAL C 88 24.95 -47.90 38.58
CA VAL C 88 24.37 -47.81 39.89
C VAL C 88 23.44 -49.01 40.19
N SER C 89 22.63 -49.37 39.21
CA SER C 89 21.78 -50.51 39.33
C SER C 89 22.55 -51.83 39.42
N SER C 90 23.71 -51.93 38.89
CA SER C 90 24.45 -53.21 38.89
C SER C 90 25.26 -53.44 40.14
N ILE C 91 25.29 -52.53 41.10
CA ILE C 91 26.00 -52.74 42.33
C ILE C 91 25.02 -52.74 43.50
N SER C 92 25.40 -53.35 44.61
CA SER C 92 24.57 -53.45 45.78
C SER C 92 24.66 -52.28 46.73
N LEU C 93 25.63 -51.41 46.70
CA LEU C 93 25.80 -50.34 47.65
C LEU C 93 24.79 -49.20 47.45
N PRO C 94 24.39 -48.59 48.55
CA PRO C 94 23.59 -47.38 48.51
C PRO C 94 24.36 -46.22 47.90
N VAL C 95 23.78 -45.50 46.99
CA VAL C 95 24.23 -44.36 46.26
C VAL C 95 23.25 -43.21 46.46
N VAL C 96 23.78 -42.05 46.89
CA VAL C 96 22.99 -40.82 46.97
C VAL C 96 23.49 -39.82 45.92
N GLU C 97 22.54 -39.32 45.12
CA GLU C 97 22.91 -38.33 44.11
C GLU C 97 22.89 -36.91 44.72
N VAL C 98 23.95 -36.15 44.59
CA VAL C 98 23.99 -34.79 45.14
C VAL C 98 24.29 -33.67 44.16
N HIS C 99 23.67 -32.52 44.20
CA HIS C 99 23.85 -31.35 43.41
C HIS C 99 23.82 -30.13 44.35
N LEU C 100 24.77 -29.26 44.15
CA LEU C 100 24.91 -28.09 45.06
C LEU C 100 23.86 -27.05 44.78
N SER C 101 23.76 -26.68 43.48
CA SER C 101 22.80 -25.64 43.15
C SER C 101 21.37 -26.16 43.05
N ASN C 102 20.42 -25.27 43.16
CA ASN C 102 19.03 -25.63 43.00
C ASN C 102 18.75 -25.78 41.52
N LEU C 103 18.86 -27.01 40.98
CA LEU C 103 18.69 -27.29 39.61
C LEU C 103 17.34 -26.87 39.06
N TYR C 104 16.29 -26.99 39.83
CA TYR C 104 14.94 -26.68 39.48
C TYR C 104 14.65 -25.24 39.20
N ALA C 105 15.58 -24.34 39.60
CA ALA C 105 15.46 -22.92 39.36
C ALA C 105 16.29 -22.59 38.12
N ARG C 106 16.93 -23.59 37.49
CA ARG C 106 17.83 -23.28 36.36
C ARG C 106 17.26 -23.76 35.07
N GLU C 107 18.04 -24.00 34.05
CA GLU C 107 17.47 -24.55 32.80
C GLU C 107 16.71 -25.84 32.95
N GLU C 108 15.64 -25.96 32.18
CA GLU C 108 14.72 -27.04 32.11
C GLU C 108 15.34 -28.43 31.94
N PHE C 109 16.36 -28.53 31.11
CA PHE C 109 17.03 -29.83 30.91
C PHE C 109 17.57 -30.35 32.25
N ARG C 110 17.89 -29.43 33.16
CA ARG C 110 18.43 -29.87 34.47
C ARG C 110 17.45 -30.31 35.46
N HIS C 111 16.16 -30.29 35.18
CA HIS C 111 15.10 -30.67 36.07
C HIS C 111 14.81 -32.16 36.15
N GLN C 112 15.51 -33.02 35.50
CA GLN C 112 15.28 -34.45 35.56
C GLN C 112 16.64 -35.13 35.66
N SER C 113 16.69 -36.20 36.46
CA SER C 113 17.84 -37.00 36.59
C SER C 113 17.45 -38.41 36.09
N VAL C 114 18.21 -38.97 35.23
CA VAL C 114 18.05 -40.36 34.83
C VAL C 114 18.73 -41.34 35.75
N ILE C 115 19.49 -40.88 36.72
CA ILE C 115 20.17 -41.71 37.69
C ILE C 115 19.38 -41.91 38.95
N ALA C 116 18.58 -40.88 39.30
CA ALA C 116 17.85 -40.90 40.56
C ALA C 116 16.87 -42.03 40.78
N PRO C 117 16.17 -42.46 39.77
CA PRO C 117 15.22 -43.56 39.91
C PRO C 117 15.79 -44.84 40.48
N VAL C 118 17.04 -45.15 40.30
CA VAL C 118 17.63 -46.37 40.81
C VAL C 118 18.51 -46.10 42.03
N ALA C 119 18.72 -44.86 42.41
CA ALA C 119 19.58 -44.59 43.59
C ALA C 119 18.68 -44.60 44.82
N LYS C 120 19.29 -44.46 45.98
CA LYS C 120 18.51 -44.37 47.23
C LYS C 120 17.74 -43.06 47.16
N GLY C 121 18.41 -41.97 46.71
CA GLY C 121 17.59 -40.68 46.78
C GLY C 121 18.55 -39.61 46.16
N GLN C 122 18.15 -38.38 46.44
CA GLN C 122 18.84 -37.25 45.88
C GLN C 122 18.68 -36.02 46.73
N ILE C 123 19.71 -35.22 46.83
CA ILE C 123 19.65 -33.93 47.52
C ILE C 123 20.05 -32.85 46.53
N VAL C 124 19.16 -31.87 46.32
CA VAL C 124 19.49 -30.79 45.42
C VAL C 124 19.37 -29.42 46.02
N GLY C 125 20.28 -28.49 45.72
CA GLY C 125 20.04 -27.13 46.17
C GLY C 125 20.55 -26.76 47.56
N LEU C 126 21.18 -27.71 48.27
CA LEU C 126 21.65 -27.39 49.60
C LEU C 126 23.10 -27.06 49.70
N GLY C 127 23.76 -26.75 48.62
CA GLY C 127 25.12 -26.35 48.51
C GLY C 127 26.02 -27.52 48.86
N ALA C 128 27.23 -27.22 49.28
CA ALA C 128 28.24 -28.20 49.62
C ALA C 128 27.84 -28.93 50.90
N GLU C 129 26.94 -28.37 51.64
CA GLU C 129 26.38 -29.07 52.81
C GLU C 129 25.71 -30.39 52.40
N GLY C 130 25.18 -30.44 51.16
CA GLY C 130 24.56 -31.64 50.65
C GLY C 130 25.47 -32.88 50.61
N TYR C 131 26.78 -32.74 50.58
CA TYR C 131 27.72 -33.88 50.63
C TYR C 131 27.72 -34.54 52.01
N LYS C 132 27.69 -33.65 53.01
CA LYS C 132 27.70 -34.00 54.42
C LYS C 132 26.37 -34.64 54.79
N LEU C 133 25.27 -34.01 54.36
CA LEU C 133 23.96 -34.61 54.64
C LEU C 133 23.90 -36.02 54.02
N ALA C 134 24.45 -36.19 52.86
CA ALA C 134 24.44 -37.50 52.15
C ALA C 134 25.26 -38.49 52.93
N VAL C 135 26.40 -38.05 53.44
CA VAL C 135 27.21 -38.96 54.25
C VAL C 135 26.49 -39.33 55.54
N ARG C 136 25.74 -38.46 56.19
CA ARG C 136 24.97 -38.76 57.36
C ARG C 136 23.89 -39.77 57.10
N TYR C 137 23.18 -39.62 55.96
CA TYR C 137 22.22 -40.60 55.56
C TYR C 137 22.88 -41.97 55.42
N LEU C 138 23.96 -42.05 54.71
CA LEU C 138 24.67 -43.31 54.46
C LEU C 138 25.06 -43.93 55.79
N LEU C 139 25.51 -43.11 56.77
CA LEU C 139 25.80 -43.66 58.08
C LEU C 139 24.56 -44.27 58.68
N SER C 140 23.45 -43.59 58.75
CA SER C 140 22.17 -44.12 59.18
C SER C 140 21.71 -45.38 58.45
N GLN C 141 22.27 -45.85 57.38
CA GLN C 141 22.02 -47.06 56.66
C GLN C 141 23.02 -48.15 57.13
N GLN C 142 18.60 -44.77 56.09
N PRO D 1 32.09 -10.13 -8.71
CA PRO D 1 30.81 -10.56 -8.11
C PRO D 1 29.94 -9.47 -7.53
N HIS D 2 28.62 -9.61 -7.62
CA HIS D 2 27.63 -8.76 -7.06
C HIS D 2 26.57 -9.51 -6.19
N PHE D 3 26.53 -9.25 -4.88
CA PHE D 3 25.63 -9.90 -3.96
C PHE D 3 24.58 -8.96 -3.36
N LEU D 4 23.45 -9.50 -2.98
CA LEU D 4 22.35 -8.83 -2.35
C LEU D 4 22.38 -9.11 -0.86
N ILE D 5 22.34 -8.11 -0.02
CA ILE D 5 22.25 -8.17 1.39
C ILE D 5 20.77 -7.90 1.67
N LEU D 6 19.98 -8.88 1.99
CA LEU D 6 18.55 -8.68 2.24
C LEU D 6 18.20 -8.77 3.70
N ASN D 7 17.63 -7.69 4.23
CA ASN D 7 17.20 -7.62 5.60
C ASN D 7 15.70 -7.51 5.77
N GLY D 8 15.14 -8.26 6.68
CA GLY D 8 13.76 -8.37 6.98
C GLY D 8 13.27 -7.53 8.11
N PRO D 9 12.07 -7.80 8.63
CA PRO D 9 11.42 -6.92 9.56
C PRO D 9 12.23 -6.68 10.84
N ASN D 10 12.22 -5.46 11.33
CA ASN D 10 12.87 -5.00 12.52
C ASN D 10 14.40 -4.89 12.41
N VAL D 11 15.06 -5.30 11.37
CA VAL D 11 16.50 -5.17 11.24
C VAL D 11 16.84 -3.69 11.13
N ASN D 12 16.06 -2.83 10.53
CA ASN D 12 16.20 -1.41 10.50
C ASN D 12 16.18 -0.81 11.92
N ARG D 13 15.71 -1.45 12.97
CA ARG D 13 15.70 -0.95 14.33
C ARG D 13 16.95 -1.26 15.17
N LEU D 14 17.98 -1.92 14.66
CA LEU D 14 19.22 -2.17 15.35
C LEU D 14 19.66 -0.85 15.96
N GLY D 15 19.63 -0.76 17.29
CA GLY D 15 20.00 0.45 17.97
C GLY D 15 19.08 1.20 18.89
N SER D 16 17.77 1.29 18.73
CA SER D 16 16.78 1.96 19.53
C SER D 16 16.73 1.59 21.01
N ARG D 17 17.09 0.33 21.23
CA ARG D 17 17.19 -0.43 22.44
C ARG D 17 18.48 -1.26 22.51
N GLU D 18 18.48 -2.20 23.45
CA GLU D 18 19.49 -3.16 23.81
C GLU D 18 20.62 -3.50 22.85
N PRO D 19 21.77 -2.86 23.06
CA PRO D 19 22.98 -3.11 22.32
C PRO D 19 23.73 -4.34 22.80
N GLU D 20 23.47 -4.76 24.04
CA GLU D 20 24.13 -5.88 24.65
C GLU D 20 24.05 -7.15 23.79
N VAL D 21 22.85 -7.52 23.33
CA VAL D 21 22.72 -8.74 22.54
C VAL D 21 23.23 -8.53 21.11
N PHE D 22 22.79 -7.48 20.40
CA PHE D 22 23.22 -7.32 19.02
C PHE D 22 24.15 -6.15 18.71
N GLY D 23 24.67 -5.35 19.62
CA GLY D 23 25.59 -4.28 19.23
C GLY D 23 24.98 -2.89 19.31
N ARG D 24 25.76 -1.83 19.10
CA ARG D 24 25.23 -0.46 19.21
C ARG D 24 25.27 0.31 17.88
N GLN D 25 25.89 -0.34 16.88
CA GLN D 25 25.88 0.19 15.52
C GLN D 25 24.42 0.11 15.05
N THR D 26 24.00 0.96 14.13
CA THR D 26 22.67 0.89 13.53
C THR D 26 22.82 0.14 12.20
N LEU D 27 21.70 0.00 11.48
CA LEU D 27 21.75 -0.65 10.17
C LEU D 27 22.60 0.13 9.17
N THR D 28 22.51 1.45 9.26
CA THR D 28 23.33 2.37 8.47
C THR D 28 24.81 2.20 8.71
N ASP D 29 25.18 2.20 10.00
CA ASP D 29 26.60 1.91 10.27
C ASP D 29 27.08 0.62 9.64
N ILE D 30 26.29 -0.48 9.80
CA ILE D 30 26.70 -1.76 9.26
C ILE D 30 26.84 -1.78 7.75
N GLU D 31 25.95 -1.08 7.06
CA GLU D 31 25.94 -0.98 5.59
C GLU D 31 27.15 -0.19 5.11
N THR D 32 27.47 0.88 5.82
CA THR D 32 28.72 1.60 5.50
C THR D 32 29.95 0.73 5.63
N ASP D 33 30.01 -0.07 6.70
CA ASP D 33 31.15 -0.94 6.92
C ASP D 33 31.26 -1.98 5.80
N LEU D 34 30.14 -2.57 5.43
CA LEU D 34 30.08 -3.58 4.39
C LEU D 34 30.45 -2.99 3.05
N PHE D 35 30.08 -1.73 2.83
CA PHE D 35 30.44 -1.05 1.56
C PHE D 35 31.95 -0.98 1.40
N GLN D 36 32.60 -0.52 2.44
CA GLN D 36 34.02 -0.48 2.73
C GLN D 36 34.69 -1.83 2.55
N PHE D 37 34.05 -2.90 3.02
CA PHE D 37 34.43 -4.26 2.90
C PHE D 37 34.33 -4.73 1.45
N ALA D 38 33.17 -4.39 0.81
CA ALA D 38 33.10 -4.87 -0.58
C ALA D 38 34.23 -4.27 -1.38
N GLU D 39 34.33 -2.94 -1.34
CA GLU D 39 35.41 -2.25 -2.07
C GLU D 39 36.70 -3.05 -1.90
N ALA D 40 37.11 -3.39 -0.67
CA ALA D 40 38.29 -4.08 -0.36
C ALA D 40 38.42 -5.52 -0.77
N LEU D 41 37.41 -6.15 -1.27
CA LEU D 41 37.53 -7.51 -1.77
C LEU D 41 37.14 -7.44 -3.24
N HIS D 42 37.01 -6.20 -3.72
CA HIS D 42 36.61 -5.78 -5.05
C HIS D 42 35.33 -6.49 -5.48
N ILE D 43 34.20 -6.17 -4.85
CA ILE D 43 32.99 -6.92 -5.23
C ILE D 43 31.85 -5.92 -4.98
N GLN D 44 30.73 -6.05 -5.62
CA GLN D 44 29.63 -5.13 -5.40
C GLN D 44 28.59 -5.76 -4.46
N LEU D 45 27.91 -4.92 -3.76
CA LEU D 45 26.81 -5.27 -2.92
C LEU D 45 25.61 -4.33 -3.12
N THR D 46 24.39 -4.81 -3.03
CA THR D 46 23.18 -4.00 -2.98
C THR D 46 22.43 -4.30 -1.69
N PHE D 47 21.95 -3.29 -0.99
CA PHE D 47 21.28 -3.52 0.26
C PHE D 47 19.79 -3.26 0.11
N PHE D 48 19.00 -4.05 0.79
CA PHE D 48 17.56 -3.81 0.78
C PHE D 48 17.00 -4.22 2.13
N GLN D 49 16.22 -3.34 2.75
CA GLN D 49 15.46 -3.76 3.90
C GLN D 49 13.96 -3.60 3.74
N SER D 50 13.15 -4.48 4.35
CA SER D 50 11.71 -4.27 4.34
C SER D 50 11.07 -4.99 5.52
N ASN D 51 9.94 -4.47 6.01
CA ASN D 51 9.17 -5.07 7.04
C ASN D 51 8.06 -5.97 6.53
N HIS D 52 7.93 -6.11 5.22
CA HIS D 52 6.93 -6.97 4.60
C HIS D 52 7.49 -8.31 4.07
N GLU D 53 6.87 -9.42 4.48
CA GLU D 53 7.29 -10.74 4.02
C GLU D 53 7.39 -10.84 2.52
N GLY D 54 6.38 -10.32 1.85
CA GLY D 54 6.15 -10.30 0.42
C GLY D 54 7.23 -9.59 -0.40
N ASP D 55 7.81 -8.55 0.22
CA ASP D 55 8.87 -7.77 -0.36
C ASP D 55 10.14 -8.59 -0.41
N LEU D 56 10.37 -9.34 0.65
CA LEU D 56 11.52 -10.20 0.66
C LEU D 56 11.40 -11.30 -0.40
N ILE D 57 10.26 -11.91 -0.52
CA ILE D 57 9.95 -12.91 -1.50
C ILE D 57 10.15 -12.38 -2.94
N ASP D 58 9.59 -11.25 -3.24
CA ASP D 58 9.70 -10.57 -4.52
C ASP D 58 11.18 -10.31 -4.84
N ALA D 59 11.98 -9.85 -3.88
CA ALA D 59 13.42 -9.67 -4.02
C ALA D 59 14.16 -10.95 -4.32
N ILE D 60 13.75 -12.01 -3.60
CA ILE D 60 14.44 -13.29 -3.79
C ILE D 60 14.18 -13.78 -5.21
N HIS D 61 12.92 -13.79 -5.65
CA HIS D 61 12.61 -14.17 -7.03
C HIS D 61 13.37 -13.36 -8.10
N GLU D 62 13.47 -12.06 -7.93
CA GLU D 62 14.09 -11.18 -8.89
C GLU D 62 15.61 -11.23 -8.83
N ALA D 63 16.18 -11.76 -7.72
CA ALA D 63 17.60 -11.83 -7.50
C ALA D 63 18.37 -12.63 -8.53
N GLU D 64 17.78 -13.71 -8.95
CA GLU D 64 18.22 -14.72 -9.87
C GLU D 64 18.76 -14.16 -11.16
N GLU D 65 18.22 -13.07 -11.65
CA GLU D 65 18.66 -12.44 -12.88
C GLU D 65 19.64 -11.30 -12.66
N GLN D 66 20.05 -11.05 -11.44
CA GLN D 66 20.92 -9.88 -11.21
C GLN D 66 22.08 -10.10 -10.26
N TYR D 67 21.97 -11.03 -9.31
CA TYR D 67 23.03 -11.21 -8.34
C TYR D 67 23.61 -12.62 -8.41
N SER D 68 24.74 -12.79 -7.72
CA SER D 68 25.25 -14.16 -7.71
C SER D 68 25.15 -14.80 -6.34
N GLY D 69 24.44 -14.19 -5.40
CA GLY D 69 24.30 -14.82 -4.08
C GLY D 69 23.57 -13.84 -3.16
N ILE D 70 22.98 -14.34 -2.06
CA ILE D 70 22.17 -13.53 -1.18
C ILE D 70 22.53 -13.88 0.28
N VAL D 71 22.71 -12.86 1.11
CA VAL D 71 22.99 -12.89 2.49
C VAL D 71 21.65 -12.38 3.05
N LEU D 72 20.90 -13.28 3.64
CA LEU D 72 19.59 -12.93 4.18
C LEU D 72 19.54 -12.94 5.72
N ASN D 73 19.05 -11.87 6.32
CA ASN D 73 18.74 -11.73 7.71
C ASN D 73 17.27 -11.38 7.73
N PRO D 74 16.45 -12.42 7.93
CA PRO D 74 14.99 -12.24 7.81
C PRO D 74 14.37 -11.78 9.07
N GLY D 75 15.09 -11.46 10.11
CA GLY D 75 14.48 -11.06 11.33
C GLY D 75 13.67 -12.25 11.84
N ALA D 76 12.61 -11.94 12.62
CA ALA D 76 11.84 -13.02 13.21
C ALA D 76 11.09 -13.90 12.24
N LEU D 77 10.97 -13.54 10.95
CA LEU D 77 10.39 -14.34 9.94
C LEU D 77 11.15 -15.68 9.72
N SER D 78 12.36 -15.81 10.17
CA SER D 78 13.14 -17.03 10.18
C SER D 78 12.36 -18.16 10.87
N HIS D 79 11.66 -17.88 11.96
CA HIS D 79 10.93 -18.86 12.78
C HIS D 79 9.62 -19.35 12.25
N TYR D 80 9.04 -18.74 11.28
CA TYR D 80 7.73 -19.13 10.82
C TYR D 80 7.42 -18.93 9.33
N SER D 81 8.22 -18.29 8.51
CA SER D 81 7.84 -18.02 7.17
C SER D 81 8.24 -19.10 6.24
N TYR D 82 7.44 -20.15 6.11
CA TYR D 82 7.58 -21.17 5.12
C TYR D 82 7.44 -20.51 3.75
N ALA D 83 6.80 -19.41 3.54
CA ALA D 83 6.74 -18.80 2.17
C ALA D 83 8.10 -18.27 1.78
N ILE D 84 8.95 -17.73 2.68
CA ILE D 84 10.27 -17.31 2.31
C ILE D 84 11.17 -18.55 2.07
N ARG D 85 10.93 -19.57 2.91
CA ARG D 85 11.64 -20.83 2.70
C ARG D 85 11.47 -21.21 1.22
N ASP D 86 10.27 -21.36 0.75
CA ASP D 86 9.94 -21.81 -0.61
C ASP D 86 10.46 -20.88 -1.69
N ALA D 87 10.59 -19.62 -1.51
CA ALA D 87 11.19 -18.64 -2.35
C ALA D 87 12.67 -18.95 -2.51
N VAL D 88 13.38 -19.18 -1.44
CA VAL D 88 14.78 -19.62 -1.47
C VAL D 88 14.95 -20.92 -2.20
N SER D 89 14.06 -21.88 -2.00
CA SER D 89 14.14 -23.13 -2.77
C SER D 89 13.84 -22.99 -4.26
N SER D 90 13.16 -21.93 -4.63
CA SER D 90 12.76 -21.78 -6.02
C SER D 90 13.84 -21.06 -6.81
N ILE D 91 14.97 -20.64 -6.27
CA ILE D 91 16.01 -20.00 -7.04
C ILE D 91 17.28 -20.83 -7.02
N SER D 92 18.19 -20.57 -7.95
CA SER D 92 19.42 -21.33 -8.05
C SER D 92 20.58 -20.69 -7.34
N LEU D 93 20.50 -19.43 -6.92
CA LEU D 93 21.60 -18.80 -6.21
C LEU D 93 21.81 -19.34 -4.81
N PRO D 94 23.06 -19.36 -4.35
CA PRO D 94 23.40 -19.68 -2.96
C PRO D 94 22.96 -18.60 -2.02
N VAL D 95 22.20 -18.97 -0.97
CA VAL D 95 21.76 -18.11 0.09
C VAL D 95 22.34 -18.51 1.46
N VAL D 96 22.85 -17.54 2.21
CA VAL D 96 23.34 -17.71 3.55
C VAL D 96 22.45 -16.97 4.56
N GLU D 97 21.89 -17.65 5.57
CA GLU D 97 21.10 -16.98 6.57
C GLU D 97 21.99 -16.44 7.67
N VAL D 98 21.79 -15.25 8.17
CA VAL D 98 22.58 -14.57 9.14
C VAL D 98 21.74 -13.85 10.19
N HIS D 99 22.09 -13.90 11.46
CA HIS D 99 21.44 -13.32 12.58
C HIS D 99 22.61 -12.84 13.49
N LEU D 100 22.45 -11.59 14.02
CA LEU D 100 23.56 -11.05 14.79
C LEU D 100 23.69 -11.56 16.21
N SER D 101 22.56 -11.61 16.92
CA SER D 101 22.57 -12.11 18.29
C SER D 101 22.52 -13.63 18.30
N ASN D 102 22.91 -14.17 19.45
CA ASN D 102 22.97 -15.59 19.68
C ASN D 102 21.55 -16.02 20.03
N LEU D 103 20.84 -16.45 19.03
CA LEU D 103 19.43 -16.80 19.16
C LEU D 103 19.26 -17.92 20.18
N TYR D 104 20.14 -18.88 20.22
CA TYR D 104 20.09 -20.03 21.09
C TYR D 104 20.11 -19.69 22.54
N ALA D 105 20.58 -18.51 22.90
CA ALA D 105 20.61 -17.98 24.26
C ALA D 105 19.36 -17.18 24.58
N ARG D 106 18.45 -17.06 23.59
CA ARG D 106 17.25 -16.22 23.78
C ARG D 106 16.00 -17.04 23.90
N GLU D 107 14.82 -16.49 23.64
CA GLU D 107 13.58 -17.26 23.71
C GLU D 107 13.61 -18.48 22.78
N GLU D 108 12.93 -19.53 23.23
CA GLU D 108 12.80 -20.80 22.62
C GLU D 108 12.33 -20.85 21.19
N PHE D 109 11.37 -20.06 20.80
CA PHE D 109 10.80 -19.87 19.47
C PHE D 109 11.88 -19.36 18.52
N ARG D 110 12.99 -18.79 18.93
CA ARG D 110 14.02 -18.29 18.07
C ARG D 110 15.07 -19.36 17.85
N HIS D 111 14.85 -20.56 18.38
CA HIS D 111 15.83 -21.58 18.23
C HIS D 111 15.70 -22.46 16.99
N GLN D 112 14.76 -22.33 16.16
CA GLN D 112 14.61 -23.08 14.92
C GLN D 112 14.38 -22.08 13.79
N SER D 113 14.92 -22.35 12.65
CA SER D 113 14.78 -21.65 11.40
C SER D 113 14.00 -22.58 10.46
N VAL D 114 12.99 -21.97 9.82
CA VAL D 114 12.30 -22.75 8.81
C VAL D 114 12.89 -22.50 7.45
N ILE D 115 13.86 -21.59 7.44
CA ILE D 115 14.51 -21.29 6.18
C ILE D 115 15.81 -22.03 5.96
N ALA D 116 16.58 -22.23 7.03
CA ALA D 116 17.90 -22.84 6.91
C ALA D 116 17.97 -24.18 6.26
N PRO D 117 17.05 -25.12 6.40
CA PRO D 117 17.13 -26.40 5.69
C PRO D 117 17.38 -26.31 4.21
N VAL D 118 16.88 -25.28 3.54
CA VAL D 118 16.98 -25.07 2.11
C VAL D 118 18.03 -24.04 1.68
N ALA D 119 18.72 -23.48 2.59
CA ALA D 119 19.80 -22.51 2.33
C ALA D 119 21.13 -23.24 2.37
N LYS D 120 22.20 -22.61 1.91
CA LYS D 120 23.51 -23.21 1.98
C LYS D 120 23.89 -23.40 3.46
N GLY D 121 23.50 -22.46 4.31
CA GLY D 121 23.90 -22.59 5.69
C GLY D 121 23.51 -21.36 6.46
N GLN D 122 23.88 -21.31 7.73
CA GLN D 122 23.49 -20.27 8.60
C GLN D 122 24.63 -19.85 9.54
N ILE D 123 24.67 -18.61 9.98
CA ILE D 123 25.59 -18.01 10.87
C ILE D 123 24.78 -17.28 11.89
N VAL D 124 25.01 -17.69 13.14
CA VAL D 124 24.29 -17.16 14.29
C VAL D 124 25.19 -16.68 15.42
N GLY D 125 24.90 -15.55 16.05
CA GLY D 125 25.62 -15.03 17.16
C GLY D 125 26.94 -14.30 16.94
N LEU D 126 27.44 -14.11 15.77
CA LEU D 126 28.70 -13.43 15.54
C LEU D 126 28.62 -11.95 15.23
N GLY D 127 27.55 -11.32 15.64
CA GLY D 127 27.34 -9.91 15.50
C GLY D 127 27.34 -9.68 13.97
N ALA D 128 27.55 -8.38 13.71
CA ALA D 128 27.53 -7.72 12.42
C ALA D 128 28.64 -8.20 11.54
N GLU D 129 29.69 -8.67 12.18
CA GLU D 129 30.73 -9.44 11.45
C GLU D 129 30.19 -10.64 10.65
N GLY D 130 29.08 -11.28 11.01
CA GLY D 130 28.44 -12.41 10.36
C GLY D 130 28.04 -12.12 8.94
N TYR D 131 27.67 -10.89 8.66
CA TYR D 131 27.41 -10.54 7.24
C TYR D 131 28.67 -10.68 6.41
N LYS D 132 29.81 -10.20 6.90
CA LYS D 132 31.07 -10.22 6.19
C LYS D 132 31.52 -11.65 5.92
N LEU D 133 31.39 -12.48 6.95
CA LEU D 133 31.75 -13.89 6.88
C LEU D 133 30.91 -14.57 5.83
N ALA D 134 29.63 -14.20 5.73
CA ALA D 134 28.74 -14.82 4.71
C ALA D 134 29.13 -14.37 3.30
N VAL D 135 29.56 -13.12 3.23
CA VAL D 135 30.10 -12.62 1.92
C VAL D 135 31.34 -13.38 1.53
N ARG D 136 32.24 -13.61 2.51
CA ARG D 136 33.42 -14.41 2.21
C ARG D 136 33.12 -15.81 1.77
N TYR D 137 32.15 -16.44 2.50
CA TYR D 137 31.75 -17.78 2.06
C TYR D 137 31.33 -17.75 0.59
N LEU D 138 30.41 -16.89 0.27
CA LEU D 138 29.81 -16.74 -1.05
C LEU D 138 30.88 -16.55 -2.14
N LEU D 139 31.88 -15.73 -1.89
CA LEU D 139 33.00 -15.56 -2.83
C LEU D 139 33.63 -16.93 -3.04
N SER D 140 33.89 -17.63 -1.93
CA SER D 140 34.40 -18.96 -2.01
C SER D 140 33.43 -19.77 -2.88
N GLN D 141 32.13 -19.49 -2.95
CA GLN D 141 31.30 -20.29 -3.84
C GLN D 141 31.42 -19.80 -5.31
N GLN D 142 32.54 -25.16 -6.44
N PRO E 1 -3.30 13.85 25.38
CA PRO E 1 -2.76 12.59 24.77
C PRO E 1 -3.28 12.32 23.37
N HIS E 2 -2.43 11.68 22.57
CA HIS E 2 -2.77 11.27 21.21
C HIS E 2 -2.34 9.79 21.08
N PHE E 3 -3.23 8.89 20.85
CA PHE E 3 -3.06 7.46 20.81
C PHE E 3 -3.41 6.87 19.46
N LEU E 4 -2.70 5.79 19.10
CA LEU E 4 -2.90 5.15 17.81
C LEU E 4 -3.76 3.94 18.09
N ILE E 5 -4.90 3.74 17.45
CA ILE E 5 -5.69 2.54 17.55
C ILE E 5 -5.37 1.75 16.27
N LEU E 6 -4.62 0.66 16.41
CA LEU E 6 -4.11 -0.04 15.23
C LEU E 6 -4.84 -1.37 15.06
N ASN E 7 -5.51 -1.55 13.94
CA ASN E 7 -6.28 -2.76 13.71
C ASN E 7 -5.69 -3.57 12.58
N GLY E 8 -5.69 -4.92 12.85
CA GLY E 8 -5.02 -5.73 11.80
C GLY E 8 -5.99 -6.44 10.90
N PRO E 9 -5.57 -7.60 10.37
CA PRO E 9 -6.34 -8.29 9.34
C PRO E 9 -7.70 -8.72 9.80
N ASN E 10 -8.64 -8.52 8.91
CA ASN E 10 -10.06 -8.92 9.07
C ASN E 10 -10.81 -8.09 10.05
N VAL E 11 -10.25 -7.24 10.86
CA VAL E 11 -10.97 -6.43 11.85
C VAL E 11 -11.91 -5.49 11.12
N ASN E 12 -11.66 -5.01 9.93
CA ASN E 12 -12.55 -4.26 9.09
C ASN E 12 -13.80 -5.07 8.71
N ARG E 13 -13.86 -6.39 8.88
CA ARG E 13 -15.01 -7.20 8.56
C ARG E 13 -15.91 -7.45 9.77
N LEU E 14 -15.70 -6.77 10.87
CA LEU E 14 -16.65 -6.87 12.00
C LEU E 14 -18.07 -6.55 11.49
N GLY E 15 -19.05 -7.40 11.80
CA GLY E 15 -20.41 -7.22 11.37
C GLY E 15 -20.95 -8.05 10.24
N SER E 16 -20.25 -8.24 9.14
CA SER E 16 -20.60 -8.99 7.95
C SER E 16 -20.92 -10.45 8.15
N ARG E 17 -21.06 -10.90 9.36
CA ARG E 17 -21.28 -12.19 9.94
C ARG E 17 -21.70 -11.92 11.40
N GLU E 18 -21.27 -12.74 12.32
CA GLU E 18 -21.53 -12.76 13.73
C GLU E 18 -21.32 -11.59 14.67
N PRO E 19 -22.45 -11.15 15.24
CA PRO E 19 -22.53 -10.14 16.28
C PRO E 19 -22.72 -10.78 17.65
N GLU E 20 -23.04 -12.06 17.64
CA GLU E 20 -23.28 -12.98 18.73
C GLU E 20 -21.98 -13.37 19.44
N VAL E 21 -20.92 -13.28 18.66
CA VAL E 21 -19.56 -13.61 19.07
C VAL E 21 -18.75 -12.32 19.20
N PHE E 22 -18.90 -11.53 18.13
CA PHE E 22 -18.14 -10.31 17.93
C PHE E 22 -18.78 -9.01 18.35
N GLY E 23 -20.10 -8.90 18.30
CA GLY E 23 -20.81 -7.67 18.64
C GLY E 23 -21.38 -7.01 17.39
N ARG E 24 -22.66 -6.66 17.45
CA ARG E 24 -23.46 -6.08 16.40
C ARG E 24 -22.86 -5.03 15.47
N GLN E 25 -22.02 -4.17 16.02
CA GLN E 25 -21.36 -3.06 15.43
C GLN E 25 -20.43 -3.34 14.26
N THR E 26 -20.14 -2.35 13.42
CA THR E 26 -19.11 -2.51 12.40
C THR E 26 -17.87 -1.78 12.95
N LEU E 27 -16.73 -1.87 12.25
CA LEU E 27 -15.56 -1.15 12.70
C LEU E 27 -15.80 0.37 12.64
N THR E 28 -16.52 0.83 11.64
CA THR E 28 -16.93 2.20 11.47
C THR E 28 -17.74 2.70 12.68
N ASP E 29 -18.74 1.93 13.09
CA ASP E 29 -19.49 2.26 14.29
C ASP E 29 -18.58 2.42 15.52
N ILE E 30 -17.64 1.45 15.69
CA ILE E 30 -16.79 1.51 16.86
C ILE E 30 -15.96 2.76 16.82
N GLU E 31 -15.40 3.12 15.68
CA GLU E 31 -14.57 4.30 15.48
C GLU E 31 -15.34 5.56 15.85
N THR E 32 -16.57 5.67 15.36
CA THR E 32 -17.41 6.82 15.74
C THR E 32 -17.55 6.88 17.26
N ASP E 33 -17.86 5.80 17.96
CA ASP E 33 -17.93 5.85 19.40
C ASP E 33 -16.64 6.28 20.10
N LEU E 34 -15.51 5.71 19.66
CA LEU E 34 -14.26 6.06 20.33
C LEU E 34 -13.94 7.53 20.10
N PHE E 35 -14.21 8.15 18.95
CA PHE E 35 -13.99 9.55 18.63
C PHE E 35 -14.74 10.49 19.60
N GLN E 36 -15.94 10.08 20.00
CA GLN E 36 -16.70 10.86 20.99
C GLN E 36 -16.15 10.79 22.41
N PHE E 37 -15.94 9.53 22.77
CA PHE E 37 -15.32 9.18 24.06
C PHE E 37 -13.97 9.83 24.21
N ALA E 38 -13.24 9.98 23.09
CA ALA E 38 -12.02 10.70 22.99
C ALA E 38 -12.25 12.22 23.17
N GLU E 39 -13.24 12.81 22.54
CA GLU E 39 -13.64 14.18 22.71
C GLU E 39 -14.06 14.55 24.14
N ALA E 40 -14.71 13.68 24.86
CA ALA E 40 -15.09 13.84 26.24
C ALA E 40 -13.94 13.73 27.25
N LEU E 41 -12.79 13.08 26.94
CA LEU E 41 -11.67 13.05 27.89
C LEU E 41 -10.58 13.94 27.33
N HIS E 42 -11.04 14.76 26.37
CA HIS E 42 -10.26 15.72 25.64
C HIS E 42 -9.00 15.00 25.15
N ILE E 43 -9.18 13.88 24.41
CA ILE E 43 -7.92 13.26 23.91
C ILE E 43 -7.95 12.98 22.42
N GLN E 44 -6.79 12.82 21.81
CA GLN E 44 -6.78 12.57 20.38
C GLN E 44 -6.45 11.10 20.09
N LEU E 45 -7.09 10.60 19.06
CA LEU E 45 -6.97 9.23 18.58
C LEU E 45 -6.77 9.25 17.08
N THR E 46 -5.92 8.43 16.53
CA THR E 46 -5.83 8.22 15.09
C THR E 46 -6.10 6.72 14.84
N PHE E 47 -6.89 6.37 13.87
CA PHE E 47 -7.26 5.04 13.49
C PHE E 47 -6.54 4.58 12.22
N PHE E 48 -6.15 3.31 12.25
CA PHE E 48 -5.50 2.73 11.08
C PHE E 48 -5.75 1.23 11.06
N GLN E 49 -6.17 0.70 9.92
CA GLN E 49 -6.45 -0.71 9.76
C GLN E 49 -5.83 -1.17 8.45
N SER E 50 -5.21 -2.36 8.48
CA SER E 50 -4.61 -2.92 7.28
C SER E 50 -4.61 -4.48 7.48
N ASN E 51 -4.61 -5.13 6.34
CA ASN E 51 -4.62 -6.57 6.25
C ASN E 51 -3.22 -7.10 6.03
N HIS E 52 -2.23 -6.21 5.90
CA HIS E 52 -0.84 -6.59 5.73
C HIS E 52 -0.04 -6.46 7.01
N GLU E 53 0.63 -7.54 7.37
CA GLU E 53 1.47 -7.56 8.55
C GLU E 53 2.50 -6.41 8.46
N GLY E 54 3.16 -6.22 7.32
CA GLY E 54 4.24 -5.22 7.23
C GLY E 54 3.71 -3.79 7.42
N ASP E 55 2.42 -3.61 7.21
CA ASP E 55 1.83 -2.25 7.34
C ASP E 55 1.69 -1.97 8.83
N LEU E 56 1.30 -2.97 9.62
CA LEU E 56 1.29 -2.80 11.07
C LEU E 56 2.68 -2.55 11.64
N ILE E 57 3.66 -3.29 11.24
CA ILE E 57 5.03 -3.12 11.71
C ILE E 57 5.53 -1.69 11.33
N ASP E 58 5.23 -1.21 10.13
CA ASP E 58 5.65 0.10 9.63
C ASP E 58 5.05 1.16 10.55
N ALA E 59 3.78 1.02 10.87
CA ALA E 59 3.05 1.84 11.75
C ALA E 59 3.56 1.84 13.18
N ILE E 60 3.87 0.66 13.71
CA ILE E 60 4.45 0.61 15.06
C ILE E 60 5.81 1.35 15.08
N HIS E 61 6.68 1.16 14.15
CA HIS E 61 7.95 1.82 14.06
C HIS E 61 7.79 3.34 13.98
N GLU E 62 6.89 3.86 13.21
CA GLU E 62 6.66 5.29 13.00
C GLU E 62 5.88 5.92 14.13
N ALA E 63 5.24 5.13 14.94
CA ALA E 63 4.43 5.62 16.03
C ALA E 63 5.22 6.37 17.09
N GLU E 64 6.41 5.93 17.37
CA GLU E 64 7.35 6.41 18.36
C GLU E 64 7.56 7.90 18.34
N GLU E 65 7.53 8.54 17.20
CA GLU E 65 7.72 9.95 17.04
C GLU E 65 6.41 10.73 16.96
N GLN E 66 5.28 10.08 17.16
CA GLN E 66 4.02 10.81 16.99
C GLN E 66 2.97 10.54 18.02
N TYR E 67 2.98 9.41 18.69
CA TYR E 67 1.92 9.10 19.63
C TYR E 67 2.48 8.85 20.99
N SER E 68 1.65 8.71 21.98
CA SER E 68 2.23 8.35 23.28
C SER E 68 1.80 6.96 23.72
N GLY E 69 1.07 6.21 22.92
CA GLY E 69 0.55 4.88 23.29
C GLY E 69 -0.10 4.24 22.07
N ILE E 70 -0.12 2.92 21.98
CA ILE E 70 -0.84 2.27 20.88
C ILE E 70 -1.83 1.28 21.47
N VAL E 71 -3.03 1.10 20.98
CA VAL E 71 -4.02 0.12 21.35
C VAL E 71 -3.99 -0.81 20.12
N LEU E 72 -3.57 -2.02 20.28
CA LEU E 72 -3.42 -2.95 19.16
C LEU E 72 -4.36 -4.13 19.20
N ASN E 73 -5.12 -4.26 18.12
CA ASN E 73 -5.95 -5.40 17.76
C ASN E 73 -5.40 -6.00 16.48
N PRO E 74 -4.51 -6.99 16.62
CA PRO E 74 -3.86 -7.55 15.44
C PRO E 74 -4.67 -8.58 14.72
N GLY E 75 -5.84 -8.94 15.16
CA GLY E 75 -6.56 -10.00 14.54
C GLY E 75 -5.71 -11.28 14.74
N ALA E 76 -5.77 -12.19 13.81
CA ALA E 76 -5.22 -13.52 13.91
C ALA E 76 -3.68 -13.48 13.96
N LEU E 77 -3.11 -12.34 13.57
CA LEU E 77 -1.67 -12.16 13.68
C LEU E 77 -1.19 -12.30 15.10
N SER E 78 -1.99 -12.10 16.09
CA SER E 78 -1.64 -12.35 17.48
C SER E 78 -1.00 -13.72 17.70
N HIS E 79 -1.51 -14.73 16.98
CA HIS E 79 -1.10 -16.08 17.34
C HIS E 79 0.12 -16.53 16.60
N TYR E 80 0.78 -15.80 15.73
CA TYR E 80 1.90 -16.23 15.01
C TYR E 80 2.90 -15.20 14.55
N SER E 81 2.48 -13.91 14.64
CA SER E 81 3.39 -12.88 14.17
C SER E 81 4.48 -12.56 15.13
N TYR E 82 5.64 -13.22 15.07
CA TYR E 82 6.77 -12.85 15.91
C TYR E 82 7.39 -11.56 15.41
N ALA E 83 7.16 -11.22 14.10
CA ALA E 83 7.70 -10.04 13.54
C ALA E 83 7.02 -8.78 14.16
N ILE E 84 5.78 -8.84 14.49
CA ILE E 84 5.02 -7.81 15.15
C ILE E 84 5.44 -7.76 16.59
N ARG E 85 5.72 -8.93 17.18
CA ARG E 85 6.17 -8.94 18.60
C ARG E 85 7.48 -8.15 18.70
N ASP E 86 8.41 -8.41 17.80
CA ASP E 86 9.69 -7.74 17.78
C ASP E 86 9.52 -6.23 17.46
N ALA E 87 8.54 -5.85 16.65
CA ALA E 87 8.21 -4.47 16.37
C ALA E 87 7.77 -3.75 17.65
N VAL E 88 6.99 -4.37 18.48
CA VAL E 88 6.56 -3.82 19.77
C VAL E 88 7.72 -3.70 20.76
N SER E 89 8.66 -4.61 20.75
CA SER E 89 9.79 -4.58 21.63
C SER E 89 10.74 -3.43 21.26
N SER E 90 10.78 -3.12 19.95
CA SER E 90 11.74 -2.15 19.50
C SER E 90 11.30 -0.70 19.75
N ILE E 91 10.17 -0.42 20.32
CA ILE E 91 9.77 0.95 20.50
C ILE E 91 9.61 1.18 22.00
N SER E 92 9.63 2.47 22.39
CA SER E 92 9.46 2.75 23.81
C SER E 92 8.04 2.97 24.29
N LEU E 93 7.07 3.23 23.42
CA LEU E 93 5.71 3.46 23.82
C LEU E 93 5.00 2.27 24.43
N PRO E 94 4.07 2.49 25.30
CA PRO E 94 3.28 1.41 25.86
C PRO E 94 2.26 0.90 24.83
N VAL E 95 2.18 -0.45 24.71
CA VAL E 95 1.17 -1.03 23.80
C VAL E 95 0.21 -1.93 24.58
N VAL E 96 -1.07 -1.85 24.38
CA VAL E 96 -2.05 -2.73 25.00
C VAL E 96 -2.75 -3.56 23.89
N GLU E 97 -2.80 -4.89 24.07
CA GLU E 97 -3.31 -5.74 22.97
C GLU E 97 -4.77 -6.04 23.33
N VAL E 98 -5.65 -5.82 22.34
CA VAL E 98 -7.06 -6.03 22.65
C VAL E 98 -7.78 -6.94 21.68
N HIS E 99 -8.63 -7.83 22.08
CA HIS E 99 -9.48 -8.67 21.26
C HIS E 99 -10.89 -8.54 21.85
N LEU E 100 -11.85 -8.48 20.96
CA LEU E 100 -13.26 -8.34 21.27
C LEU E 100 -13.97 -9.54 21.76
N SER E 101 -13.72 -10.66 21.05
CA SER E 101 -14.39 -11.87 21.51
C SER E 101 -13.47 -12.52 22.54
N ASN E 102 -13.98 -13.45 23.27
CA ASN E 102 -13.35 -14.24 24.24
C ASN E 102 -12.68 -15.41 23.47
N LEU E 103 -11.43 -15.17 23.09
CA LEU E 103 -10.59 -16.10 22.42
C LEU E 103 -10.55 -17.44 23.11
N TYR E 104 -10.48 -17.42 24.43
CA TYR E 104 -10.36 -18.63 25.23
C TYR E 104 -11.50 -19.59 25.07
N ALA E 105 -12.67 -19.16 24.57
CA ALA E 105 -13.82 -20.02 24.37
C ALA E 105 -13.83 -20.49 22.94
N ARG E 106 -12.92 -20.06 22.09
CA ARG E 106 -12.92 -20.41 20.66
C ARG E 106 -11.88 -21.46 20.32
N GLU E 107 -11.44 -21.55 19.08
CA GLU E 107 -10.36 -22.52 18.74
C GLU E 107 -9.14 -22.35 19.62
N GLU E 108 -8.42 -23.44 19.83
CA GLU E 108 -7.23 -23.59 20.61
C GLU E 108 -6.09 -22.78 20.09
N PHE E 109 -5.96 -22.60 18.78
CA PHE E 109 -4.84 -21.84 18.24
C PHE E 109 -4.99 -20.42 18.74
N ARG E 110 -6.18 -19.91 19.05
CA ARG E 110 -6.35 -18.56 19.51
C ARG E 110 -6.10 -18.33 21.00
N HIS E 111 -5.68 -19.34 21.72
CA HIS E 111 -5.47 -19.22 23.19
C HIS E 111 -4.07 -18.73 23.52
N GLN E 112 -3.21 -18.41 22.57
CA GLN E 112 -1.91 -17.85 22.89
C GLN E 112 -1.65 -16.65 22.01
N SER E 113 -1.00 -15.65 22.55
CA SER E 113 -0.56 -14.50 21.88
C SER E 113 0.93 -14.48 21.84
N VAL E 114 1.52 -14.25 20.69
CA VAL E 114 2.96 -14.17 20.68
C VAL E 114 3.40 -12.74 20.96
N ILE E 115 2.47 -11.79 20.95
CA ILE E 115 2.78 -10.39 21.08
C ILE E 115 2.64 -9.96 22.54
N ALA E 116 1.74 -10.55 23.29
CA ALA E 116 1.47 -10.16 24.67
C ALA E 116 2.65 -10.14 25.62
N PRO E 117 3.57 -11.13 25.63
CA PRO E 117 4.71 -11.09 26.51
C PRO E 117 5.45 -9.76 26.54
N VAL E 118 5.57 -9.01 25.46
CA VAL E 118 6.38 -7.83 25.34
C VAL E 118 5.52 -6.56 25.33
N ALA E 119 4.21 -6.71 25.51
CA ALA E 119 3.36 -5.48 25.58
C ALA E 119 3.10 -5.23 27.03
N LYS E 120 2.34 -4.03 27.27
CA LYS E 120 2.06 -3.90 28.68
C LYS E 120 1.10 -4.93 29.20
N GLY E 121 0.14 -5.30 28.35
CA GLY E 121 -0.86 -6.26 28.85
C GLY E 121 -1.88 -6.53 27.74
N GLN E 122 -2.89 -7.26 28.09
CA GLN E 122 -3.92 -7.67 27.19
C GLN E 122 -5.32 -7.67 27.75
N ILE E 123 -6.29 -7.35 26.87
CA ILE E 123 -7.71 -7.42 27.27
C ILE E 123 -8.41 -8.27 26.24
N VAL E 124 -9.14 -9.27 26.66
CA VAL E 124 -9.77 -10.21 25.82
C VAL E 124 -11.19 -10.52 26.31
N GLY E 125 -12.16 -10.52 25.41
CA GLY E 125 -13.50 -10.87 25.67
C GLY E 125 -14.49 -9.83 26.12
N LEU E 126 -14.09 -8.58 26.21
CA LEU E 126 -15.04 -7.56 26.77
C LEU E 126 -15.61 -6.73 25.65
N GLY E 127 -15.59 -7.26 24.41
CA GLY E 127 -16.15 -6.58 23.25
C GLY E 127 -15.42 -5.31 22.88
N ALA E 128 -16.14 -4.40 22.18
CA ALA E 128 -15.62 -3.14 21.73
C ALA E 128 -15.32 -2.22 22.90
N GLU E 129 -15.88 -2.48 24.06
CA GLU E 129 -15.56 -1.74 25.28
C GLU E 129 -14.07 -1.83 25.58
N GLY E 130 -13.41 -2.94 25.17
CA GLY E 130 -12.04 -3.16 25.41
C GLY E 130 -11.16 -2.09 24.87
N TYR E 131 -11.53 -1.51 23.76
CA TYR E 131 -10.78 -0.38 23.24
C TYR E 131 -10.73 0.82 24.21
N LYS E 132 -11.87 1.12 24.80
CA LYS E 132 -12.04 2.22 25.73
C LYS E 132 -11.26 1.96 27.03
N LEU E 133 -11.35 0.78 27.55
CA LEU E 133 -10.60 0.38 28.72
C LEU E 133 -9.11 0.50 28.52
N ALA E 134 -8.55 0.11 27.38
CA ALA E 134 -7.16 0.14 27.04
C ALA E 134 -6.75 1.62 26.94
N VAL E 135 -7.59 2.41 26.26
CA VAL E 135 -7.34 3.86 26.23
C VAL E 135 -7.26 4.42 27.68
N ARG E 136 -8.12 4.06 28.57
CA ARG E 136 -8.14 4.49 29.95
C ARG E 136 -6.85 4.11 30.68
N TYR E 137 -6.40 2.86 30.45
CA TYR E 137 -5.18 2.38 31.02
C TYR E 137 -4.05 3.27 30.57
N LEU E 138 -3.95 3.50 29.28
CA LEU E 138 -2.93 4.31 28.67
C LEU E 138 -2.93 5.69 29.36
N LEU E 139 -4.12 6.24 29.60
CA LEU E 139 -4.18 7.57 30.20
C LEU E 139 -3.79 7.40 31.65
N SER E 140 -4.35 6.42 32.36
CA SER E 140 -4.07 6.16 33.77
C SER E 140 -2.58 6.03 34.08
N GLN E 141 -1.78 5.81 33.08
CA GLN E 141 -0.35 5.75 33.11
C GLN E 141 0.23 7.10 32.72
N GLN E 142 0.68 6.80 32.09
N PRO F 1 -20.70 -18.83 -14.89
CA PRO F 1 -20.51 -17.72 -13.95
C PRO F 1 -19.08 -17.24 -13.86
N HIS F 2 -18.86 -16.48 -12.77
CA HIS F 2 -17.55 -15.85 -12.64
C HIS F 2 -16.76 -16.24 -11.38
N PHE F 3 -15.67 -16.99 -11.52
CA PHE F 3 -14.82 -17.37 -10.37
C PHE F 3 -13.42 -16.77 -10.46
N LEU F 4 -12.81 -16.55 -9.33
CA LEU F 4 -11.51 -16.02 -9.02
C LEU F 4 -10.58 -17.20 -8.71
N ILE F 5 -9.44 -17.23 -9.32
CA ILE F 5 -8.39 -18.21 -9.26
C ILE F 5 -7.29 -17.46 -8.50
N LEU F 6 -7.13 -17.70 -7.20
CA LEU F 6 -6.21 -16.87 -6.42
C LEU F 6 -4.93 -17.65 -6.07
N ASN F 7 -3.74 -17.21 -6.49
CA ASN F 7 -2.56 -17.95 -6.24
C ASN F 7 -1.63 -17.11 -5.36
N GLY F 8 -1.04 -17.79 -4.39
CA GLY F 8 -0.21 -17.30 -3.37
C GLY F 8 1.27 -17.26 -3.64
N PRO F 9 2.07 -17.07 -2.61
CA PRO F 9 3.50 -16.89 -2.80
C PRO F 9 4.11 -18.13 -3.43
N ASN F 10 5.04 -17.91 -4.29
CA ASN F 10 5.86 -18.84 -5.04
C ASN F 10 5.10 -19.58 -6.12
N VAL F 11 3.81 -19.50 -6.20
CA VAL F 11 3.06 -20.24 -7.21
C VAL F 11 3.42 -19.76 -8.62
N ASN F 12 3.86 -18.52 -8.76
CA ASN F 12 4.42 -17.96 -9.96
C ASN F 12 5.72 -18.62 -10.38
N ARG F 13 6.38 -19.41 -9.54
CA ARG F 13 7.66 -20.03 -9.86
C ARG F 13 7.50 -21.44 -10.37
N LEU F 14 6.31 -21.96 -10.49
CA LEU F 14 6.08 -23.28 -11.07
C LEU F 14 6.87 -23.40 -12.36
N GLY F 15 7.69 -24.42 -12.47
CA GLY F 15 8.49 -24.55 -13.68
C GLY F 15 9.95 -24.21 -13.43
N SER F 16 10.34 -23.81 -12.23
CA SER F 16 11.78 -23.56 -12.02
C SER F 16 12.42 -24.79 -11.39
N ARG F 17 11.55 -25.75 -11.00
CA ARG F 17 12.05 -26.92 -10.29
C ARG F 17 11.35 -28.25 -10.54
N GLU F 18 11.97 -29.32 -10.02
CA GLU F 18 11.59 -30.72 -10.08
C GLU F 18 10.27 -30.98 -10.78
N PRO F 19 10.41 -31.33 -12.07
CA PRO F 19 9.31 -31.56 -12.97
C PRO F 19 8.35 -32.70 -12.66
N GLU F 20 8.75 -33.62 -11.80
CA GLU F 20 7.89 -34.74 -11.42
C GLU F 20 6.80 -34.13 -10.53
N VAL F 21 7.27 -33.61 -9.40
CA VAL F 21 6.43 -32.97 -8.38
C VAL F 21 5.55 -31.83 -8.90
N PHE F 22 6.19 -30.81 -9.48
CA PHE F 22 5.58 -29.59 -9.96
C PHE F 22 5.12 -29.55 -11.40
N GLY F 23 5.40 -30.60 -12.17
CA GLY F 23 4.99 -30.63 -13.58
C GLY F 23 5.91 -29.80 -14.48
N ARG F 24 5.59 -29.89 -15.77
CA ARG F 24 6.36 -29.18 -16.81
C ARG F 24 6.02 -27.69 -16.78
N GLN F 25 4.77 -27.40 -16.97
CA GLN F 25 4.08 -26.17 -16.97
C GLN F 25 4.53 -25.12 -15.96
N THR F 26 4.26 -23.92 -16.45
CA THR F 26 4.52 -22.71 -15.72
C THR F 26 3.13 -22.21 -15.37
N LEU F 27 3.06 -21.23 -14.48
CA LEU F 27 1.73 -20.72 -14.14
C LEU F 27 0.99 -20.15 -15.36
N THR F 28 1.71 -19.48 -16.28
CA THR F 28 1.09 -18.95 -17.52
C THR F 28 0.56 -20.10 -18.36
N ASP F 29 1.31 -21.18 -18.50
CA ASP F 29 0.79 -22.37 -19.17
C ASP F 29 -0.56 -22.77 -18.57
N ILE F 30 -0.62 -22.95 -17.27
CA ILE F 30 -1.83 -23.38 -16.56
C ILE F 30 -2.96 -22.39 -16.73
N GLU F 31 -2.71 -21.09 -16.64
CA GLU F 31 -3.71 -20.06 -16.86
C GLU F 31 -4.32 -20.19 -18.25
N THR F 32 -3.51 -20.42 -19.25
CA THR F 32 -3.98 -20.58 -20.63
C THR F 32 -4.88 -21.79 -20.74
N ASP F 33 -4.53 -22.91 -20.15
CA ASP F 33 -5.33 -24.13 -20.21
C ASP F 33 -6.67 -23.94 -19.53
N LEU F 34 -6.70 -23.31 -18.38
CA LEU F 34 -7.89 -23.03 -17.59
C LEU F 34 -8.78 -22.03 -18.31
N PHE F 35 -8.17 -21.11 -19.00
CA PHE F 35 -8.98 -20.14 -19.75
C PHE F 35 -9.68 -20.88 -20.89
N GLN F 36 -8.96 -21.76 -21.54
CA GLN F 36 -9.34 -22.64 -22.60
C GLN F 36 -10.41 -23.61 -22.09
N PHE F 37 -10.24 -24.12 -20.86
CA PHE F 37 -11.23 -25.02 -20.29
C PHE F 37 -12.47 -24.26 -19.91
N ALA F 38 -12.37 -23.08 -19.30
CA ALA F 38 -13.60 -22.41 -18.87
C ALA F 38 -14.47 -22.00 -20.05
N GLU F 39 -13.89 -21.50 -21.10
CA GLU F 39 -14.62 -21.09 -22.29
C GLU F 39 -15.51 -22.20 -22.83
N ALA F 40 -15.02 -23.46 -22.86
CA ALA F 40 -15.77 -24.59 -23.38
C ALA F 40 -16.91 -25.11 -22.53
N LEU F 41 -17.25 -24.50 -21.44
CA LEU F 41 -18.33 -24.69 -20.50
C LEU F 41 -19.13 -23.37 -20.30
N HIS F 42 -18.56 -22.32 -20.87
CA HIS F 42 -19.15 -20.98 -20.70
C HIS F 42 -19.19 -20.52 -19.25
N ILE F 43 -18.02 -20.28 -18.68
CA ILE F 43 -17.87 -19.72 -17.34
C ILE F 43 -16.72 -18.72 -17.44
N GLN F 44 -16.74 -17.63 -16.71
CA GLN F 44 -15.61 -16.72 -16.73
C GLN F 44 -14.70 -17.01 -15.51
N LEU F 45 -13.42 -16.71 -15.66
CA LEU F 45 -12.45 -16.77 -14.63
C LEU F 45 -11.61 -15.48 -14.64
N THR F 46 -11.14 -15.07 -13.48
CA THR F 46 -10.14 -14.04 -13.31
C THR F 46 -8.99 -14.63 -12.50
N PHE F 47 -7.77 -14.37 -12.91
CA PHE F 47 -6.60 -14.85 -12.23
C PHE F 47 -5.90 -13.74 -11.48
N PHE F 48 -5.40 -14.03 -10.30
CA PHE F 48 -4.55 -13.15 -9.53
C PHE F 48 -3.52 -13.92 -8.72
N GLN F 49 -2.28 -13.52 -8.78
CA GLN F 49 -1.18 -14.03 -8.03
C GLN F 49 -0.40 -12.97 -7.28
N SER F 50 -0.05 -13.30 -6.03
CA SER F 50 0.75 -12.38 -5.24
C SER F 50 1.60 -13.14 -4.23
N ASN F 51 2.76 -12.58 -3.91
CA ASN F 51 3.60 -13.13 -2.87
C ASN F 51 3.28 -12.53 -1.50
N HIS F 52 2.40 -11.56 -1.38
CA HIS F 52 2.02 -10.97 -0.14
C HIS F 52 0.72 -11.51 0.44
N GLU F 53 0.76 -11.99 1.68
CA GLU F 53 -0.38 -12.46 2.41
C GLU F 53 -1.53 -11.45 2.34
N GLY F 54 -1.26 -10.22 2.64
CA GLY F 54 -2.28 -9.13 2.70
C GLY F 54 -2.97 -8.92 1.35
N ASP F 55 -2.24 -9.11 0.23
CA ASP F 55 -2.86 -8.95 -1.06
C ASP F 55 -3.89 -10.10 -1.28
N LEU F 56 -3.65 -11.27 -0.76
CA LEU F 56 -4.61 -12.34 -0.89
C LEU F 56 -5.80 -11.97 -0.03
N ILE F 57 -5.57 -11.51 1.20
CA ILE F 57 -6.63 -11.21 2.11
C ILE F 57 -7.55 -10.12 1.56
N ASP F 58 -6.93 -9.10 0.96
CA ASP F 58 -7.61 -7.99 0.30
C ASP F 58 -8.48 -8.57 -0.81
N ALA F 59 -7.93 -9.44 -1.65
CA ALA F 59 -8.69 -10.05 -2.74
C ALA F 59 -9.85 -10.89 -2.23
N ILE F 60 -9.70 -11.64 -1.16
CA ILE F 60 -10.80 -12.42 -0.59
C ILE F 60 -11.91 -11.52 -0.14
N HIS F 61 -11.66 -10.46 0.56
CA HIS F 61 -12.62 -9.51 1.05
C HIS F 61 -13.41 -8.84 -0.09
N GLU F 62 -12.76 -8.46 -1.16
CA GLU F 62 -13.34 -7.81 -2.30
C GLU F 62 -14.04 -8.74 -3.28
N ALA F 63 -13.78 -10.04 -3.16
CA ALA F 63 -14.33 -11.05 -4.03
C ALA F 63 -15.85 -11.14 -3.95
N GLU F 64 -16.35 -10.94 -2.75
CA GLU F 64 -17.73 -11.06 -2.32
C GLU F 64 -18.71 -10.33 -3.19
N GLU F 65 -18.34 -9.19 -3.73
CA GLU F 65 -19.15 -8.37 -4.57
C GLU F 65 -18.89 -8.57 -6.06
N GLN F 66 -18.15 -9.61 -6.44
CA GLN F 66 -17.80 -9.72 -7.85
C GLN F 66 -17.77 -11.12 -8.37
N TYR F 67 -17.53 -12.11 -7.50
CA TYR F 67 -17.39 -13.47 -8.00
C TYR F 67 -18.38 -14.35 -7.29
N SER F 68 -18.62 -15.56 -7.77
CA SER F 68 -19.47 -16.48 -7.03
C SER F 68 -18.68 -17.62 -6.41
N GLY F 69 -17.38 -17.60 -6.49
CA GLY F 69 -16.57 -18.68 -5.95
C GLY F 69 -15.09 -18.44 -6.08
N ILE F 70 -14.28 -19.06 -5.21
CA ILE F 70 -12.85 -18.87 -5.24
C ILE F 70 -12.14 -20.19 -5.20
N VAL F 71 -11.21 -20.45 -6.09
CA VAL F 71 -10.27 -21.52 -6.12
C VAL F 71 -8.96 -20.88 -5.56
N LEU F 72 -8.48 -21.37 -4.40
CA LEU F 72 -7.29 -20.79 -3.77
C LEU F 72 -6.15 -21.77 -3.55
N ASN F 73 -4.99 -21.44 -4.03
CA ASN F 73 -3.72 -22.09 -3.91
C ASN F 73 -2.84 -21.04 -3.21
N PRO F 74 -2.77 -21.19 -1.87
CA PRO F 74 -2.07 -20.21 -1.05
C PRO F 74 -0.61 -20.45 -0.93
N GLY F 75 -0.11 -21.51 -1.62
CA GLY F 75 1.33 -21.73 -1.43
C GLY F 75 1.46 -22.17 0.03
N ALA F 76 2.68 -21.93 0.52
CA ALA F 76 3.02 -22.33 1.89
C ALA F 76 2.28 -21.58 2.96
N LEU F 77 1.60 -20.47 2.68
CA LEU F 77 0.75 -19.83 3.66
C LEU F 77 -0.34 -20.76 4.13
N SER F 78 -0.70 -21.80 3.39
CA SER F 78 -1.68 -22.80 3.83
C SER F 78 -1.33 -23.29 5.24
N HIS F 79 -0.06 -23.42 5.55
CA HIS F 79 0.38 -24.07 6.80
C HIS F 79 0.49 -23.15 8.02
N TYR F 80 0.34 -21.82 7.86
CA TYR F 80 0.42 -21.04 9.06
C TYR F 80 -0.47 -19.76 9.00
N SER F 81 -1.07 -19.41 7.90
CA SER F 81 -1.74 -18.14 7.79
C SER F 81 -3.13 -18.10 8.39
N TYR F 82 -3.21 -17.89 9.68
CA TYR F 82 -4.56 -17.85 10.31
C TYR F 82 -5.28 -16.59 9.87
N ALA F 83 -4.53 -15.62 9.30
CA ALA F 83 -5.20 -14.42 8.87
C ALA F 83 -6.01 -14.74 7.61
N ILE F 84 -5.50 -15.56 6.72
CA ILE F 84 -6.18 -15.88 5.49
C ILE F 84 -7.33 -16.80 5.86
N ARG F 85 -7.14 -17.66 6.85
CA ARG F 85 -8.28 -18.48 7.38
C ARG F 85 -9.45 -17.57 7.80
N ASP F 86 -9.19 -16.56 8.62
CA ASP F 86 -10.28 -15.70 9.08
C ASP F 86 -10.86 -14.92 7.91
N ALA F 87 -10.12 -14.59 6.87
CA ALA F 87 -10.63 -13.91 5.70
C ALA F 87 -11.63 -14.77 4.95
N VAL F 88 -11.30 -16.03 4.68
CA VAL F 88 -12.24 -16.98 4.12
C VAL F 88 -13.50 -17.09 4.97
N SER F 89 -13.47 -17.28 6.29
CA SER F 89 -14.64 -17.31 7.10
C SER F 89 -15.47 -16.03 7.08
N SER F 90 -14.84 -14.89 6.87
CA SER F 90 -15.60 -13.61 6.87
C SER F 90 -16.39 -13.31 5.58
N ILE F 91 -16.37 -14.16 4.56
CA ILE F 91 -17.09 -13.95 3.30
C ILE F 91 -18.07 -15.12 3.09
N SER F 92 -19.06 -14.89 2.26
CA SER F 92 -20.06 -15.95 2.03
C SER F 92 -19.78 -16.87 0.86
N LEU F 93 -18.90 -16.57 -0.06
CA LEU F 93 -18.68 -17.44 -1.20
C LEU F 93 -17.94 -18.71 -0.88
N PRO F 94 -18.21 -19.78 -1.62
CA PRO F 94 -17.57 -21.08 -1.43
C PRO F 94 -16.11 -21.01 -1.92
N VAL F 95 -15.22 -21.57 -1.12
CA VAL F 95 -13.76 -21.46 -1.43
C VAL F 95 -13.25 -22.90 -1.47
N VAL F 96 -12.42 -23.21 -2.45
CA VAL F 96 -11.83 -24.56 -2.50
C VAL F 96 -10.32 -24.34 -2.48
N GLU F 97 -9.62 -25.02 -1.58
CA GLU F 97 -8.18 -24.92 -1.49
C GLU F 97 -7.54 -26.00 -2.36
N VAL F 98 -6.58 -25.68 -3.20
CA VAL F 98 -5.93 -26.60 -4.11
C VAL F 98 -4.40 -26.49 -4.11
N HIS F 99 -3.70 -27.60 -4.16
CA HIS F 99 -2.27 -27.76 -4.13
C HIS F 99 -1.94 -28.83 -5.19
N LEU F 100 -0.99 -28.56 -6.01
CA LEU F 100 -0.59 -29.42 -7.10
C LEU F 100 0.17 -30.66 -6.67
N SER F 101 1.27 -30.47 -5.87
CA SER F 101 1.96 -31.72 -5.49
C SER F 101 1.28 -32.39 -4.26
N ASN F 102 1.60 -33.65 -4.09
CA ASN F 102 1.08 -34.41 -2.99
C ASN F 102 1.86 -33.97 -1.75
N LEU F 103 1.23 -33.08 -0.97
CA LEU F 103 1.82 -32.51 0.18
C LEU F 103 2.13 -33.52 1.27
N TYR F 104 1.30 -34.53 1.39
CA TYR F 104 1.40 -35.58 2.36
C TYR F 104 2.62 -36.46 2.14
N ALA F 105 3.20 -36.34 0.97
CA ALA F 105 4.41 -37.10 0.67
C ALA F 105 5.65 -36.22 0.88
N ARG F 106 5.50 -34.99 1.31
CA ARG F 106 6.60 -34.03 1.45
C ARG F 106 6.95 -33.77 2.89
N GLU F 107 7.55 -32.69 3.23
CA GLU F 107 7.87 -32.31 4.60
C GLU F 107 6.63 -32.30 5.46
N GLU F 108 6.77 -32.65 6.69
CA GLU F 108 5.73 -32.76 7.70
C GLU F 108 4.96 -31.49 8.00
N PHE F 109 5.56 -30.33 7.94
CA PHE F 109 4.95 -29.07 8.14
C PHE F 109 3.90 -28.89 7.03
N ARG F 110 4.06 -29.51 5.82
CA ARG F 110 3.04 -29.33 4.79
C ARG F 110 1.83 -30.23 4.96
N HIS F 111 1.79 -31.00 6.05
CA HIS F 111 0.67 -31.98 6.18
C HIS F 111 -0.54 -31.36 6.82
N GLN F 112 -0.59 -30.10 7.12
CA GLN F 112 -1.77 -29.52 7.79
C GLN F 112 -2.08 -28.18 7.16
N SER F 113 -3.32 -27.93 6.82
CA SER F 113 -3.83 -26.69 6.40
C SER F 113 -4.59 -25.93 7.48
N VAL F 114 -4.22 -24.66 7.74
CA VAL F 114 -5.04 -23.93 8.69
C VAL F 114 -6.21 -23.26 7.99
N ILE F 115 -6.22 -23.26 6.65
CA ILE F 115 -7.32 -22.65 5.95
C ILE F 115 -8.47 -23.62 5.75
N ALA F 116 -8.14 -24.87 5.56
CA ALA F 116 -9.03 -25.93 5.16
C ALA F 116 -10.24 -26.11 6.01
N PRO F 117 -10.18 -26.04 7.33
CA PRO F 117 -11.36 -26.21 8.19
C PRO F 117 -12.52 -25.29 7.87
N VAL F 118 -12.32 -24.12 7.29
CA VAL F 118 -13.36 -23.14 7.07
C VAL F 118 -13.64 -23.01 5.55
N ALA F 119 -12.98 -23.89 4.78
CA ALA F 119 -13.29 -23.82 3.37
C ALA F 119 -14.31 -24.89 3.02
N LYS F 120 -14.71 -24.89 1.73
CA LYS F 120 -15.67 -25.98 1.40
C LYS F 120 -14.90 -27.29 1.52
N GLY F 121 -13.68 -27.35 0.99
CA GLY F 121 -12.90 -28.56 0.99
C GLY F 121 -11.52 -28.28 0.43
N GLN F 122 -10.80 -29.34 0.11
CA GLN F 122 -9.45 -29.23 -0.42
C GLN F 122 -9.09 -30.38 -1.37
N ILE F 123 -8.24 -30.10 -2.36
CA ILE F 123 -7.78 -31.05 -3.35
C ILE F 123 -6.25 -30.99 -3.28
N VAL F 124 -5.58 -32.08 -3.15
CA VAL F 124 -4.16 -32.17 -3.00
C VAL F 124 -3.61 -33.32 -3.81
N GLY F 125 -2.52 -33.07 -4.55
CA GLY F 125 -1.77 -34.06 -5.27
C GLY F 125 -2.15 -34.28 -6.73
N LEU F 126 -3.18 -33.62 -7.24
CA LEU F 126 -3.72 -34.02 -8.56
C LEU F 126 -3.21 -33.08 -9.61
N GLY F 127 -2.06 -32.45 -9.42
CA GLY F 127 -1.44 -31.51 -10.26
C GLY F 127 -2.36 -30.36 -10.68
N ALA F 128 -2.06 -29.77 -11.86
CA ALA F 128 -2.83 -28.70 -12.41
C ALA F 128 -4.31 -29.00 -12.67
N GLU F 129 -4.59 -30.26 -12.87
CA GLU F 129 -5.95 -30.73 -13.01
C GLU F 129 -6.83 -30.28 -11.84
N GLY F 130 -6.25 -30.23 -10.63
CA GLY F 130 -6.91 -29.82 -9.42
C GLY F 130 -7.69 -28.54 -9.62
N TYR F 131 -7.08 -27.55 -10.25
CA TYR F 131 -7.80 -26.28 -10.45
C TYR F 131 -9.10 -26.59 -11.25
N LYS F 132 -9.08 -27.40 -12.29
CA LYS F 132 -10.22 -27.67 -13.14
C LYS F 132 -11.30 -28.44 -12.35
N LEU F 133 -10.84 -29.40 -11.58
CA LEU F 133 -11.71 -30.16 -10.70
C LEU F 133 -12.35 -29.17 -9.72
N ALA F 134 -11.60 -28.24 -9.16
CA ALA F 134 -12.26 -27.32 -8.25
C ALA F 134 -13.29 -26.43 -8.91
N VAL F 135 -13.01 -25.99 -10.11
CA VAL F 135 -13.94 -25.18 -10.85
C VAL F 135 -15.20 -26.00 -11.15
N ARG F 136 -15.03 -27.27 -11.54
CA ARG F 136 -16.25 -28.09 -11.63
C ARG F 136 -17.09 -28.21 -10.35
N TYR F 137 -16.51 -28.39 -9.18
CA TYR F 137 -17.21 -28.48 -7.92
C TYR F 137 -17.98 -27.19 -7.71
N LEU F 138 -17.31 -26.06 -7.85
CA LEU F 138 -17.95 -24.74 -7.74
C LEU F 138 -19.16 -24.58 -8.63
N LEU F 139 -19.11 -25.07 -9.88
CA LEU F 139 -20.33 -25.05 -10.70
C LEU F 139 -21.49 -25.71 -9.97
N SER F 140 -21.38 -26.72 -9.11
CA SER F 140 -22.58 -27.11 -8.39
C SER F 140 -22.89 -26.29 -7.16
N GLN F 141 -22.60 -25.00 -7.01
CA GLN F 141 -22.98 -24.28 -5.78
C GLN F 141 -23.82 -23.04 -6.02
N GLN F 142 -27.13 -21.61 -4.51
N PRO G 1 10.20 -80.68 17.12
CA PRO G 1 9.11 -79.68 17.20
C PRO G 1 8.47 -79.18 15.92
N HIS G 2 7.30 -78.59 16.10
CA HIS G 2 6.49 -77.95 15.13
C HIS G 2 6.12 -76.50 15.51
N PHE G 3 6.41 -75.61 14.57
CA PHE G 3 6.18 -74.18 14.74
C PHE G 3 5.30 -73.59 13.65
N LEU G 4 4.57 -72.54 14.08
CA LEU G 4 3.76 -71.77 13.08
C LEU G 4 4.51 -70.55 12.55
N ILE G 5 4.60 -70.31 11.25
CA ILE G 5 5.15 -69.13 10.60
C ILE G 5 3.93 -68.30 10.19
N LEU G 6 3.59 -67.23 10.92
CA LEU G 6 2.37 -66.49 10.69
C LEU G 6 2.66 -65.11 10.07
N ASN G 7 2.10 -64.83 8.88
CA ASN G 7 2.40 -63.62 8.15
C ASN G 7 1.15 -62.80 8.01
N GLY G 8 1.31 -61.49 8.24
CA GLY G 8 0.27 -60.52 8.21
C GLY G 8 0.10 -59.90 6.83
N PRO G 9 -0.72 -58.85 6.83
CA PRO G 9 -1.06 -58.12 5.63
C PRO G 9 0.14 -57.58 4.89
N ASN G 10 -0.01 -57.69 3.55
CA ASN G 10 0.94 -57.33 2.56
C ASN G 10 2.20 -58.16 2.48
N VAL G 11 2.48 -59.08 3.32
CA VAL G 11 3.66 -59.91 3.31
C VAL G 11 3.61 -60.82 2.10
N ASN G 12 2.40 -61.13 1.60
CA ASN G 12 2.21 -61.91 0.38
C ASN G 12 2.73 -61.13 -0.83
N ARG G 13 2.85 -59.81 -0.78
CA ARG G 13 3.33 -59.01 -1.87
C ARG G 13 4.84 -58.83 -1.93
N LEU G 14 5.65 -59.45 -1.12
CA LEU G 14 7.10 -59.36 -1.17
C LEU G 14 7.48 -59.56 -2.65
N GLY G 15 8.02 -58.55 -3.28
CA GLY G 15 8.38 -58.60 -4.69
C GLY G 15 7.77 -57.73 -5.73
N SER G 16 6.64 -57.04 -5.65
CA SER G 16 6.24 -56.20 -6.80
C SER G 16 6.80 -54.79 -6.72
N ARG G 17 7.87 -54.66 -5.95
CA ARG G 17 8.58 -53.42 -5.71
C ARG G 17 9.72 -53.65 -4.71
N GLU G 18 10.77 -52.86 -4.85
CA GLU G 18 11.92 -52.81 -3.99
C GLU G 18 12.49 -54.09 -3.41
N PRO G 19 13.47 -54.67 -4.12
CA PRO G 19 14.23 -55.81 -3.67
C PRO G 19 15.37 -55.35 -2.76
N GLU G 20 15.70 -54.08 -2.89
CA GLU G 20 16.73 -53.41 -2.12
C GLU G 20 16.33 -53.13 -0.68
N VAL G 21 15.03 -53.15 -0.37
CA VAL G 21 14.57 -52.94 1.01
C VAL G 21 14.06 -54.23 1.63
N PHE G 22 13.30 -55.00 0.84
CA PHE G 22 12.66 -56.23 1.29
C PHE G 22 13.32 -57.51 0.78
N GLY G 23 13.78 -57.59 -0.48
CA GLY G 23 14.40 -58.80 -0.96
C GLY G 23 14.72 -59.17 -2.39
N ARG G 24 13.76 -59.41 -3.27
CA ARG G 24 13.85 -59.84 -4.66
C ARG G 24 13.09 -61.17 -4.85
N GLN G 25 13.17 -61.94 -3.77
CA GLN G 25 12.46 -63.15 -3.53
C GLN G 25 10.98 -62.83 -3.25
N THR G 26 10.14 -63.84 -3.39
CA THR G 26 8.72 -63.73 -3.09
C THR G 26 8.47 -64.46 -1.77
N LEU G 27 7.22 -64.43 -1.30
CA LEU G 27 6.88 -65.15 -0.10
C LEU G 27 7.03 -66.66 -0.31
N THR G 28 6.64 -67.14 -1.49
CA THR G 28 6.74 -68.53 -1.93
C THR G 28 8.18 -69.01 -1.96
N ASP G 29 9.05 -68.20 -2.49
CA ASP G 29 10.47 -68.43 -2.45
C ASP G 29 10.91 -68.69 -0.99
N ILE G 30 10.61 -67.75 -0.07
CA ILE G 30 10.97 -67.87 1.32
C ILE G 30 10.35 -69.09 1.98
N GLU G 31 9.12 -69.44 1.64
CA GLU G 31 8.52 -70.60 2.24
C GLU G 31 9.31 -71.86 1.82
N THR G 32 9.66 -71.91 0.55
CA THR G 32 10.42 -73.05 0.08
C THR G 32 11.72 -73.18 0.84
N ASP G 33 12.48 -72.10 0.98
CA ASP G 33 13.74 -72.18 1.70
C ASP G 33 13.58 -72.63 3.14
N LEU G 34 12.54 -72.08 3.79
CA LEU G 34 12.29 -72.38 5.19
C LEU G 34 11.91 -73.84 5.38
N PHE G 35 11.04 -74.28 4.46
CA PHE G 35 10.66 -75.66 4.54
C PHE G 35 11.92 -76.51 4.49
N GLN G 36 12.80 -76.30 3.53
CA GLN G 36 14.04 -77.06 3.41
C GLN G 36 14.94 -76.92 4.63
N PHE G 37 15.02 -75.73 5.23
CA PHE G 37 15.83 -75.49 6.43
C PHE G 37 15.23 -76.24 7.61
N ALA G 38 13.89 -76.26 7.61
CA ALA G 38 13.16 -77.01 8.64
C ALA G 38 13.65 -78.46 8.64
N GLU G 39 13.55 -79.06 7.46
CA GLU G 39 13.99 -80.43 7.26
C GLU G 39 15.41 -80.63 7.71
N ALA G 40 16.35 -79.81 7.29
CA ALA G 40 17.74 -79.94 7.69
C ALA G 40 17.97 -80.04 9.19
N LEU G 41 17.12 -79.45 10.00
CA LEU G 41 17.31 -79.33 11.45
C LEU G 41 16.23 -80.11 12.17
N HIS G 42 15.46 -80.82 11.38
CA HIS G 42 14.47 -81.79 11.74
C HIS G 42 13.26 -81.30 12.51
N ILE G 43 12.74 -80.16 12.06
CA ILE G 43 11.55 -79.55 12.67
C ILE G 43 10.41 -79.39 11.69
N GLN G 44 9.16 -79.41 12.12
CA GLN G 44 8.06 -79.17 11.22
C GLN G 44 7.66 -77.66 11.33
N LEU G 45 7.21 -77.09 10.23
CA LEU G 45 6.71 -75.73 10.12
C LEU G 45 5.39 -75.76 9.36
N THR G 46 4.43 -74.96 9.69
CA THR G 46 3.23 -74.68 9.00
C THR G 46 3.24 -73.18 8.66
N PHE G 47 2.82 -72.82 7.47
CA PHE G 47 2.77 -71.43 7.08
C PHE G 47 1.32 -70.96 6.94
N PHE G 48 1.08 -69.70 7.32
CA PHE G 48 -0.24 -69.14 7.13
C PHE G 48 -0.08 -67.65 6.95
N GLN G 49 -0.61 -67.09 5.87
CA GLN G 49 -0.65 -65.70 5.57
C GLN G 49 -2.09 -65.17 5.48
N SER G 50 -2.37 -63.98 6.01
CA SER G 50 -3.68 -63.34 5.81
C SER G 50 -3.58 -61.79 5.96
N ASN G 51 -4.43 -61.08 5.28
CA ASN G 51 -4.52 -59.64 5.30
C ASN G 51 -5.50 -59.19 6.39
N HIS G 52 -6.13 -60.11 7.04
CA HIS G 52 -7.12 -59.77 8.10
C HIS G 52 -6.53 -59.89 9.49
N GLU G 53 -6.59 -58.87 10.30
CA GLU G 53 -6.17 -58.89 11.70
C GLU G 53 -6.81 -60.06 12.40
N GLY G 54 -8.13 -60.18 12.31
CA GLY G 54 -8.92 -61.23 12.91
C GLY G 54 -8.43 -62.66 12.70
N ASP G 55 -7.99 -62.98 11.52
CA ASP G 55 -7.44 -64.29 11.14
C ASP G 55 -6.15 -64.58 11.87
N LEU G 56 -5.27 -63.53 12.04
CA LEU G 56 -4.06 -63.80 12.80
C LEU G 56 -4.42 -64.02 14.27
N ILE G 57 -5.39 -63.24 14.80
CA ILE G 57 -5.81 -63.43 16.18
C ILE G 57 -6.41 -64.83 16.38
N ASP G 58 -7.28 -65.28 15.49
CA ASP G 58 -7.85 -66.64 15.58
C ASP G 58 -6.76 -67.71 15.51
N ALA G 59 -5.83 -67.55 14.59
CA ALA G 59 -4.70 -68.49 14.50
C ALA G 59 -3.83 -68.54 15.76
N ILE G 60 -3.63 -67.34 16.36
CA ILE G 60 -2.80 -67.32 17.54
C ILE G 60 -3.47 -68.11 18.65
N HIS G 61 -4.76 -67.86 18.85
CA HIS G 61 -5.55 -68.50 19.87
C HIS G 61 -5.54 -70.02 19.69
N GLU G 62 -5.69 -70.51 18.52
CA GLU G 62 -5.65 -71.91 18.14
C GLU G 62 -4.26 -72.52 18.14
N ALA G 63 -3.21 -71.71 18.10
CA ALA G 63 -1.88 -72.27 18.04
C ALA G 63 -1.45 -73.10 19.24
N GLU G 64 -1.92 -72.69 20.38
CA GLU G 64 -1.67 -73.20 21.70
C GLU G 64 -1.87 -74.69 21.79
N GLU G 65 -2.80 -75.30 21.06
CA GLU G 65 -3.04 -76.73 21.11
C GLU G 65 -2.33 -77.49 19.99
N GLN G 66 -1.54 -76.82 19.18
CA GLN G 66 -0.94 -77.54 18.05
C GLN G 66 0.52 -77.27 17.78
N TYR G 67 1.02 -76.10 18.15
CA TYR G 67 2.42 -75.78 17.92
C TYR G 67 3.20 -75.55 19.22
N SER G 68 4.49 -75.48 19.15
CA SER G 68 5.30 -75.12 20.29
C SER G 68 5.90 -73.74 20.18
N GLY G 69 5.59 -72.94 19.18
CA GLY G 69 6.21 -71.59 19.10
C GLY G 69 5.66 -70.92 17.86
N ILE G 70 5.60 -69.61 17.76
CA ILE G 70 5.19 -68.88 16.58
C ILE G 70 6.24 -67.84 16.17
N VAL G 71 6.53 -67.68 14.90
CA VAL G 71 7.40 -66.70 14.29
C VAL G 71 6.37 -65.81 13.59
N LEU G 72 6.18 -64.56 14.04
CA LEU G 72 5.13 -63.69 13.55
C LEU G 72 5.69 -62.43 12.83
N ASN G 73 5.28 -62.24 11.62
CA ASN G 73 5.61 -61.09 10.81
C ASN G 73 4.22 -60.50 10.48
N PRO G 74 3.76 -59.56 11.28
CA PRO G 74 2.46 -58.98 11.16
C PRO G 74 2.34 -57.85 10.15
N GLY G 75 3.43 -57.50 9.51
CA GLY G 75 3.40 -56.39 8.54
C GLY G 75 3.10 -55.13 9.37
N ALA G 76 2.49 -54.12 8.75
CA ALA G 76 2.17 -52.89 9.44
C ALA G 76 1.27 -52.98 10.66
N LEU G 77 0.68 -54.11 10.97
CA LEU G 77 -0.18 -54.28 12.13
C LEU G 77 0.69 -54.21 13.38
N SER G 78 1.98 -54.49 13.26
CA SER G 78 2.95 -54.33 14.32
C SER G 78 2.82 -52.92 15.06
N HIS G 79 2.57 -51.90 14.26
CA HIS G 79 2.56 -50.55 14.84
C HIS G 79 1.27 -50.13 15.42
N TYR G 80 0.17 -50.85 15.38
CA TYR G 80 -1.05 -50.31 15.98
C TYR G 80 -2.06 -51.33 16.49
N SER G 81 -1.92 -52.60 16.22
CA SER G 81 -2.82 -53.63 16.68
C SER G 81 -2.58 -54.13 18.10
N TYR G 82 -3.17 -53.36 19.04
CA TYR G 82 -3.17 -53.83 20.41
C TYR G 82 -4.02 -55.10 20.42
N ALA G 83 -4.97 -55.36 19.55
CA ALA G 83 -5.70 -56.64 19.57
C ALA G 83 -4.80 -57.84 19.36
N ILE G 84 -3.80 -57.81 18.52
CA ILE G 84 -2.87 -58.90 18.30
C ILE G 84 -1.92 -59.02 19.49
N ARG G 85 -1.60 -57.84 20.05
CA ARG G 85 -0.76 -57.82 21.24
C ARG G 85 -1.45 -58.67 22.33
N ASP G 86 -2.71 -58.35 22.61
CA ASP G 86 -3.45 -59.04 23.64
C ASP G 86 -3.61 -60.52 23.33
N ALA G 87 -3.67 -60.97 22.11
CA ALA G 87 -3.71 -62.34 21.65
C ALA G 87 -2.44 -63.07 22.01
N VAL G 88 -1.31 -62.55 21.72
CA VAL G 88 0.00 -63.05 22.08
C VAL G 88 0.07 -63.16 23.61
N SER G 89 -0.43 -62.18 24.38
CA SER G 89 -0.37 -62.24 25.83
C SER G 89 -1.24 -63.38 26.38
N SER G 90 -2.30 -63.71 25.65
CA SER G 90 -3.24 -64.71 26.22
C SER G 90 -2.81 -66.15 25.95
N ILE G 91 -1.68 -66.36 25.32
CA ILE G 91 -1.23 -67.75 25.06
C ILE G 91 0.08 -68.04 25.78
N SER G 92 0.37 -69.32 26.01
CA SER G 92 1.61 -69.73 26.68
C SER G 92 2.78 -69.92 25.74
N LEU G 93 2.59 -69.94 24.43
CA LEU G 93 3.74 -70.25 23.55
C LEU G 93 4.64 -69.04 23.37
N PRO G 94 5.92 -69.27 23.18
CA PRO G 94 6.91 -68.28 22.85
C PRO G 94 6.67 -67.75 21.44
N VAL G 95 6.59 -66.39 21.36
CA VAL G 95 6.41 -65.77 20.05
C VAL G 95 7.65 -64.91 19.74
N VAL G 96 8.07 -64.80 18.52
CA VAL G 96 9.20 -63.99 18.09
C VAL G 96 8.68 -63.09 16.94
N GLU G 97 8.82 -61.79 17.09
CA GLU G 97 8.34 -60.88 16.04
C GLU G 97 9.43 -60.71 15.02
N VAL G 98 9.22 -60.77 13.76
CA VAL G 98 10.25 -60.62 12.74
C VAL G 98 9.89 -59.69 11.61
N HIS G 99 10.71 -58.77 11.17
CA HIS G 99 10.55 -57.87 10.06
C HIS G 99 11.73 -57.99 9.14
N LEU G 100 11.61 -58.09 7.87
CA LEU G 100 12.72 -58.22 6.93
C LEU G 100 13.52 -56.95 6.75
N SER G 101 12.85 -55.85 6.47
CA SER G 101 13.58 -54.62 6.20
C SER G 101 13.94 -53.92 7.50
N ASN G 102 14.96 -53.05 7.41
CA ASN G 102 15.30 -52.34 8.65
C ASN G 102 14.31 -51.18 8.80
N LEU G 103 13.27 -51.42 9.56
CA LEU G 103 12.23 -50.49 9.91
C LEU G 103 12.75 -49.17 10.46
N TYR G 104 13.78 -49.17 11.31
CA TYR G 104 14.40 -47.99 11.91
C TYR G 104 14.98 -47.03 10.94
N ALA G 105 15.25 -47.51 9.68
CA ALA G 105 15.70 -46.63 8.64
C ALA G 105 14.54 -46.14 7.75
N ARG G 106 13.32 -46.43 8.06
CA ARG G 106 12.16 -46.10 7.25
C ARG G 106 11.31 -45.08 7.97
N GLU G 107 10.03 -44.92 7.69
CA GLU G 107 9.16 -43.96 8.28
C GLU G 107 9.06 -44.18 9.78
N GLU G 108 8.94 -43.07 10.50
CA GLU G 108 8.89 -42.97 11.90
C GLU G 108 7.83 -43.87 12.49
N PHE G 109 6.65 -43.95 11.88
CA PHE G 109 5.57 -44.76 12.44
C PHE G 109 6.04 -46.22 12.54
N ARG G 110 7.04 -46.67 11.75
CA ARG G 110 7.46 -48.09 11.79
C ARG G 110 8.43 -48.40 12.93
N HIS G 111 8.82 -47.38 13.70
CA HIS G 111 9.90 -47.53 14.68
C HIS G 111 9.39 -48.01 16.04
N GLN G 112 8.14 -48.32 16.25
CA GLN G 112 7.62 -48.86 17.43
C GLN G 112 6.75 -50.09 17.12
N SER G 113 6.88 -51.07 18.02
CA SER G 113 6.01 -52.23 17.97
C SER G 113 5.10 -52.29 19.14
N VAL G 114 3.77 -52.39 18.96
CA VAL G 114 2.88 -52.58 20.06
C VAL G 114 2.84 -54.06 20.49
N ILE G 115 3.34 -54.95 19.65
CA ILE G 115 3.39 -56.37 19.96
C ILE G 115 4.61 -56.87 20.70
N ALA G 116 5.76 -56.30 20.47
CA ALA G 116 7.06 -56.77 20.95
C ALA G 116 7.17 -56.77 22.46
N PRO G 117 6.60 -55.82 23.23
CA PRO G 117 6.64 -55.85 24.66
C PRO G 117 6.19 -57.13 25.32
N VAL G 118 5.24 -57.86 24.74
CA VAL G 118 4.74 -59.08 25.32
C VAL G 118 5.24 -60.32 24.62
N ALA G 119 6.03 -60.25 23.55
CA ALA G 119 6.57 -61.38 22.80
C ALA G 119 7.88 -61.72 23.45
N LYS G 120 8.58 -62.75 23.03
CA LYS G 120 9.89 -63.06 23.62
C LYS G 120 10.91 -62.04 23.18
N GLY G 121 10.83 -61.68 21.90
CA GLY G 121 11.84 -60.78 21.33
C GLY G 121 11.43 -60.37 19.92
N GLN G 122 12.35 -59.69 19.25
CA GLN G 122 12.11 -59.13 17.93
C GLN G 122 13.39 -59.06 17.11
N ILE G 123 13.29 -59.36 15.83
CA ILE G 123 14.42 -59.37 14.89
C ILE G 123 14.00 -58.46 13.74
N VAL G 124 14.83 -57.51 13.36
CA VAL G 124 14.47 -56.53 12.39
C VAL G 124 15.64 -56.20 11.51
N GLY G 125 15.43 -56.17 10.18
CA GLY G 125 16.49 -55.79 9.32
C GLY G 125 17.45 -56.83 8.75
N LEU G 126 17.21 -58.11 9.03
CA LEU G 126 18.11 -59.15 8.64
C LEU G 126 17.56 -59.96 7.52
N GLY G 127 16.70 -59.37 6.74
CA GLY G 127 16.07 -60.05 5.63
C GLY G 127 15.31 -61.32 6.00
N ALA G 128 15.15 -62.20 5.00
CA ALA G 128 14.44 -63.48 5.14
C ALA G 128 15.19 -64.42 6.09
N GLU G 129 16.49 -64.20 6.25
CA GLU G 129 17.24 -64.89 7.26
C GLU G 129 16.69 -64.78 8.66
N GLY G 130 16.06 -63.63 9.00
CA GLY G 130 15.47 -63.47 10.29
C GLY G 130 14.47 -64.57 10.67
N TYR G 131 13.68 -65.02 9.70
CA TYR G 131 12.78 -66.17 9.90
C TYR G 131 13.55 -67.40 10.40
N LYS G 132 14.68 -67.68 9.80
CA LYS G 132 15.54 -68.84 10.20
C LYS G 132 16.13 -68.65 11.60
N LEU G 133 16.64 -67.40 11.79
CA LEU G 133 17.14 -67.05 13.14
C LEU G 133 16.06 -67.18 14.15
N ALA G 134 14.81 -66.77 13.92
CA ALA G 134 13.72 -66.90 14.89
C ALA G 134 13.41 -68.38 15.13
N VAL G 135 13.46 -69.19 14.08
CA VAL G 135 13.29 -70.64 14.24
C VAL G 135 14.38 -71.27 15.09
N ARG G 136 15.63 -70.91 14.88
CA ARG G 136 16.72 -71.35 15.74
C ARG G 136 16.54 -70.93 17.19
N TYR G 137 16.12 -69.67 17.47
CA TYR G 137 15.89 -69.26 18.87
C TYR G 137 14.89 -70.19 19.53
N LEU G 138 13.79 -70.41 18.82
CA LEU G 138 12.67 -71.19 19.31
C LEU G 138 13.14 -72.63 19.60
N LEU G 139 14.03 -73.21 18.80
CA LEU G 139 14.56 -74.54 19.14
C LEU G 139 15.33 -74.41 20.44
N SER G 140 16.01 -73.29 20.69
CA SER G 140 16.83 -73.13 21.87
C SER G 140 15.96 -73.04 23.10
N GLN G 141 14.68 -72.79 23.00
CA GLN G 141 13.81 -72.69 24.14
C GLN G 141 12.94 -73.95 24.21
N GLN G 142 13.33 -70.97 25.60
N PRO H 1 -10.41 -48.21 -20.24
CA PRO H 1 -10.32 -47.97 -18.76
C PRO H 1 -11.46 -48.52 -17.91
N HIS H 2 -11.04 -49.26 -16.86
CA HIS H 2 -11.96 -49.88 -15.91
C HIS H 2 -11.43 -49.52 -14.50
N PHE H 3 -12.25 -48.74 -13.80
CA PHE H 3 -11.93 -48.33 -12.45
C PHE H 3 -12.76 -49.01 -11.37
N LEU H 4 -12.08 -49.22 -10.24
CA LEU H 4 -12.64 -49.79 -9.02
C LEU H 4 -13.02 -48.64 -8.06
N ILE H 5 -14.24 -48.57 -7.60
CA ILE H 5 -14.70 -47.60 -6.63
C ILE H 5 -14.71 -48.40 -5.33
N LEU H 6 -13.69 -48.32 -4.48
CA LEU H 6 -13.65 -49.05 -3.25
C LEU H 6 -14.11 -48.23 -2.04
N ASN H 7 -15.04 -48.75 -1.27
CA ASN H 7 -15.59 -48.07 -0.11
C ASN H 7 -15.44 -48.93 1.14
N GLY H 8 -14.99 -48.26 2.19
CA GLY H 8 -14.73 -48.83 3.49
C GLY H 8 -15.84 -48.82 4.47
N PRO H 9 -15.50 -49.10 5.72
CA PRO H 9 -16.47 -49.22 6.78
C PRO H 9 -17.32 -47.98 6.93
N ASN H 10 -18.60 -48.19 7.17
CA ASN H 10 -19.62 -47.23 7.44
C ASN H 10 -20.00 -46.33 6.30
N VAL H 11 -19.37 -46.37 5.16
CA VAL H 11 -19.73 -45.64 3.98
C VAL H 11 -21.06 -46.16 3.44
N ASN H 12 -21.42 -47.42 3.59
CA ASN H 12 -22.77 -47.91 3.29
C ASN H 12 -23.89 -47.23 4.08
N ARG H 13 -23.58 -46.55 5.20
CA ARG H 13 -24.59 -45.93 6.05
C ARG H 13 -24.89 -44.49 5.65
N LEU H 14 -24.33 -44.00 4.57
CA LEU H 14 -24.54 -42.64 4.12
C LEU H 14 -26.04 -42.36 3.98
N GLY H 15 -26.41 -41.15 4.40
CA GLY H 15 -27.79 -40.73 4.27
C GLY H 15 -28.77 -41.31 5.28
N SER H 16 -28.26 -41.76 6.40
CA SER H 16 -29.06 -42.29 7.49
C SER H 16 -29.13 -41.21 8.57
N ARG H 17 -28.31 -40.18 8.37
CA ARG H 17 -28.18 -39.06 9.27
C ARG H 17 -27.47 -37.87 8.61
N GLU H 18 -27.58 -36.69 9.21
CA GLU H 18 -26.99 -35.43 8.84
C GLU H 18 -26.67 -35.10 7.39
N PRO H 19 -27.71 -34.69 6.64
CA PRO H 19 -27.61 -34.29 5.26
C PRO H 19 -26.84 -33.02 4.95
N GLU H 20 -26.39 -32.31 5.96
CA GLU H 20 -25.61 -31.09 5.90
C GLU H 20 -24.14 -31.51 5.90
N VAL H 21 -23.71 -32.03 7.05
CA VAL H 21 -22.33 -32.55 7.13
C VAL H 21 -22.20 -33.60 6.02
N PHE H 22 -23.09 -34.60 6.00
CA PHE H 22 -23.01 -35.68 5.03
C PHE H 22 -23.68 -35.51 3.69
N GLY H 23 -24.51 -34.54 3.38
CA GLY H 23 -25.14 -34.58 2.04
C GLY H 23 -26.26 -35.63 2.13
N ARG H 24 -27.09 -35.81 1.10
CA ARG H 24 -28.23 -36.70 1.17
C ARG H 24 -28.32 -37.91 0.26
N GLN H 25 -27.39 -38.22 -0.64
CA GLN H 25 -27.51 -39.44 -1.44
C GLN H 25 -27.16 -40.68 -0.62
N THR H 26 -27.93 -41.77 -0.65
CA THR H 26 -27.49 -43.01 -0.03
C THR H 26 -26.30 -43.46 -0.89
N LEU H 27 -25.62 -44.53 -0.44
CA LEU H 27 -24.53 -44.95 -1.34
C LEU H 27 -25.06 -45.51 -2.63
N THR H 28 -26.22 -46.15 -2.62
CA THR H 28 -26.88 -46.59 -3.84
C THR H 28 -27.15 -45.39 -4.72
N ASP H 29 -27.76 -44.34 -4.25
CA ASP H 29 -27.96 -43.19 -5.10
C ASP H 29 -26.63 -42.87 -5.78
N ILE H 30 -25.54 -42.69 -5.00
CA ILE H 30 -24.27 -42.28 -5.64
C ILE H 30 -23.82 -43.27 -6.70
N GLU H 31 -23.92 -44.55 -6.40
CA GLU H 31 -23.51 -45.53 -7.42
C GLU H 31 -24.27 -45.31 -8.72
N THR H 32 -25.58 -45.20 -8.61
CA THR H 32 -26.43 -45.01 -9.78
C THR H 32 -26.04 -43.79 -10.56
N ASP H 33 -25.76 -42.64 -9.95
CA ASP H 33 -25.29 -41.49 -10.72
C ASP H 33 -23.90 -41.73 -11.29
N LEU H 34 -22.97 -42.46 -10.64
CA LEU H 34 -21.68 -42.65 -11.30
C LEU H 34 -21.79 -43.55 -12.52
N PHE H 35 -22.59 -44.59 -12.72
CA PHE H 35 -22.62 -45.44 -13.88
C PHE H 35 -23.14 -44.79 -15.17
N GLN H 36 -24.16 -43.96 -15.05
CA GLN H 36 -24.65 -43.28 -16.26
C GLN H 36 -23.49 -42.49 -16.86
N PHE H 37 -22.72 -41.84 -15.99
CA PHE H 37 -21.55 -41.04 -16.38
C PHE H 37 -20.58 -41.88 -17.19
N ALA H 38 -20.14 -43.01 -16.65
CA ALA H 38 -19.23 -43.90 -17.37
C ALA H 38 -19.75 -44.48 -18.67
N GLU H 39 -21.06 -44.39 -18.97
CA GLU H 39 -21.59 -44.92 -20.22
C GLU H 39 -21.03 -44.16 -21.42
N ALA H 40 -20.39 -43.02 -21.35
CA ALA H 40 -19.55 -42.57 -22.45
C ALA H 40 -18.26 -42.18 -21.75
N LEU H 41 -17.24 -41.65 -22.43
CA LEU H 41 -15.89 -41.53 -21.84
C LEU H 41 -15.25 -42.93 -22.02
N HIS H 42 -16.16 -43.87 -22.22
CA HIS H 42 -16.40 -45.23 -22.51
C HIS H 42 -15.75 -46.32 -21.60
N ILE H 43 -15.88 -45.90 -20.35
CA ILE H 43 -15.31 -46.53 -19.20
C ILE H 43 -16.31 -47.25 -18.33
N GLN H 44 -15.72 -48.24 -17.70
CA GLN H 44 -16.46 -49.08 -16.76
C GLN H 44 -16.04 -48.83 -15.32
N LEU H 45 -16.96 -49.01 -14.44
CA LEU H 45 -16.78 -48.85 -13.01
C LEU H 45 -17.24 -50.14 -12.33
N THR H 46 -16.55 -50.57 -11.31
CA THR H 46 -16.96 -51.67 -10.45
C THR H 46 -16.93 -51.13 -9.01
N PHE H 47 -17.99 -51.23 -8.28
CA PHE H 47 -18.19 -50.82 -6.92
C PHE H 47 -18.07 -51.98 -5.94
N PHE H 48 -17.48 -51.69 -4.82
CA PHE H 48 -17.30 -52.70 -3.74
C PHE H 48 -17.21 -51.97 -2.39
N GLN H 49 -18.00 -52.44 -1.45
CA GLN H 49 -18.03 -51.88 -0.12
C GLN H 49 -17.87 -52.95 0.90
N SER H 50 -17.09 -52.75 1.92
CA SER H 50 -16.92 -53.68 3.02
C SER H 50 -16.51 -52.96 4.29
N ASN H 51 -16.88 -53.55 5.43
CA ASN H 51 -16.62 -53.02 6.73
C ASN H 51 -15.40 -53.71 7.32
N HIS H 52 -14.77 -54.60 6.62
CA HIS H 52 -13.57 -55.27 7.01
C HIS H 52 -12.32 -54.70 6.35
N GLU H 53 -11.32 -54.28 7.15
CA GLU H 53 -10.05 -53.81 6.67
C GLU H 53 -9.41 -54.80 5.71
N GLY H 54 -9.39 -56.09 6.01
CA GLY H 54 -8.79 -57.12 5.22
C GLY H 54 -9.43 -57.25 3.84
N ASP H 55 -10.75 -57.04 3.74
CA ASP H 55 -11.40 -57.11 2.45
C ASP H 55 -10.86 -55.99 1.54
N LEU H 56 -10.73 -54.75 2.06
CA LEU H 56 -10.17 -53.71 1.24
C LEU H 56 -8.76 -54.02 0.80
N ILE H 57 -7.98 -54.62 1.72
CA ILE H 57 -6.63 -54.97 1.39
C ILE H 57 -6.65 -56.01 0.28
N ASP H 58 -7.50 -57.03 0.42
CA ASP H 58 -7.60 -58.10 -0.60
C ASP H 58 -7.99 -57.52 -1.98
N ALA H 59 -8.95 -56.60 -2.03
CA ALA H 59 -9.35 -55.94 -3.26
C ALA H 59 -8.27 -55.07 -3.87
N ILE H 60 -7.45 -54.43 -2.98
CA ILE H 60 -6.39 -53.59 -3.55
C ILE H 60 -5.37 -54.49 -4.24
N HIS H 61 -4.97 -55.54 -3.56
CA HIS H 61 -4.03 -56.45 -4.15
C HIS H 61 -4.54 -57.08 -5.46
N GLU H 62 -5.79 -57.45 -5.59
CA GLU H 62 -6.32 -58.10 -6.76
C GLU H 62 -6.63 -57.12 -7.87
N ALA H 63 -6.69 -55.84 -7.51
CA ALA H 63 -7.03 -54.81 -8.48
C ALA H 63 -6.05 -54.71 -9.64
N GLU H 64 -4.79 -54.93 -9.34
CA GLU H 64 -3.66 -54.81 -10.25
C GLU H 64 -3.83 -55.53 -11.55
N GLU H 65 -4.50 -56.66 -11.60
CA GLU H 65 -4.70 -57.43 -12.79
C GLU H 65 -6.03 -57.14 -13.44
N GLN H 66 -6.80 -56.20 -12.95
CA GLN H 66 -8.12 -56.03 -13.54
C GLN H 66 -8.54 -54.60 -13.79
N TYR H 67 -7.98 -53.65 -13.04
CA TYR H 67 -8.42 -52.29 -13.22
C TYR H 67 -7.27 -51.39 -13.58
N SER H 68 -7.51 -50.16 -13.97
CA SER H 68 -6.40 -49.29 -14.27
C SER H 68 -6.33 -48.15 -13.24
N GLY H 69 -7.17 -48.13 -12.22
CA GLY H 69 -7.14 -47.13 -11.20
C GLY H 69 -8.21 -47.38 -10.13
N ILE H 70 -7.98 -46.80 -8.95
CA ILE H 70 -8.90 -47.02 -7.82
C ILE H 70 -9.29 -45.66 -7.24
N VAL H 71 -10.54 -45.50 -6.89
CA VAL H 71 -11.08 -44.37 -6.17
C VAL H 71 -11.39 -44.97 -4.78
N LEU H 72 -10.73 -44.57 -3.75
CA LEU H 72 -10.82 -45.16 -2.42
C LEU H 72 -11.38 -44.25 -1.38
N ASN H 73 -12.52 -44.72 -0.78
CA ASN H 73 -13.08 -43.96 0.35
C ASN H 73 -13.04 -44.96 1.49
N PRO H 74 -11.97 -44.94 2.27
CA PRO H 74 -11.80 -45.90 3.34
C PRO H 74 -12.54 -45.63 4.62
N GLY H 75 -13.40 -44.62 4.67
CA GLY H 75 -14.01 -44.29 5.97
C GLY H 75 -12.86 -44.02 6.94
N ALA H 76 -13.13 -44.19 8.22
CA ALA H 76 -12.28 -43.89 9.33
C ALA H 76 -10.96 -44.68 9.35
N LEU H 77 -10.80 -45.73 8.57
CA LEU H 77 -9.53 -46.45 8.45
C LEU H 77 -8.51 -45.52 7.81
N SER H 78 -8.90 -44.38 7.18
CA SER H 78 -7.93 -43.43 6.68
C SER H 78 -6.98 -42.97 7.80
N HIS H 79 -7.48 -42.79 9.00
CA HIS H 79 -6.73 -42.25 10.08
C HIS H 79 -5.86 -43.25 10.82
N TYR H 80 -5.86 -44.54 10.52
CA TYR H 80 -5.05 -45.42 11.34
C TYR H 80 -4.63 -46.68 10.61
N SER H 81 -5.15 -46.89 9.40
CA SER H 81 -4.75 -48.20 8.81
C SER H 81 -3.49 -48.17 8.06
N TYR H 82 -2.34 -48.38 8.71
CA TYR H 82 -1.10 -48.47 7.95
C TYR H 82 -1.10 -49.74 7.08
N ALA H 83 -1.99 -50.69 7.37
CA ALA H 83 -2.01 -51.93 6.54
C ALA H 83 -2.55 -51.60 5.14
N ILE H 84 -3.56 -50.73 5.09
CA ILE H 84 -4.14 -50.35 3.79
C ILE H 84 -3.12 -49.40 3.13
N ARG H 85 -2.47 -48.52 3.90
CA ARG H 85 -1.37 -47.72 3.33
C ARG H 85 -0.39 -48.64 2.59
N ASP H 86 0.18 -49.63 3.21
CA ASP H 86 1.13 -50.56 2.63
C ASP H 86 0.53 -51.30 1.43
N ALA H 87 -0.73 -51.67 1.38
CA ALA H 87 -1.40 -52.25 0.26
C ALA H 87 -1.36 -51.33 -0.96
N VAL H 88 -1.69 -50.06 -0.79
CA VAL H 88 -1.65 -49.13 -1.87
C VAL H 88 -0.23 -49.00 -2.40
N SER H 89 0.79 -48.95 -1.59
CA SER H 89 2.15 -48.87 -2.00
C SER H 89 2.65 -50.11 -2.76
N SER H 90 2.08 -51.23 -2.43
CA SER H 90 2.54 -52.49 -3.13
C SER H 90 1.93 -52.70 -4.51
N ILE H 91 1.03 -51.83 -5.00
CA ILE H 91 0.52 -51.95 -6.36
C ILE H 91 1.00 -50.79 -7.21
N SER H 92 0.91 -50.94 -8.52
CA SER H 92 1.32 -49.98 -9.49
C SER H 92 0.20 -49.03 -9.96
N LEU H 93 -1.05 -49.32 -9.64
CA LEU H 93 -2.11 -48.46 -10.10
C LEU H 93 -2.19 -47.13 -9.35
N PRO H 94 -2.63 -46.08 -9.99
CA PRO H 94 -2.92 -44.80 -9.33
C PRO H 94 -4.16 -44.91 -8.49
N VAL H 95 -4.09 -44.41 -7.22
CA VAL H 95 -5.16 -44.43 -6.29
C VAL H 95 -5.44 -43.03 -5.79
N VAL H 96 -6.72 -42.64 -5.72
CA VAL H 96 -7.14 -41.37 -5.23
C VAL H 96 -7.99 -41.60 -3.96
N GLU H 97 -7.64 -40.96 -2.86
CA GLU H 97 -8.42 -41.03 -1.65
C GLU H 97 -9.47 -39.92 -1.69
N VAL H 98 -10.67 -40.33 -1.35
CA VAL H 98 -11.80 -39.41 -1.38
C VAL H 98 -12.61 -39.42 -0.11
N HIS H 99 -13.02 -38.24 0.44
CA HIS H 99 -13.92 -38.19 1.56
C HIS H 99 -14.98 -37.13 1.26
N LEU H 100 -16.24 -37.38 1.55
CA LEU H 100 -17.30 -36.48 1.24
C LEU H 100 -17.37 -35.26 2.13
N SER H 101 -17.44 -35.49 3.44
CA SER H 101 -17.49 -34.35 4.32
C SER H 101 -16.12 -33.69 4.44
N ASN H 102 -16.20 -32.49 5.00
CA ASN H 102 -14.99 -31.70 5.24
C ASN H 102 -14.48 -32.18 6.57
N LEU H 103 -13.50 -33.12 6.53
CA LEU H 103 -12.89 -33.69 7.68
C LEU H 103 -12.20 -32.67 8.55
N TYR H 104 -11.56 -31.70 8.06
CA TYR H 104 -10.80 -30.62 8.67
C TYR H 104 -11.69 -29.81 9.55
N ALA H 105 -13.01 -29.83 9.37
CA ALA H 105 -13.94 -29.11 10.18
C ALA H 105 -14.45 -30.04 11.24
N ARG H 106 -14.06 -31.29 11.27
CA ARG H 106 -14.61 -32.21 12.29
C ARG H 106 -13.56 -32.54 13.35
N GLU H 107 -13.78 -33.59 14.12
CA GLU H 107 -12.82 -34.06 15.10
C GLU H 107 -11.39 -34.12 14.54
N GLU H 108 -10.47 -33.75 15.42
CA GLU H 108 -9.04 -33.68 15.19
C GLU H 108 -8.41 -34.97 14.69
N PHE H 109 -8.83 -36.08 15.26
CA PHE H 109 -8.34 -37.37 14.74
C PHE H 109 -8.61 -37.49 13.25
N ARG H 110 -9.59 -36.92 12.59
CA ARG H 110 -9.86 -37.04 11.16
C ARG H 110 -8.97 -36.19 10.29
N HIS H 111 -8.15 -35.35 10.89
CA HIS H 111 -7.31 -34.40 10.19
C HIS H 111 -6.08 -34.99 9.60
N GLN H 112 -5.77 -36.26 9.79
CA GLN H 112 -4.65 -36.86 9.09
C GLN H 112 -5.02 -38.16 8.42
N SER H 113 -4.48 -38.42 7.22
CA SER H 113 -4.63 -39.65 6.53
C SER H 113 -3.30 -40.40 6.51
N VAL H 114 -3.27 -41.63 6.87
CA VAL H 114 -2.06 -42.45 6.82
C VAL H 114 -1.92 -43.16 5.47
N ILE H 115 -2.95 -43.02 4.66
CA ILE H 115 -2.94 -43.50 3.30
C ILE H 115 -2.49 -42.54 2.24
N ALA H 116 -2.76 -41.25 2.38
CA ALA H 116 -2.53 -40.22 1.40
C ALA H 116 -1.11 -40.02 1.00
N PRO H 117 -0.11 -40.21 1.84
CA PRO H 117 1.26 -40.05 1.46
C PRO H 117 1.70 -40.94 0.34
N VAL H 118 1.04 -42.07 0.13
CA VAL H 118 1.47 -43.03 -0.88
C VAL H 118 0.47 -43.08 -2.04
N ALA H 119 -0.61 -42.37 -1.96
CA ALA H 119 -1.61 -42.30 -3.04
C ALA H 119 -1.28 -41.19 -4.00
N LYS H 120 -1.96 -41.14 -5.11
CA LYS H 120 -1.72 -40.04 -6.04
C LYS H 120 -2.19 -38.72 -5.38
N GLY H 121 -3.25 -38.78 -4.58
CA GLY H 121 -3.71 -37.47 -4.07
C GLY H 121 -4.99 -37.74 -3.33
N GLN H 122 -5.61 -36.68 -2.85
CA GLN H 122 -6.76 -36.73 -2.03
C GLN H 122 -7.71 -35.59 -2.28
N ILE H 123 -8.96 -35.90 -2.25
CA ILE H 123 -10.10 -35.00 -2.31
C ILE H 123 -10.94 -35.11 -1.05
N VAL H 124 -11.12 -33.98 -0.35
CA VAL H 124 -11.94 -33.91 0.83
C VAL H 124 -12.96 -32.80 0.87
N GLY H 125 -14.19 -33.10 1.35
CA GLY H 125 -15.14 -32.03 1.49
C GLY H 125 -15.96 -31.65 0.27
N LEU H 126 -15.79 -32.33 -0.86
CA LEU H 126 -16.54 -31.91 -2.03
C LEU H 126 -17.82 -32.72 -2.21
N GLY H 127 -18.34 -33.38 -1.22
CA GLY H 127 -19.49 -34.19 -1.28
C GLY H 127 -19.27 -35.43 -2.16
N ALA H 128 -20.36 -35.98 -2.67
CA ALA H 128 -20.37 -37.11 -3.56
C ALA H 128 -19.78 -36.82 -4.95
N GLU H 129 -19.71 -35.58 -5.33
CA GLU H 129 -19.07 -35.14 -6.56
C GLU H 129 -17.62 -35.57 -6.54
N GLY H 130 -16.97 -35.64 -5.37
CA GLY H 130 -15.61 -36.02 -5.19
C GLY H 130 -15.28 -37.38 -5.84
N TYR H 131 -16.20 -38.33 -5.84
CA TYR H 131 -16.05 -39.57 -6.60
C TYR H 131 -15.92 -39.32 -8.13
N LYS H 132 -16.76 -38.45 -8.63
CA LYS H 132 -16.64 -38.11 -10.08
C LYS H 132 -15.37 -37.37 -10.43
N LEU H 133 -15.03 -36.45 -9.54
CA LEU H 133 -13.82 -35.64 -9.74
C LEU H 133 -12.59 -36.53 -9.76
N ALA H 134 -12.59 -37.54 -8.95
CA ALA H 134 -11.49 -38.52 -8.87
C ALA H 134 -11.38 -39.30 -10.16
N VAL H 135 -12.53 -39.71 -10.64
CA VAL H 135 -12.63 -40.48 -11.89
C VAL H 135 -12.12 -39.62 -13.01
N ARG H 136 -12.41 -38.32 -13.05
CA ARG H 136 -11.85 -37.44 -14.05
C ARG H 136 -10.33 -37.37 -14.04
N TYR H 137 -9.81 -37.25 -12.82
CA TYR H 137 -8.37 -37.18 -12.61
C TYR H 137 -7.74 -38.43 -13.20
N LEU H 138 -8.28 -39.57 -12.85
CA LEU H 138 -7.76 -40.86 -13.32
C LEU H 138 -7.73 -40.94 -14.86
N LEU H 139 -8.79 -40.47 -15.52
CA LEU H 139 -8.94 -40.44 -16.95
C LEU H 139 -7.82 -39.58 -17.51
N SER H 140 -7.63 -38.35 -16.99
CA SER H 140 -6.53 -37.52 -17.41
C SER H 140 -5.16 -38.10 -17.22
N GLN H 141 -4.89 -39.16 -16.51
CA GLN H 141 -3.63 -39.81 -16.35
C GLN H 141 -3.40 -40.79 -17.51
N GLN H 142 -4.00 -41.35 -15.84
N PRO I 1 -38.17 -55.89 25.75
CA PRO I 1 -36.91 -55.36 25.15
C PRO I 1 -35.90 -56.45 24.82
N HIS I 2 -35.10 -56.21 23.74
CA HIS I 2 -34.09 -57.23 23.42
C HIS I 2 -32.73 -56.52 23.28
N PHE I 3 -31.73 -57.00 24.01
CA PHE I 3 -30.40 -56.37 23.99
C PHE I 3 -29.34 -57.36 23.47
N LEU I 4 -28.36 -56.73 22.82
CA LEU I 4 -27.23 -57.42 22.21
C LEU I 4 -25.98 -57.28 23.08
N ILE I 5 -25.35 -58.34 23.46
CA ILE I 5 -24.16 -58.27 24.27
C ILE I 5 -23.03 -58.52 23.28
N LEU I 6 -22.28 -57.48 22.91
CA LEU I 6 -21.28 -57.66 21.86
C LEU I 6 -19.85 -57.68 22.38
N ASN I 7 -19.16 -58.78 22.16
CA ASN I 7 -17.82 -58.95 22.62
C ASN I 7 -16.80 -59.04 21.47
N GLY I 8 -15.73 -58.24 21.60
CA GLY I 8 -14.60 -58.11 20.71
C GLY I 8 -13.47 -59.08 20.89
N PRO I 9 -12.36 -58.84 20.20
CA PRO I 9 -11.23 -59.73 20.19
C PRO I 9 -10.70 -59.99 21.58
N ASN I 10 -10.35 -61.27 21.75
CA ASN I 10 -9.74 -61.81 22.91
C ASN I 10 -10.65 -61.94 24.07
N VAL I 11 -11.85 -61.41 24.08
CA VAL I 11 -12.78 -61.50 25.23
C VAL I 11 -13.14 -62.92 25.51
N ASN I 12 -13.09 -63.81 24.55
CA ASN I 12 -13.33 -65.23 24.67
C ASN I 12 -12.26 -65.96 25.45
N ARG I 13 -11.16 -65.27 25.73
CA ARG I 13 -10.03 -65.93 26.41
C ARG I 13 -10.14 -65.71 27.89
N LEU I 14 -11.05 -64.96 28.42
CA LEU I 14 -11.21 -64.73 29.85
C LEU I 14 -11.03 -66.07 30.53
N GLY I 15 -9.86 -66.42 31.04
CA GLY I 15 -9.65 -67.79 31.57
C GLY I 15 -8.16 -68.00 31.44
N SER I 16 -7.66 -68.32 30.27
CA SER I 16 -6.26 -68.50 29.94
C SER I 16 -5.23 -68.08 30.98
N ARG I 17 -5.31 -66.85 31.46
CA ARG I 17 -4.52 -66.14 32.43
C ARG I 17 -5.24 -65.40 33.56
N GLU I 18 -4.52 -64.81 34.50
CA GLU I 18 -4.75 -64.08 35.69
C GLU I 18 -6.14 -63.65 36.15
N PRO I 19 -6.61 -64.25 37.25
CA PRO I 19 -7.90 -63.94 37.83
C PRO I 19 -7.91 -62.61 38.57
N GLU I 20 -6.81 -62.28 39.21
CA GLU I 20 -6.62 -61.05 39.97
C GLU I 20 -6.97 -59.76 39.23
N VAL I 21 -6.77 -59.70 37.93
CA VAL I 21 -7.08 -58.54 37.11
C VAL I 21 -8.43 -58.69 36.41
N PHE I 22 -8.73 -59.94 36.01
CA PHE I 22 -9.96 -60.26 35.31
C PHE I 22 -11.05 -61.06 36.03
N GLY I 23 -10.87 -61.68 37.17
CA GLY I 23 -11.93 -62.51 37.78
C GLY I 23 -11.66 -63.94 37.32
N ARG I 24 -12.22 -64.98 37.89
CA ARG I 24 -11.90 -66.36 37.60
C ARG I 24 -12.62 -67.23 36.58
N GLN I 25 -13.80 -66.77 36.24
CA GLN I 25 -14.72 -67.40 35.30
C GLN I 25 -14.19 -67.50 33.88
N THR I 26 -15.14 -67.72 32.97
CA THR I 26 -14.91 -67.88 31.56
C THR I 26 -15.95 -67.01 30.87
N LEU I 27 -15.83 -66.78 29.57
CA LEU I 27 -16.92 -66.00 28.94
C LEU I 27 -18.23 -66.79 29.04
N THR I 28 -18.15 -68.13 28.95
CA THR I 28 -19.33 -69.00 28.99
C THR I 28 -20.03 -68.91 30.34
N ASP I 29 -19.22 -68.84 31.40
CA ASP I 29 -19.81 -68.64 32.73
C ASP I 29 -20.56 -67.34 32.73
N ILE I 30 -19.91 -66.26 32.26
CA ILE I 30 -20.58 -65.00 32.34
C ILE I 30 -21.91 -65.03 31.58
N GLU I 31 -21.89 -65.61 30.40
CA GLU I 31 -23.15 -65.66 29.62
C GLU I 31 -24.25 -66.39 30.39
N THR I 32 -23.90 -67.52 30.98
CA THR I 32 -24.87 -68.29 31.76
C THR I 32 -25.48 -67.41 32.84
N ASP I 33 -24.63 -66.74 33.63
CA ASP I 33 -25.14 -65.92 34.72
C ASP I 33 -26.03 -64.82 34.15
N LEU I 34 -25.70 -64.20 33.00
CA LEU I 34 -26.55 -63.15 32.47
C LEU I 34 -27.90 -63.63 31.98
N PHE I 35 -28.18 -64.87 31.58
CA PHE I 35 -29.52 -65.25 31.10
C PHE I 35 -30.54 -65.52 32.21
N GLN I 36 -30.09 -65.89 33.42
CA GLN I 36 -31.06 -66.04 34.51
C GLN I 36 -31.71 -64.71 34.88
N PHE I 37 -30.88 -63.65 34.94
CA PHE I 37 -31.38 -62.32 35.25
C PHE I 37 -32.42 -61.84 34.26
N ALA I 38 -32.16 -62.07 32.97
CA ALA I 38 -33.03 -61.54 31.94
C ALA I 38 -34.36 -62.24 31.78
N GLU I 39 -34.45 -63.54 32.08
CA GLU I 39 -35.69 -64.27 31.89
C GLU I 39 -36.75 -63.86 32.90
N ALA I 40 -36.26 -63.53 34.11
CA ALA I 40 -37.17 -62.99 35.12
C ALA I 40 -37.78 -61.66 34.65
N LEU I 41 -37.02 -60.77 33.98
CA LEU I 41 -37.61 -59.47 33.65
C LEU I 41 -38.28 -59.37 32.31
N HIS I 42 -38.38 -60.56 31.73
CA HIS I 42 -38.99 -60.65 30.40
C HIS I 42 -38.10 -59.94 29.40
N ILE I 43 -36.79 -60.10 29.67
CA ILE I 43 -35.80 -59.51 28.81
C ILE I 43 -34.92 -60.59 28.21
N GLN I 44 -34.85 -60.38 26.87
CA GLN I 44 -33.99 -61.23 26.06
C GLN I 44 -32.65 -60.57 25.74
N LEU I 45 -31.65 -61.41 25.74
CA LEU I 45 -30.28 -61.04 25.44
C LEU I 45 -29.79 -61.98 24.34
N THR I 46 -29.04 -61.47 23.39
CA THR I 46 -28.37 -62.31 22.39
C THR I 46 -26.88 -61.99 22.55
N PHE I 47 -26.03 -62.95 22.58
CA PHE I 47 -24.60 -62.84 22.73
C PHE I 47 -23.83 -63.14 21.45
N PHE I 48 -22.82 -62.34 21.17
CA PHE I 48 -22.02 -62.55 19.99
C PHE I 48 -20.59 -62.12 20.26
N GLN I 49 -19.64 -62.92 19.87
CA GLN I 49 -18.24 -62.55 20.06
C GLN I 49 -17.47 -62.79 18.77
N SER I 50 -16.53 -61.86 18.47
CA SER I 50 -15.68 -62.09 17.33
C SER I 50 -14.36 -61.35 17.57
N ASN I 51 -13.31 -61.95 17.06
CA ASN I 51 -12.00 -61.37 16.98
C ASN I 51 -11.81 -60.41 15.82
N HIS I 52 -12.71 -60.25 14.91
CA HIS I 52 -12.62 -59.36 13.76
C HIS I 52 -13.40 -58.07 13.89
N GLU I 53 -12.70 -56.94 13.71
CA GLU I 53 -13.28 -55.63 13.80
C GLU I 53 -14.53 -55.56 12.91
N GLY I 54 -14.44 -56.02 11.66
CA GLY I 54 -15.53 -55.90 10.68
C GLY I 54 -16.82 -56.61 11.17
N ASP I 55 -16.68 -57.68 11.94
CA ASP I 55 -17.86 -58.44 12.38
C ASP I 55 -18.58 -57.58 13.44
N LEU I 56 -17.79 -56.85 14.24
CA LEU I 56 -18.48 -56.00 15.21
C LEU I 56 -19.21 -54.89 14.49
N ILE I 57 -18.55 -54.24 13.58
CA ILE I 57 -19.16 -53.23 12.73
C ILE I 57 -20.41 -53.83 12.08
N ASP I 58 -20.30 -54.95 11.46
CA ASP I 58 -21.50 -55.54 10.77
C ASP I 58 -22.63 -55.79 11.78
N ALA I 59 -22.27 -56.39 12.90
CA ALA I 59 -23.31 -56.53 13.96
C ALA I 59 -23.92 -55.22 14.39
N ILE I 60 -23.17 -54.15 14.57
CA ILE I 60 -23.74 -52.90 15.11
C ILE I 60 -24.74 -52.35 14.11
N HIS I 61 -24.38 -52.33 12.83
CA HIS I 61 -25.23 -51.86 11.77
C HIS I 61 -26.54 -52.64 11.64
N GLU I 62 -26.51 -53.95 11.79
CA GLU I 62 -27.66 -54.83 11.75
C GLU I 62 -28.53 -54.81 13.00
N ALA I 63 -27.95 -54.33 14.10
CA ALA I 63 -28.65 -54.31 15.39
C ALA I 63 -29.89 -53.45 15.42
N GLU I 64 -29.85 -52.33 14.73
CA GLU I 64 -30.83 -51.29 14.66
C GLU I 64 -32.23 -51.80 14.41
N GLU I 65 -32.38 -52.86 13.64
CA GLU I 65 -33.65 -53.45 13.28
C GLU I 65 -34.00 -54.65 14.14
N GLN I 66 -33.26 -54.91 15.20
CA GLN I 66 -33.58 -56.11 15.98
C GLN I 66 -33.49 -55.93 17.48
N TYR I 67 -32.61 -55.04 17.94
CA TYR I 67 -32.43 -54.87 19.37
C TYR I 67 -32.81 -53.49 19.80
N SER I 68 -32.93 -53.28 21.09
CA SER I 68 -33.22 -51.93 21.59
C SER I 68 -31.99 -51.40 22.31
N GLY I 69 -30.86 -52.09 22.34
CA GLY I 69 -29.68 -51.53 23.01
C GLY I 69 -28.52 -52.50 22.89
N ILE I 70 -27.29 -52.04 23.00
CA ILE I 70 -26.15 -52.91 22.91
C ILE I 70 -25.29 -52.67 24.16
N VAL I 71 -24.63 -53.68 24.66
CA VAL I 71 -23.62 -53.64 25.69
C VAL I 71 -22.39 -54.09 24.90
N LEU I 72 -21.42 -53.22 24.78
CA LEU I 72 -20.22 -53.51 24.01
C LEU I 72 -18.94 -53.50 24.83
N ASN I 73 -18.24 -54.62 24.75
CA ASN I 73 -16.93 -54.82 25.30
C ASN I 73 -16.10 -55.14 24.06
N PRO I 74 -15.46 -54.11 23.46
CA PRO I 74 -14.69 -54.28 22.28
C PRO I 74 -13.34 -54.86 22.46
N GLY I 75 -12.91 -55.15 23.70
CA GLY I 75 -11.51 -55.63 23.84
C GLY I 75 -10.55 -54.43 23.60
N ALA I 76 -9.30 -54.65 23.27
CA ALA I 76 -8.35 -53.57 22.94
C ALA I 76 -8.69 -52.69 21.75
N LEU I 77 -9.68 -53.00 20.92
CA LEU I 77 -10.21 -52.25 19.80
C LEU I 77 -10.75 -50.95 20.40
N SER I 78 -11.16 -50.89 21.64
CA SER I 78 -11.53 -49.68 22.26
C SER I 78 -10.54 -48.52 22.03
N HIS I 79 -9.26 -48.87 22.06
CA HIS I 79 -8.21 -47.83 22.11
C HIS I 79 -7.77 -47.30 20.77
N TYR I 80 -8.28 -47.86 19.67
CA TYR I 80 -7.87 -47.36 18.34
C TYR I 80 -8.85 -47.53 17.25
N SER I 81 -9.93 -48.25 17.44
CA SER I 81 -10.88 -48.48 16.38
C SER I 81 -11.84 -47.35 16.17
N TYR I 82 -11.45 -46.42 15.34
CA TYR I 82 -12.31 -45.33 14.95
C TYR I 82 -13.43 -45.85 14.06
N ALA I 83 -13.28 -46.99 13.41
CA ALA I 83 -14.27 -47.54 12.54
C ALA I 83 -15.43 -48.09 13.42
N ILE I 84 -15.15 -48.64 14.57
CA ILE I 84 -16.24 -49.09 15.46
C ILE I 84 -16.89 -47.84 16.03
N ARG I 85 -16.15 -46.83 16.31
CA ARG I 85 -16.74 -45.61 16.79
C ARG I 85 -17.76 -45.05 15.83
N ASP I 86 -17.41 -44.93 14.56
CA ASP I 86 -18.26 -44.36 13.52
C ASP I 86 -19.45 -45.27 13.31
N ALA I 87 -19.36 -46.55 13.56
CA ALA I 87 -20.49 -47.47 13.50
C ALA I 87 -21.50 -47.15 14.58
N VAL I 88 -21.12 -46.99 15.83
CA VAL I 88 -21.93 -46.60 16.94
C VAL I 88 -22.59 -45.29 16.70
N SER I 89 -21.90 -44.28 16.18
CA SER I 89 -22.57 -43.07 15.87
C SER I 89 -23.64 -43.22 14.77
N SER I 90 -23.53 -44.15 13.87
CA SER I 90 -24.46 -44.20 12.75
C SER I 90 -25.77 -44.92 13.08
N ILE I 91 -25.99 -45.47 14.28
CA ILE I 91 -27.19 -46.17 14.69
C ILE I 91 -27.87 -45.38 15.82
N SER I 92 -29.19 -45.54 15.96
CA SER I 92 -29.91 -44.77 16.96
C SER I 92 -30.01 -45.46 18.31
N LEU I 93 -29.73 -46.73 18.43
CA LEU I 93 -29.82 -47.38 19.73
C LEU I 93 -28.74 -46.88 20.72
N PRO I 94 -29.03 -46.95 22.00
CA PRO I 94 -28.12 -46.64 23.09
C PRO I 94 -27.12 -47.77 23.29
N VAL I 95 -25.83 -47.39 23.39
CA VAL I 95 -24.75 -48.36 23.53
C VAL I 95 -23.93 -47.94 24.76
N VAL I 96 -23.58 -48.83 25.59
CA VAL I 96 -22.84 -48.78 26.79
C VAL I 96 -21.55 -49.65 26.62
N GLU I 97 -20.38 -49.01 26.74
CA GLU I 97 -19.15 -49.75 26.61
C GLU I 97 -18.75 -50.25 27.96
N VAL I 98 -18.29 -51.48 28.09
CA VAL I 98 -17.94 -52.11 29.32
C VAL I 98 -16.59 -52.83 29.23
N HIS I 99 -15.75 -52.79 30.25
CA HIS I 99 -14.52 -53.46 30.37
C HIS I 99 -14.48 -54.01 31.84
N LEU I 100 -13.97 -55.19 32.02
CA LEU I 100 -14.00 -55.85 33.30
C LEU I 100 -12.87 -55.46 34.22
N SER I 101 -11.65 -55.38 33.70
CA SER I 101 -10.57 -54.94 34.57
C SER I 101 -10.50 -53.43 34.64
N ASN I 102 -9.70 -52.97 35.62
CA ASN I 102 -9.53 -51.53 35.81
C ASN I 102 -8.41 -51.11 34.83
N LEU I 103 -8.83 -50.68 33.65
CA LEU I 103 -7.88 -50.25 32.63
C LEU I 103 -6.91 -49.18 33.11
N TYR I 104 -7.35 -48.19 33.90
CA TYR I 104 -6.70 -47.09 34.44
C TYR I 104 -5.55 -47.54 35.29
N ALA I 105 -5.58 -48.76 35.80
CA ALA I 105 -4.48 -49.29 36.56
C ALA I 105 -3.49 -50.09 35.72
N ARG I 106 -3.71 -50.17 34.39
CA ARG I 106 -2.86 -50.95 33.54
C ARG I 106 -2.09 -50.12 32.54
N GLU I 107 -1.56 -50.64 31.46
CA GLU I 107 -0.78 -49.89 30.53
C GLU I 107 -1.50 -48.63 30.03
N GLU I 108 -0.67 -47.61 29.83
CA GLU I 108 -1.03 -46.34 29.35
C GLU I 108 -1.94 -46.30 28.14
N PHE I 109 -1.67 -47.12 27.15
CA PHE I 109 -2.52 -47.13 25.95
C PHE I 109 -3.93 -47.53 26.33
N ARG I 110 -4.29 -48.20 27.43
CA ARG I 110 -5.63 -48.61 27.76
C ARG I 110 -6.44 -47.53 28.45
N HIS I 111 -5.85 -46.35 28.63
CA HIS I 111 -6.49 -45.29 29.38
C HIS I 111 -7.40 -44.47 28.53
N GLN I 112 -7.55 -44.75 27.23
CA GLN I 112 -8.46 -43.86 26.47
C GLN I 112 -9.26 -44.73 25.51
N SER I 113 -10.56 -44.47 25.46
CA SER I 113 -11.42 -45.13 24.51
C SER I 113 -11.82 -44.22 23.36
N VAL I 114 -11.71 -44.67 22.12
CA VAL I 114 -12.13 -43.79 21.00
C VAL I 114 -13.60 -44.06 20.73
N ILE I 115 -14.17 -45.02 21.46
CA ILE I 115 -15.55 -45.37 21.29
C ILE I 115 -16.48 -44.66 22.24
N ALA I 116 -15.99 -44.32 23.42
CA ALA I 116 -16.84 -43.72 24.46
C ALA I 116 -17.40 -42.40 24.24
N PRO I 117 -16.77 -41.48 23.56
CA PRO I 117 -17.34 -40.17 23.28
C PRO I 117 -18.68 -40.22 22.55
N VAL I 118 -18.96 -41.30 21.82
CA VAL I 118 -20.14 -41.36 21.04
C VAL I 118 -21.12 -42.37 21.62
N ALA I 119 -20.78 -43.04 22.69
CA ALA I 119 -21.63 -43.95 23.38
C ALA I 119 -22.39 -43.26 24.49
N LYS I 120 -23.33 -43.97 25.13
CA LYS I 120 -24.11 -43.36 26.21
C LYS I 120 -23.17 -43.17 27.40
N GLY I 121 -22.34 -44.16 27.59
CA GLY I 121 -21.40 -44.13 28.69
C GLY I 121 -20.54 -45.37 28.74
N GLN I 122 -19.80 -45.45 29.89
CA GLN I 122 -18.87 -46.58 29.99
C GLN I 122 -18.72 -46.98 31.43
N ILE I 123 -18.44 -48.27 31.64
CA ILE I 123 -18.26 -48.84 32.95
C ILE I 123 -16.92 -49.59 32.94
N VAL I 124 -16.01 -49.26 33.85
CA VAL I 124 -14.70 -49.92 33.72
C VAL I 124 -14.26 -50.46 35.05
N GLY I 125 -13.68 -51.57 35.22
CA GLY I 125 -13.14 -52.03 36.44
C GLY I 125 -14.05 -52.73 37.48
N LEU I 126 -15.33 -52.86 37.14
CA LEU I 126 -16.28 -53.45 38.06
C LEU I 126 -16.57 -54.90 37.78
N GLY I 127 -15.64 -55.66 37.11
CA GLY I 127 -15.74 -57.03 36.79
C GLY I 127 -16.86 -57.40 35.84
N ALA I 128 -17.16 -58.72 35.82
CA ALA I 128 -18.28 -59.22 35.04
C ALA I 128 -19.60 -58.66 35.46
N GLU I 129 -19.76 -58.13 36.64
CA GLU I 129 -20.94 -57.43 37.09
C GLU I 129 -21.21 -56.23 36.22
N GLY I 130 -20.15 -55.70 35.54
CA GLY I 130 -20.38 -54.54 34.66
C GLY I 130 -21.42 -54.80 33.59
N TYR I 131 -21.47 -55.96 33.00
CA TYR I 131 -22.44 -56.38 31.98
C TYR I 131 -23.87 -56.23 32.50
N LYS I 132 -24.13 -56.72 33.71
CA LYS I 132 -25.41 -56.58 34.37
C LYS I 132 -25.81 -55.13 34.61
N LEU I 133 -24.88 -54.36 35.17
CA LEU I 133 -25.13 -52.93 35.45
C LEU I 133 -25.47 -52.25 34.17
N ALA I 134 -24.76 -52.57 33.08
CA ALA I 134 -25.06 -51.91 31.80
C ALA I 134 -26.45 -52.30 31.30
N VAL I 135 -26.76 -53.59 31.45
CA VAL I 135 -28.15 -53.99 31.12
C VAL I 135 -29.14 -53.21 31.98
N ARG I 136 -28.96 -53.09 33.33
CA ARG I 136 -29.91 -52.30 34.10
C ARG I 136 -30.04 -50.86 33.63
N TYR I 137 -28.87 -50.26 33.28
CA TYR I 137 -28.97 -48.86 32.77
C TYR I 137 -29.89 -48.84 31.53
N LEU I 138 -29.64 -49.80 30.64
CA LEU I 138 -30.45 -49.85 29.41
C LEU I 138 -31.92 -49.93 29.72
N LEU I 139 -32.40 -50.59 30.73
CA LEU I 139 -33.75 -50.68 31.26
C LEU I 139 -34.21 -49.38 31.87
N SER I 140 -33.36 -48.60 32.54
CA SER I 140 -33.71 -47.26 33.01
C SER I 140 -33.91 -46.34 31.80
N GLN I 141 -33.34 -46.77 30.70
CA GLN I 141 -33.55 -46.06 29.45
C GLN I 141 -34.79 -46.64 28.79
N GLN I 142 -33.91 -42.99 31.75
N PRO J 1 17.43 -21.64 67.59
CA PRO J 1 16.25 -21.27 66.73
C PRO J 1 15.07 -22.23 66.81
N HIS J 2 13.99 -21.77 66.19
CA HIS J 2 12.73 -22.51 66.07
C HIS J 2 12.27 -22.65 64.63
N PHE J 3 11.99 -23.88 64.20
CA PHE J 3 11.56 -24.20 62.86
C PHE J 3 10.21 -24.87 62.88
N LEU J 4 9.52 -24.70 61.76
CA LEU J 4 8.19 -25.28 61.52
C LEU J 4 8.34 -26.53 60.62
N ILE J 5 7.75 -27.60 61.00
CA ILE J 5 7.81 -28.85 60.25
C ILE J 5 6.38 -28.90 59.69
N LEU J 6 6.20 -28.68 58.39
CA LEU J 6 4.81 -28.62 57.90
C LEU J 6 4.58 -29.80 56.92
N ASN J 7 3.57 -30.57 57.20
CA ASN J 7 3.21 -31.75 56.52
C ASN J 7 1.78 -31.59 55.98
N GLY J 8 1.67 -31.96 54.70
CA GLY J 8 0.48 -31.84 53.95
C GLY J 8 -0.33 -33.12 53.90
N PRO J 9 -1.23 -33.18 52.90
CA PRO J 9 -2.20 -34.23 52.81
C PRO J 9 -1.65 -35.62 52.81
N ASN J 10 -2.25 -36.58 53.52
CA ASN J 10 -1.93 -37.98 53.57
C ASN J 10 -0.63 -38.34 54.29
N VAL J 11 0.20 -37.36 54.62
CA VAL J 11 1.38 -37.55 55.45
C VAL J 11 0.95 -38.15 56.79
N ASN J 12 -0.19 -37.80 57.36
CA ASN J 12 -0.74 -38.41 58.56
C ASN J 12 -1.03 -39.87 58.48
N ARG J 13 -1.08 -40.46 57.28
CA ARG J 13 -1.33 -41.87 57.08
C ARG J 13 -0.07 -42.70 56.99
N LEU J 14 1.12 -42.20 57.14
CA LEU J 14 2.33 -43.01 57.11
C LEU J 14 2.15 -44.23 58.04
N GLY J 15 2.45 -45.45 57.56
CA GLY J 15 2.32 -46.61 58.38
C GLY J 15 1.18 -47.55 58.14
N SER J 16 0.12 -47.18 57.44
CA SER J 16 -1.00 -48.07 57.16
C SER J 16 -0.79 -49.04 56.00
N ARG J 17 0.29 -48.87 55.23
CA ARG J 17 0.64 -49.73 54.11
C ARG J 17 2.04 -49.43 53.55
N GLU J 18 2.49 -50.31 52.66
CA GLU J 18 3.74 -50.31 51.94
C GLU J 18 4.92 -49.63 52.62
N PRO J 19 5.45 -50.30 53.65
CA PRO J 19 6.55 -49.80 54.46
C PRO J 19 7.91 -49.77 53.81
N GLU J 20 8.17 -50.66 52.86
CA GLU J 20 9.43 -50.73 52.13
C GLU J 20 9.71 -49.35 51.53
N VAL J 21 8.66 -48.81 50.93
CA VAL J 21 8.62 -47.51 50.29
C VAL J 21 8.70 -46.31 51.23
N PHE J 22 7.81 -46.26 52.21
CA PHE J 22 7.72 -45.17 53.16
C PHE J 22 8.27 -45.40 54.56
N GLY J 23 8.57 -46.62 54.98
CA GLY J 23 9.04 -46.90 56.33
C GLY J 23 8.01 -47.57 57.23
N ARG J 24 8.49 -48.11 58.35
CA ARG J 24 7.63 -48.82 59.31
C ARG J 24 6.82 -47.92 60.23
N GLN J 25 7.27 -46.68 60.33
CA GLN J 25 6.83 -45.65 61.22
C GLN J 25 5.51 -44.94 60.93
N THR J 26 5.07 -44.25 62.01
CA THR J 26 3.87 -43.43 61.87
C THR J 26 4.37 -41.98 61.85
N LEU J 27 3.48 -41.02 61.68
CA LEU J 27 3.88 -39.60 61.75
C LEU J 27 4.21 -39.30 63.19
N THR J 28 3.46 -39.91 64.11
CA THR J 28 3.73 -39.67 65.55
C THR J 28 5.08 -40.23 65.97
N ASP J 29 5.48 -41.41 65.51
CA ASP J 29 6.80 -41.91 65.81
C ASP J 29 7.89 -40.98 65.27
N ILE J 30 7.74 -40.42 64.05
CA ILE J 30 8.75 -39.52 63.55
C ILE J 30 8.85 -38.26 64.37
N GLU J 31 7.65 -37.78 64.73
CA GLU J 31 7.55 -36.57 65.54
C GLU J 31 8.29 -36.72 66.87
N THR J 32 8.12 -37.90 67.47
CA THR J 32 8.80 -38.19 68.74
C THR J 32 10.30 -38.17 68.51
N ASP J 33 10.79 -38.81 67.47
CA ASP J 33 12.21 -38.80 67.18
C ASP J 33 12.75 -37.43 66.87
N LEU J 34 11.99 -36.60 66.16
CA LEU J 34 12.49 -35.26 65.85
C LEU J 34 12.55 -34.45 67.14
N PHE J 35 11.69 -34.78 68.11
CA PHE J 35 11.72 -34.13 69.43
C PHE J 35 12.96 -34.59 70.21
N GLN J 36 13.35 -35.86 70.29
CA GLN J 36 14.66 -36.11 70.88
C GLN J 36 15.67 -35.25 70.10
N PHE J 37 15.79 -35.47 68.79
CA PHE J 37 16.67 -34.72 67.90
C PHE J 37 16.75 -33.25 68.19
N ALA J 38 15.56 -32.67 68.22
CA ALA J 38 15.40 -31.27 68.53
C ALA J 38 16.08 -30.95 69.88
N GLU J 39 15.76 -31.72 70.93
CA GLU J 39 16.28 -31.35 72.26
C GLU J 39 17.73 -31.74 72.46
N ALA J 40 18.27 -32.75 71.80
CA ALA J 40 19.71 -33.01 71.83
C ALA J 40 20.41 -31.95 70.98
N LEU J 41 19.67 -31.39 70.00
CA LEU J 41 20.33 -30.45 69.09
C LEU J 41 20.22 -29.09 69.70
N HIS J 42 19.44 -29.10 70.78
CA HIS J 42 19.17 -27.89 71.57
C HIS J 42 18.54 -26.79 70.74
N ILE J 43 17.43 -27.00 70.08
CA ILE J 43 16.66 -26.17 69.20
C ILE J 43 15.14 -26.41 69.34
N GLN J 44 14.27 -25.52 68.84
CA GLN J 44 12.83 -25.78 68.90
C GLN J 44 12.22 -26.12 67.53
N LEU J 45 11.19 -26.93 67.56
CA LEU J 45 10.42 -27.35 66.44
C LEU J 45 8.93 -27.32 66.74
N THR J 46 8.12 -26.86 65.81
CA THR J 46 6.68 -26.97 65.90
C THR J 46 6.22 -27.84 64.74
N PHE J 47 5.32 -28.77 64.97
CA PHE J 47 4.75 -29.60 63.94
C PHE J 47 3.32 -29.19 63.56
N PHE J 48 2.97 -29.30 62.28
CA PHE J 48 1.61 -29.05 61.88
C PHE J 48 1.32 -29.88 60.64
N GLN J 49 0.19 -30.55 60.58
CA GLN J 49 -0.27 -31.35 59.50
C GLN J 49 -1.72 -31.01 59.12
N SER J 50 -2.07 -31.02 57.84
CA SER J 50 -3.34 -30.67 57.32
C SER J 50 -3.50 -31.21 55.88
N ASN J 51 -4.72 -31.56 55.55
CA ASN J 51 -5.08 -32.17 54.35
C ASN J 51 -5.57 -31.09 53.39
N HIS J 52 -5.67 -29.89 53.85
CA HIS J 52 -6.15 -28.75 53.12
C HIS J 52 -4.99 -27.91 52.59
N GLU J 53 -4.94 -27.62 51.27
CA GLU J 53 -3.95 -26.81 50.68
C GLU J 53 -3.90 -25.43 51.34
N GLY J 54 -5.06 -24.83 51.56
CA GLY J 54 -5.21 -23.51 52.16
C GLY J 54 -4.64 -23.44 53.58
N ASP J 55 -4.76 -24.51 54.33
CA ASP J 55 -4.18 -24.53 55.68
C ASP J 55 -2.66 -24.43 55.62
N LEU J 56 -2.01 -25.08 54.64
CA LEU J 56 -0.58 -24.98 54.50
C LEU J 56 -0.26 -23.56 54.05
N ILE J 57 -1.04 -23.02 53.13
CA ILE J 57 -0.75 -21.67 52.66
C ILE J 57 -0.81 -20.68 53.84
N ASP J 58 -1.89 -20.77 54.61
CA ASP J 58 -2.03 -19.86 55.77
C ASP J 58 -0.82 -20.01 56.74
N ALA J 59 -0.33 -21.18 57.01
CA ALA J 59 0.80 -21.45 57.86
C ALA J 59 2.08 -20.89 57.28
N ILE J 60 2.29 -20.98 55.96
CA ILE J 60 3.52 -20.44 55.37
C ILE J 60 3.47 -18.93 55.57
N HIS J 61 2.36 -18.31 55.23
CA HIS J 61 2.21 -16.89 55.39
C HIS J 61 2.51 -16.42 56.81
N GLU J 62 2.06 -17.08 57.84
CA GLU J 62 2.10 -16.74 59.22
C GLU J 62 3.43 -17.08 59.86
N ALA J 63 4.18 -17.95 59.21
CA ALA J 63 5.45 -18.43 59.66
C ALA J 63 6.50 -17.34 59.79
N GLU J 64 6.45 -16.36 58.93
CA GLU J 64 7.36 -15.27 58.74
C GLU J 64 7.63 -14.51 60.01
N GLU J 65 6.61 -14.38 60.86
CA GLU J 65 6.73 -13.70 62.13
C GLU J 65 6.99 -14.63 63.30
N GLN J 66 7.24 -15.90 63.08
CA GLN J 66 7.41 -16.79 64.22
C GLN J 66 8.54 -17.78 64.11
N TYR J 67 8.91 -18.13 62.86
CA TYR J 67 9.96 -19.14 62.75
C TYR J 67 11.13 -18.62 61.97
N SER J 68 12.21 -19.38 61.93
CA SER J 68 13.33 -18.98 61.08
C SER J 68 13.52 -19.96 59.93
N GLY J 69 12.64 -20.96 59.73
CA GLY J 69 12.85 -21.82 58.57
C GLY J 69 11.68 -22.80 58.56
N ILE J 70 11.41 -23.36 57.35
CA ILE J 70 10.36 -24.35 57.23
C ILE J 70 10.87 -25.64 56.59
N VAL J 71 10.48 -26.82 56.98
CA VAL J 71 10.79 -28.12 56.39
C VAL J 71 9.35 -28.52 55.97
N LEU J 72 9.17 -28.58 54.65
CA LEU J 72 7.87 -28.84 54.07
C LEU J 72 7.80 -30.17 53.36
N ASN J 73 6.85 -31.01 53.80
CA ASN J 73 6.51 -32.22 53.09
C ASN J 73 5.05 -32.06 52.68
N PRO J 74 4.80 -31.60 51.47
CA PRO J 74 3.47 -31.27 51.01
C PRO J 74 2.66 -32.46 50.54
N GLY J 75 3.24 -33.68 50.63
CA GLY J 75 2.36 -34.71 50.05
C GLY J 75 2.30 -34.47 48.54
N ALA J 76 1.27 -34.92 47.88
CA ALA J 76 1.11 -34.88 46.45
C ALA J 76 0.85 -33.51 45.93
N LEU J 77 0.54 -32.55 46.75
CA LEU J 77 0.47 -31.19 46.39
C LEU J 77 1.75 -30.72 45.68
N SER J 78 2.90 -31.27 46.04
CA SER J 78 4.13 -31.01 45.38
C SER J 78 4.05 -31.00 43.85
N HIS J 79 3.19 -31.83 43.29
CA HIS J 79 3.11 -31.99 41.83
C HIS J 79 2.17 -31.07 41.15
N TYR J 80 1.37 -30.25 41.91
CA TYR J 80 0.42 -29.42 41.13
C TYR J 80 0.03 -28.16 41.86
N SER J 81 0.29 -27.99 43.15
CA SER J 81 -0.11 -26.76 43.82
C SER J 81 0.75 -25.59 43.51
N TYR J 82 0.46 -24.82 42.43
CA TYR J 82 1.18 -23.62 42.15
C TYR J 82 0.84 -22.58 43.25
N ALA J 83 -0.28 -22.73 43.95
CA ALA J 83 -0.60 -21.78 45.03
C ALA J 83 0.37 -21.93 46.22
N ILE J 84 0.81 -23.12 46.59
CA ILE J 84 1.79 -23.32 47.67
C ILE J 84 3.16 -22.84 47.17
N ARG J 85 3.42 -22.96 45.89
CA ARG J 85 4.63 -22.43 45.29
C ARG J 85 4.68 -20.91 45.51
N ASP J 86 3.63 -20.24 45.13
CA ASP J 86 3.55 -18.77 45.29
C ASP J 86 3.60 -18.35 46.75
N ALA J 87 3.10 -19.14 47.67
CA ALA J 87 3.19 -18.86 49.09
C ALA J 87 4.62 -18.87 49.57
N VAL J 88 5.38 -19.90 49.22
CA VAL J 88 6.79 -19.98 49.58
C VAL J 88 7.55 -18.79 49.03
N SER J 89 7.31 -18.37 47.78
CA SER J 89 7.97 -17.25 47.20
C SER J 89 7.62 -15.89 47.86
N SER J 90 6.50 -15.82 48.54
CA SER J 90 6.08 -14.54 49.11
C SER J 90 6.67 -14.37 50.48
N ILE J 91 7.40 -15.34 51.01
CA ILE J 91 7.94 -15.16 52.36
C ILE J 91 9.48 -15.10 52.29
N SER J 92 10.10 -14.65 53.36
CA SER J 92 11.55 -14.49 53.33
C SER J 92 12.26 -15.68 53.93
N LEU J 93 11.63 -16.58 54.67
CA LEU J 93 12.32 -17.69 55.29
C LEU J 93 12.82 -18.74 54.29
N PRO J 94 13.87 -19.47 54.61
CA PRO J 94 14.32 -20.61 53.85
C PRO J 94 13.39 -21.80 54.09
N VAL J 95 12.93 -22.42 53.02
CA VAL J 95 12.08 -23.57 52.93
C VAL J 95 12.76 -24.78 52.29
N VAL J 96 12.69 -25.93 52.91
CA VAL J 96 13.33 -27.12 52.38
C VAL J 96 12.18 -28.11 52.13
N GLU J 97 12.01 -28.60 50.91
CA GLU J 97 11.01 -29.58 50.58
C GLU J 97 11.56 -30.97 50.83
N VAL J 98 10.83 -31.87 51.42
CA VAL J 98 11.24 -33.19 51.80
C VAL J 98 10.19 -34.22 51.51
N HIS J 99 10.52 -35.36 50.89
CA HIS J 99 9.70 -36.46 50.61
C HIS J 99 10.41 -37.75 51.09
N LEU J 100 9.74 -38.64 51.81
CA LEU J 100 10.38 -39.83 52.30
C LEU J 100 10.73 -40.92 51.30
N SER J 101 9.81 -41.25 50.40
CA SER J 101 10.09 -42.29 49.47
C SER J 101 10.81 -41.67 48.25
N ASN J 102 11.39 -42.55 47.49
CA ASN J 102 12.04 -42.19 46.24
C ASN J 102 10.97 -42.01 45.15
N LEU J 103 10.62 -40.74 44.98
CA LEU J 103 9.57 -40.37 44.04
C LEU J 103 9.92 -40.74 42.61
N TYR J 104 11.20 -40.64 42.27
CA TYR J 104 11.77 -40.93 40.99
C TYR J 104 11.62 -42.37 40.59
N ALA J 105 11.49 -43.29 41.54
CA ALA J 105 11.17 -44.68 41.25
C ALA J 105 9.67 -44.93 41.17
N ARG J 106 8.80 -43.95 41.43
CA ARG J 106 7.36 -44.25 41.46
C ARG J 106 6.67 -43.70 40.23
N GLU J 107 5.42 -43.38 40.27
CA GLU J 107 4.69 -42.85 39.14
C GLU J 107 5.32 -41.58 38.61
N GLU J 108 5.28 -41.48 37.24
CA GLU J 108 5.79 -40.39 36.53
C GLU J 108 5.26 -39.03 36.96
N PHE J 109 4.00 -38.89 37.33
CA PHE J 109 3.52 -37.57 37.76
C PHE J 109 4.29 -37.11 39.02
N ARG J 110 4.80 -37.98 39.89
CA ARG J 110 5.56 -37.57 41.06
C ARG J 110 6.98 -37.11 40.85
N HIS J 111 7.43 -37.10 39.59
CA HIS J 111 8.80 -36.82 39.22
C HIS J 111 9.08 -35.34 39.16
N GLN J 112 8.08 -34.47 39.32
CA GLN J 112 8.35 -33.05 39.20
C GLN J 112 7.68 -32.30 40.35
N SER J 113 8.33 -31.36 40.96
CA SER J 113 7.84 -30.53 41.97
C SER J 113 7.57 -29.12 41.44
N VAL J 114 6.37 -28.63 41.61
CA VAL J 114 6.12 -27.24 41.24
C VAL J 114 6.57 -26.27 42.34
N ILE J 115 6.89 -26.73 43.54
CA ILE J 115 7.37 -25.94 44.65
C ILE J 115 8.88 -25.79 44.71
N ALA J 116 9.60 -26.83 44.27
CA ALA J 116 11.05 -26.81 44.41
C ALA J 116 11.83 -25.71 43.79
N PRO J 117 11.50 -25.21 42.63
CA PRO J 117 12.17 -24.11 42.02
C PRO J 117 12.32 -22.88 42.91
N VAL J 118 11.36 -22.61 43.76
CA VAL J 118 11.41 -21.42 44.59
C VAL J 118 11.85 -21.72 46.01
N ALA J 119 12.08 -23.01 46.29
CA ALA J 119 12.54 -23.28 47.65
C ALA J 119 14.05 -23.20 47.69
N LYS J 120 14.63 -23.51 48.84
CA LYS J 120 16.08 -23.55 48.91
C LYS J 120 16.53 -24.83 48.17
N GLY J 121 15.91 -25.93 48.51
CA GLY J 121 16.36 -27.18 47.90
C GLY J 121 15.33 -28.26 48.22
N GLN J 122 15.62 -29.46 47.89
CA GLN J 122 14.75 -30.58 48.09
C GLN J 122 15.58 -31.84 48.44
N ILE J 123 15.01 -32.74 49.26
CA ILE J 123 15.61 -34.02 49.66
C ILE J 123 14.54 -35.09 49.43
N VAL J 124 14.88 -36.08 48.60
CA VAL J 124 13.84 -37.03 48.26
C VAL J 124 14.43 -38.44 48.45
N GLY J 125 13.65 -39.37 48.92
CA GLY J 125 14.20 -40.76 48.94
C GLY J 125 14.97 -41.21 50.16
N LEU J 126 15.30 -40.28 51.12
CA LEU J 126 16.11 -40.68 52.26
C LEU J 126 15.36 -41.04 53.51
N GLY J 127 14.11 -41.46 53.41
CA GLY J 127 13.25 -41.78 54.52
C GLY J 127 12.96 -40.60 55.43
N ALA J 128 12.60 -40.91 56.70
CA ALA J 128 12.30 -39.97 57.77
C ALA J 128 13.53 -39.21 58.24
N GLU J 129 14.70 -39.78 58.03
CA GLU J 129 15.97 -39.07 58.19
C GLU J 129 16.07 -37.76 57.42
N GLY J 130 15.42 -37.64 56.27
CA GLY J 130 15.32 -36.45 55.46
C GLY J 130 14.87 -35.24 56.26
N TYR J 131 13.95 -35.42 57.21
CA TYR J 131 13.50 -34.29 58.04
C TYR J 131 14.62 -33.76 58.91
N LYS J 132 15.45 -34.63 59.44
CA LYS J 132 16.61 -34.32 60.22
C LYS J 132 17.68 -33.63 59.42
N LEU J 133 17.91 -34.17 58.20
CA LEU J 133 18.86 -33.58 57.28
C LEU J 133 18.43 -32.20 56.94
N ALA J 134 17.12 -32.00 56.71
CA ALA J 134 16.65 -30.64 56.37
C ALA J 134 16.85 -29.64 57.55
N VAL J 135 16.52 -30.17 58.74
CA VAL J 135 16.75 -29.32 59.92
C VAL J 135 18.20 -28.95 60.08
N ARG J 136 19.12 -29.86 59.80
CA ARG J 136 20.54 -29.53 59.84
C ARG J 136 20.89 -28.49 58.84
N TYR J 137 20.35 -28.63 57.62
CA TYR J 137 20.71 -27.61 56.61
C TYR J 137 20.28 -26.25 57.15
N LEU J 138 19.05 -26.22 57.63
CA LEU J 138 18.55 -24.90 58.09
C LEU J 138 19.42 -24.32 59.19
N LEU J 139 19.83 -25.19 60.16
CA LEU J 139 20.71 -24.64 61.21
C LEU J 139 21.98 -24.06 60.65
N SER J 140 22.54 -24.82 59.73
CA SER J 140 23.77 -24.46 59.08
C SER J 140 23.68 -23.14 58.34
N GLN J 141 22.54 -22.60 57.97
CA GLN J 141 22.37 -21.39 57.19
C GLN J 141 22.23 -20.08 57.99
N GLN J 142 21.53 -18.94 55.07
N PRO K 1 -25.72 -53.18 54.15
CA PRO K 1 -24.58 -52.37 54.68
C PRO K 1 -24.70 -50.88 54.59
N HIS K 2 -23.61 -50.18 55.01
CA HIS K 2 -23.56 -48.73 55.04
C HIS K 2 -22.34 -48.15 54.31
N PHE K 3 -22.69 -47.35 53.33
CA PHE K 3 -21.83 -46.76 52.36
C PHE K 3 -21.97 -45.23 52.41
N LEU K 4 -20.85 -44.59 52.09
CA LEU K 4 -20.78 -43.16 51.98
C LEU K 4 -20.88 -42.73 50.48
N ILE K 5 -21.75 -41.74 50.27
CA ILE K 5 -21.92 -41.13 49.01
C ILE K 5 -21.20 -39.79 49.14
N LEU K 6 -19.99 -39.70 48.53
CA LEU K 6 -19.19 -38.51 48.66
C LEU K 6 -19.20 -37.65 47.41
N ASN K 7 -19.68 -36.42 47.44
CA ASN K 7 -19.75 -35.51 46.34
C ASN K 7 -18.89 -34.28 46.57
N GLY K 8 -18.20 -33.97 45.47
CA GLY K 8 -17.26 -32.88 45.38
C GLY K 8 -17.78 -31.56 44.90
N PRO K 9 -16.88 -30.66 44.60
CA PRO K 9 -17.18 -29.33 44.21
C PRO K 9 -18.13 -29.27 43.04
N ASN K 10 -19.07 -28.35 43.11
CA ASN K 10 -20.07 -28.02 42.14
C ASN K 10 -21.14 -29.08 41.98
N VAL K 11 -21.06 -30.23 42.62
CA VAL K 11 -22.08 -31.26 42.48
C VAL K 11 -23.39 -30.78 43.07
N ASN K 12 -23.27 -30.02 44.14
CA ASN K 12 -24.42 -29.26 44.71
C ASN K 12 -25.15 -28.48 43.66
N ARG K 13 -24.59 -27.97 42.57
CA ARG K 13 -25.26 -27.12 41.61
C ARG K 13 -25.96 -27.86 40.47
N LEU K 14 -26.10 -29.17 40.51
CA LEU K 14 -26.83 -29.91 39.50
C LEU K 14 -28.21 -29.27 39.31
N GLY K 15 -28.50 -28.73 38.10
CA GLY K 15 -29.80 -28.12 37.87
C GLY K 15 -29.75 -26.70 37.36
N SER K 16 -29.04 -25.75 37.94
CA SER K 16 -29.01 -24.39 37.38
C SER K 16 -28.30 -24.35 36.03
N ARG K 17 -27.39 -25.31 35.88
CA ARG K 17 -26.59 -25.63 34.72
C ARG K 17 -27.19 -26.92 34.12
N GLY K 23 -28.96 -34.78 35.99
CA GLY K 23 -29.93 -34.50 34.93
C GLY K 23 -30.75 -33.24 35.19
N ARG K 24 -32.09 -33.39 35.18
CA ARG K 24 -33.08 -32.35 35.42
C ARG K 24 -33.38 -32.15 36.93
N GLN K 25 -32.85 -33.15 37.60
CA GLN K 25 -32.69 -33.43 38.97
C GLN K 25 -31.69 -32.37 39.54
N THR K 26 -31.85 -32.19 40.83
CA THR K 26 -31.00 -31.44 41.71
C THR K 26 -30.30 -32.51 42.55
N LEU K 27 -29.29 -32.11 43.29
CA LEU K 27 -28.61 -33.07 44.17
C LEU K 27 -29.60 -33.65 45.18
N THR K 28 -30.48 -32.74 45.69
CA THR K 28 -31.49 -33.16 46.66
C THR K 28 -32.42 -34.20 46.08
N ASP K 29 -32.88 -33.94 44.86
CA ASP K 29 -33.72 -34.94 44.18
C ASP K 29 -33.01 -36.28 44.16
N ILE K 30 -31.77 -36.30 43.67
CA ILE K 30 -30.99 -37.55 43.63
C ILE K 30 -30.84 -38.25 44.95
N GLU K 31 -30.54 -37.56 46.02
CA GLU K 31 -30.33 -38.14 47.36
C GLU K 31 -31.63 -38.77 47.84
N THR K 32 -32.76 -38.05 47.57
CA THR K 32 -34.04 -38.63 48.00
C THR K 32 -34.27 -39.96 47.31
N ASP K 33 -34.05 -40.03 46.01
CA ASP K 33 -34.19 -41.25 45.24
C ASP K 33 -33.24 -42.31 45.73
N LEU K 34 -32.01 -41.95 46.10
CA LEU K 34 -31.09 -43.00 46.57
C LEU K 34 -31.48 -43.44 47.99
N PHE K 35 -31.97 -42.50 48.79
CA PHE K 35 -32.43 -42.89 50.15
C PHE K 35 -33.52 -43.92 49.85
N GLN K 36 -34.54 -43.60 49.04
CA GLN K 36 -35.61 -44.49 48.64
C GLN K 36 -35.09 -45.76 47.99
N PHE K 37 -34.04 -45.63 47.17
CA PHE K 37 -33.42 -46.76 46.54
C PHE K 37 -32.80 -47.58 47.67
N ALA K 38 -32.17 -46.99 48.69
CA ALA K 38 -31.51 -47.83 49.67
C ALA K 38 -32.37 -48.57 50.69
N GLU K 39 -33.42 -47.84 51.14
CA GLU K 39 -34.31 -48.52 52.08
C GLU K 39 -34.88 -49.78 51.45
N ALA K 40 -35.32 -49.79 50.20
CA ALA K 40 -35.85 -50.92 49.47
C ALA K 40 -34.95 -52.14 49.42
N LEU K 41 -33.65 -51.91 49.35
CA LEU K 41 -32.69 -53.01 49.33
C LEU K 41 -32.03 -53.20 50.67
N HIS K 42 -32.55 -52.68 51.76
CA HIS K 42 -32.01 -52.85 53.09
C HIS K 42 -30.52 -52.44 53.26
N ILE K 43 -30.13 -51.25 52.81
CA ILE K 43 -28.77 -50.77 52.94
C ILE K 43 -28.77 -49.28 53.32
N GLN K 44 -27.90 -48.94 54.28
CA GLN K 44 -27.78 -47.58 54.77
C GLN K 44 -26.77 -46.83 53.87
N LEU K 45 -27.00 -45.55 53.74
CA LEU K 45 -26.21 -44.58 53.03
C LEU K 45 -26.06 -43.29 53.82
N THR K 46 -24.90 -42.65 53.74
CA THR K 46 -24.76 -41.33 54.34
C THR K 46 -24.24 -40.46 53.20
N PHE K 47 -24.76 -39.25 53.09
CA PHE K 47 -24.35 -38.39 52.00
C PHE K 47 -23.52 -37.22 52.56
N PHE K 48 -22.53 -36.80 51.80
CA PHE K 48 -21.74 -35.65 52.19
C PHE K 48 -21.26 -34.93 50.93
N GLN K 49 -21.40 -33.60 50.91
CA GLN K 49 -20.92 -32.84 49.80
C GLN K 49 -20.05 -31.66 50.26
N SER K 50 -18.93 -31.35 49.63
CA SER K 50 -18.21 -30.14 49.95
C SER K 50 -17.48 -29.68 48.72
N ASN K 51 -17.25 -28.35 48.71
CA ASN K 51 -16.46 -27.74 47.63
C ASN K 51 -14.95 -27.76 47.93
N HIS K 52 -14.54 -28.15 49.10
CA HIS K 52 -13.20 -28.23 49.64
C HIS K 52 -12.50 -29.57 49.46
N GLU K 53 -11.42 -29.57 48.71
CA GLU K 53 -10.59 -30.78 48.47
C GLU K 53 -10.20 -31.41 49.79
N GLY K 54 -9.73 -30.63 50.75
CA GLY K 54 -9.41 -31.17 52.06
C GLY K 54 -10.57 -31.83 52.80
N ASP K 55 -11.81 -31.39 52.61
CA ASP K 55 -12.95 -31.98 53.33
C ASP K 55 -13.18 -33.40 52.79
N LEU K 56 -12.99 -33.53 51.46
CA LEU K 56 -13.16 -34.88 50.91
C LEU K 56 -12.04 -35.79 51.36
N ILE K 57 -10.80 -35.26 51.49
CA ILE K 57 -9.72 -36.15 51.95
C ILE K 57 -9.94 -36.55 53.41
N ASP K 58 -10.33 -35.64 54.26
CA ASP K 58 -10.69 -35.90 55.66
C ASP K 58 -11.75 -36.99 55.75
N ALA K 59 -12.83 -36.87 54.99
CA ALA K 59 -13.92 -37.88 55.01
C ALA K 59 -13.45 -39.19 54.53
N ILE K 60 -12.57 -39.29 53.51
CA ILE K 60 -12.06 -40.57 53.03
C ILE K 60 -11.24 -41.25 54.11
N HIS K 61 -10.38 -40.51 54.78
CA HIS K 61 -9.56 -41.11 55.86
C HIS K 61 -10.48 -41.58 57.01
N GLU K 62 -11.51 -40.86 57.40
CA GLU K 62 -12.40 -41.19 58.48
C GLU K 62 -13.44 -42.23 58.12
N ALA K 63 -13.61 -42.47 56.82
CA ALA K 63 -14.53 -43.47 56.32
C ALA K 63 -14.22 -44.88 56.79
N GLU K 64 -12.97 -45.19 56.91
CA GLU K 64 -12.39 -46.49 57.17
C GLU K 64 -12.95 -47.16 58.40
N GLU K 65 -13.32 -46.39 59.41
CA GLU K 65 -13.85 -46.89 60.65
C GLU K 65 -15.36 -46.84 60.73
N GLN K 66 -16.02 -46.50 59.63
CA GLN K 66 -17.47 -46.35 59.74
C GLN K 66 -18.25 -46.92 58.57
N TYR K 67 -17.64 -46.98 57.37
CA TYR K 67 -18.41 -47.46 56.21
C TYR K 67 -17.79 -48.70 55.64
N SER K 68 -18.46 -49.43 54.76
CA SER K 68 -17.79 -50.53 54.06
C SER K 68 -17.48 -50.16 52.60
N GLY K 69 -17.85 -48.99 52.09
CA GLY K 69 -17.56 -48.62 50.70
C GLY K 69 -17.79 -47.16 50.51
N ILE K 70 -17.17 -46.60 49.46
CA ILE K 70 -17.48 -45.19 49.11
C ILE K 70 -17.88 -45.07 47.65
N VAL K 71 -18.88 -44.26 47.34
CA VAL K 71 -19.23 -43.92 45.96
C VAL K 71 -18.75 -42.47 45.87
N LEU K 72 -17.78 -42.19 44.98
CA LEU K 72 -17.22 -40.85 44.91
C LEU K 72 -17.46 -40.17 43.59
N ASN K 73 -18.04 -38.99 43.57
CA ASN K 73 -18.20 -38.04 42.50
C ASN K 73 -17.45 -36.77 42.91
N PRO K 74 -16.17 -36.69 42.53
CA PRO K 74 -15.29 -35.60 42.95
C PRO K 74 -15.40 -34.38 42.08
N GLY K 75 -16.30 -34.41 41.12
CA GLY K 75 -16.39 -33.16 40.34
C GLY K 75 -15.11 -33.02 39.57
N ALA K 76 -14.74 -31.86 39.16
CA ALA K 76 -13.59 -31.53 38.36
C ALA K 76 -12.30 -31.90 39.09
N LEU K 77 -12.27 -32.15 40.40
CA LEU K 77 -11.12 -32.64 41.11
C LEU K 77 -10.66 -33.96 40.53
N SER K 78 -11.54 -34.69 39.87
CA SER K 78 -11.13 -35.91 39.19
C SER K 78 -9.86 -35.79 38.34
N HIS K 79 -9.85 -34.67 37.60
CA HIS K 79 -8.81 -34.38 36.62
C HIS K 79 -7.49 -33.86 37.12
N TYR K 80 -7.34 -33.52 38.37
CA TYR K 80 -6.08 -33.01 38.86
C TYR K 80 -5.75 -33.30 40.30
N SER K 81 -6.67 -33.78 41.19
CA SER K 81 -6.31 -33.95 42.55
C SER K 81 -5.59 -35.25 42.86
N TYR K 82 -4.28 -35.27 42.80
CA TYR K 82 -3.45 -36.36 43.20
C TYR K 82 -3.54 -36.49 44.74
N ALA K 83 -3.95 -35.48 45.48
CA ALA K 83 -4.08 -35.62 46.96
C ALA K 83 -5.28 -36.49 47.29
N ILE K 84 -6.39 -36.31 46.55
CA ILE K 84 -7.50 -37.29 46.76
C ILE K 84 -7.14 -38.64 46.24
N ARG K 85 -6.34 -38.76 45.18
CA ARG K 85 -5.89 -40.10 44.69
C ARG K 85 -5.15 -40.84 45.79
N ASP K 86 -4.16 -40.14 46.40
CA ASP K 86 -3.42 -40.74 47.51
C ASP K 86 -4.27 -41.01 48.71
N ALA K 87 -5.34 -40.24 48.97
CA ALA K 87 -6.20 -40.60 50.12
C ALA K 87 -6.88 -41.92 49.85
N VAL K 88 -7.43 -42.13 48.65
CA VAL K 88 -8.10 -43.39 48.29
C VAL K 88 -7.18 -44.55 48.44
N SER K 89 -5.94 -44.45 47.93
CA SER K 89 -4.99 -45.56 48.10
C SER K 89 -4.65 -45.80 49.56
N SER K 90 -4.76 -44.74 50.41
CA SER K 90 -4.37 -45.02 51.83
C SER K 90 -5.43 -45.74 52.64
N ILE K 91 -6.62 -46.04 52.15
CA ILE K 91 -7.66 -46.69 52.92
C ILE K 91 -7.92 -48.05 52.31
N SER K 92 -8.52 -48.98 53.01
CA SER K 92 -8.76 -50.34 52.56
C SER K 92 -10.13 -50.57 51.97
N LEU K 93 -11.05 -49.60 52.11
CA LEU K 93 -12.35 -49.78 51.51
C LEU K 93 -12.37 -49.66 49.99
N PRO K 94 -13.34 -50.27 49.34
CA PRO K 94 -13.58 -50.16 47.94
C PRO K 94 -14.25 -48.83 47.60
N VAL K 95 -13.69 -48.17 46.56
CA VAL K 95 -14.20 -46.90 46.13
C VAL K 95 -14.55 -47.01 44.66
N VAL K 96 -15.61 -46.40 44.20
CA VAL K 96 -16.10 -46.36 42.87
C VAL K 96 -16.27 -44.90 42.51
N GLU K 97 -15.60 -44.50 41.40
CA GLU K 97 -15.73 -43.15 40.96
C GLU K 97 -16.93 -42.98 40.04
N VAL K 98 -17.75 -41.93 40.28
CA VAL K 98 -18.92 -41.81 39.42
C VAL K 98 -19.02 -40.53 38.71
N HIS K 99 -19.40 -40.34 37.44
CA HIS K 99 -19.70 -39.04 36.89
C HIS K 99 -21.04 -39.17 36.10
N LEU K 100 -21.91 -38.18 36.23
CA LEU K 100 -23.24 -38.31 35.61
C LEU K 100 -23.14 -38.08 34.11
N SER K 101 -22.47 -37.02 33.66
CA SER K 101 -22.43 -36.72 32.22
C SER K 101 -21.33 -37.54 31.56
N ASN K 102 -21.42 -37.65 30.28
CA ASN K 102 -20.45 -38.35 29.48
C ASN K 102 -19.30 -37.40 29.20
N LEU K 103 -18.32 -37.47 30.10
CA LEU K 103 -17.09 -36.71 30.11
C LEU K 103 -16.36 -36.76 28.79
N TYR K 104 -16.34 -37.94 28.16
CA TYR K 104 -15.54 -38.21 26.95
C TYR K 104 -16.09 -37.43 25.77
N ALA K 105 -17.33 -36.93 25.92
CA ALA K 105 -17.91 -36.13 24.85
C ALA K 105 -17.75 -34.67 25.23
N ARG K 106 -17.00 -34.36 26.30
CA ARG K 106 -16.94 -32.93 26.66
C ARG K 106 -15.53 -32.44 26.50
N GLU K 107 -15.14 -31.37 27.19
CA GLU K 107 -13.73 -30.92 27.00
C GLU K 107 -12.69 -31.96 27.29
N GLU K 108 -11.62 -31.90 26.55
CA GLU K 108 -10.47 -32.80 26.63
C GLU K 108 -9.88 -32.96 28.02
N PHE K 109 -9.84 -31.94 28.87
CA PHE K 109 -9.22 -32.07 30.21
C PHE K 109 -10.08 -32.97 31.08
N ARG K 110 -11.33 -33.27 30.68
CA ARG K 110 -12.19 -34.12 31.49
C ARG K 110 -12.00 -35.59 31.17
N HIS K 111 -11.21 -35.90 30.11
CA HIS K 111 -11.11 -37.27 29.66
C HIS K 111 -10.07 -38.06 30.44
N GLN K 112 -9.49 -37.60 31.51
CA GLN K 112 -8.58 -38.45 32.31
C GLN K 112 -8.91 -38.20 33.78
N SER K 113 -8.95 -39.17 34.62
CA SER K 113 -9.14 -39.17 36.04
C SER K 113 -7.83 -39.62 36.72
N VAL K 114 -7.37 -38.76 37.66
CA VAL K 114 -6.10 -39.19 38.29
C VAL K 114 -6.40 -40.08 39.49
N ILE K 115 -7.67 -40.26 39.77
CA ILE K 115 -8.20 -41.00 40.89
C ILE K 115 -8.58 -42.42 40.51
N ALA K 116 -9.09 -42.58 39.28
CA ALA K 116 -9.45 -43.94 38.87
C ALA K 116 -8.45 -45.01 38.89
N PRO K 117 -7.18 -44.84 38.64
CA PRO K 117 -6.26 -45.92 38.65
C PRO K 117 -6.22 -46.63 40.00
N VAL K 118 -6.50 -45.92 41.11
CA VAL K 118 -6.31 -46.57 42.43
C VAL K 118 -7.68 -46.98 43.04
N ALA K 119 -8.78 -46.62 42.41
CA ALA K 119 -10.07 -47.00 42.82
C ALA K 119 -10.40 -48.40 42.26
N LYS K 120 -11.58 -48.92 42.71
CA LYS K 120 -11.96 -50.20 42.14
C LYS K 120 -12.27 -49.98 40.68
N GLY K 121 -12.93 -48.88 40.40
CA GLY K 121 -13.34 -48.64 38.97
C GLY K 121 -14.04 -47.35 38.83
N GLN K 122 -14.72 -47.11 37.71
CA GLN K 122 -15.38 -45.92 37.31
C GLN K 122 -16.58 -46.07 36.39
N ILE K 123 -17.59 -45.21 36.59
CA ILE K 123 -18.80 -45.16 35.80
C ILE K 123 -19.03 -43.76 35.27
N VAL K 124 -19.11 -43.70 33.89
CA VAL K 124 -19.25 -42.41 33.33
C VAL K 124 -20.40 -42.26 32.38
N GLY K 125 -21.20 -41.20 32.44
CA GLY K 125 -22.19 -40.99 31.40
C GLY K 125 -23.55 -41.60 31.62
N LEU K 126 -23.79 -42.38 32.66
CA LEU K 126 -25.07 -43.04 32.86
C LEU K 126 -26.00 -42.27 33.78
N GLY K 127 -25.80 -40.98 33.96
CA GLY K 127 -26.58 -40.05 34.71
C GLY K 127 -26.63 -40.38 36.17
N ALA K 128 -27.66 -39.91 36.92
CA ALA K 128 -27.80 -40.30 38.34
C ALA K 128 -27.96 -41.76 38.62
N GLU K 129 -28.32 -42.52 37.62
CA GLU K 129 -28.40 -44.00 37.78
C GLU K 129 -27.06 -44.60 38.14
N GLY K 130 -25.97 -43.90 37.72
CA GLY K 130 -24.62 -44.33 37.96
C GLY K 130 -24.34 -44.53 39.42
N TYR K 131 -24.95 -43.68 40.26
CA TYR K 131 -24.78 -43.89 41.72
C TYR K 131 -25.43 -45.16 42.21
N LYS K 132 -26.61 -45.50 41.71
CA LYS K 132 -27.24 -46.76 42.10
C LYS K 132 -26.44 -47.98 41.60
N LEU K 133 -25.97 -47.90 40.36
CA LEU K 133 -25.16 -48.99 39.83
C LEU K 133 -23.91 -49.18 40.66
N ALA K 134 -23.25 -48.09 41.12
CA ALA K 134 -22.04 -48.25 41.94
C ALA K 134 -22.44 -48.81 43.30
N VAL K 135 -23.50 -48.32 43.91
CA VAL K 135 -24.03 -48.98 45.14
C VAL K 135 -24.26 -50.46 44.91
N ARG K 136 -24.84 -50.94 43.82
CA ARG K 136 -25.02 -52.35 43.58
C ARG K 136 -23.70 -53.07 43.46
N TYR K 137 -22.71 -52.49 42.78
CA TYR K 137 -21.41 -53.16 42.66
C TYR K 137 -20.81 -53.40 44.05
N LEU K 138 -20.83 -52.37 44.86
CA LEU K 138 -20.27 -52.38 46.19
C LEU K 138 -20.92 -53.48 47.03
N LEU K 139 -22.23 -53.68 46.84
CA LEU K 139 -22.92 -54.75 47.55
C LEU K 139 -22.27 -56.08 47.22
N SER K 140 -21.89 -56.25 45.96
CA SER K 140 -21.26 -57.51 45.61
C SER K 140 -19.85 -57.70 46.11
N GLN K 141 -19.25 -56.86 46.93
CA GLN K 141 -17.85 -57.14 47.28
C GLN K 141 -17.76 -58.01 48.53
N GLN K 142 -17.71 -57.04 46.12
N PRO L 1 -25.37 -0.45 41.05
CA PRO L 1 -25.09 -1.87 41.37
C PRO L 1 -23.97 -2.16 42.36
N HIS L 2 -23.97 -3.44 42.72
CA HIS L 2 -23.10 -4.06 43.68
C HIS L 2 -22.33 -5.28 43.06
N PHE L 3 -21.02 -5.25 43.24
CA PHE L 3 -20.15 -6.27 42.72
C PHE L 3 -19.21 -6.87 43.78
N LEU L 4 -18.84 -8.13 43.59
CA LEU L 4 -17.93 -8.88 44.45
C LEU L 4 -16.54 -8.79 43.85
N ILE L 5 -15.57 -8.38 44.65
CA ILE L 5 -14.17 -8.37 44.24
C ILE L 5 -13.58 -9.60 44.98
N LEU L 6 -13.32 -10.69 44.27
CA LEU L 6 -12.92 -11.94 44.92
C LEU L 6 -11.45 -12.24 44.59
N ASN L 7 -10.62 -12.36 45.64
CA ASN L 7 -9.23 -12.54 45.52
C ASN L 7 -8.79 -13.85 46.15
N GLY L 8 -7.97 -14.60 45.42
CA GLY L 8 -7.52 -15.89 45.93
C GLY L 8 -6.14 -15.97 46.56
N PRO L 9 -5.56 -17.13 46.63
CA PRO L 9 -4.34 -17.38 47.36
C PRO L 9 -3.21 -16.47 46.90
N ASN L 10 -2.60 -15.91 47.96
CA ASN L 10 -1.46 -15.09 47.95
C ASN L 10 -1.69 -13.66 47.53
N VAL L 11 -2.88 -13.30 47.11
CA VAL L 11 -3.20 -11.99 46.67
C VAL L 11 -3.07 -11.03 47.87
N ASN L 12 -3.20 -11.45 49.08
CA ASN L 12 -3.05 -10.74 50.31
C ASN L 12 -1.57 -10.41 50.56
N ARG L 13 -0.62 -11.04 49.84
CA ARG L 13 0.77 -10.78 50.03
C ARG L 13 1.30 -9.71 49.10
N LEU L 14 0.50 -9.13 48.24
CA LEU L 14 0.99 -8.05 47.34
C LEU L 14 1.84 -7.08 48.17
N GLY L 15 3.07 -6.76 47.72
CA GLY L 15 3.92 -5.89 48.53
C GLY L 15 5.03 -6.64 49.26
N SER L 16 4.72 -7.74 49.95
CA SER L 16 5.75 -8.59 50.54
C SER L 16 6.95 -8.60 49.61
N ARG L 17 8.17 -8.80 50.06
CA ARG L 17 9.30 -8.81 49.15
C ARG L 17 9.66 -7.41 48.69
N GLU L 18 8.87 -6.35 48.84
CA GLU L 18 9.33 -5.00 48.54
C GLU L 18 9.70 -4.38 49.90
N PRO L 19 10.83 -3.71 49.94
CA PRO L 19 11.32 -3.16 51.20
C PRO L 19 10.28 -2.49 52.05
N GLU L 20 9.76 -1.35 51.61
CA GLU L 20 8.77 -0.57 52.36
C GLU L 20 9.09 0.91 52.15
N VAL L 21 10.31 1.45 52.08
CA VAL L 21 10.37 2.87 51.60
C VAL L 21 10.22 2.78 50.07
N PHE L 22 8.97 2.83 49.65
CA PHE L 22 8.39 2.76 48.34
C PHE L 22 7.30 1.69 48.39
N GLY L 23 7.31 0.93 49.46
CA GLY L 23 6.51 -0.12 49.98
C GLY L 23 5.83 -1.22 49.21
N ARG L 24 5.59 -0.84 47.98
CA ARG L 24 4.84 -1.41 46.92
C ARG L 24 3.44 -0.79 47.16
N GLN L 25 2.44 -1.58 46.90
CA GLN L 25 1.03 -1.31 47.02
C GLN L 25 0.53 -2.62 47.64
N THR L 26 -0.26 -2.47 48.67
CA THR L 26 -0.75 -3.63 49.37
C THR L 26 -2.17 -3.88 48.87
N LEU L 27 -2.72 -5.01 49.21
CA LEU L 27 -4.09 -5.33 48.89
C LEU L 27 -4.96 -4.29 49.60
N THR L 28 -4.64 -3.96 50.84
CA THR L 28 -5.33 -2.92 51.59
C THR L 28 -5.35 -1.61 50.83
N ASP L 29 -4.20 -1.20 50.31
CA ASP L 29 -4.12 -0.01 49.51
C ASP L 29 -5.11 -0.02 48.34
N ILE L 30 -5.08 -1.15 47.61
CA ILE L 30 -5.91 -1.35 46.46
C ILE L 30 -7.36 -1.26 46.84
N GLU L 31 -7.77 -1.90 47.94
CA GLU L 31 -9.18 -1.88 48.31
C GLU L 31 -9.63 -0.45 48.64
N THR L 32 -8.75 0.30 49.29
CA THR L 32 -9.11 1.70 49.61
C THR L 32 -9.37 2.47 48.35
N ASP L 33 -8.47 2.43 47.37
CA ASP L 33 -8.65 3.05 46.08
C ASP L 33 -9.91 2.57 45.38
N LEU L 34 -10.26 1.27 45.41
CA LEU L 34 -11.44 0.75 44.73
C LEU L 34 -12.69 1.25 45.46
N PHE L 35 -12.63 1.33 46.78
CA PHE L 35 -13.82 1.85 47.49
C PHE L 35 -14.06 3.29 47.05
N GLN L 36 -13.00 4.08 46.86
CA GLN L 36 -13.19 5.43 46.34
C GLN L 36 -13.66 5.49 44.88
N PHE L 37 -13.21 4.58 44.01
CA PHE L 37 -13.53 4.56 42.60
C PHE L 37 -15.05 4.40 42.43
N ALA L 38 -15.51 3.37 43.13
CA ALA L 38 -16.84 2.89 43.14
C ALA L 38 -17.75 4.01 43.71
N GLU L 39 -17.26 4.60 44.79
CA GLU L 39 -18.00 5.66 45.41
C GLU L 39 -18.34 6.71 44.35
N ALA L 40 -17.46 7.04 43.45
CA ALA L 40 -17.57 7.92 42.37
C ALA L 40 -18.34 7.47 41.14
N LEU L 41 -18.70 6.20 41.08
CA LEU L 41 -19.56 5.76 39.98
C LEU L 41 -20.90 5.39 40.59
N HIS L 42 -21.02 5.74 41.89
CA HIS L 42 -22.18 5.39 42.69
C HIS L 42 -22.50 3.90 42.58
N ILE L 43 -21.54 3.02 42.89
CA ILE L 43 -21.79 1.60 42.93
C ILE L 43 -21.28 1.05 44.27
N GLN L 44 -21.69 -0.14 44.64
CA GLN L 44 -21.19 -0.78 45.83
C GLN L 44 -20.27 -1.96 45.43
N LEU L 45 -19.24 -2.19 46.20
CA LEU L 45 -18.32 -3.30 46.10
C LEU L 45 -18.17 -3.94 47.48
N THR L 46 -18.04 -5.23 47.54
CA THR L 46 -17.67 -6.05 48.67
C THR L 46 -16.36 -6.81 48.32
N PHE L 47 -15.43 -6.88 49.24
CA PHE L 47 -14.15 -7.53 49.09
C PHE L 47 -14.04 -8.80 49.88
N PHE L 48 -13.44 -9.81 49.25
CA PHE L 48 -13.22 -11.09 49.91
C PHE L 48 -11.94 -11.77 49.38
N GLN L 49 -11.06 -12.13 50.35
CA GLN L 49 -9.85 -12.79 50.01
C GLN L 49 -9.69 -14.11 50.76
N SER L 50 -9.22 -15.16 50.05
CA SER L 50 -8.96 -16.36 50.84
C SER L 50 -7.88 -17.20 50.12
N ASN L 51 -7.16 -17.98 50.93
CA ASN L 51 -6.12 -18.84 50.35
C ASN L 51 -6.65 -20.22 50.06
N HIS L 52 -7.90 -20.49 50.42
CA HIS L 52 -8.54 -21.78 50.15
C HIS L 52 -9.40 -21.82 48.88
N GLU L 53 -9.11 -22.73 47.94
CA GLU L 53 -9.96 -22.89 46.75
C GLU L 53 -11.43 -23.04 47.06
N GLY L 54 -11.82 -23.80 48.04
CA GLY L 54 -13.18 -24.13 48.44
C GLY L 54 -13.91 -22.87 48.85
N ASP L 55 -13.25 -21.93 49.53
CA ASP L 55 -13.88 -20.72 49.97
C ASP L 55 -14.15 -19.85 48.74
N LEU L 56 -13.34 -19.90 47.66
CA LEU L 56 -13.71 -19.09 46.51
C LEU L 56 -14.92 -19.73 45.84
N ILE L 57 -14.94 -21.05 45.79
CA ILE L 57 -16.03 -21.74 45.15
C ILE L 57 -17.32 -21.37 45.91
N ASP L 58 -17.38 -21.60 47.18
CA ASP L 58 -18.49 -21.25 48.05
C ASP L 58 -18.98 -19.82 47.81
N ALA L 59 -18.10 -18.83 47.71
CA ALA L 59 -18.45 -17.45 47.44
C ALA L 59 -19.04 -17.29 46.04
N ILE L 60 -18.53 -18.07 45.03
CA ILE L 60 -19.06 -17.84 43.66
C ILE L 60 -20.50 -18.39 43.65
N HIS L 61 -20.73 -19.55 44.28
CA HIS L 61 -22.08 -20.06 44.32
C HIS L 61 -23.08 -19.09 45.02
N GLU L 62 -22.65 -18.52 46.13
CA GLU L 62 -23.50 -17.65 46.94
C GLU L 62 -23.66 -16.27 46.36
N ALA L 63 -22.87 -15.92 45.36
CA ALA L 63 -22.84 -14.64 44.75
C ALA L 63 -24.13 -14.24 44.01
N GLU L 64 -24.66 -15.23 43.36
CA GLU L 64 -25.82 -15.30 42.49
C GLU L 64 -27.05 -14.63 43.09
N GLU L 65 -27.25 -14.74 44.40
CA GLU L 65 -28.36 -14.17 45.10
C GLU L 65 -28.02 -12.84 45.76
N GLN L 66 -26.87 -12.25 45.49
CA GLN L 66 -26.52 -11.01 46.17
C GLN L 66 -25.78 -10.02 45.31
N TYR L 67 -25.04 -10.46 44.29
CA TYR L 67 -24.32 -9.47 43.49
C TYR L 67 -24.76 -9.45 42.04
N SER L 68 -24.37 -8.43 41.28
CA SER L 68 -24.72 -8.53 39.86
C SER L 68 -23.46 -8.86 39.03
N GLY L 69 -22.32 -9.09 39.69
CA GLY L 69 -21.11 -9.34 38.92
C GLY L 69 -19.91 -9.64 39.79
N ILE L 70 -18.89 -10.33 39.26
CA ILE L 70 -17.73 -10.67 40.06
C ILE L 70 -16.43 -10.35 39.29
N VAL L 71 -15.50 -9.74 39.98
CA VAL L 71 -14.14 -9.45 39.51
C VAL L 71 -13.23 -10.42 40.29
N LEU L 72 -12.67 -11.39 39.59
CA LEU L 72 -11.92 -12.47 40.18
C LEU L 72 -10.46 -12.44 39.74
N ASN L 73 -9.63 -12.49 40.74
CA ASN L 73 -8.18 -12.65 40.74
C ASN L 73 -7.89 -13.85 41.64
N PRO L 74 -7.80 -15.04 41.00
CA PRO L 74 -7.70 -16.28 41.70
C PRO L 74 -6.27 -16.61 42.01
N GLY L 75 -5.35 -15.69 41.73
CA GLY L 75 -3.95 -16.03 41.99
C GLY L 75 -3.64 -17.23 41.13
N ALA L 76 -2.76 -18.10 41.57
CA ALA L 76 -2.23 -19.22 40.84
C ALA L 76 -3.18 -20.31 40.52
N LEU L 77 -4.36 -20.27 41.08
CA LEU L 77 -5.42 -21.24 40.85
C LEU L 77 -5.91 -21.04 39.47
N SER L 78 -5.67 -19.88 38.87
CA SER L 78 -6.02 -19.62 37.49
C SER L 78 -5.50 -20.79 36.58
N HIS L 79 -4.22 -21.19 36.80
CA HIS L 79 -3.63 -22.19 35.93
C HIS L 79 -4.06 -23.60 36.16
N TYR L 80 -4.73 -23.98 37.22
CA TYR L 80 -5.09 -25.37 37.39
C TYR L 80 -6.42 -25.69 38.03
N SER L 81 -7.12 -24.70 38.57
CA SER L 81 -8.35 -25.12 39.26
C SER L 81 -9.56 -25.19 38.36
N TYR L 82 -9.82 -26.37 37.86
CA TYR L 82 -10.99 -26.70 37.02
C TYR L 82 -12.23 -26.57 37.89
N ALA L 83 -12.15 -26.79 39.20
CA ALA L 83 -13.26 -26.68 40.13
C ALA L 83 -13.76 -25.22 40.22
N ILE L 84 -12.95 -24.23 40.13
CA ILE L 84 -13.35 -22.83 40.06
C ILE L 84 -13.96 -22.52 38.70
N ARG L 85 -13.36 -23.18 37.70
CA ARG L 85 -13.88 -23.03 36.35
C ARG L 85 -15.37 -23.43 36.37
N ASP L 86 -15.66 -24.61 36.83
CA ASP L 86 -16.97 -25.18 36.92
C ASP L 86 -17.89 -24.33 37.86
N ALA L 87 -17.45 -23.61 38.90
CA ALA L 87 -18.26 -22.77 39.76
C ALA L 87 -18.68 -21.66 38.84
N VAL L 88 -17.76 -21.00 38.14
CA VAL L 88 -18.11 -19.90 37.29
C VAL L 88 -19.19 -20.28 36.28
N SER L 89 -19.14 -21.40 35.59
CA SER L 89 -20.08 -21.88 34.65
C SER L 89 -21.44 -22.17 35.27
N SER L 90 -21.51 -22.56 36.50
CA SER L 90 -22.79 -22.87 37.15
C SER L 90 -23.57 -21.69 37.66
N ILE L 91 -23.13 -20.45 37.57
CA ILE L 91 -23.86 -19.26 37.98
C ILE L 91 -24.16 -18.46 36.72
N SER L 92 -25.11 -17.56 36.82
CA SER L 92 -25.49 -16.71 35.70
C SER L 92 -24.87 -15.33 35.77
N LEU L 93 -24.13 -14.93 36.78
CA LEU L 93 -23.53 -13.59 36.71
C LEU L 93 -22.31 -13.49 35.82
N PRO L 94 -22.01 -12.28 35.39
CA PRO L 94 -20.82 -11.99 34.61
C PRO L 94 -19.57 -11.99 35.48
N VAL L 95 -18.54 -12.75 35.05
CA VAL L 95 -17.32 -12.77 35.77
C VAL L 95 -16.15 -12.31 34.90
N VAL L 96 -15.27 -11.44 35.40
CA VAL L 96 -14.11 -11.00 34.72
C VAL L 96 -12.90 -11.47 35.52
N GLU L 97 -11.97 -12.24 34.88
CA GLU L 97 -10.74 -12.58 35.54
C GLU L 97 -9.71 -11.46 35.37
N VAL L 98 -9.01 -11.21 36.50
CA VAL L 98 -7.99 -10.17 36.48
C VAL L 98 -6.67 -10.57 37.10
N HIS L 99 -5.55 -10.17 36.49
CA HIS L 99 -4.24 -10.41 37.06
C HIS L 99 -3.47 -9.14 36.95
N LEU L 100 -2.74 -8.74 37.96
CA LEU L 100 -1.95 -7.50 37.90
C LEU L 100 -0.73 -7.49 37.06
N SER L 101 0.08 -8.59 37.19
CA SER L 101 1.32 -8.58 36.42
C SER L 101 1.07 -9.13 35.03
N ASN L 102 2.03 -8.93 34.15
CA ASN L 102 1.89 -9.49 32.83
C ASN L 102 2.36 -10.94 32.92
N LEU L 103 1.47 -11.87 33.25
CA LEU L 103 1.80 -13.32 33.25
C LEU L 103 2.44 -13.85 32.01
N TYR L 104 2.20 -13.34 30.83
CA TYR L 104 2.78 -13.77 29.57
C TYR L 104 4.28 -13.60 29.54
N ALA L 105 4.77 -12.72 30.44
CA ALA L 105 6.18 -12.41 30.47
C ALA L 105 6.82 -13.22 31.60
N ARG L 106 6.06 -14.05 32.31
CA ARG L 106 6.62 -14.77 33.42
C ARG L 106 6.68 -16.26 33.14
N GLU L 107 6.67 -17.10 34.17
CA GLU L 107 6.81 -18.54 33.86
C GLU L 107 5.74 -19.05 32.91
N GLU L 108 6.09 -19.96 32.06
CA GLU L 108 5.25 -20.65 31.13
C GLU L 108 4.00 -21.21 31.74
N PHE L 109 4.05 -21.71 32.92
CA PHE L 109 2.80 -22.31 33.51
C PHE L 109 1.77 -21.18 33.76
N ARG L 110 2.17 -19.95 33.85
CA ARG L 110 1.20 -18.88 34.03
C ARG L 110 0.54 -18.42 32.73
N HIS L 111 0.94 -18.94 31.56
CA HIS L 111 0.42 -18.46 30.30
C HIS L 111 -0.92 -19.06 29.99
N GLN L 112 -1.59 -19.86 30.79
CA GLN L 112 -2.93 -20.31 30.44
C GLN L 112 -3.85 -20.18 31.65
N SER L 113 -5.10 -19.87 31.39
CA SER L 113 -6.09 -19.95 32.45
C SER L 113 -7.09 -21.04 32.14
N VAL L 114 -7.33 -21.96 33.06
CA VAL L 114 -8.47 -22.84 32.87
C VAL L 114 -9.80 -22.17 33.25
N ILE L 115 -9.91 -20.96 33.68
CA ILE L 115 -11.13 -20.33 34.11
C ILE L 115 -11.67 -19.36 33.05
N ALA L 116 -10.77 -18.70 32.37
CA ALA L 116 -11.10 -17.75 31.31
C ALA L 116 -12.00 -18.26 30.19
N PRO L 117 -11.94 -19.48 29.71
CA PRO L 117 -12.84 -19.92 28.71
C PRO L 117 -14.31 -19.73 29.07
N VAL L 118 -14.71 -19.88 30.34
CA VAL L 118 -16.09 -19.79 30.73
C VAL L 118 -16.44 -18.42 31.36
N ALA L 119 -15.49 -17.49 31.47
CA ALA L 119 -15.83 -16.20 31.99
C ALA L 119 -16.18 -15.28 30.85
N LYS L 120 -16.49 -14.04 31.14
CA LYS L 120 -16.75 -13.07 30.12
C LYS L 120 -15.46 -12.71 29.41
N GLY L 121 -14.37 -12.55 30.13
CA GLY L 121 -13.14 -12.10 29.59
C GLY L 121 -12.06 -12.06 30.65
N GLN L 122 -10.96 -11.44 30.26
CA GLN L 122 -9.82 -11.42 31.15
C GLN L 122 -8.96 -10.20 30.86
N ILE L 123 -8.41 -9.68 31.94
CA ILE L 123 -7.48 -8.58 31.89
C ILE L 123 -6.15 -8.98 32.51
N VAL L 124 -5.05 -8.85 31.77
CA VAL L 124 -3.75 -9.21 32.32
C VAL L 124 -2.69 -8.15 32.10
N GLY L 125 -1.92 -7.79 33.12
CA GLY L 125 -0.78 -6.94 33.04
C GLY L 125 -0.95 -5.44 33.25
N LEU L 126 -2.15 -5.00 33.46
CA LEU L 126 -2.42 -3.59 33.61
C LEU L 126 -2.39 -3.18 35.06
N GLY L 127 -1.69 -3.89 35.94
CA GLY L 127 -1.61 -3.50 37.35
C GLY L 127 -2.96 -3.39 38.02
N ALA L 128 -3.03 -2.68 39.14
CA ALA L 128 -4.23 -2.59 39.99
C ALA L 128 -5.36 -1.86 39.27
N GLU L 129 -5.03 -1.14 38.26
CA GLU L 129 -5.98 -0.52 37.34
C GLU L 129 -6.91 -1.55 36.73
N GLY L 130 -6.43 -2.79 36.54
CA GLY L 130 -7.25 -3.80 36.03
C GLY L 130 -8.53 -4.03 36.75
N TYR L 131 -8.55 -3.93 38.04
CA TYR L 131 -9.75 -4.14 38.83
C TYR L 131 -10.75 -3.02 38.51
N LYS L 132 -10.27 -1.81 38.28
CA LYS L 132 -11.20 -0.70 37.95
C LYS L 132 -11.80 -0.91 36.56
N LEU L 133 -10.93 -1.21 35.62
CA LEU L 133 -11.31 -1.52 34.23
C LEU L 133 -12.36 -2.65 34.15
N ALA L 134 -12.28 -3.69 34.95
CA ALA L 134 -13.22 -4.78 35.03
C ALA L 134 -14.57 -4.30 35.63
N VAL L 135 -14.48 -3.49 36.66
CA VAL L 135 -15.69 -2.87 37.24
C VAL L 135 -16.42 -2.05 36.20
N ARG L 136 -15.70 -1.26 35.42
CA ARG L 136 -16.27 -0.52 34.31
C ARG L 136 -16.90 -1.36 33.24
N TYR L 137 -16.33 -2.50 32.89
CA TYR L 137 -16.90 -3.34 31.90
C TYR L 137 -18.22 -3.86 32.49
N LEU L 138 -18.17 -4.36 33.72
CA LEU L 138 -19.36 -4.91 34.35
C LEU L 138 -20.46 -3.83 34.41
N LEU L 139 -20.14 -2.58 34.70
CA LEU L 139 -21.19 -1.53 34.73
C LEU L 139 -21.71 -1.38 33.30
N SER L 140 -20.88 -1.41 32.25
CA SER L 140 -21.47 -1.31 30.90
C SER L 140 -22.34 -2.50 30.52
N GLN L 141 -22.44 -3.58 31.29
CA GLN L 141 -23.37 -4.69 31.02
C GLN L 141 -24.64 -4.39 31.80
N GLN L 142 -25.79 -5.11 26.72
N PRO M 1 22.17 59.23 -53.72
CA PRO M 1 20.84 58.84 -53.23
C PRO M 1 20.14 59.82 -52.33
N HIS M 2 18.82 59.84 -52.57
CA HIS M 2 17.88 60.66 -51.80
C HIS M 2 16.98 59.75 -50.93
N PHE M 3 16.87 60.00 -49.66
CA PHE M 3 15.99 59.17 -48.84
C PHE M 3 14.96 60.05 -48.17
N LEU M 4 13.83 59.42 -47.83
CA LEU M 4 12.76 60.11 -47.12
C LEU M 4 12.86 59.76 -45.62
N ILE M 5 12.86 60.77 -44.78
CA ILE M 5 12.86 60.54 -43.33
C ILE M 5 11.40 60.80 -42.93
N LEU M 6 10.65 59.75 -42.73
CA LEU M 6 9.20 59.92 -42.42
C LEU M 6 8.85 59.78 -40.94
N ASN M 7 8.31 60.79 -40.30
CA ASN M 7 7.95 60.84 -38.91
C ASN M 7 6.43 61.02 -38.69
N GLY M 8 5.96 60.20 -37.77
CA GLY M 8 4.63 60.01 -37.36
C GLY M 8 4.13 60.79 -36.20
N PRO M 9 2.97 60.42 -35.68
CA PRO M 9 2.35 61.24 -34.64
C PRO M 9 3.18 61.33 -33.40
N ASN M 10 3.21 62.50 -32.78
CA ASN M 10 3.88 62.89 -31.59
C ASN M 10 5.36 63.11 -31.66
N VAL M 11 5.99 62.76 -32.77
CA VAL M 11 7.45 62.74 -32.99
C VAL M 11 7.89 64.21 -32.97
N ASN M 12 7.05 65.12 -33.44
CA ASN M 12 7.19 66.59 -33.34
C ASN M 12 7.31 67.12 -31.93
N ARG M 13 6.89 66.41 -30.90
CA ARG M 13 6.95 66.79 -29.51
C ARG M 13 8.16 66.28 -28.74
N LEU M 14 9.13 65.64 -29.36
CA LEU M 14 10.38 65.29 -28.70
C LEU M 14 10.90 66.51 -27.92
N GLY M 15 11.04 66.34 -26.62
CA GLY M 15 11.45 67.20 -25.55
C GLY M 15 10.32 68.04 -24.96
N SER M 16 9.09 67.98 -25.53
CA SER M 16 7.97 68.80 -25.01
C SER M 16 7.89 68.78 -23.48
N ARG M 17 8.19 67.69 -22.83
CA ARG M 17 8.06 67.68 -21.36
C ARG M 17 9.33 67.90 -20.57
N GLU M 18 10.44 68.19 -21.19
CA GLU M 18 11.69 68.55 -20.51
C GLU M 18 11.92 70.06 -20.60
N PRO M 19 12.55 70.64 -19.58
CA PRO M 19 12.89 72.04 -19.52
C PRO M 19 14.06 72.37 -20.45
N GLU M 20 13.84 73.30 -21.37
CA GLU M 20 14.88 73.80 -22.24
C GLU M 20 16.14 74.21 -21.49
N VAL M 21 16.07 74.92 -20.38
CA VAL M 21 17.29 75.33 -19.64
C VAL M 21 17.94 74.21 -18.87
N PHE M 22 18.32 73.12 -19.49
CA PHE M 22 18.95 71.99 -18.84
C PHE M 22 19.34 71.10 -20.01
N GLY M 23 18.77 71.39 -21.20
CA GLY M 23 19.18 70.61 -22.38
C GLY M 23 18.05 69.63 -22.76
N ARG M 24 17.79 69.60 -24.06
CA ARG M 24 16.69 68.76 -24.54
C ARG M 24 16.95 68.73 -26.03
N GLN M 25 16.59 67.66 -26.65
CA GLN M 25 16.78 67.43 -28.07
C GLN M 25 15.42 67.46 -28.76
N THR M 26 15.13 68.40 -29.61
CA THR M 26 13.85 68.46 -30.29
C THR M 26 13.95 67.83 -31.68
N LEU M 27 12.85 67.70 -32.37
CA LEU M 27 12.88 67.15 -33.74
C LEU M 27 13.68 68.04 -34.67
N THR M 28 13.59 69.36 -34.48
CA THR M 28 14.33 70.33 -35.30
C THR M 28 15.82 70.14 -35.12
N ASP M 29 16.27 69.99 -33.88
CA ASP M 29 17.67 69.70 -33.63
C ASP M 29 18.09 68.44 -34.43
N ILE M 30 17.30 67.37 -34.31
CA ILE M 30 17.64 66.13 -35.00
C ILE M 30 17.75 66.33 -36.49
N GLU M 31 16.86 67.11 -37.08
CA GLU M 31 16.87 67.33 -38.53
C GLU M 31 18.16 68.01 -38.97
N THR M 32 18.53 69.05 -38.18
CA THR M 32 19.76 69.78 -38.52
C THR M 32 20.95 68.86 -38.52
N ASP M 33 21.16 68.07 -37.47
CA ASP M 33 22.28 67.13 -37.41
C ASP M 33 22.22 66.10 -38.55
N LEU M 34 21.08 65.59 -38.97
CA LEU M 34 20.94 64.71 -40.11
C LEU M 34 21.28 65.48 -41.40
N PHE M 35 21.03 66.78 -41.51
CA PHE M 35 21.43 67.42 -42.78
C PHE M 35 22.94 67.54 -42.80
N GLN M 36 23.47 68.11 -41.69
CA GLN M 36 24.93 68.18 -41.50
C GLN M 36 25.50 66.77 -41.77
N PHE M 37 24.90 65.80 -41.10
CA PHE M 37 25.28 64.42 -41.31
C PHE M 37 25.13 64.08 -42.79
N ALA M 38 24.02 64.26 -43.47
CA ALA M 38 23.86 63.83 -44.84
C ALA M 38 24.72 64.51 -45.89
N GLU M 39 24.88 65.82 -45.75
CA GLU M 39 25.73 66.60 -46.66
C GLU M 39 27.13 66.03 -46.70
N ALA M 40 27.74 65.77 -45.56
CA ALA M 40 29.08 65.20 -45.44
C ALA M 40 29.28 63.87 -46.13
N LEU M 41 28.23 63.06 -46.17
CA LEU M 41 28.15 61.82 -46.87
C LEU M 41 27.69 62.03 -48.31
N HIS M 42 27.46 63.24 -48.82
CA HIS M 42 26.98 63.32 -50.19
C HIS M 42 25.59 62.72 -50.43
N ILE M 43 24.67 62.73 -49.46
CA ILE M 43 23.37 62.17 -49.81
C ILE M 43 22.31 63.23 -49.67
N GLN M 44 21.12 62.96 -50.22
CA GLN M 44 20.05 63.92 -50.03
C GLN M 44 19.01 63.25 -49.09
N LEU M 45 18.44 64.05 -48.22
CA LEU M 45 17.35 63.63 -47.38
C LEU M 45 16.20 64.63 -47.53
N THR M 46 15.00 64.19 -47.39
CA THR M 46 13.79 65.01 -47.26
C THR M 46 13.06 64.55 -45.99
N PHE M 47 12.60 65.47 -45.19
CA PHE M 47 11.92 65.23 -43.96
C PHE M 47 10.43 65.50 -44.07
N PHE M 48 9.66 64.64 -43.47
CA PHE M 48 8.20 64.84 -43.40
C PHE M 48 7.70 64.30 -42.09
N GLN M 49 6.90 65.07 -41.39
CA GLN M 49 6.22 64.68 -40.18
C GLN M 49 4.71 64.99 -40.25
N SER M 50 3.91 64.02 -39.80
CA SER M 50 2.47 64.26 -39.63
C SER M 50 1.89 63.46 -38.50
N ASN M 51 0.81 63.98 -37.96
CA ASN M 51 0.08 63.23 -36.93
C ASN M 51 -1.01 62.32 -37.50
N HIS M 52 -1.24 62.39 -38.80
CA HIS M 52 -2.27 61.65 -39.48
C HIS M 52 -1.75 60.35 -40.14
N GLU M 53 -2.31 59.24 -39.80
CA GLU M 53 -1.98 57.93 -40.42
C GLU M 53 -2.05 58.00 -41.94
N GLY M 54 -3.12 58.56 -42.50
CA GLY M 54 -3.30 58.65 -43.94
C GLY M 54 -2.22 59.48 -44.60
N ASP M 55 -1.66 60.53 -43.97
CA ASP M 55 -0.57 61.33 -44.59
C ASP M 55 0.67 60.44 -44.71
N LEU M 56 0.93 59.58 -43.70
CA LEU M 56 2.09 58.73 -43.81
C LEU M 56 1.88 57.69 -44.91
N ILE M 57 0.68 57.14 -45.02
CA ILE M 57 0.36 56.19 -46.04
C ILE M 57 0.53 56.84 -47.43
N ASP M 58 -0.06 57.99 -47.68
CA ASP M 58 0.06 58.73 -48.93
C ASP M 58 1.55 58.92 -49.29
N ALA M 59 2.36 59.41 -48.36
CA ALA M 59 3.78 59.62 -48.50
C ALA M 59 4.51 58.36 -48.88
N ILE M 60 4.15 57.24 -48.26
CA ILE M 60 4.78 55.95 -48.63
C ILE M 60 4.46 55.59 -50.05
N HIS M 61 3.23 55.65 -50.45
CA HIS M 61 2.83 55.29 -51.81
C HIS M 61 3.54 56.21 -52.83
N GLU M 62 3.67 57.49 -52.59
CA GLU M 62 4.28 58.44 -53.46
C GLU M 62 5.78 58.37 -53.47
N ALA M 63 6.37 57.80 -52.42
CA ALA M 63 7.83 57.71 -52.31
C ALA M 63 8.50 56.97 -53.44
N GLU M 64 7.88 55.93 -53.92
CA GLU M 64 8.27 55.00 -54.94
C GLU M 64 8.84 55.68 -56.16
N GLU M 65 8.32 56.80 -56.59
CA GLU M 65 8.77 57.54 -57.74
C GLU M 65 9.74 58.65 -57.42
N GLN M 66 10.23 58.73 -56.20
CA GLN M 66 11.10 59.87 -55.89
C GLN M 66 12.29 59.59 -55.00
N TYR M 67 12.22 58.54 -54.18
CA TYR M 67 13.30 58.25 -53.26
C TYR M 67 13.83 56.85 -53.49
N SER M 68 14.98 56.48 -52.94
CA SER M 68 15.43 55.12 -53.04
C SER M 68 15.28 54.41 -51.69
N GLY M 69 14.70 54.96 -50.65
CA GLY M 69 14.62 54.30 -49.35
C GLY M 69 13.86 55.17 -48.36
N ILE M 70 13.28 54.59 -47.34
CA ILE M 70 12.58 55.36 -46.32
C ILE M 70 13.02 55.00 -44.91
N VAL M 71 13.31 55.93 -44.06
CA VAL M 71 13.63 55.69 -42.67
C VAL M 71 12.29 56.12 -41.97
N LEU M 72 11.62 55.16 -41.34
CA LEU M 72 10.29 55.48 -40.76
C LEU M 72 10.24 55.41 -39.27
N ASN M 73 9.82 56.47 -38.63
CA ASN M 73 9.55 56.52 -37.19
C ASN M 73 8.04 56.84 -37.11
N PRO M 74 7.18 55.83 -37.01
CA PRO M 74 5.78 56.01 -37.03
C PRO M 74 5.16 56.40 -35.71
N GLY M 75 6.02 56.63 -34.68
CA GLY M 75 5.37 56.90 -33.40
C GLY M 75 4.58 55.69 -32.98
N ALA M 76 3.56 55.90 -32.15
CA ALA M 76 2.79 54.83 -31.55
C ALA M 76 2.01 54.02 -32.58
N LEU M 77 1.79 54.52 -33.81
CA LEU M 77 1.16 53.76 -34.87
C LEU M 77 1.93 52.47 -35.12
N SER M 78 3.21 52.42 -34.76
CA SER M 78 3.94 51.15 -34.93
C SER M 78 3.20 49.96 -34.36
N HIS M 79 2.44 50.12 -33.29
CA HIS M 79 1.80 49.02 -32.57
C HIS M 79 0.42 48.64 -33.01
N TYR M 80 -0.26 49.39 -33.87
CA TYR M 80 -1.56 48.91 -34.33
C TYR M 80 -1.87 49.19 -35.77
N SER M 81 -1.21 50.08 -36.51
CA SER M 81 -1.50 50.48 -37.86
C SER M 81 -1.15 49.41 -38.88
N TYR M 82 -2.11 48.49 -39.06
CA TYR M 82 -2.00 47.52 -40.13
C TYR M 82 -2.18 48.19 -41.50
N ALA M 83 -2.71 49.37 -41.61
CA ALA M 83 -2.83 50.06 -42.88
C ALA M 83 -1.47 50.67 -43.28
N ILE M 84 -0.63 51.06 -42.30
CA ILE M 84 0.77 51.46 -42.70
C ILE M 84 1.60 50.25 -43.06
N ARG M 85 1.34 49.15 -42.36
CA ARG M 85 2.07 47.89 -42.69
C ARG M 85 1.81 47.58 -44.14
N ASP M 86 0.60 47.46 -44.63
CA ASP M 86 0.25 47.16 -46.01
C ASP M 86 0.69 48.24 -46.97
N ALA M 87 0.78 49.51 -46.66
CA ALA M 87 1.45 50.51 -47.48
C ALA M 87 2.92 50.16 -47.76
N VAL M 88 3.74 49.82 -46.77
CA VAL M 88 5.13 49.43 -46.86
C VAL M 88 5.28 48.21 -47.76
N SER M 89 4.38 47.23 -47.59
CA SER M 89 4.42 46.04 -48.44
C SER M 89 4.06 46.38 -49.88
N SER M 90 3.33 47.47 -50.13
CA SER M 90 2.90 47.72 -51.51
C SER M 90 3.92 48.46 -52.32
N ILE M 91 5.09 48.83 -51.76
CA ILE M 91 6.08 49.56 -52.50
C ILE M 91 7.35 48.76 -52.59
N SER M 92 8.21 48.97 -53.52
CA SER M 92 9.46 48.21 -53.67
C SER M 92 10.66 48.81 -52.95
N LEU M 93 10.54 50.02 -52.38
CA LEU M 93 11.73 50.52 -51.68
C LEU M 93 12.02 49.84 -50.33
N PRO M 94 13.25 49.85 -49.93
CA PRO M 94 13.65 49.37 -48.59
C PRO M 94 13.25 50.38 -47.52
N VAL M 95 12.63 49.91 -46.41
CA VAL M 95 12.19 50.76 -45.35
C VAL M 95 12.79 50.24 -44.05
N VAL M 96 13.27 51.11 -43.18
CA VAL M 96 13.82 50.72 -41.91
C VAL M 96 12.94 51.36 -40.88
N GLU M 97 12.48 50.56 -39.89
CA GLU M 97 11.69 51.27 -38.83
C GLU M 97 12.63 51.83 -37.79
N VAL M 98 12.35 53.06 -37.21
CA VAL M 98 13.30 53.47 -36.17
C VAL M 98 12.64 53.93 -34.92
N HIS M 99 13.06 53.66 -33.68
CA HIS M 99 12.48 54.28 -32.49
C HIS M 99 13.64 54.72 -31.61
N LEU M 100 13.53 55.89 -30.98
CA LEU M 100 14.64 56.43 -30.24
C LEU M 100 14.76 55.81 -28.85
N SER M 101 13.72 55.73 -28.06
CA SER M 101 13.76 55.13 -26.75
C SER M 101 13.67 53.60 -26.90
N ASN M 102 14.11 53.00 -25.81
CA ASN M 102 14.08 51.52 -25.68
C ASN M 102 12.68 51.10 -25.36
N LEU M 103 11.90 50.78 -26.36
CA LEU M 103 10.46 50.43 -26.13
C LEU M 103 10.33 49.25 -25.19
N TYR M 104 11.29 48.31 -25.26
CA TYR M 104 11.23 47.05 -24.58
C TYR M 104 11.29 47.20 -23.07
N ALA M 105 11.75 48.31 -22.59
CA ALA M 105 11.82 48.78 -21.23
C ALA M 105 10.62 49.61 -20.81
N ARG M 106 9.70 49.84 -21.73
CA ARG M 106 8.51 50.65 -21.45
C ARG M 106 7.23 49.84 -21.45
N GLU M 107 6.05 50.47 -21.61
CA GLU M 107 4.82 49.65 -21.51
C GLU M 107 4.83 48.51 -22.50
N GLU M 108 4.16 47.42 -22.15
CA GLU M 108 3.96 46.22 -22.91
C GLU M 108 3.37 46.40 -24.30
N PHE M 109 2.42 47.28 -24.51
CA PHE M 109 1.84 47.49 -25.86
C PHE M 109 2.87 47.99 -26.80
N ARG M 110 3.95 48.65 -26.44
CA ARG M 110 5.02 49.15 -27.27
C ARG M 110 6.01 48.05 -27.64
N HIS M 111 5.84 46.82 -27.14
CA HIS M 111 6.80 45.79 -27.41
C HIS M 111 6.55 45.02 -28.67
N GLN M 112 5.62 45.36 -29.51
CA GLN M 112 5.42 44.66 -30.79
C GLN M 112 5.14 45.72 -31.85
N SER M 113 5.67 45.59 -33.03
CA SER M 113 5.46 46.42 -34.19
C SER M 113 4.76 45.56 -35.25
N VAL M 114 3.69 46.09 -35.81
CA VAL M 114 2.93 45.37 -36.83
C VAL M 114 3.51 45.75 -38.17
N ILE M 115 4.50 46.66 -38.19
CA ILE M 115 5.10 47.12 -39.46
C ILE M 115 6.41 46.44 -39.82
N ALA M 116 7.15 46.12 -38.75
CA ALA M 116 8.40 45.48 -38.83
C ALA M 116 8.43 44.21 -39.61
N PRO M 117 7.50 43.30 -39.57
CA PRO M 117 7.60 42.10 -40.31
C PRO M 117 7.75 42.31 -41.81
N VAL M 118 7.26 43.42 -42.32
CA VAL M 118 7.29 43.71 -43.73
C VAL M 118 8.35 44.71 -44.14
N ALA M 119 9.10 45.25 -43.20
CA ALA M 119 10.20 46.10 -43.53
C ALA M 119 11.53 45.35 -43.60
N LYS M 120 12.62 46.07 -43.97
CA LYS M 120 13.90 45.46 -43.97
C LYS M 120 14.33 45.10 -42.58
N GLY M 121 14.04 46.00 -41.65
CA GLY M 121 14.47 45.76 -40.27
C GLY M 121 14.01 46.91 -39.39
N GLN M 122 14.50 46.90 -38.17
CA GLN M 122 14.22 47.78 -37.11
C GLN M 122 15.33 48.09 -36.14
N ILE M 123 15.44 49.32 -35.70
CA ILE M 123 16.39 49.85 -34.76
C ILE M 123 15.68 50.49 -33.60
N VAL M 124 15.95 49.93 -32.41
CA VAL M 124 15.21 50.47 -31.27
C VAL M 124 16.17 50.88 -30.20
N GLY M 125 16.01 52.00 -29.57
CA GLY M 125 16.77 52.27 -28.37
C GLY M 125 18.11 52.93 -28.54
N LEU M 126 18.51 53.20 -29.77
CA LEU M 126 19.82 53.85 -29.91
C LEU M 126 19.75 55.38 -30.03
N GLY M 127 18.65 55.96 -29.58
CA GLY M 127 18.53 57.42 -29.58
C GLY M 127 18.44 57.97 -30.99
N ALA M 128 18.66 59.27 -31.18
CA ALA M 128 18.65 59.87 -32.51
C ALA M 128 19.71 59.34 -33.45
N GLU M 129 20.72 58.78 -32.86
CA GLU M 129 21.74 58.09 -33.72
C GLU M 129 21.13 57.00 -34.58
N GLY M 130 19.99 56.41 -34.18
CA GLY M 130 19.24 55.42 -34.92
C GLY M 130 18.91 55.82 -36.33
N TYR M 131 18.51 57.09 -36.51
CA TYR M 131 18.26 57.61 -37.83
C TYR M 131 19.51 57.48 -38.73
N LYS M 132 20.66 57.94 -38.21
CA LYS M 132 21.89 57.91 -38.98
C LYS M 132 22.34 56.47 -39.28
N LEU M 133 22.14 55.56 -38.36
CA LEU M 133 22.45 54.18 -38.56
C LEU M 133 21.52 53.63 -39.63
N ALA M 134 20.25 54.01 -39.69
CA ALA M 134 19.34 53.53 -40.73
C ALA M 134 19.77 54.05 -42.11
N VAL M 135 20.14 55.34 -42.11
CA VAL M 135 20.64 55.92 -43.37
C VAL M 135 21.85 55.16 -43.83
N ARG M 136 22.82 54.86 -42.96
CA ARG M 136 23.97 54.04 -43.39
C ARG M 136 23.56 52.70 -43.96
N TYR M 137 22.64 52.00 -43.32
CA TYR M 137 22.13 50.74 -43.81
C TYR M 137 21.57 50.87 -45.21
N LEU M 138 20.73 51.89 -45.41
CA LEU M 138 20.10 52.14 -46.70
C LEU M 138 21.20 52.40 -47.75
N LEU M 139 22.33 53.01 -47.38
CA LEU M 139 23.38 53.09 -48.41
C LEU M 139 23.80 51.72 -48.86
N SER M 140 23.67 50.55 -48.27
CA SER M 140 24.06 49.33 -49.00
C SER M 140 22.89 48.61 -49.65
N GLN M 141 21.70 49.22 -49.70
CA GLN M 141 20.50 48.63 -50.29
C GLN M 141 20.02 49.30 -51.56
N GLN M 142 18.28 48.57 -52.25
N PRO N 1 -10.77 81.38 -16.71
CA PRO N 1 -10.40 80.09 -17.34
C PRO N 1 -11.14 79.71 -18.62
N HIS N 2 -10.35 79.05 -19.49
CA HIS N 2 -10.79 78.59 -20.78
C HIS N 2 -10.39 77.14 -21.06
N PHE N 3 -11.39 76.32 -21.38
CA PHE N 3 -11.24 74.93 -21.63
C PHE N 3 -11.68 74.51 -23.02
N LEU N 4 -11.03 73.42 -23.51
CA LEU N 4 -11.37 72.84 -24.81
C LEU N 4 -12.21 71.60 -24.58
N ILE N 5 -13.36 71.53 -25.19
CA ILE N 5 -14.23 70.34 -25.21
C ILE N 5 -13.91 69.66 -26.54
N LEU N 6 -13.21 68.52 -26.50
CA LEU N 6 -12.75 67.98 -27.81
C LEU N 6 -13.45 66.68 -28.09
N ASN N 7 -14.14 66.48 -29.17
CA ASN N 7 -14.97 65.35 -29.45
C ASN N 7 -14.50 64.65 -30.73
N GLY N 8 -14.40 63.31 -30.58
CA GLY N 8 -13.94 62.47 -31.66
C GLY N 8 -14.95 61.91 -32.59
N PRO N 9 -14.58 60.87 -33.29
CA PRO N 9 -15.38 60.29 -34.32
C PRO N 9 -16.71 59.81 -33.76
N ASN N 10 -17.73 60.00 -34.60
CA ASN N 10 -19.11 59.69 -34.45
C ASN N 10 -19.80 60.46 -33.36
N VAL N 11 -19.17 61.33 -32.60
CA VAL N 11 -19.80 62.01 -31.49
C VAL N 11 -20.82 63.02 -32.06
N ASN N 12 -20.62 63.46 -33.30
CA ASN N 12 -21.52 64.34 -34.01
C ASN N 12 -22.82 63.62 -34.33
N ARG N 13 -22.87 62.27 -34.29
CA ARG N 13 -24.05 61.52 -34.61
C ARG N 13 -24.98 61.30 -33.42
N LEU N 14 -24.68 61.79 -32.25
CA LEU N 14 -25.55 61.62 -31.06
C LEU N 14 -26.95 62.00 -31.51
N GLY N 15 -27.91 61.10 -31.33
CA GLY N 15 -29.29 61.30 -31.77
C GLY N 15 -29.62 60.48 -33.03
N GLN N 25 -31.04 63.77 -27.57
CA GLN N 25 -30.27 65.02 -27.59
C GLN N 25 -29.11 64.96 -28.58
N THR N 26 -28.91 66.03 -29.29
CA THR N 26 -27.83 66.06 -30.28
C THR N 26 -26.58 66.69 -29.69
N LEU N 27 -25.51 66.63 -30.49
CA LEU N 27 -24.28 67.27 -30.07
C LEU N 27 -24.53 68.76 -29.95
N THR N 28 -25.23 69.37 -30.84
CA THR N 28 -25.62 70.81 -30.77
C THR N 28 -26.37 71.13 -29.50
N ASP N 29 -27.31 70.28 -29.11
CA ASP N 29 -28.04 70.45 -27.88
C ASP N 29 -27.10 70.56 -26.69
N ILE N 30 -26.23 69.54 -26.64
CA ILE N 30 -25.23 69.50 -25.59
C ILE N 30 -24.35 70.73 -25.59
N GLU N 31 -23.81 71.16 -26.72
CA GLU N 31 -22.96 72.35 -26.72
C GLU N 31 -23.73 73.58 -26.24
N THR N 32 -24.98 73.71 -26.60
CA THR N 32 -25.79 74.85 -26.12
C THR N 32 -25.88 74.86 -24.61
N ASP N 33 -26.25 73.72 -24.03
CA ASP N 33 -26.29 73.57 -22.58
C ASP N 33 -24.96 73.86 -21.90
N LEU N 34 -23.83 73.40 -22.45
CA LEU N 34 -22.52 73.67 -21.89
C LEU N 34 -22.14 75.14 -22.04
N PHE N 35 -22.54 75.76 -23.15
CA PHE N 35 -22.29 77.22 -23.30
C PHE N 35 -23.03 77.98 -22.16
N GLN N 36 -24.25 77.57 -21.87
CA GLN N 36 -25.03 78.16 -20.79
C GLN N 36 -24.38 77.90 -19.44
N PHE N 37 -23.90 76.65 -19.20
CA PHE N 37 -23.21 76.23 -17.98
C PHE N 37 -21.98 77.11 -17.77
N ALA N 38 -21.23 77.23 -18.88
CA ALA N 38 -20.00 78.04 -18.93
C ALA N 38 -20.37 79.45 -18.44
N GLU N 39 -21.39 79.99 -19.05
CA GLU N 39 -21.92 81.28 -18.54
C GLU N 39 -22.24 81.23 -17.08
N ALA N 40 -22.95 80.32 -16.41
CA ALA N 40 -23.04 80.41 -14.98
C ALA N 40 -21.76 80.33 -14.15
N LEU N 41 -20.69 79.56 -14.56
CA LEU N 41 -19.51 79.54 -13.66
C LEU N 41 -18.42 80.55 -14.01
N HIS N 42 -18.71 81.42 -14.98
CA HIS N 42 -17.85 82.51 -15.42
C HIS N 42 -16.56 82.01 -16.04
N ILE N 43 -16.70 81.03 -16.93
CA ILE N 43 -15.58 80.42 -17.63
C ILE N 43 -15.82 80.32 -19.13
N GLN N 44 -14.81 80.23 -19.98
CA GLN N 44 -15.01 80.10 -21.42
C GLN N 44 -14.74 78.64 -21.85
N LEU N 45 -15.42 78.22 -22.88
CA LEU N 45 -15.27 76.93 -23.54
C LEU N 45 -15.19 77.08 -25.06
N THR N 46 -14.41 76.28 -25.75
CA THR N 46 -14.32 76.19 -27.19
C THR N 46 -14.58 74.69 -27.48
N PHE N 47 -15.35 74.45 -28.49
CA PHE N 47 -15.80 73.15 -28.93
C PHE N 47 -15.15 72.78 -30.25
N PHE N 48 -14.74 71.51 -30.37
CA PHE N 48 -14.23 71.04 -31.66
C PHE N 48 -14.56 69.54 -31.78
N GLN N 49 -15.08 69.14 -32.90
CA GLN N 49 -15.34 67.76 -33.23
C GLN N 49 -14.71 67.35 -34.55
N SER N 50 -14.21 66.14 -34.65
CA SER N 50 -13.64 65.66 -35.90
C SER N 50 -13.65 64.13 -35.92
N ASN N 51 -13.75 63.54 -37.08
CA ASN N 51 -13.73 62.12 -37.31
C ASN N 51 -12.36 61.62 -37.61
N HIS N 52 -11.36 62.51 -37.63
CA HIS N 52 -9.99 62.20 -37.91
C HIS N 52 -9.12 62.16 -36.67
N GLU N 53 -8.41 61.07 -36.39
CA GLU N 53 -7.51 60.88 -35.27
C GLU N 53 -6.47 61.98 -35.27
N GLY N 54 -5.92 62.32 -36.41
CA GLY N 54 -4.90 63.30 -36.61
C GLY N 54 -5.37 64.71 -36.23
N ASP N 55 -6.64 65.00 -36.48
CA ASP N 55 -7.15 66.33 -36.09
C ASP N 55 -7.19 66.44 -34.57
N LEU N 56 -7.56 65.35 -33.84
CA LEU N 56 -7.57 65.43 -32.40
C LEU N 56 -6.14 65.58 -31.87
N ILE N 57 -5.20 64.87 -32.43
CA ILE N 57 -3.81 64.93 -32.01
C ILE N 57 -3.32 66.38 -32.24
N ASP N 58 -3.50 66.89 -33.44
CA ASP N 58 -3.15 68.29 -33.72
C ASP N 58 -3.73 69.30 -32.73
N ALA N 59 -5.01 69.16 -32.37
CA ALA N 59 -5.69 70.03 -31.41
C ALA N 59 -5.14 69.85 -30.02
N ILE N 60 -4.65 68.64 -29.66
CA ILE N 60 -4.18 68.43 -28.29
C ILE N 60 -2.83 69.18 -28.20
N HIS N 61 -2.03 69.05 -29.23
CA HIS N 61 -0.73 69.67 -29.28
C HIS N 61 -0.83 71.20 -29.17
N GLU N 62 -1.77 71.77 -29.88
CA GLU N 62 -1.97 73.20 -29.98
C GLU N 62 -2.70 73.80 -28.79
N ALA N 63 -3.33 72.97 -27.99
CA ALA N 63 -4.09 73.36 -26.83
C ALA N 63 -3.18 73.97 -25.76
N GLU N 64 -1.97 73.43 -25.64
CA GLU N 64 -1.00 73.86 -24.65
C GLU N 64 -0.83 75.35 -24.55
N GLU N 65 -0.84 76.14 -25.61
CA GLU N 65 -0.66 77.57 -25.62
C GLU N 65 -1.94 78.39 -25.63
N GLN N 66 -3.10 77.82 -25.34
CA GLN N 66 -4.35 78.50 -25.46
C GLN N 66 -5.35 78.13 -24.39
N TYR N 67 -5.31 76.86 -23.94
CA TYR N 67 -6.33 76.50 -22.94
C TYR N 67 -5.75 76.10 -21.60
N SER N 68 -6.54 75.91 -20.57
CA SER N 68 -5.93 75.47 -19.33
C SER N 68 -6.37 74.05 -19.05
N GLY N 69 -7.13 73.43 -19.93
CA GLY N 69 -7.57 72.06 -19.64
C GLY N 69 -8.36 71.50 -20.81
N ILE N 70 -8.53 70.18 -20.88
CA ILE N 70 -9.26 69.62 -22.01
C ILE N 70 -10.26 68.60 -21.45
N VAL N 71 -11.45 68.61 -22.01
CA VAL N 71 -12.45 67.58 -21.73
C VAL N 71 -12.52 66.78 -23.05
N LEU N 72 -12.02 65.52 -23.04
CA LEU N 72 -11.94 64.74 -24.27
C LEU N 72 -12.90 63.56 -24.26
N ASN N 73 -13.73 63.48 -25.29
CA ASN N 73 -14.60 62.39 -25.63
C ASN N 73 -14.15 61.90 -27.00
N PRO N 74 -13.21 60.93 -27.07
CA PRO N 74 -12.65 60.46 -28.29
C PRO N 74 -13.44 59.47 -29.05
N GLY N 75 -14.63 59.14 -28.60
CA GLY N 75 -15.45 58.13 -29.27
C GLY N 75 -14.65 56.82 -29.20
N ALA N 76 -14.74 55.96 -30.12
CA ALA N 76 -14.15 54.63 -30.07
C ALA N 76 -12.65 54.61 -30.13
N LEU N 77 -11.99 55.74 -30.46
CA LEU N 77 -10.53 55.81 -30.45
C LEU N 77 -10.01 55.58 -29.04
N SER N 78 -10.81 55.74 -28.06
CA SER N 78 -10.45 55.44 -26.67
C SER N 78 -9.81 54.02 -26.57
N HIS N 79 -10.39 53.06 -27.30
CA HIS N 79 -9.95 51.68 -27.16
C HIS N 79 -8.72 51.27 -27.93
N TYR N 80 -8.24 52.06 -28.86
CA TYR N 80 -7.07 51.66 -29.64
C TYR N 80 -6.12 52.75 -30.01
N SER N 81 -6.44 54.00 -29.83
CA SER N 81 -5.50 55.02 -30.34
C SER N 81 -4.40 55.39 -29.37
N TYR N 82 -3.31 54.65 -29.34
CA TYR N 82 -2.14 54.97 -28.58
C TYR N 82 -1.49 56.22 -29.10
N ALA N 83 -1.72 56.61 -30.36
CA ALA N 83 -1.25 57.88 -30.89
C ALA N 83 -1.88 59.08 -30.16
N ILE N 84 -3.13 59.06 -29.81
CA ILE N 84 -3.79 60.06 -28.99
C ILE N 84 -3.31 59.97 -27.54
N ARG N 85 -3.06 58.77 -27.02
CA ARG N 85 -2.50 58.58 -25.68
C ARG N 85 -1.21 59.39 -25.53
N ASP N 86 -0.27 59.21 -26.43
CA ASP N 86 1.02 59.84 -26.43
C ASP N 86 0.84 61.36 -26.60
N ALA N 87 -0.20 61.85 -27.27
CA ALA N 87 -0.44 63.27 -27.45
C ALA N 87 -0.78 63.83 -26.07
N VAL N 88 -1.71 63.23 -25.35
CA VAL N 88 -2.07 63.57 -24.00
C VAL N 88 -0.82 63.61 -23.11
N SER N 89 0.07 62.66 -23.13
CA SER N 89 1.29 62.59 -22.37
C SER N 89 2.29 63.66 -22.77
N SER N 90 2.26 64.12 -24.00
CA SER N 90 3.26 65.15 -24.36
C SER N 90 2.87 66.55 -24.03
N ILE N 91 1.80 66.86 -23.34
CA ILE N 91 1.35 68.21 -23.05
C ILE N 91 1.20 68.32 -21.53
N SER N 92 1.21 69.52 -21.02
CA SER N 92 1.17 69.69 -19.58
C SER N 92 -0.21 69.96 -19.02
N LEU N 93 -1.24 70.18 -19.84
CA LEU N 93 -2.57 70.45 -19.30
C LEU N 93 -3.25 69.16 -18.78
N PRO N 94 -4.13 69.37 -17.83
CA PRO N 94 -4.95 68.31 -17.28
C PRO N 94 -6.01 67.93 -18.31
N VAL N 95 -6.16 66.61 -18.54
CA VAL N 95 -7.14 66.16 -19.50
C VAL N 95 -8.12 65.23 -18.77
N VAL N 96 -9.37 65.22 -19.01
CA VAL N 96 -10.35 64.34 -18.44
C VAL N 96 -11.06 63.63 -19.61
N GLU N 97 -11.10 62.28 -19.56
CA GLU N 97 -11.76 61.49 -20.57
C GLU N 97 -13.21 61.30 -20.14
N VAL N 98 -14.14 61.55 -21.07
CA VAL N 98 -15.55 61.39 -20.83
C VAL N 98 -16.34 60.58 -21.83
N HIS N 99 -17.18 59.64 -21.44
CA HIS N 99 -18.04 58.91 -22.31
C HIS N 99 -19.47 58.99 -21.80
N LEU N 100 -20.48 59.18 -22.62
CA LEU N 100 -21.83 59.36 -22.16
C LEU N 100 -22.45 58.07 -21.70
N SER N 101 -22.32 57.03 -22.53
CA SER N 101 -22.99 55.83 -22.10
C SER N 101 -22.12 55.02 -21.15
N ASN N 102 -22.77 54.07 -20.52
CA ASN N 102 -22.06 53.14 -19.68
C ASN N 102 -21.40 52.06 -20.54
N LEU N 103 -20.16 52.26 -20.83
CA LEU N 103 -19.34 51.39 -21.69
C LEU N 103 -19.24 49.99 -21.18
N TYR N 104 -19.07 49.84 -19.87
CA TYR N 104 -18.96 48.59 -19.14
C TYR N 104 -20.13 47.71 -19.34
N ALA N 105 -21.32 48.26 -19.67
CA ALA N 105 -22.49 47.46 -19.98
C ALA N 105 -22.54 47.14 -21.47
N ARG N 106 -21.58 47.59 -22.28
CA ARG N 106 -21.66 47.37 -23.71
C ARG N 106 -20.62 46.38 -24.22
N GLU N 107 -20.31 46.35 -25.47
CA GLU N 107 -19.35 45.33 -25.96
C GLU N 107 -18.06 45.34 -25.15
N GLU N 108 -17.41 44.20 -25.06
CA GLU N 108 -16.19 44.00 -24.35
C GLU N 108 -15.05 44.89 -24.83
N PHE N 109 -15.01 45.21 -26.11
CA PHE N 109 -13.85 45.98 -26.58
C PHE N 109 -13.97 47.40 -25.99
N ARG N 110 -15.10 47.84 -25.60
CA ARG N 110 -15.20 49.19 -25.02
C ARG N 110 -14.85 49.23 -23.53
N HIS N 111 -14.44 48.11 -22.92
CA HIS N 111 -14.20 48.18 -21.48
C HIS N 111 -12.78 48.61 -21.17
N GLN N 112 -11.98 49.03 -22.12
CA GLN N 112 -10.67 49.55 -21.79
C GLN N 112 -10.33 50.82 -22.56
N SER N 113 -9.72 51.78 -21.88
CA SER N 113 -9.22 52.94 -22.56
C SER N 113 -7.69 52.89 -22.59
N VAL N 114 -7.07 52.98 -23.77
CA VAL N 114 -5.63 53.18 -23.80
C VAL N 114 -5.30 54.62 -23.45
N ILE N 115 -6.20 55.59 -23.33
CA ILE N 115 -5.85 56.97 -23.00
C ILE N 115 -5.91 57.27 -21.54
N ALA N 116 -6.79 56.61 -20.81
CA ALA N 116 -7.04 56.92 -19.43
C ALA N 116 -5.84 56.83 -18.50
N PRO N 117 -4.90 55.92 -18.75
CA PRO N 117 -3.73 55.86 -17.94
C PRO N 117 -2.92 57.12 -17.77
N VAL N 118 -2.83 57.90 -18.83
CA VAL N 118 -1.98 59.09 -18.81
C VAL N 118 -2.83 60.33 -18.63
N ALA N 119 -4.15 60.21 -18.52
CA ALA N 119 -4.97 61.43 -18.26
C ALA N 119 -5.18 61.61 -16.78
N LYS N 120 -5.81 62.62 -16.28
CA LYS N 120 -6.11 62.84 -14.91
C LYS N 120 -7.09 61.75 -14.52
N GLY N 121 -8.13 61.54 -15.33
CA GLY N 121 -9.11 60.54 -14.91
C GLY N 121 -10.20 60.43 -15.93
N GLN N 122 -11.23 59.65 -15.57
CA GLN N 122 -12.24 59.40 -16.58
C GLN N 122 -13.62 59.36 -15.96
N ILE N 123 -14.59 59.83 -16.78
CA ILE N 123 -16.00 59.74 -16.29
C ILE N 123 -16.82 58.96 -17.30
N VAL N 124 -17.48 57.88 -16.87
CA VAL N 124 -18.23 57.09 -17.82
C VAL N 124 -19.64 56.70 -17.37
N GLY N 125 -20.62 56.81 -18.28
CA GLY N 125 -21.95 56.41 -17.85
C GLY N 125 -22.88 57.48 -17.28
N LEU N 126 -22.43 58.68 -17.14
CA LEU N 126 -23.19 59.73 -16.54
C LEU N 126 -23.82 60.68 -17.55
N GLY N 127 -23.90 60.29 -18.79
CA GLY N 127 -24.63 61.02 -19.78
C GLY N 127 -23.88 62.29 -20.12
N ALA N 128 -24.57 63.26 -20.71
CA ALA N 128 -24.04 64.58 -21.08
C ALA N 128 -23.61 65.38 -19.85
N GLU N 129 -24.14 65.02 -18.72
CA GLU N 129 -23.75 65.63 -17.46
C GLU N 129 -22.24 65.42 -17.23
N GLY N 130 -21.66 64.33 -17.75
CA GLY N 130 -20.29 64.10 -17.59
C GLY N 130 -19.42 65.20 -18.03
N TYR N 131 -19.72 65.91 -19.11
CA TYR N 131 -18.91 67.01 -19.59
C TYR N 131 -18.94 68.14 -18.53
N LYS N 132 -20.06 68.37 -17.89
CA LYS N 132 -20.19 69.44 -16.86
C LYS N 132 -19.37 69.06 -15.63
N LEU N 133 -19.51 67.82 -15.18
CA LEU N 133 -18.75 67.30 -14.03
C LEU N 133 -17.23 67.40 -14.33
N ALA N 134 -16.77 67.06 -15.54
CA ALA N 134 -15.35 67.18 -15.87
C ALA N 134 -14.93 68.66 -15.84
N VAL N 135 -15.77 69.54 -16.39
CA VAL N 135 -15.46 70.98 -16.37
C VAL N 135 -15.31 71.42 -14.91
N ARG N 136 -16.18 71.05 -14.04
CA ARG N 136 -16.10 71.35 -12.63
C ARG N 136 -14.84 70.82 -12.01
N TYR N 137 -14.38 69.61 -12.37
CA TYR N 137 -13.18 69.06 -11.79
C TYR N 137 -12.04 69.92 -12.27
N LEU N 138 -12.07 70.25 -13.56
CA LEU N 138 -10.91 71.01 -14.05
C LEU N 138 -10.75 72.36 -13.31
N LEU N 139 -11.85 72.95 -12.98
CA LEU N 139 -11.90 74.24 -12.30
C LEU N 139 -11.44 74.03 -10.87
N SER N 140 -11.76 72.88 -10.23
CA SER N 140 -11.27 72.63 -8.88
C SER N 140 -9.74 72.49 -8.96
N GLN N 141 -9.13 72.16 -10.10
CA GLN N 141 -7.69 72.12 -10.22
C GLN N 141 -7.17 73.57 -10.17
N GLN N 142 -6.89 70.25 -9.54
N PRO O 1 -31.76 52.94 -58.40
CA PRO O 1 -31.08 53.31 -57.14
C PRO O 1 -29.59 53.59 -57.34
N HIS O 2 -29.02 54.32 -56.37
CA HIS O 2 -27.60 54.66 -56.40
C HIS O 2 -26.83 54.27 -55.13
N PHE O 3 -25.75 53.55 -55.33
CA PHE O 3 -24.89 53.01 -54.34
C PHE O 3 -23.49 53.60 -54.37
N LEU O 4 -22.91 53.60 -53.18
CA LEU O 4 -21.53 54.09 -52.99
C LEU O 4 -20.58 52.91 -52.79
N ILE O 5 -19.52 52.84 -53.57
CA ILE O 5 -18.48 51.86 -53.49
C ILE O 5 -17.35 52.56 -52.75
N LEU O 6 -17.11 52.21 -51.49
CA LEU O 6 -16.14 52.97 -50.70
C LEU O 6 -14.93 52.13 -50.40
N ASN O 7 -13.76 52.60 -50.78
CA ASN O 7 -12.53 51.85 -50.70
C ASN O 7 -11.50 52.52 -49.79
N GLY O 8 -10.98 51.66 -48.84
CA GLY O 8 -10.03 52.19 -47.88
C GLY O 8 -8.57 52.15 -48.33
N PRO O 9 -7.70 52.35 -47.35
CA PRO O 9 -6.29 52.45 -47.57
C PRO O 9 -5.72 51.29 -48.35
N ASN O 10 -4.79 51.56 -49.27
CA ASN O 10 -4.06 50.66 -50.06
C ASN O 10 -4.85 49.89 -51.09
N VAL O 11 -6.14 50.02 -51.20
CA VAL O 11 -6.97 49.35 -52.19
C VAL O 11 -6.63 49.96 -53.57
N ASN O 12 -6.17 51.19 -53.63
CA ASN O 12 -5.67 51.90 -54.78
C ASN O 12 -4.40 51.24 -55.33
N ARG O 13 -3.72 50.43 -54.51
CA ARG O 13 -2.51 49.79 -55.00
C ARG O 13 -2.75 48.42 -55.64
N LEU O 14 -3.98 47.95 -55.76
CA LEU O 14 -4.22 46.67 -56.41
C LEU O 14 -3.43 46.67 -57.73
N GLY O 15 -2.60 45.68 -57.99
CA GLY O 15 -1.89 45.69 -59.28
C GLY O 15 -0.39 45.83 -59.08
N SER O 16 0.07 46.54 -58.03
CA SER O 16 1.51 46.62 -57.80
C SER O 16 2.12 45.29 -57.34
N ARG O 17 1.38 44.19 -57.10
CA ARG O 17 1.93 42.90 -56.74
C ARG O 17 0.95 41.74 -56.57
N GLU O 18 1.49 40.52 -56.56
CA GLU O 18 0.86 39.23 -56.38
C GLU O 18 -0.52 38.97 -56.95
N PRO O 19 -0.61 38.73 -58.27
CA PRO O 19 -1.82 38.47 -59.02
C PRO O 19 -2.65 37.22 -58.76
N GLU O 20 -2.14 36.27 -58.00
CA GLU O 20 -2.80 35.03 -57.64
C GLU O 20 -3.72 35.27 -56.44
N VAL O 21 -3.19 36.08 -55.52
CA VAL O 21 -3.90 36.46 -54.29
C VAL O 21 -4.82 37.64 -54.50
N PHE O 22 -4.38 38.65 -55.26
CA PHE O 22 -5.16 39.85 -55.55
C PHE O 22 -5.61 40.06 -57.00
N GLY O 23 -5.52 39.08 -57.89
CA GLY O 23 -5.96 39.28 -59.26
C GLY O 23 -5.06 40.19 -60.09
N ARG O 24 -5.25 40.24 -61.40
CA ARG O 24 -4.45 40.99 -62.34
C ARG O 24 -4.76 42.50 -62.40
N GLN O 25 -5.99 42.84 -62.07
CA GLN O 25 -6.52 44.16 -62.14
C GLN O 25 -5.96 45.23 -61.23
N THR O 26 -6.27 46.43 -61.74
CA THR O 26 -5.94 47.62 -60.96
C THR O 26 -7.31 48.07 -60.42
N LEU O 27 -7.37 48.99 -59.50
CA LEU O 27 -8.63 49.54 -59.02
C LEU O 27 -9.39 50.22 -60.17
N THR O 28 -8.70 50.93 -61.04
CA THR O 28 -9.33 51.54 -62.23
C THR O 28 -9.97 50.51 -63.18
N ASP O 29 -9.31 49.40 -63.42
CA ASP O 29 -9.85 48.30 -64.20
C ASP O 29 -11.18 47.84 -63.58
N ILE O 30 -11.19 47.54 -62.28
CA ILE O 30 -12.41 47.16 -61.58
C ILE O 30 -13.49 48.23 -61.65
N GLU O 31 -13.11 49.50 -61.52
CA GLU O 31 -14.12 50.57 -61.59
C GLU O 31 -14.79 50.52 -62.97
N THR O 32 -13.99 50.37 -64.02
CA THR O 32 -14.50 50.31 -65.40
C THR O 32 -15.48 49.15 -65.59
N ASP O 33 -15.10 47.95 -65.11
CA ASP O 33 -16.03 46.82 -65.17
C ASP O 33 -17.30 47.07 -64.36
N LEU O 34 -17.21 47.66 -63.19
CA LEU O 34 -18.41 47.87 -62.36
C LEU O 34 -19.32 48.86 -63.09
N PHE O 35 -18.71 49.73 -63.89
CA PHE O 35 -19.41 50.73 -64.68
C PHE O 35 -20.18 50.08 -65.83
N GLN O 36 -19.53 49.19 -66.57
CA GLN O 36 -20.22 48.42 -67.61
C GLN O 36 -21.46 47.76 -67.01
N PHE O 37 -21.20 47.03 -65.93
CA PHE O 37 -22.09 46.34 -65.06
C PHE O 37 -23.25 47.16 -64.49
N ALA O 38 -22.97 48.38 -64.10
CA ALA O 38 -23.98 49.27 -63.52
C ALA O 38 -25.01 49.65 -64.56
N GLU O 39 -24.46 49.95 -65.74
CA GLU O 39 -25.17 50.28 -66.96
C GLU O 39 -26.10 49.17 -67.42
N ALA O 40 -25.70 47.92 -67.40
CA ALA O 40 -26.56 46.81 -67.78
C ALA O 40 -27.65 46.55 -66.75
N LEU O 41 -27.46 46.97 -65.50
CA LEU O 41 -28.46 46.71 -64.46
C LEU O 41 -29.24 47.98 -64.14
N HIS O 42 -29.14 48.94 -65.05
CA HIS O 42 -29.83 50.22 -64.93
C HIS O 42 -29.88 50.82 -63.53
N ILE O 43 -28.71 51.08 -62.96
CA ILE O 43 -28.40 51.53 -61.63
C ILE O 43 -27.16 52.44 -61.65
N GLN O 44 -27.02 53.29 -60.62
CA GLN O 44 -25.91 54.19 -60.48
C GLN O 44 -25.00 53.77 -59.32
N LEU O 45 -23.71 54.04 -59.54
CA LEU O 45 -22.63 53.83 -58.67
C LEU O 45 -21.71 55.05 -58.57
N THR O 46 -21.24 55.35 -57.37
CA THR O 46 -20.21 56.36 -57.23
C THR O 46 -19.05 55.72 -56.50
N PHE O 47 -17.85 55.96 -56.94
CA PHE O 47 -16.63 55.42 -56.35
C PHE O 47 -15.86 56.46 -55.55
N PHE O 48 -15.38 56.04 -54.37
CA PHE O 48 -14.54 56.90 -53.58
C PHE O 48 -13.49 56.05 -52.86
N GLN O 49 -12.24 56.47 -52.84
CA GLN O 49 -11.17 55.78 -52.19
C GLN O 49 -10.30 56.78 -51.44
N SER O 50 -9.89 56.44 -50.22
CA SER O 50 -9.02 57.26 -49.45
C SER O 50 -8.17 56.42 -48.50
N ASN O 51 -7.02 56.90 -48.13
CA ASN O 51 -6.09 56.25 -47.30
C ASN O 51 -6.29 56.69 -45.86
N HIS O 52 -7.16 57.65 -45.62
CA HIS O 52 -7.49 58.23 -44.39
C HIS O 52 -8.74 57.65 -43.70
N GLU O 53 -8.59 57.09 -42.48
CA GLU O 53 -9.75 56.58 -41.78
C GLU O 53 -10.88 57.62 -41.68
N GLY O 54 -10.54 58.83 -41.36
CA GLY O 54 -11.49 59.95 -41.23
C GLY O 54 -12.34 60.22 -42.44
N ASP O 55 -11.67 60.18 -43.62
CA ASP O 55 -12.43 60.37 -44.85
C ASP O 55 -13.50 59.30 -45.01
N LEU O 56 -13.19 58.02 -44.64
CA LEU O 56 -14.19 57.00 -44.86
C LEU O 56 -15.39 57.23 -43.95
N ILE O 57 -15.12 57.58 -42.69
CA ILE O 57 -16.11 57.93 -41.70
C ILE O 57 -16.95 59.09 -42.20
N ASP O 58 -16.33 60.18 -42.63
CA ASP O 58 -17.03 61.34 -43.22
C ASP O 58 -18.00 60.90 -44.33
N ALA O 59 -17.59 60.13 -45.30
CA ALA O 59 -18.33 59.56 -46.39
C ALA O 59 -19.49 58.72 -45.90
N ILE O 60 -19.30 57.98 -44.82
CA ILE O 60 -20.36 57.06 -44.35
C ILE O 60 -21.41 57.99 -43.81
N HIS O 61 -21.09 58.88 -42.93
CA HIS O 61 -22.05 59.86 -42.39
C HIS O 61 -22.86 60.61 -43.46
N GLU O 62 -22.25 61.12 -44.50
CA GLU O 62 -22.82 61.86 -45.56
C GLU O 62 -23.55 60.98 -46.56
N ALA O 63 -23.28 59.66 -46.58
CA ALA O 63 -23.94 58.81 -47.54
C ALA O 63 -25.46 58.75 -47.36
N GLU O 64 -25.91 58.82 -46.14
CA GLU O 64 -27.29 58.71 -45.66
C GLU O 64 -28.29 59.56 -46.40
N GLU O 65 -27.89 60.71 -46.90
CA GLU O 65 -28.73 61.61 -47.65
C GLU O 65 -28.51 61.52 -49.15
N GLN O 66 -27.80 60.52 -49.63
CA GLN O 66 -27.55 60.51 -51.07
C GLN O 66 -27.58 59.14 -51.70
N TYR O 67 -27.27 58.10 -50.93
CA TYR O 67 -27.23 56.77 -51.50
C TYR O 67 -28.23 55.82 -50.88
N SER O 68 -28.40 54.64 -51.44
CA SER O 68 -29.32 53.71 -50.75
C SER O 68 -28.54 52.53 -50.24
N GLY O 69 -27.23 52.54 -50.30
CA GLY O 69 -26.45 51.40 -49.83
C GLY O 69 -24.97 51.64 -50.07
N ILE O 70 -24.14 50.98 -49.28
CA ILE O 70 -22.70 51.08 -49.34
C ILE O 70 -21.97 49.74 -49.53
N VAL O 71 -21.00 49.67 -50.45
CA VAL O 71 -20.18 48.49 -50.63
C VAL O 71 -18.83 48.98 -50.08
N LEU O 72 -18.45 48.49 -48.90
CA LEU O 72 -17.22 48.94 -48.27
C LEU O 72 -16.11 47.92 -48.28
N ASN O 73 -14.94 48.29 -48.82
CA ASN O 73 -13.71 47.59 -48.77
C ASN O 73 -12.74 48.48 -48.01
N PRO O 74 -12.61 48.28 -46.71
CA PRO O 74 -11.85 49.17 -45.86
C PRO O 74 -10.38 48.83 -45.84
N GLY O 75 -9.93 47.83 -46.58
CA GLY O 75 -8.52 47.52 -46.45
C GLY O 75 -8.34 46.97 -45.02
N ALA O 76 -7.12 47.05 -44.53
CA ALA O 76 -6.70 46.61 -43.24
C ALA O 76 -7.42 47.30 -42.10
N LEU O 77 -8.01 48.46 -42.28
CA LEU O 77 -8.82 49.08 -41.25
C LEU O 77 -9.87 48.09 -40.72
N SER O 78 -10.36 47.13 -41.54
CA SER O 78 -11.30 46.12 -41.09
C SER O 78 -10.92 45.52 -39.73
N HIS O 79 -9.62 45.25 -39.56
CA HIS O 79 -9.13 44.57 -38.39
C HIS O 79 -8.95 45.45 -37.16
N TYR O 80 -9.13 46.77 -37.24
CA TYR O 80 -8.93 47.47 -35.96
C TYR O 80 -9.72 48.74 -35.83
N SER O 81 -10.28 49.26 -36.97
CA SER O 81 -11.01 50.50 -36.82
C SER O 81 -12.36 50.44 -36.14
N TYR O 82 -12.55 50.52 -34.87
CA TYR O 82 -13.76 50.55 -34.14
C TYR O 82 -14.51 51.91 -34.45
N ALA O 83 -13.83 52.89 -34.95
CA ALA O 83 -14.44 54.16 -35.32
C ALA O 83 -15.23 54.01 -36.61
N ILE O 84 -14.81 53.29 -37.60
CA ILE O 84 -15.58 53.01 -38.80
C ILE O 84 -16.71 52.08 -38.40
N ARG O 85 -16.44 51.20 -37.42
CA ARG O 85 -17.57 50.32 -37.00
C ARG O 85 -18.68 51.20 -36.47
N ASP O 86 -18.41 52.13 -35.59
CA ASP O 86 -19.46 52.99 -35.00
C ASP O 86 -20.07 53.90 -36.06
N ALA O 87 -19.33 54.23 -37.11
CA ALA O 87 -19.88 55.02 -38.20
C ALA O 87 -20.99 54.29 -38.93
N VAL O 88 -20.84 53.03 -39.28
CA VAL O 88 -21.75 52.15 -39.93
C VAL O 88 -22.97 51.98 -39.06
N SER O 89 -22.83 51.84 -37.75
CA SER O 89 -23.89 51.68 -36.84
C SER O 89 -24.77 52.90 -36.74
N SER O 90 -24.18 54.07 -36.96
CA SER O 90 -24.96 55.29 -36.79
C SER O 90 -25.76 55.67 -38.03
N ILE O 91 -25.77 54.94 -39.12
CA ILE O 91 -26.53 55.31 -40.32
C ILE O 91 -27.57 54.23 -40.53
N SER O 92 -28.50 54.52 -41.40
CA SER O 92 -29.59 53.57 -41.61
C SER O 92 -29.38 52.75 -42.86
N LEU O 93 -28.54 53.12 -43.81
CA LEU O 93 -28.30 52.33 -45.00
C LEU O 93 -27.68 50.97 -44.73
N PRO O 94 -27.97 49.98 -45.58
CA PRO O 94 -27.38 48.66 -45.53
C PRO O 94 -25.95 48.74 -46.05
N VAL O 95 -25.02 48.16 -45.27
CA VAL O 95 -23.61 48.14 -45.65
C VAL O 95 -23.12 46.74 -45.88
N VAL O 96 -22.33 46.45 -46.86
CA VAL O 96 -21.80 45.14 -47.15
C VAL O 96 -20.28 45.29 -47.18
N GLU O 97 -19.50 44.63 -46.36
CA GLU O 97 -18.10 44.60 -46.29
C GLU O 97 -17.53 43.59 -47.26
N VAL O 98 -16.64 44.01 -48.16
CA VAL O 98 -16.07 43.14 -49.17
C VAL O 98 -14.55 43.08 -49.17
N HIS O 99 -13.89 41.94 -49.28
CA HIS O 99 -12.46 41.83 -49.41
C HIS O 99 -12.24 40.89 -50.59
N LEU O 100 -11.28 41.18 -51.44
CA LEU O 100 -10.96 40.39 -52.58
C LEU O 100 -10.24 39.08 -52.29
N SER O 101 -9.09 39.12 -51.60
CA SER O 101 -8.41 37.90 -51.32
C SER O 101 -9.03 37.16 -50.13
N ASN O 102 -8.67 35.93 -49.99
CA ASN O 102 -9.19 35.09 -48.89
C ASN O 102 -8.32 35.32 -47.66
N LEU O 103 -8.74 36.26 -46.85
CA LEU O 103 -8.11 36.74 -45.63
C LEU O 103 -7.84 35.60 -44.71
N TYR O 104 -8.73 34.62 -44.59
CA TYR O 104 -8.62 33.46 -43.73
C TYR O 104 -7.44 32.59 -44.02
N ALA O 105 -6.84 32.70 -45.22
CA ALA O 105 -5.68 31.95 -45.64
C ALA O 105 -4.45 32.83 -45.43
N ARG O 106 -4.63 34.08 -44.97
CA ARG O 106 -3.44 34.91 -44.78
C ARG O 106 -3.11 35.11 -43.31
N GLU O 107 -2.39 36.18 -42.99
CA GLU O 107 -2.05 36.40 -41.58
C GLU O 107 -3.25 36.38 -40.65
N GLU O 108 -3.04 35.89 -39.48
CA GLU O 108 -4.00 35.75 -38.42
C GLU O 108 -4.67 37.04 -38.05
N PHE O 109 -3.96 38.16 -38.01
CA PHE O 109 -4.65 39.43 -37.62
C PHE O 109 -5.74 39.77 -38.67
N ARG O 110 -5.73 39.24 -39.89
CA ARG O 110 -6.74 39.53 -40.88
C ARG O 110 -7.96 38.67 -40.73
N HIS O 111 -7.98 37.72 -39.80
CA HIS O 111 -9.11 36.85 -39.68
C HIS O 111 -10.27 37.41 -38.90
N GLN O 112 -10.28 38.62 -38.43
CA GLN O 112 -11.39 39.18 -37.69
C GLN O 112 -11.64 40.59 -38.20
N SER O 113 -12.88 40.96 -38.36
CA SER O 113 -13.39 42.21 -38.74
C SER O 113 -14.15 42.80 -37.57
N VAL O 114 -13.87 44.05 -37.27
CA VAL O 114 -14.53 44.76 -36.23
C VAL O 114 -15.72 45.53 -36.80
N ILE O 115 -15.82 45.54 -38.14
CA ILE O 115 -16.91 46.21 -38.77
C ILE O 115 -18.10 45.31 -39.03
N ALA O 116 -17.79 44.05 -39.28
CA ALA O 116 -18.78 43.07 -39.73
C ALA O 116 -19.93 42.80 -38.83
N PRO O 117 -19.79 42.86 -37.52
CA PRO O 117 -20.90 42.66 -36.62
C PRO O 117 -22.04 43.62 -36.78
N VAL O 118 -21.80 44.81 -37.26
CA VAL O 118 -22.86 45.82 -37.42
C VAL O 118 -23.21 46.03 -38.89
N ALA O 119 -22.54 45.38 -39.80
CA ALA O 119 -22.92 45.48 -41.18
C ALA O 119 -24.03 44.48 -41.48
N LYS O 120 -24.48 44.46 -42.72
CA LYS O 120 -25.47 43.45 -43.12
C LYS O 120 -24.75 42.10 -43.23
N GLY O 121 -23.54 42.17 -43.84
CA GLY O 121 -22.83 40.89 -44.00
C GLY O 121 -21.47 41.20 -44.61
N GLN O 122 -20.81 40.13 -45.04
CA GLN O 122 -19.46 40.29 -45.57
C GLN O 122 -19.18 39.22 -46.59
N ILE O 123 -18.39 39.54 -47.64
CA ILE O 123 -17.96 38.62 -48.70
C ILE O 123 -16.45 38.65 -48.75
N VAL O 124 -15.78 37.51 -48.61
CA VAL O 124 -14.34 37.53 -48.57
C VAL O 124 -13.81 36.48 -49.54
N GLY O 125 -12.74 36.72 -50.24
CA GLY O 125 -12.06 35.69 -51.05
C GLY O 125 -12.55 35.49 -52.49
N LEU O 126 -13.63 36.16 -52.96
CA LEU O 126 -14.23 35.93 -54.22
C LEU O 126 -13.72 36.92 -55.26
N GLY O 127 -12.56 37.51 -55.06
CA GLY O 127 -12.00 38.50 -55.96
C GLY O 127 -12.87 39.72 -56.16
N ALA O 128 -12.58 40.43 -57.27
CA ALA O 128 -13.28 41.62 -57.68
C ALA O 128 -14.74 41.34 -57.97
N GLU O 129 -15.11 40.13 -58.38
CA GLU O 129 -16.53 39.74 -58.47
C GLU O 129 -17.32 40.08 -57.19
N GLY O 130 -16.69 40.00 -56.01
CA GLY O 130 -17.29 40.31 -54.71
C GLY O 130 -17.95 41.67 -54.66
N TYR O 131 -17.45 42.70 -55.35
CA TYR O 131 -18.15 43.97 -55.47
C TYR O 131 -19.51 43.85 -56.16
N LYS O 132 -19.59 43.06 -57.20
CA LYS O 132 -20.72 42.82 -58.03
C LYS O 132 -21.73 42.07 -57.22
N LEU O 133 -21.21 41.04 -56.49
CA LEU O 133 -22.13 40.25 -55.67
C LEU O 133 -22.75 41.10 -54.61
N ALA O 134 -21.99 42.00 -53.99
CA ALA O 134 -22.50 42.90 -52.95
C ALA O 134 -23.51 43.93 -53.50
N VAL O 135 -23.22 44.39 -54.74
CA VAL O 135 -24.22 45.23 -55.39
C VAL O 135 -25.50 44.44 -55.66
N ARG O 136 -25.41 43.15 -56.05
CA ARG O 136 -26.64 42.39 -56.28
C ARG O 136 -27.45 42.19 -55.04
N TYR O 137 -26.80 41.88 -53.91
CA TYR O 137 -27.50 41.77 -52.62
C TYR O 137 -28.19 43.09 -52.28
N LEU O 138 -27.52 44.19 -52.48
CA LEU O 138 -28.14 45.51 -52.17
C LEU O 138 -29.37 45.79 -53.02
N LEU O 139 -29.34 45.49 -54.30
CA LEU O 139 -30.51 45.63 -55.18
C LEU O 139 -31.61 44.70 -54.69
N SER O 140 -31.25 43.44 -54.36
CA SER O 140 -32.29 42.65 -53.69
C SER O 140 -32.73 43.24 -52.36
N GLN O 141 -32.23 44.24 -51.64
CA GLN O 141 -32.73 44.59 -50.32
C GLN O 141 -33.43 45.96 -50.30
N GLN O 142 -37.29 42.07 -48.51
N PRO P 1 39.01 52.66 -26.54
CA PRO P 1 37.94 51.66 -26.88
C PRO P 1 38.31 50.26 -27.31
N HIS P 2 37.84 49.31 -26.46
CA HIS P 2 38.01 47.90 -26.86
C HIS P 2 36.65 47.22 -26.73
N PHE P 3 36.06 46.77 -27.80
CA PHE P 3 34.71 46.22 -27.68
C PHE P 3 34.72 44.67 -27.85
N LEU P 4 33.81 44.02 -27.13
CA LEU P 4 33.66 42.56 -27.25
C LEU P 4 32.49 42.23 -28.21
N ILE P 5 32.71 41.42 -29.17
CA ILE P 5 31.71 40.98 -30.12
C ILE P 5 31.27 39.59 -29.63
N LEU P 6 30.09 39.48 -29.01
CA LEU P 6 29.80 38.15 -28.37
C LEU P 6 28.74 37.40 -29.16
N ASN P 7 29.03 36.21 -29.63
CA ASN P 7 28.13 35.43 -30.42
C ASN P 7 27.69 34.13 -29.76
N GLY P 8 26.39 33.90 -29.72
CA GLY P 8 25.76 32.76 -29.08
C GLY P 8 25.54 31.57 -29.95
N PRO P 9 24.78 30.57 -29.49
CA PRO P 9 24.63 29.31 -30.17
C PRO P 9 24.19 29.45 -31.58
N ASN P 10 24.69 28.64 -32.49
CA ASN P 10 24.46 28.47 -33.88
C ASN P 10 24.90 29.66 -34.72
N VAL P 11 25.40 30.78 -34.23
CA VAL P 11 25.85 31.90 -35.04
C VAL P 11 27.12 31.49 -35.80
N ASN P 12 27.89 30.54 -35.28
CA ASN P 12 29.02 29.97 -36.03
C ASN P 12 28.58 29.28 -37.30
N ARG P 13 27.32 28.86 -37.45
CA ARG P 13 26.86 28.16 -38.65
C ARG P 13 26.40 29.10 -39.75
N LEU P 14 26.44 30.41 -39.60
CA LEU P 14 26.09 31.34 -40.67
C LEU P 14 26.75 30.87 -41.96
N GLY P 15 26.01 30.64 -43.03
CA GLY P 15 26.62 30.18 -44.27
C GLY P 15 25.71 29.10 -44.83
N SER P 16 26.03 27.82 -44.63
CA SER P 16 25.34 26.65 -45.09
C SER P 16 23.88 26.79 -45.46
N ARG P 17 23.08 27.67 -44.85
CA ARG P 17 21.70 27.76 -45.31
C ARG P 17 21.24 29.20 -45.47
N GLU P 18 20.14 29.35 -46.20
CA GLU P 18 19.38 30.53 -46.50
C GLU P 18 20.06 31.88 -46.50
N PRO P 19 20.82 32.19 -47.55
CA PRO P 19 21.48 33.48 -47.68
C PRO P 19 20.48 34.62 -47.77
N GLU P 20 19.27 34.37 -48.26
CA GLU P 20 18.17 35.30 -48.35
C GLU P 20 17.63 35.71 -46.96
N VAL P 21 17.69 34.82 -45.99
CA VAL P 21 17.24 35.16 -44.64
C VAL P 21 18.43 35.71 -43.84
N PHE P 22 19.54 34.98 -43.86
CA PHE P 22 20.75 35.17 -43.12
C PHE P 22 21.94 35.90 -43.72
N GLY P 23 22.08 35.99 -45.03
CA GLY P 23 23.28 36.59 -45.63
C GLY P 23 24.13 35.46 -46.25
N ARG P 24 25.01 35.80 -47.18
CA ARG P 24 25.77 34.80 -47.90
C ARG P 24 27.14 34.42 -47.35
N GLN P 25 27.63 35.25 -46.45
CA GLN P 25 28.91 35.19 -45.78
C GLN P 25 29.12 33.99 -44.88
N THR P 26 30.04 34.06 -43.93
CA THR P 26 30.34 33.08 -42.89
C THR P 26 30.63 33.89 -41.64
N LEU P 27 30.66 33.32 -40.43
CA LEU P 27 31.07 34.18 -39.30
C LEU P 27 32.48 34.67 -39.53
N THR P 28 33.38 33.82 -40.03
CA THR P 28 34.76 34.32 -40.21
C THR P 28 34.83 35.44 -41.23
N ASP P 29 34.02 35.30 -42.29
CA ASP P 29 34.03 36.44 -43.22
C ASP P 29 33.66 37.70 -42.45
N ILE P 30 32.58 37.72 -41.66
CA ILE P 30 32.19 38.94 -40.96
C ILE P 30 33.23 39.48 -39.99
N GLU P 31 33.90 38.57 -39.31
CA GLU P 31 34.93 38.95 -38.36
C GLU P 31 36.07 39.65 -39.11
N THR P 32 36.40 39.12 -40.31
CA THR P 32 37.47 39.82 -41.06
C THR P 32 37.04 41.19 -41.51
N ASP P 33 35.78 41.38 -41.92
CA ASP P 33 35.35 42.73 -42.32
C ASP P 33 35.39 43.64 -41.10
N LEU P 34 34.90 43.19 -39.94
CA LEU P 34 34.93 44.08 -38.79
C LEU P 34 36.33 44.46 -38.31
N PHE P 35 37.42 43.72 -38.30
CA PHE P 35 38.73 44.16 -37.83
C PHE P 35 39.36 45.28 -38.65
N GLN P 36 39.18 45.38 -39.97
CA GLN P 36 39.71 46.53 -40.68
C GLN P 36 39.25 47.90 -40.20
N PHE P 37 37.92 47.97 -40.00
CA PHE P 37 37.24 49.21 -39.70
C PHE P 37 37.71 49.84 -38.42
N ALA P 38 37.88 49.02 -37.42
CA ALA P 38 38.33 49.43 -36.11
C ALA P 38 39.78 49.91 -36.16
N GLU P 39 40.49 49.33 -37.13
CA GLU P 39 41.91 49.59 -37.26
C GLU P 39 42.14 51.03 -37.67
N ALA P 40 41.24 51.61 -38.48
CA ALA P 40 41.42 53.05 -38.73
C ALA P 40 41.05 53.89 -37.52
N LEU P 41 40.09 53.42 -36.70
CA LEU P 41 39.58 54.31 -35.66
C LEU P 41 40.19 54.22 -34.28
N HIS P 42 41.30 53.49 -34.25
CA HIS P 42 42.12 53.30 -33.07
C HIS P 42 41.33 52.60 -31.99
N ILE P 43 40.54 51.64 -32.48
CA ILE P 43 39.72 50.84 -31.60
C ILE P 43 39.94 49.36 -31.88
N GLN P 44 39.84 48.66 -30.75
CA GLN P 44 40.01 47.20 -30.88
C GLN P 44 38.71 46.44 -30.58
N LEU P 45 38.63 45.29 -31.22
CA LEU P 45 37.54 44.36 -31.01
C LEU P 45 38.11 42.99 -30.61
N THR P 46 37.44 42.27 -29.76
CA THR P 46 37.81 40.86 -29.55
C THR P 46 36.51 40.10 -29.87
N PHE P 47 36.57 38.97 -30.50
CA PHE P 47 35.50 38.10 -30.86
C PHE P 47 35.43 36.80 -30.06
N PHE P 48 34.22 36.47 -29.63
CA PHE P 48 34.07 35.20 -28.92
C PHE P 48 32.68 34.60 -29.24
N GLN P 49 32.69 33.33 -29.57
CA GLN P 49 31.47 32.60 -29.84
C GLN P 49 31.41 31.31 -29.03
N SER P 50 30.28 30.85 -28.57
CA SER P 50 30.05 29.62 -27.89
C SER P 50 28.57 29.23 -28.01
N ASN P 51 28.34 27.91 -28.00
CA ASN P 51 27.00 27.36 -28.01
C ASN P 51 26.49 27.21 -26.59
N HIS P 52 27.26 27.54 -25.57
CA HIS P 52 26.90 27.40 -24.17
C HIS P 52 26.37 28.67 -23.52
N GLU P 53 25.18 28.61 -22.91
CA GLU P 53 24.61 29.80 -22.28
C GLU P 53 25.61 30.33 -21.25
N GLY P 54 26.13 29.46 -20.41
CA GLY P 54 27.02 29.77 -19.33
C GLY P 54 28.29 30.50 -19.77
N ASP P 55 28.83 30.16 -20.95
CA ASP P 55 30.02 30.78 -21.46
C ASP P 55 29.72 32.27 -21.83
N LEU P 56 28.57 32.50 -22.41
CA LEU P 56 28.21 33.90 -22.63
C LEU P 56 28.04 34.66 -21.32
N ILE P 57 27.45 34.08 -20.30
CA ILE P 57 27.26 34.68 -19.01
C ILE P 57 28.62 34.99 -18.36
N ASP P 58 29.51 34.02 -18.32
CA ASP P 58 30.85 34.21 -17.80
C ASP P 58 31.60 35.33 -18.55
N ALA P 59 31.56 35.37 -19.85
CA ALA P 59 32.13 36.42 -20.68
C ALA P 59 31.52 37.79 -20.37
N ILE P 60 30.24 37.93 -20.08
CA ILE P 60 29.62 39.19 -19.75
C ILE P 60 30.11 39.63 -18.38
N HIS P 61 30.16 38.73 -17.39
CA HIS P 61 30.64 39.15 -16.11
C HIS P 61 32.09 39.64 -16.17
N GLU P 62 32.94 39.05 -16.92
CA GLU P 62 34.32 39.30 -17.07
C GLU P 62 34.64 40.51 -17.92
N ALA P 63 33.70 40.86 -18.79
CA ALA P 63 33.89 41.97 -19.71
C ALA P 63 34.10 43.30 -19.01
N GLU P 64 33.44 43.50 -17.88
CA GLU P 64 33.40 44.73 -17.11
C GLU P 64 34.77 45.30 -16.81
N GLU P 65 35.78 44.49 -16.65
CA GLU P 65 37.14 44.89 -16.34
C GLU P 65 38.03 44.96 -17.56
N GLN P 66 37.49 44.74 -18.75
CA GLN P 66 38.37 44.73 -19.92
C GLN P 66 37.86 45.48 -21.13
N TYR P 67 36.56 45.62 -21.28
CA TYR P 67 36.00 46.27 -22.47
C TYR P 67 35.18 47.48 -22.12
N SER P 68 34.89 48.32 -23.12
CA SER P 68 34.01 49.46 -22.81
C SER P 68 32.62 49.24 -23.40
N GLY P 69 32.35 48.11 -24.03
CA GLY P 69 31.02 47.86 -24.56
C GLY P 69 30.90 46.51 -25.23
N ILE P 70 29.70 45.94 -25.39
CA ILE P 70 29.54 44.62 -25.95
C ILE P 70 28.44 44.70 -27.00
N VAL P 71 28.67 44.08 -28.14
CA VAL P 71 27.74 43.80 -29.18
C VAL P 71 27.41 42.29 -29.03
N LEU P 72 26.15 42.03 -28.71
CA LEU P 72 25.67 40.70 -28.43
C LEU P 72 24.64 40.18 -29.42
N ASN P 73 24.97 39.03 -30.01
CA ASN P 73 24.10 38.30 -30.90
C ASN P 73 23.98 36.93 -30.23
N PRO P 74 22.97 36.76 -29.43
CA PRO P 74 22.78 35.61 -28.61
C PRO P 74 22.19 34.45 -29.34
N GLY P 75 21.86 34.59 -30.59
CA GLY P 75 21.12 33.45 -31.17
C GLY P 75 19.77 33.43 -30.49
N ALA P 76 19.13 32.29 -30.62
CA ALA P 76 17.83 31.94 -30.11
C ALA P 76 17.72 31.98 -28.61
N LEU P 77 18.85 32.11 -27.91
CA LEU P 77 18.81 32.37 -26.45
C LEU P 77 18.17 33.74 -26.23
N SER P 78 18.11 34.60 -27.21
CA SER P 78 17.39 35.90 -27.07
C SER P 78 15.96 35.70 -26.58
N HIS P 79 15.32 34.64 -27.01
CA HIS P 79 13.89 34.38 -26.70
C HIS P 79 13.57 33.71 -25.43
N TYR P 80 14.53 33.23 -24.60
CA TYR P 80 14.17 32.62 -23.36
C TYR P 80 15.24 32.71 -22.31
N SER P 81 16.47 33.15 -22.58
CA SER P 81 17.49 33.17 -21.55
C SER P 81 17.42 34.36 -20.60
N TYR P 82 16.57 34.19 -19.57
CA TYR P 82 16.48 35.18 -18.53
C TYR P 82 17.80 35.23 -17.76
N ALA P 83 18.61 34.14 -17.79
CA ALA P 83 19.92 34.20 -17.12
C ALA P 83 20.84 35.18 -17.84
N ILE P 84 20.89 35.27 -19.14
CA ILE P 84 21.70 36.20 -19.91
C ILE P 84 21.19 37.61 -19.68
N ARG P 85 19.92 37.81 -19.50
CA ARG P 85 19.30 39.08 -19.24
C ARG P 85 19.86 39.62 -17.93
N ASP P 86 19.85 38.80 -16.87
CA ASP P 86 20.25 39.24 -15.55
C ASP P 86 21.76 39.48 -15.52
N ALA P 87 22.53 38.86 -16.40
CA ALA P 87 23.93 39.04 -16.56
C ALA P 87 24.14 40.43 -17.18
N VAL P 88 23.44 40.85 -18.21
CA VAL P 88 23.55 42.16 -18.75
C VAL P 88 23.19 43.25 -17.71
N SER P 89 22.20 43.01 -16.91
CA SER P 89 21.78 43.94 -15.89
C SER P 89 22.80 44.07 -14.76
N SER P 90 23.69 43.10 -14.62
CA SER P 90 24.64 43.16 -13.52
C SER P 90 25.93 43.83 -13.86
N ILE P 91 26.09 44.34 -15.09
CA ILE P 91 27.31 44.99 -15.47
C ILE P 91 26.99 46.44 -15.85
N SER P 92 28.01 47.27 -15.88
CA SER P 92 27.80 48.69 -16.14
C SER P 92 28.05 49.08 -17.57
N LEU P 93 28.63 48.23 -18.39
CA LEU P 93 28.88 48.55 -19.77
C LEU P 93 27.57 48.53 -20.60
N PRO P 94 27.58 49.31 -21.67
CA PRO P 94 26.48 49.41 -22.60
C PRO P 94 26.53 48.19 -23.51
N VAL P 95 25.42 47.54 -23.75
CA VAL P 95 25.24 46.33 -24.52
C VAL P 95 24.15 46.58 -25.59
N VAL P 96 24.40 46.23 -26.84
CA VAL P 96 23.57 46.33 -27.98
C VAL P 96 23.27 44.89 -28.50
N GLU P 97 21.98 44.55 -28.59
CA GLU P 97 21.68 43.20 -29.09
C GLU P 97 21.51 43.30 -30.58
N VAL P 98 21.99 42.34 -31.38
CA VAL P 98 22.00 42.40 -32.83
C VAL P 98 21.60 41.08 -33.42
N HIS P 99 20.71 41.02 -34.38
CA HIS P 99 20.29 39.85 -35.08
C HIS P 99 20.37 40.20 -36.61
N LEU P 100 20.88 39.29 -37.41
CA LEU P 100 21.05 39.57 -38.82
C LEU P 100 19.77 39.47 -39.61
N SER P 101 19.02 38.42 -39.35
CA SER P 101 17.79 38.32 -40.14
C SER P 101 16.68 39.06 -39.46
N ASN P 102 15.62 39.27 -40.22
CA ASN P 102 14.44 40.01 -39.80
C ASN P 102 13.55 39.01 -39.08
N LEU P 103 13.81 38.94 -37.77
CA LEU P 103 13.09 38.02 -36.90
C LEU P 103 11.60 38.19 -36.97
N TYR P 104 11.14 39.46 -37.10
CA TYR P 104 9.73 39.76 -37.22
C TYR P 104 9.04 39.11 -38.36
N ALA P 105 9.72 38.66 -39.40
CA ALA P 105 9.17 38.01 -40.52
C ALA P 105 9.27 36.50 -40.39
N ARG P 106 9.80 36.01 -39.24
CA ARG P 106 10.00 34.57 -39.10
C ARG P 106 9.09 33.99 -38.03
N GLU P 107 9.34 32.84 -37.49
CA GLU P 107 8.42 32.32 -36.48
C GLU P 107 8.13 33.29 -35.33
N GLU P 108 6.93 33.17 -34.81
CA GLU P 108 6.41 33.99 -33.73
C GLU P 108 7.23 33.97 -32.46
N PHE P 109 7.84 32.88 -32.08
CA PHE P 109 8.65 32.80 -30.89
C PHE P 109 9.84 33.72 -31.03
N ARG P 110 10.27 34.18 -32.18
CA ARG P 110 11.41 35.00 -32.40
C ARG P 110 11.08 36.48 -32.25
N HIS P 111 9.82 36.74 -32.02
CA HIS P 111 9.39 38.15 -32.04
C HIS P 111 9.62 38.85 -30.72
N GLN P 112 10.12 38.24 -29.69
CA GLN P 112 10.37 38.87 -28.43
C GLN P 112 11.74 38.47 -27.89
N SER P 113 12.46 39.44 -27.40
CA SER P 113 13.70 39.34 -26.71
C SER P 113 13.52 39.55 -25.21
N VAL P 114 14.03 38.60 -24.46
CA VAL P 114 14.06 38.73 -23.03
C VAL P 114 15.31 39.45 -22.55
N ILE P 115 16.17 39.81 -23.45
CA ILE P 115 17.38 40.55 -23.06
C ILE P 115 17.25 42.01 -23.35
N ALA P 116 16.53 42.35 -24.41
CA ALA P 116 16.37 43.72 -24.88
C ALA P 116 15.86 44.77 -23.96
N PRO P 117 15.00 44.44 -23.00
CA PRO P 117 14.56 45.44 -22.04
C PRO P 117 15.67 46.07 -21.25
N VAL P 118 16.76 45.37 -20.97
CA VAL P 118 17.79 45.82 -20.07
C VAL P 118 18.99 46.17 -20.91
N ALA P 119 19.04 45.98 -22.21
CA ALA P 119 20.09 46.45 -23.03
C ALA P 119 19.90 47.92 -23.40
N LYS P 120 20.92 48.48 -24.08
CA LYS P 120 20.78 49.86 -24.56
C LYS P 120 19.75 49.86 -25.70
N GLY P 121 19.82 48.82 -26.51
CA GLY P 121 18.90 48.70 -27.65
C GLY P 121 19.20 47.49 -28.46
N GLN P 122 18.52 47.34 -29.60
CA GLN P 122 18.59 46.21 -30.46
C GLN P 122 18.46 46.68 -31.91
N ILE P 123 19.09 45.95 -32.80
CA ILE P 123 19.10 46.17 -34.21
C ILE P 123 18.75 44.82 -34.84
N VAL P 124 17.70 44.73 -35.63
CA VAL P 124 17.26 43.47 -36.15
C VAL P 124 16.97 43.57 -37.64
N GLY P 125 17.37 42.62 -38.48
CA GLY P 125 17.02 42.75 -39.88
C GLY P 125 18.05 43.37 -40.78
N LEU P 126 19.12 43.98 -40.29
CA LEU P 126 20.03 44.66 -41.23
C LEU P 126 21.27 43.94 -41.64
N GLY P 127 21.19 42.62 -41.54
CA GLY P 127 22.27 41.74 -41.90
C GLY P 127 23.52 41.93 -41.06
N ALA P 128 24.65 41.53 -41.64
CA ALA P 128 25.97 41.63 -41.05
C ALA P 128 26.41 43.06 -40.75
N GLU P 129 25.89 44.01 -41.45
CA GLU P 129 26.12 45.42 -41.25
C GLU P 129 25.67 45.82 -39.86
N GLY P 130 24.69 45.06 -39.30
CA GLY P 130 24.23 45.34 -37.98
C GLY P 130 25.31 45.40 -36.91
N TYR P 131 26.30 44.53 -36.98
CA TYR P 131 27.47 44.52 -36.14
C TYR P 131 28.23 45.86 -36.17
N LYS P 132 28.48 46.38 -37.33
CA LYS P 132 29.17 47.64 -37.54
C LYS P 132 28.33 48.79 -37.00
N LEU P 133 27.03 48.80 -37.36
CA LEU P 133 26.20 49.89 -36.86
C LEU P 133 26.21 49.91 -35.34
N ALA P 134 26.14 48.77 -34.69
CA ALA P 134 26.20 48.72 -33.23
C ALA P 134 27.52 49.25 -32.69
N VAL P 135 28.63 48.87 -33.37
CA VAL P 135 29.92 49.41 -32.97
C VAL P 135 29.93 50.91 -33.13
N ARG P 136 29.31 51.45 -34.20
CA ARG P 136 29.21 52.90 -34.30
C ARG P 136 28.44 53.54 -33.17
N TYR P 137 27.27 52.94 -32.82
CA TYR P 137 26.52 53.56 -31.70
C TYR P 137 27.36 53.56 -30.42
N LEU P 138 28.07 52.48 -30.11
CA LEU P 138 28.96 52.35 -28.97
C LEU P 138 29.94 53.52 -28.97
N LEU P 139 30.50 53.98 -30.06
CA LEU P 139 31.37 55.10 -30.33
C LEU P 139 30.69 56.41 -30.00
N SER P 140 29.59 56.70 -30.66
CA SER P 140 28.68 57.78 -30.52
C SER P 140 28.43 58.01 -29.04
N GLN P 141 28.37 56.97 -28.25
CA GLN P 141 28.16 57.08 -26.82
C GLN P 141 29.43 57.48 -26.10
N GLN P 142 27.39 62.24 -24.39
N PRO Q 1 26.03 2.07 -42.06
CA PRO Q 1 25.58 3.37 -41.52
C PRO Q 1 25.79 3.30 -40.00
N HIS Q 2 26.15 4.44 -39.54
CA HIS Q 2 26.46 4.75 -38.20
C HIS Q 2 25.55 5.92 -37.76
N PHE Q 3 24.78 5.74 -36.71
CA PHE Q 3 23.92 6.78 -36.19
C PHE Q 3 24.35 7.16 -34.77
N LEU Q 4 24.00 8.41 -34.44
CA LEU Q 4 24.26 9.00 -33.13
C LEU Q 4 22.99 8.87 -32.31
N ILE Q 5 23.09 8.35 -31.10
CA ILE Q 5 21.99 8.26 -30.14
C ILE Q 5 22.41 9.37 -29.13
N LEU Q 6 21.72 10.49 -29.12
CA LEU Q 6 22.06 11.65 -28.32
C LEU Q 6 21.01 11.84 -27.22
N ASN Q 7 21.43 11.82 -25.98
CA ASN Q 7 20.59 11.91 -24.83
C ASN Q 7 20.98 13.10 -23.98
N GLY Q 8 19.95 13.85 -23.57
CA GLY Q 8 20.02 15.06 -22.84
C GLY Q 8 19.95 14.87 -21.33
N PRO Q 9 19.67 16.01 -20.67
CA PRO Q 9 19.70 16.09 -19.24
C PRO Q 9 18.70 15.14 -18.58
N ASN Q 10 19.21 14.53 -17.51
CA ASN Q 10 18.47 13.64 -16.67
C ASN Q 10 18.19 12.29 -17.28
N VAL Q 11 18.44 12.05 -18.54
CA VAL Q 11 18.24 10.78 -19.20
C VAL Q 11 19.12 9.69 -18.58
N ASN Q 12 20.28 10.06 -18.06
CA ASN Q 12 21.20 9.20 -17.32
C ASN Q 12 20.60 8.75 -16.00
N ARG Q 13 19.57 9.32 -15.46
CA ARG Q 13 18.88 8.96 -14.24
C ARG Q 13 17.70 8.02 -14.41
N LEU Q 14 17.41 7.51 -15.61
CA LEU Q 14 16.36 6.50 -15.79
C LEU Q 14 16.51 5.39 -14.74
N GLY Q 15 15.48 5.23 -13.94
CA GLY Q 15 15.19 4.29 -12.88
C GLY Q 15 15.75 4.67 -11.53
N SER Q 16 16.15 5.91 -11.32
CA SER Q 16 16.74 6.45 -10.14
C SER Q 16 15.82 6.47 -8.95
N ARG Q 17 14.51 6.47 -9.17
CA ARG Q 17 13.64 6.61 -8.00
C ARG Q 17 13.13 5.23 -7.67
N GLU Q 18 13.39 4.26 -8.53
CA GLU Q 18 12.83 2.90 -8.30
C GLU Q 18 13.80 1.97 -7.64
N PRO Q 19 13.32 1.11 -6.72
CA PRO Q 19 14.20 0.20 -6.01
C PRO Q 19 14.80 -0.81 -6.93
N GLU Q 20 16.10 -0.83 -6.96
CA GLU Q 20 16.92 -1.69 -7.78
C GLU Q 20 16.65 -3.17 -7.59
N VAL Q 21 16.18 -3.57 -6.43
CA VAL Q 21 15.92 -4.96 -6.09
C VAL Q 21 14.68 -5.49 -6.77
N PHE Q 22 13.78 -4.56 -7.14
CA PHE Q 22 12.56 -4.97 -7.81
C PHE Q 22 12.67 -4.98 -9.33
N GLY Q 23 13.90 -4.81 -9.84
CA GLY Q 23 14.14 -4.81 -11.27
C GLY Q 23 13.69 -3.47 -11.90
N ARG Q 24 14.60 -2.65 -12.37
CA ARG Q 24 14.22 -1.40 -13.01
C ARG Q 24 15.13 -1.21 -14.21
N GLN Q 25 14.76 -0.52 -15.26
CA GLN Q 25 15.66 -0.38 -16.40
C GLN Q 25 16.49 0.88 -16.36
N THR Q 26 17.79 0.85 -16.67
CA THR Q 26 18.63 2.03 -16.61
C THR Q 26 19.06 2.43 -18.01
N LEU Q 27 19.78 3.53 -18.12
CA LEU Q 27 20.28 3.99 -19.39
C LEU Q 27 21.32 3.01 -19.94
N THR Q 28 22.12 2.44 -19.05
CA THR Q 28 23.13 1.44 -19.45
C THR Q 28 22.46 0.19 -20.00
N ASP Q 29 21.43 -0.29 -19.35
CA ASP Q 29 20.66 -1.41 -19.87
C ASP Q 29 20.14 -1.13 -21.28
N ILE Q 30 19.55 0.05 -21.51
CA ILE Q 30 19.07 0.40 -22.83
C ILE Q 30 20.17 0.45 -23.86
N GLU Q 31 21.34 0.95 -23.51
CA GLU Q 31 22.46 1.04 -24.44
C GLU Q 31 22.91 -0.37 -24.81
N THR Q 32 22.88 -1.24 -23.80
CA THR Q 32 23.30 -2.62 -24.09
C THR Q 32 22.40 -3.20 -25.14
N ASP Q 33 21.11 -3.11 -24.86
CA ASP Q 33 20.12 -3.65 -25.80
C ASP Q 33 20.18 -3.03 -27.18
N LEU Q 34 20.37 -1.70 -27.31
CA LEU Q 34 20.47 -1.00 -28.58
C LEU Q 34 21.67 -1.48 -29.40
N PHE Q 35 22.78 -1.53 -28.70
CA PHE Q 35 24.01 -2.04 -29.24
C PHE Q 35 23.74 -3.42 -29.84
N GLN Q 36 23.15 -4.38 -29.15
CA GLN Q 36 22.90 -5.68 -29.76
C GLN Q 36 21.90 -5.69 -30.91
N PHE Q 37 20.90 -4.80 -30.78
CA PHE Q 37 19.89 -4.71 -31.84
C PHE Q 37 20.61 -4.11 -33.05
N ALA Q 38 21.62 -3.25 -32.82
CA ALA Q 38 22.36 -2.64 -33.91
C ALA Q 38 23.25 -3.65 -34.65
N GLU Q 39 23.84 -4.51 -33.83
CA GLU Q 39 24.68 -5.60 -34.27
C GLU Q 39 23.80 -6.41 -35.24
N ALA Q 40 22.64 -6.86 -34.76
CA ALA Q 40 21.71 -7.63 -35.54
C ALA Q 40 21.24 -6.99 -36.83
N LEU Q 41 21.23 -5.71 -37.12
CA LEU Q 41 20.73 -5.04 -38.30
C LEU Q 41 21.90 -4.50 -39.13
N HIS Q 42 23.05 -4.81 -38.61
CA HIS Q 42 24.26 -4.44 -39.30
C HIS Q 42 24.50 -2.96 -39.24
N ILE Q 43 24.12 -2.28 -38.18
CA ILE Q 43 24.43 -0.83 -38.20
C ILE Q 43 25.29 -0.43 -37.01
N GLN Q 44 26.06 0.66 -37.13
CA GLN Q 44 26.85 1.13 -36.03
C GLN Q 44 26.07 2.27 -35.33
N LEU Q 45 26.23 2.35 -34.03
CA LEU Q 45 25.70 3.35 -33.16
C LEU Q 45 26.81 3.88 -32.26
N THR Q 46 26.79 5.14 -31.90
CA THR Q 46 27.60 5.79 -30.91
C THR Q 46 26.59 6.51 -29.97
N PHE Q 47 26.82 6.36 -28.67
CA PHE Q 47 26.02 6.93 -27.63
C PHE Q 47 26.66 8.11 -26.94
N PHE Q 48 25.92 9.17 -26.63
CA PHE Q 48 26.42 10.34 -25.94
C PHE Q 48 25.33 10.93 -25.11
N GLN Q 49 25.64 11.20 -23.81
CA GLN Q 49 24.69 11.80 -22.92
C GLN Q 49 25.34 12.99 -22.25
N SER Q 50 24.63 14.06 -22.03
CA SER Q 50 25.08 15.20 -21.30
C SER Q 50 23.92 16.02 -20.72
N ASN Q 51 24.12 16.69 -19.58
CA ASN Q 51 23.21 17.53 -18.94
C ASN Q 51 23.36 18.95 -19.45
N HIS Q 52 24.30 19.22 -20.34
CA HIS Q 52 24.54 20.55 -20.82
C HIS Q 52 23.88 20.79 -22.16
N GLU Q 53 22.99 21.74 -22.31
CA GLU Q 53 22.42 22.07 -23.61
C GLU Q 53 23.54 22.31 -24.60
N GLY Q 54 24.55 23.11 -24.32
CA GLY Q 54 25.64 23.42 -25.24
C GLY Q 54 26.41 22.19 -25.76
N ASP Q 55 26.54 21.15 -24.92
CA ASP Q 55 27.18 19.90 -25.42
C ASP Q 55 26.28 19.24 -26.47
N LEU Q 56 24.96 19.33 -26.34
CA LEU Q 56 24.09 18.68 -27.29
C LEU Q 56 24.17 19.42 -28.62
N ILE Q 57 24.19 20.74 -28.53
CA ILE Q 57 24.35 21.59 -29.68
C ILE Q 57 25.67 21.31 -30.40
N ASP Q 58 26.77 21.26 -29.73
CA ASP Q 58 28.11 20.98 -30.23
C ASP Q 58 28.08 19.64 -30.96
N ALA Q 59 27.49 18.62 -30.36
CA ALA Q 59 27.42 17.28 -30.93
C ALA Q 59 26.57 17.23 -32.18
N ILE Q 60 25.54 18.08 -32.23
CA ILE Q 60 24.67 18.06 -33.41
C ILE Q 60 25.44 18.66 -34.57
N HIS Q 61 26.15 19.75 -34.27
CA HIS Q 61 26.91 20.42 -35.31
C HIS Q 61 28.00 19.51 -35.89
N GLU Q 62 28.70 18.78 -35.04
CA GLU Q 62 29.78 17.90 -35.41
C GLU Q 62 29.32 16.59 -36.03
N ALA Q 63 28.03 16.27 -35.87
CA ALA Q 63 27.46 15.03 -36.35
C ALA Q 63 27.53 14.86 -37.87
N GLU Q 64 27.35 16.00 -38.51
CA GLU Q 64 27.24 16.21 -39.93
C GLU Q 64 28.35 15.54 -40.71
N GLU Q 65 29.56 15.48 -40.19
CA GLU Q 65 30.73 14.90 -40.78
C GLU Q 65 31.04 13.49 -40.31
N GLN Q 66 30.13 12.89 -39.57
CA GLN Q 66 30.47 11.57 -39.09
C GLN Q 66 29.32 10.60 -39.06
N TYR Q 67 28.08 11.05 -38.99
CA TYR Q 67 26.97 10.15 -38.87
C TYR Q 67 26.00 10.32 -40.02
N SER Q 68 25.07 9.39 -40.20
CA SER Q 68 24.06 9.68 -41.24
C SER Q 68 22.70 9.92 -40.63
N GLY Q 69 22.60 10.06 -39.32
CA GLY Q 69 21.29 10.29 -38.71
C GLY Q 69 21.40 10.38 -37.21
N ILE Q 70 20.44 11.05 -36.54
CA ILE Q 70 20.49 11.18 -35.10
C ILE Q 70 19.16 10.78 -34.46
N VAL Q 71 19.18 10.01 -33.41
CA VAL Q 71 18.05 9.74 -32.55
C VAL Q 71 18.27 10.64 -31.30
N LEU Q 72 17.46 11.68 -31.15
CA LEU Q 72 17.63 12.59 -30.03
C LEU Q 72 16.57 12.46 -28.96
N ASN Q 73 17.00 12.24 -27.72
CA ASN Q 73 16.11 12.29 -26.58
C ASN Q 73 16.69 13.45 -25.74
N PRO Q 74 16.08 14.65 -25.86
CA PRO Q 74 16.64 15.81 -25.20
C PRO Q 74 16.20 16.05 -23.76
N GLY Q 75 15.41 15.11 -23.21
CA GLY Q 75 14.93 15.25 -21.85
C GLY Q 75 14.09 16.57 -21.90
N ALA Q 76 13.93 17.18 -20.76
CA ALA Q 76 13.06 18.39 -20.71
C ALA Q 76 13.46 19.56 -21.59
N LEU Q 77 14.62 19.54 -22.24
CA LEU Q 77 15.02 20.61 -23.13
C LEU Q 77 14.14 20.68 -24.36
N SER Q 78 13.39 19.60 -24.59
CA SER Q 78 12.43 19.56 -25.67
C SER Q 78 11.44 20.74 -25.61
N HIS Q 79 10.98 21.07 -24.42
CA HIS Q 79 9.91 22.06 -24.26
C HIS Q 79 10.36 23.51 -24.30
N TYR Q 80 11.63 23.87 -24.31
CA TYR Q 80 12.04 25.25 -24.20
C TYR Q 80 13.33 25.57 -24.94
N SER Q 81 14.12 24.59 -25.36
CA SER Q 81 15.40 24.87 -25.99
C SER Q 81 15.35 25.24 -27.45
N TYR Q 82 14.96 26.48 -27.76
CA TYR Q 82 15.04 26.88 -29.17
C TYR Q 82 16.49 26.79 -29.66
N ALA Q 83 17.53 26.88 -28.81
CA ALA Q 83 18.89 26.82 -29.38
C ALA Q 83 19.11 25.41 -29.94
N ILE Q 84 18.57 24.36 -29.30
CA ILE Q 84 18.80 23.06 -29.92
C ILE Q 84 18.01 22.95 -31.24
N ARG Q 85 16.83 23.54 -31.29
CA ARG Q 85 15.95 23.47 -32.45
C ARG Q 85 16.68 24.12 -33.66
N ASP Q 86 17.31 25.24 -33.49
CA ASP Q 86 18.10 25.90 -34.51
C ASP Q 86 19.34 25.04 -34.87
N ALA Q 87 19.93 24.26 -33.98
CA ALA Q 87 21.05 23.39 -34.25
C ALA Q 87 20.61 22.28 -35.15
N VAL Q 88 19.43 21.63 -34.93
CA VAL Q 88 18.89 20.63 -35.83
C VAL Q 88 18.59 21.20 -37.19
N SER Q 89 18.04 22.42 -37.27
CA SER Q 89 17.73 23.07 -38.53
C SER Q 89 19.02 23.35 -39.32
N SER Q 90 20.12 23.57 -38.60
CA SER Q 90 21.33 23.96 -39.36
C SER Q 90 22.12 22.77 -39.89
N ILE Q 91 21.69 21.56 -39.72
CA ILE Q 91 22.44 20.41 -40.30
C ILE Q 91 21.50 19.76 -41.31
N SER Q 92 22.11 18.87 -42.11
CA SER Q 92 21.41 18.18 -43.18
C SER Q 92 20.96 16.76 -42.80
N LEU Q 93 21.41 16.24 -41.65
CA LEU Q 93 21.01 14.89 -41.29
C LEU Q 93 19.59 14.78 -40.74
N PRO Q 94 18.99 13.62 -40.99
CA PRO Q 94 17.68 13.33 -40.44
C PRO Q 94 17.75 13.12 -38.91
N VAL Q 95 16.85 13.86 -38.22
CA VAL Q 95 16.75 13.69 -36.77
C VAL Q 95 15.38 13.17 -36.36
N VAL Q 96 15.31 12.24 -35.37
CA VAL Q 96 14.04 11.75 -34.83
C VAL Q 96 14.01 11.99 -33.33
N GLU Q 97 13.11 12.87 -32.86
CA GLU Q 97 13.02 13.06 -31.43
C GLU Q 97 12.31 11.88 -30.80
N VAL Q 98 12.73 11.38 -29.69
CA VAL Q 98 12.13 10.27 -28.95
C VAL Q 98 12.06 10.54 -27.43
N HIS Q 99 10.91 10.21 -26.86
CA HIS Q 99 10.63 10.27 -25.42
C HIS Q 99 10.07 8.92 -25.01
N LEU Q 100 10.46 8.35 -23.94
CA LEU Q 100 10.05 7.09 -23.43
C LEU Q 100 8.66 7.09 -22.80
N SER Q 101 8.40 8.00 -21.93
CA SER Q 101 7.12 8.06 -21.28
C SER Q 101 6.13 8.76 -22.19
N ASN Q 102 4.86 8.58 -21.89
CA ASN Q 102 3.82 9.25 -22.57
C ASN Q 102 3.67 10.65 -21.95
N LEU Q 103 4.37 11.58 -22.60
CA LEU Q 103 4.35 12.99 -22.15
C LEU Q 103 3.00 13.61 -22.08
N TYR Q 104 2.11 13.25 -22.98
CA TYR Q 104 0.77 13.77 -23.13
C TYR Q 104 -0.13 13.43 -21.96
N ALA Q 105 0.25 12.40 -21.16
CA ALA Q 105 -0.51 12.08 -19.98
C ALA Q 105 0.17 12.66 -18.72
N ARG Q 106 1.21 13.49 -18.80
CA ARG Q 106 1.95 14.11 -17.74
C ARG Q 106 1.70 15.60 -17.67
N GLU Q 107 2.57 16.38 -17.04
CA GLU Q 107 2.33 17.83 -16.90
C GLU Q 107 2.24 18.49 -18.28
N GLU Q 108 1.43 19.52 -18.39
CA GLU Q 108 1.08 20.28 -19.53
C GLU Q 108 2.29 20.94 -20.19
N PHE Q 109 3.30 21.29 -19.38
CA PHE Q 109 4.51 21.86 -20.00
C PHE Q 109 5.18 20.84 -20.93
N ARG Q 110 5.04 19.55 -20.64
CA ARG Q 110 5.62 18.54 -21.49
C ARG Q 110 4.91 18.28 -22.80
N HIS Q 111 3.76 18.89 -23.04
CA HIS Q 111 2.90 18.57 -24.20
C HIS Q 111 3.31 19.31 -25.46
N GLN Q 112 4.38 20.09 -25.42
CA GLN Q 112 4.81 20.67 -26.70
C GLN Q 112 6.34 20.49 -26.85
N SER Q 113 6.75 20.26 -28.05
CA SER Q 113 8.19 20.20 -28.36
C SER Q 113 8.56 21.39 -29.20
N VAL Q 114 9.61 22.12 -28.84
CA VAL Q 114 10.05 23.21 -29.71
C VAL Q 114 11.05 22.69 -30.74
N ILE Q 115 11.48 21.43 -30.65
CA ILE Q 115 12.40 20.88 -31.60
C ILE Q 115 11.73 20.14 -32.75
N ALA Q 116 10.60 19.49 -32.39
CA ALA Q 116 9.92 18.61 -33.32
C ALA Q 116 9.54 19.22 -34.67
N PRO Q 117 9.08 20.49 -34.73
CA PRO Q 117 8.76 21.06 -36.02
C PRO Q 117 9.83 21.07 -37.11
N VAL Q 118 11.09 21.07 -36.72
CA VAL Q 118 12.19 21.08 -37.66
C VAL Q 118 12.84 19.70 -37.76
N ALA Q 119 12.38 18.70 -37.03
CA ALA Q 119 12.92 17.36 -37.13
C ALA Q 119 12.12 16.58 -38.20
N LYS Q 120 12.48 15.38 -38.36
CA LYS Q 120 11.78 14.48 -39.29
C LYS Q 120 10.50 14.10 -38.62
N GLY Q 121 10.53 13.81 -37.32
CA GLY Q 121 9.33 13.36 -36.63
C GLY Q 121 9.65 13.05 -35.17
N GLN Q 122 8.66 12.57 -34.45
CA GLN Q 122 8.78 12.33 -33.04
C GLN Q 122 8.03 11.06 -32.61
N ILE Q 123 8.65 10.32 -31.68
CA ILE Q 123 8.01 9.14 -31.09
C ILE Q 123 7.90 9.35 -29.61
N VAL Q 124 6.75 9.16 -29.00
CA VAL Q 124 6.47 9.40 -27.64
C VAL Q 124 5.63 8.33 -27.00
N GLY Q 125 6.03 7.83 -25.83
CA GLY Q 125 5.24 6.90 -25.11
C GLY Q 125 5.51 5.38 -25.30
N LEU Q 126 6.41 5.07 -26.21
CA LEU Q 126 6.66 3.71 -26.58
C LEU Q 126 7.80 3.07 -25.81
N GLY Q 127 8.15 3.64 -24.69
CA GLY Q 127 9.27 3.13 -23.92
C GLY Q 127 10.57 3.17 -24.66
N ALA Q 128 11.50 2.33 -24.14
CA ALA Q 128 12.85 2.22 -24.75
C ALA Q 128 12.75 1.68 -26.16
N GLU Q 129 11.69 0.95 -26.50
CA GLU Q 129 11.46 0.52 -27.87
C GLU Q 129 11.46 1.62 -28.90
N GLY Q 130 11.04 2.84 -28.48
CA GLY Q 130 11.09 4.01 -29.26
C GLY Q 130 12.41 4.26 -29.93
N TYR Q 131 13.50 4.02 -29.27
CA TYR Q 131 14.84 4.21 -29.83
C TYR Q 131 15.03 3.25 -30.98
N LYS Q 132 14.59 2.03 -30.80
CA LYS Q 132 14.75 1.01 -31.86
C LYS Q 132 13.98 1.39 -33.12
N LEU Q 133 12.76 1.82 -32.86
CA LEU Q 133 11.86 2.25 -33.94
C LEU Q 133 12.45 3.45 -34.65
N ALA Q 134 13.10 4.37 -33.94
CA ALA Q 134 13.70 5.52 -34.62
C ALA Q 134 14.88 5.07 -35.52
N VAL Q 135 15.64 4.10 -34.96
CA VAL Q 135 16.77 3.56 -35.75
C VAL Q 135 16.26 2.92 -37.04
N ARG Q 136 15.16 2.16 -36.95
CA ARG Q 136 14.53 1.54 -38.12
C ARG Q 136 14.01 2.60 -39.06
N TYR Q 137 13.37 3.76 -38.54
CA TYR Q 137 12.96 4.75 -39.51
C TYR Q 137 14.14 5.34 -40.25
N LEU Q 138 15.23 5.60 -39.52
CA LEU Q 138 16.44 6.19 -40.11
C LEU Q 138 16.99 5.20 -41.16
N LEU Q 139 16.93 3.90 -40.90
CA LEU Q 139 17.36 2.88 -41.86
C LEU Q 139 16.61 3.04 -43.19
N SER Q 140 15.31 3.15 -43.18
CA SER Q 140 14.46 3.37 -44.33
C SER Q 140 14.80 4.71 -44.96
N GLN Q 141 15.36 5.70 -44.31
CA GLN Q 141 15.76 6.90 -45.03
C GLN Q 141 17.03 6.40 -45.73
N GLN Q 142 14.74 7.59 -50.20
N PRO R 1 25.10 16.68 10.18
CA PRO R 1 25.00 16.25 8.74
C PRO R 1 25.63 17.20 7.75
N HIS R 2 25.52 16.93 6.44
CA HIS R 2 26.18 17.73 5.42
C HIS R 2 25.27 18.28 4.34
N PHE R 3 25.18 19.58 4.22
CA PHE R 3 24.34 20.17 3.21
C PHE R 3 25.15 20.88 2.13
N LEU R 4 24.54 20.85 0.93
CA LEU R 4 25.04 21.50 -0.25
C LEU R 4 24.30 22.81 -0.51
N ILE R 5 24.91 23.93 -0.57
CA ILE R 5 24.39 25.25 -0.82
C ILE R 5 24.71 25.52 -2.30
N LEU R 6 23.75 25.34 -3.18
CA LEU R 6 24.00 25.45 -4.61
C LEU R 6 23.44 26.75 -5.21
N ASN R 7 24.30 27.55 -5.82
CA ASN R 7 23.91 28.85 -6.31
C ASN R 7 24.19 28.92 -7.82
N GLY R 8 23.19 29.43 -8.54
CA GLY R 8 23.03 29.56 -9.93
C GLY R 8 23.59 30.86 -10.54
N PRO R 9 23.30 31.06 -11.81
CA PRO R 9 23.84 32.15 -12.59
C PRO R 9 23.55 33.49 -11.93
N ASN R 10 24.53 34.38 -12.01
CA ASN R 10 24.46 35.74 -11.48
C ASN R 10 24.38 35.89 -9.99
N VAL R 11 24.21 34.83 -9.21
CA VAL R 11 24.20 34.93 -7.74
C VAL R 11 25.55 35.38 -7.23
N ASN R 12 26.66 35.09 -7.86
CA ASN R 12 28.00 35.54 -7.63
C ASN R 12 28.09 37.06 -7.75
N ARG R 13 27.23 37.75 -8.45
CA ARG R 13 27.31 39.19 -8.60
C ARG R 13 26.60 39.97 -7.49
N LEU R 14 26.02 39.37 -6.50
CA LEU R 14 25.35 40.03 -5.38
C LEU R 14 26.29 41.07 -4.74
N GLY R 15 25.72 42.15 -4.24
CA GLY R 15 26.40 43.22 -3.56
C GLY R 15 27.00 44.27 -4.48
N SER R 16 26.81 44.10 -5.78
CA SER R 16 27.29 44.95 -6.84
C SER R 16 26.32 46.07 -7.20
N ARG R 17 25.11 45.99 -6.66
CA ARG R 17 24.06 46.96 -6.94
C ARG R 17 22.76 46.73 -6.17
N GLU R 18 21.90 47.75 -6.24
CA GLU R 18 20.59 47.74 -5.61
C GLU R 18 20.59 46.92 -4.33
N PRO R 19 21.16 47.54 -3.29
CA PRO R 19 21.30 46.95 -1.97
C PRO R 19 19.99 46.84 -1.21
N GLU R 20 19.00 47.60 -1.62
CA GLU R 20 17.65 47.60 -1.08
C GLU R 20 16.85 46.44 -1.64
N VAL R 21 17.12 46.05 -2.90
CA VAL R 21 16.46 44.90 -3.51
C VAL R 21 17.18 43.59 -3.15
N PHE R 22 18.51 43.61 -3.27
CA PHE R 22 19.35 42.46 -3.03
C PHE R 22 19.96 42.33 -1.63
N GLY R 23 20.21 43.46 -0.98
CA GLY R 23 20.83 43.46 0.35
C GLY R 23 22.28 43.94 0.15
N ARG R 24 23.12 43.85 1.18
CA ARG R 24 24.50 44.30 0.99
C ARG R 24 25.60 43.24 1.13
N GLN R 25 25.39 42.02 1.59
CA GLN R 25 26.40 40.99 1.73
C GLN R 25 26.87 40.34 0.42
N THR R 26 28.08 40.47 -0.08
CA THR R 26 28.53 39.78 -1.28
C THR R 26 28.24 38.30 -1.13
N LEU R 27 28.45 37.47 -2.17
CA LEU R 27 28.22 36.05 -1.89
C LEU R 27 29.28 35.54 -0.92
N THR R 28 30.51 36.10 -0.94
CA THR R 28 31.57 35.69 -0.03
C THR R 28 31.15 36.07 1.38
N ASP R 29 30.60 37.24 1.59
CA ASP R 29 30.11 37.58 2.93
C ASP R 29 29.10 36.55 3.40
N ILE R 30 28.09 36.23 2.53
CA ILE R 30 27.08 35.28 3.01
C ILE R 30 27.69 33.97 3.41
N GLU R 31 28.57 33.48 2.59
CA GLU R 31 29.18 32.16 2.84
C GLU R 31 29.91 32.19 4.15
N THR R 32 30.64 33.24 4.45
CA THR R 32 31.34 33.27 5.73
C THR R 32 30.39 33.23 6.89
N ASP R 33 29.29 33.97 6.84
CA ASP R 33 28.36 33.89 7.95
C ASP R 33 27.72 32.52 7.98
N LEU R 34 27.47 31.85 6.85
CA LEU R 34 26.87 30.52 6.96
C LEU R 34 27.80 29.51 7.59
N PHE R 35 29.13 29.47 7.53
CA PHE R 35 29.98 28.48 8.18
C PHE R 35 29.98 28.52 9.73
N GLN R 36 29.98 29.71 10.29
CA GLN R 36 29.95 29.85 11.73
C GLN R 36 28.68 29.20 12.29
N PHE R 37 27.49 29.35 11.63
CA PHE R 37 26.27 28.71 12.13
C PHE R 37 26.52 27.20 12.11
N ALA R 38 27.11 26.75 11.02
CA ALA R 38 27.45 25.36 10.84
C ALA R 38 28.37 24.80 11.92
N GLU R 39 29.48 25.46 12.23
CA GLU R 39 30.38 24.95 13.25
C GLU R 39 29.70 24.61 14.56
N ALA R 40 28.62 25.07 15.10
CA ALA R 40 28.01 24.48 16.31
C ALA R 40 26.89 23.63 15.76
N LEU R 41 26.00 22.87 16.38
CA LEU R 41 24.98 22.08 15.65
C LEU R 41 25.59 20.89 14.91
N HIS R 42 26.87 21.04 14.69
CA HIS R 42 27.91 20.28 14.10
C HIS R 42 27.58 19.76 12.70
N ILE R 43 27.16 20.75 11.92
CA ILE R 43 26.76 20.44 10.55
C ILE R 43 27.82 21.07 9.65
N GLN R 44 27.94 20.36 8.54
CA GLN R 44 28.86 20.85 7.52
C GLN R 44 28.08 21.35 6.31
N LEU R 45 28.66 22.34 5.66
CA LEU R 45 28.17 22.93 4.46
C LEU R 45 29.25 22.86 3.39
N THR R 46 28.88 22.71 2.14
CA THR R 46 29.74 22.85 0.97
C THR R 46 29.00 23.84 0.04
N PHE R 47 29.71 24.78 -0.51
CA PHE R 47 29.18 25.84 -1.37
C PHE R 47 29.67 25.63 -2.79
N PHE R 48 28.77 25.85 -3.73
CA PHE R 48 29.15 25.72 -5.14
C PHE R 48 28.28 26.69 -5.95
N GLN R 49 28.87 27.52 -6.76
CA GLN R 49 28.22 28.47 -7.62
C GLN R 49 28.60 28.25 -9.08
N SER R 50 27.69 28.37 -10.01
CA SER R 50 28.07 28.28 -11.41
C SER R 50 26.97 28.98 -12.20
N ASN R 51 27.41 29.51 -13.34
CA ASN R 51 26.60 30.19 -14.29
C ASN R 51 26.01 29.25 -15.33
N HIS R 52 26.40 28.01 -15.39
CA HIS R 52 25.96 27.01 -16.31
C HIS R 52 24.89 26.09 -15.74
N GLU R 53 23.76 25.95 -16.40
CA GLU R 53 22.62 25.09 -16.06
C GLU R 53 23.09 23.65 -15.90
N GLY R 54 23.91 23.14 -16.84
CA GLY R 54 24.42 21.82 -16.75
C GLY R 54 25.23 21.55 -15.50
N ASP R 55 25.98 22.52 -14.99
CA ASP R 55 26.78 22.33 -13.78
C ASP R 55 25.91 22.06 -12.56
N LEU R 56 24.86 22.84 -12.44
CA LEU R 56 23.92 22.66 -11.35
C LEU R 56 23.23 21.29 -11.46
N ILE R 57 22.89 20.87 -12.66
CA ILE R 57 22.31 19.59 -12.89
C ILE R 57 23.26 18.48 -12.44
N ASP R 58 24.53 18.60 -12.83
CA ASP R 58 25.56 17.64 -12.48
C ASP R 58 25.72 17.54 -10.95
N ALA R 59 25.72 18.63 -10.25
CA ALA R 59 25.85 18.75 -8.84
C ALA R 59 24.67 18.13 -8.17
N ILE R 60 23.47 18.37 -8.69
CA ILE R 60 22.25 17.79 -8.11
C ILE R 60 22.35 16.27 -8.20
N HIS R 61 22.64 15.72 -9.34
CA HIS R 61 22.80 14.28 -9.52
C HIS R 61 23.82 13.66 -8.54
N GLU R 62 24.98 14.25 -8.44
CA GLU R 62 26.06 13.81 -7.60
C GLU R 62 25.81 14.03 -6.10
N ALA R 63 24.91 14.91 -5.73
CA ALA R 63 24.61 15.20 -4.37
C ALA R 63 24.17 13.99 -3.58
N GLU R 64 23.37 13.15 -4.17
CA GLU R 64 22.70 12.00 -3.61
C GLU R 64 23.59 11.07 -2.82
N GLU R 65 24.84 10.91 -3.19
CA GLU R 65 25.79 10.09 -2.48
C GLU R 65 26.66 10.88 -1.52
N GLN R 66 26.44 12.17 -1.33
CA GLN R 66 27.34 12.91 -0.46
C GLN R 66 26.69 13.82 0.56
N TYR R 67 25.50 14.36 0.26
CA TYR R 67 24.86 15.28 1.18
C TYR R 67 23.52 14.72 1.65
N SER R 68 22.89 15.31 2.62
CA SER R 68 21.59 14.96 3.09
C SER R 68 20.52 16.02 2.77
N GLY R 69 20.89 17.10 2.07
CA GLY R 69 19.96 18.07 1.60
C GLY R 69 20.63 19.18 0.82
N ILE R 70 19.85 19.93 0.04
CA ILE R 70 20.29 21.04 -0.79
C ILE R 70 19.43 22.27 -0.58
N VAL R 71 20.15 23.37 -0.47
CA VAL R 71 19.62 24.71 -0.40
C VAL R 71 20.01 25.25 -1.82
N LEU R 72 19.01 25.54 -2.65
CA LEU R 72 19.25 25.92 -4.03
C LEU R 72 18.67 27.29 -4.35
N ASN R 73 19.59 28.17 -4.75
CA ASN R 73 19.27 29.46 -5.28
C ASN R 73 19.74 29.42 -6.74
N PRO R 74 18.81 29.15 -7.66
CA PRO R 74 19.13 29.03 -9.04
C PRO R 74 19.22 30.28 -9.84
N GLY R 75 18.93 31.45 -9.23
CA GLY R 75 19.02 32.60 -10.15
C GLY R 75 17.77 32.44 -11.03
N ALA R 76 17.79 33.15 -12.12
CA ALA R 76 16.68 33.31 -13.05
C ALA R 76 16.40 31.96 -13.65
N LEU R 77 17.25 30.92 -13.64
CA LEU R 77 16.90 29.63 -14.14
C LEU R 77 15.61 29.11 -13.49
N SER R 78 15.23 29.53 -12.32
CA SER R 78 14.06 29.21 -11.58
C SER R 78 12.83 29.32 -12.49
N HIS R 79 12.85 30.29 -13.38
CA HIS R 79 11.69 30.59 -14.17
C HIS R 79 11.58 29.85 -15.47
N TYR R 80 12.51 29.00 -15.85
CA TYR R 80 12.39 28.38 -17.14
C TYR R 80 13.13 27.06 -17.22
N SER R 81 13.98 26.68 -16.29
CA SER R 81 14.78 25.45 -16.34
C SER R 81 14.08 24.19 -15.95
N TYR R 82 13.33 23.61 -16.85
CA TYR R 82 12.59 22.39 -16.64
C TYR R 82 13.65 21.27 -16.48
N ALA R 83 14.87 21.51 -17.05
CA ALA R 83 15.87 20.47 -16.83
C ALA R 83 16.30 20.38 -15.34
N ILE R 84 16.43 21.54 -14.68
CA ILE R 84 16.80 21.56 -13.27
C ILE R 84 15.66 21.01 -12.44
N ARG R 85 14.41 21.31 -12.80
CA ARG R 85 13.26 20.71 -12.18
C ARG R 85 13.41 19.15 -12.23
N ASP R 86 13.55 18.58 -13.40
CA ASP R 86 13.64 17.16 -13.54
C ASP R 86 14.84 16.55 -12.75
N ALA R 87 15.94 17.23 -12.58
CA ALA R 87 17.08 16.83 -11.83
C ALA R 87 16.73 16.70 -10.35
N VAL R 88 16.08 17.70 -9.77
CA VAL R 88 15.61 17.61 -8.40
C VAL R 88 14.67 16.43 -8.23
N SER R 89 13.67 16.19 -9.07
CA SER R 89 12.77 15.09 -8.99
C SER R 89 13.54 13.73 -9.15
N SER R 90 14.68 13.73 -9.75
CA SER R 90 15.40 12.43 -9.90
C SER R 90 16.23 12.05 -8.68
N ILE R 91 16.28 12.82 -7.60
CA ILE R 91 17.03 12.47 -6.44
C ILE R 91 16.06 12.35 -5.25
N SER R 92 16.53 11.67 -4.24
CA SER R 92 15.79 11.50 -3.03
C SER R 92 16.01 12.55 -1.95
N LEU R 93 16.98 13.45 -2.10
CA LEU R 93 17.22 14.42 -1.05
C LEU R 93 16.22 15.56 -1.02
N PRO R 94 15.98 16.12 0.16
CA PRO R 94 15.09 17.29 0.28
C PRO R 94 15.83 18.51 -0.26
N VAL R 95 15.13 19.25 -1.09
CA VAL R 95 15.59 20.50 -1.66
C VAL R 95 14.76 21.71 -1.29
N VAL R 96 15.38 22.84 -0.94
CA VAL R 96 14.63 24.02 -0.59
C VAL R 96 15.10 25.11 -1.56
N GLU R 97 14.22 25.74 -2.30
CA GLU R 97 14.55 26.82 -3.24
C GLU R 97 14.50 28.16 -2.48
N VAL R 98 15.51 28.99 -2.69
CA VAL R 98 15.63 30.22 -1.95
C VAL R 98 15.96 31.37 -2.90
N HIS R 99 15.30 32.52 -2.75
CA HIS R 99 15.62 33.77 -3.46
C HIS R 99 15.62 34.88 -2.39
N LEU R 100 16.61 35.78 -2.44
CA LEU R 100 16.80 36.81 -1.50
C LEU R 100 15.83 37.96 -1.66
N SER R 101 15.75 38.54 -2.86
CA SER R 101 14.80 39.61 -3.04
C SER R 101 13.37 39.04 -3.10
N ASN R 102 12.42 39.90 -3.00
CA ASN R 102 10.97 39.60 -3.13
C ASN R 102 10.65 39.71 -4.63
N LEU R 103 10.69 38.54 -5.28
CA LEU R 103 10.43 38.34 -6.68
C LEU R 103 9.05 38.81 -7.05
N TYR R 104 8.05 38.64 -6.20
CA TYR R 104 6.67 38.96 -6.41
C TYR R 104 6.45 40.44 -6.60
N ALA R 105 7.40 41.23 -6.13
CA ALA R 105 7.43 42.71 -6.26
C ALA R 105 8.15 43.11 -7.51
N ARG R 106 8.73 42.16 -8.21
CA ARG R 106 9.53 42.51 -9.40
C ARG R 106 8.89 42.13 -10.74
N GLU R 107 9.63 42.04 -11.85
CA GLU R 107 9.03 41.63 -13.13
C GLU R 107 8.17 40.37 -13.00
N GLU R 108 7.15 40.33 -13.82
CA GLU R 108 6.15 39.29 -13.84
C GLU R 108 6.72 37.90 -14.15
N PHE R 109 7.72 37.89 -15.00
CA PHE R 109 8.35 36.63 -15.37
C PHE R 109 8.94 35.96 -14.14
N ARG R 110 9.25 36.63 -13.04
CA ARG R 110 9.88 36.14 -11.82
C ARG R 110 8.87 35.57 -10.83
N HIS R 111 7.60 35.72 -11.15
CA HIS R 111 6.51 35.25 -10.29
C HIS R 111 6.21 33.79 -10.39
N GLN R 112 6.92 33.03 -11.22
CA GLN R 112 6.71 31.57 -11.17
C GLN R 112 8.05 30.83 -11.15
N SER R 113 8.07 29.74 -10.40
CA SER R 113 9.22 28.85 -10.37
C SER R 113 8.78 27.58 -11.05
N VAL R 114 9.60 27.04 -11.89
CA VAL R 114 9.26 25.76 -12.47
C VAL R 114 9.84 24.63 -11.65
N ILE R 115 10.67 25.04 -10.67
CA ILE R 115 11.36 24.08 -9.82
C ILE R 115 10.63 23.68 -8.54
N ALA R 116 9.95 24.66 -7.99
CA ALA R 116 9.28 24.60 -6.71
C ALA R 116 8.24 23.57 -6.55
N PRO R 117 7.47 23.19 -7.55
CA PRO R 117 6.48 22.16 -7.45
C PRO R 117 7.03 20.82 -7.01
N VAL R 118 8.24 20.49 -7.38
CA VAL R 118 8.87 19.22 -7.07
C VAL R 118 9.86 19.38 -5.93
N ALA R 119 10.04 20.53 -5.35
CA ALA R 119 10.94 20.61 -4.18
C ALA R 119 10.14 20.56 -2.89
N LYS R 120 10.81 20.58 -1.74
CA LYS R 120 10.04 20.56 -0.47
C LYS R 120 9.30 21.86 -0.31
N GLY R 121 9.95 22.94 -0.75
CA GLY R 121 9.31 24.26 -0.46
C GLY R 121 10.27 25.38 -0.95
N GLN R 122 9.85 26.61 -0.70
CA GLN R 122 10.49 27.77 -1.19
C GLN R 122 10.39 28.95 -0.26
N ILE R 123 11.49 29.69 -0.17
CA ILE R 123 11.49 30.90 0.65
C ILE R 123 11.90 32.03 -0.28
N VAL R 124 11.14 33.09 -0.31
CA VAL R 124 11.43 34.21 -1.20
C VAL R 124 11.31 35.52 -0.48
N GLY R 125 12.21 36.50 -0.70
CA GLY R 125 12.07 37.76 -0.06
C GLY R 125 12.74 38.02 1.26
N LEU R 126 13.30 37.02 1.90
CA LEU R 126 13.80 37.18 3.25
C LEU R 126 15.27 37.54 3.32
N GLY R 127 15.84 37.96 2.20
CA GLY R 127 17.23 38.34 2.09
C GLY R 127 18.11 37.11 2.26
N ALA R 128 19.36 37.28 2.68
CA ALA R 128 20.35 36.30 2.96
C ALA R 128 20.12 35.35 4.14
N GLU R 129 19.29 35.78 5.05
CA GLU R 129 18.75 35.01 6.13
C GLU R 129 18.02 33.81 5.52
N GLY R 130 17.40 33.90 4.34
CA GLY R 130 16.65 32.77 3.79
C GLY R 130 17.51 31.51 3.70
N TYR R 131 18.79 31.66 3.45
CA TYR R 131 19.73 30.54 3.37
C TYR R 131 19.75 29.80 4.71
N LYS R 132 19.92 30.49 5.81
CA LYS R 132 19.93 29.96 7.17
C LYS R 132 18.60 29.29 7.54
N LEU R 133 17.52 29.97 7.26
CA LEU R 133 16.19 29.47 7.49
C LEU R 133 16.01 28.14 6.75
N ALA R 134 16.50 28.03 5.56
CA ALA R 134 16.44 26.83 4.75
C ALA R 134 17.24 25.75 5.40
N VAL R 135 18.43 26.08 5.88
CA VAL R 135 19.25 25.10 6.61
C VAL R 135 18.54 24.66 7.85
N ARG R 136 17.91 25.53 8.61
CA ARG R 136 17.14 25.13 9.77
C ARG R 136 15.99 24.17 9.48
N TYR R 137 15.21 24.44 8.40
CA TYR R 137 14.16 23.50 8.05
C TYR R 137 14.78 22.15 7.74
N LEU R 138 15.85 22.07 6.98
CA LEU R 138 16.50 20.79 6.63
C LEU R 138 16.95 20.02 7.86
N LEU R 139 17.50 20.71 8.84
CA LEU R 139 17.91 20.19 10.11
C LEU R 139 16.66 19.64 10.73
N SER R 140 15.64 20.50 10.76
CA SER R 140 14.34 20.12 11.25
C SER R 140 13.87 18.84 10.60
N GLN R 141 14.09 18.40 9.41
CA GLN R 141 13.72 17.18 8.77
C GLN R 141 14.67 16.01 9.01
N GLN R 142 11.06 17.26 7.64
N PRO S 1 -33.38 65.39 -1.02
CA PRO S 1 -32.96 63.98 -0.82
C PRO S 1 -31.73 63.72 0.02
N HIS S 2 -31.69 62.49 0.45
CA HIS S 2 -30.73 61.83 1.30
C HIS S 2 -29.95 60.73 0.59
N PHE S 3 -28.65 60.82 0.47
CA PHE S 3 -27.80 59.82 -0.15
C PHE S 3 -26.86 59.12 0.80
N LEU S 4 -26.58 57.84 0.48
CA LEU S 4 -25.67 57.04 1.27
C LEU S 4 -24.30 57.12 0.60
N ILE S 5 -23.26 57.43 1.33
CA ILE S 5 -21.88 57.43 0.87
C ILE S 5 -21.29 56.14 1.50
N LEU S 6 -21.07 55.12 0.66
CA LEU S 6 -20.65 53.82 1.17
C LEU S 6 -19.20 53.51 0.80
N ASN S 7 -18.37 53.40 1.82
CA ASN S 7 -16.95 53.15 1.64
C ASN S 7 -16.51 51.78 2.10
N GLY S 8 -15.71 51.15 1.21
CA GLY S 8 -15.31 49.75 1.51
C GLY S 8 -13.96 49.66 2.13
N PRO S 9 -13.36 48.48 2.03
CA PRO S 9 -12.09 48.19 2.68
C PRO S 9 -10.96 49.14 2.39
N ASN S 10 -10.24 49.47 3.51
CA ASN S 10 -9.04 50.30 3.41
C ASN S 10 -9.30 51.75 3.13
N VAL S 11 -10.47 52.16 2.71
CA VAL S 11 -10.81 53.58 2.49
C VAL S 11 -10.62 54.36 3.79
N ASN S 12 -10.81 53.83 4.98
CA ASN S 12 -10.54 54.45 6.24
C ASN S 12 -9.06 54.76 6.44
N ARG S 13 -8.11 54.23 5.71
CA ARG S 13 -6.71 54.50 5.83
C ARG S 13 -6.21 55.59 4.90
N LEU S 14 -7.10 56.29 4.20
CA LEU S 14 -6.65 57.39 3.36
C LEU S 14 -5.79 58.36 4.17
N GLY S 15 -4.78 58.86 3.48
CA GLY S 15 -3.84 59.83 3.97
C GLY S 15 -2.70 59.33 4.83
N SER S 16 -2.69 58.06 5.20
CA SER S 16 -1.69 57.39 6.00
C SER S 16 -0.59 56.83 5.10
N ARG S 17 -0.46 57.41 3.91
CA ARG S 17 0.49 57.03 2.89
C ARG S 17 0.59 58.15 1.84
N GLU S 18 1.13 57.87 0.67
CA GLU S 18 1.35 58.83 -0.39
C GLU S 18 0.10 59.57 -0.81
N PRO S 19 0.18 60.90 -0.75
CA PRO S 19 -0.86 61.84 -1.09
C PRO S 19 -0.71 62.43 -2.48
N GLU S 20 0.29 61.90 -3.18
CA GLU S 20 0.64 62.26 -4.54
C GLU S 20 -0.23 61.37 -5.44
N VAL S 21 -0.61 60.23 -4.90
CA VAL S 21 -1.53 59.30 -5.55
C VAL S 21 -2.91 59.40 -4.88
N PHE S 22 -2.93 59.53 -3.55
CA PHE S 22 -4.18 59.51 -2.80
C PHE S 22 -4.71 60.80 -2.22
N GLY S 23 -3.89 61.80 -1.99
CA GLY S 23 -4.39 63.04 -1.39
C GLY S 23 -4.00 63.17 0.09
N ARG S 24 -3.90 64.43 0.52
CA ARG S 24 -3.51 64.76 1.88
C ARG S 24 -4.53 64.43 2.96
N GLN S 25 -5.79 64.41 2.59
CA GLN S 25 -6.89 64.24 3.49
C GLN S 25 -7.18 62.81 3.91
N THR S 26 -7.70 62.80 5.14
CA THR S 26 -8.15 61.55 5.72
C THR S 26 -9.61 61.39 5.29
N LEU S 27 -10.12 60.20 5.65
CA LEU S 27 -11.54 59.99 5.33
C LEU S 27 -12.41 60.97 6.13
N THR S 28 -12.04 61.24 7.36
CA THR S 28 -12.65 62.20 8.27
C THR S 28 -12.67 63.60 7.63
N ASP S 29 -11.53 64.10 7.14
CA ASP S 29 -11.50 65.37 6.44
C ASP S 29 -12.51 65.42 5.31
N ILE S 30 -12.49 64.38 4.44
CA ILE S 30 -13.41 64.32 3.32
C ILE S 30 -14.86 64.40 3.74
N GLU S 31 -15.19 63.65 4.76
CA GLU S 31 -16.55 63.59 5.28
C GLU S 31 -16.97 64.97 5.83
N THR S 32 -16.00 65.72 6.36
CA THR S 32 -16.29 67.07 6.84
C THR S 32 -16.61 67.98 5.67
N ASP S 33 -15.84 67.95 4.61
CA ASP S 33 -16.17 68.75 3.46
C ASP S 33 -17.45 68.28 2.77
N LEU S 34 -17.76 66.99 2.70
CA LEU S 34 -18.99 66.63 2.01
C LEU S 34 -20.19 67.13 2.81
N PHE S 35 -20.11 67.19 4.12
CA PHE S 35 -21.17 67.67 4.98
C PHE S 35 -21.60 69.12 4.74
N GLN S 36 -20.63 69.96 4.44
CA GLN S 36 -20.88 71.39 4.22
C GLN S 36 -21.41 71.57 2.80
N PHE S 37 -20.73 70.90 1.89
CA PHE S 37 -21.14 70.85 0.49
C PHE S 37 -22.61 70.45 0.42
N ALA S 38 -22.96 69.41 1.17
CA ALA S 38 -24.28 68.89 1.33
C ALA S 38 -25.25 69.93 1.91
N GLU S 39 -24.82 70.55 3.01
CA GLU S 39 -25.63 71.55 3.67
C GLU S 39 -25.94 72.74 2.76
N ALA S 40 -25.03 73.27 2.00
CA ALA S 40 -25.31 74.31 1.04
C ALA S 40 -26.13 73.91 -0.20
N LEU S 41 -26.33 72.62 -0.48
CA LEU S 41 -27.14 72.19 -1.62
C LEU S 41 -28.49 71.70 -1.14
N HIS S 42 -28.73 71.78 0.17
CA HIS S 42 -29.92 71.34 0.84
C HIS S 42 -30.13 69.86 0.59
N ILE S 43 -29.21 69.05 1.12
CA ILE S 43 -29.40 67.61 0.93
C ILE S 43 -28.72 66.94 2.14
N GLN S 44 -29.19 65.75 2.48
CA GLN S 44 -28.64 64.97 3.54
C GLN S 44 -27.86 63.77 2.93
N LEU S 45 -26.85 63.40 3.67
CA LEU S 45 -25.87 62.38 3.39
C LEU S 45 -25.64 61.56 4.65
N THR S 46 -25.51 60.28 4.52
CA THR S 46 -25.16 59.41 5.64
C THR S 46 -23.87 58.71 5.15
N PHE S 47 -22.90 58.56 6.02
CA PHE S 47 -21.65 57.94 5.74
C PHE S 47 -21.53 56.57 6.43
N PHE S 48 -20.90 55.63 5.72
CA PHE S 48 -20.72 54.31 6.31
C PHE S 48 -19.49 53.65 5.69
N GLN S 49 -18.59 53.17 6.53
CA GLN S 49 -17.37 52.51 6.07
C GLN S 49 -17.20 51.20 6.85
N SER S 50 -16.76 50.19 6.11
CA SER S 50 -16.48 48.88 6.69
C SER S 50 -15.50 48.15 5.75
N ASN S 51 -14.74 47.29 6.40
CA ASN S 51 -13.77 46.43 5.75
C ASN S 51 -14.39 45.09 5.38
N HIS S 52 -15.61 44.79 5.81
CA HIS S 52 -16.32 43.62 5.44
C HIS S 52 -17.17 43.75 4.16
N GLU S 53 -16.97 42.81 3.19
CA GLU S 53 -17.84 42.78 1.99
C GLU S 53 -19.29 42.61 2.45
N GLY S 54 -19.59 41.71 3.38
CA GLY S 54 -20.95 41.44 3.80
C GLY S 54 -21.67 42.67 4.39
N ASP S 55 -20.92 43.57 4.99
CA ASP S 55 -21.47 44.81 5.55
C ASP S 55 -21.91 45.73 4.41
N LEU S 56 -21.10 45.87 3.35
CA LEU S 56 -21.55 46.67 2.21
C LEU S 56 -22.77 46.04 1.53
N ILE S 57 -22.81 44.71 1.38
CA ILE S 57 -23.95 44.10 0.75
C ILE S 57 -25.22 44.37 1.60
N ASP S 58 -25.14 44.21 2.91
CA ASP S 58 -26.22 44.41 3.85
C ASP S 58 -26.78 45.84 3.75
N ALA S 59 -25.87 46.80 3.77
CA ALA S 59 -26.19 48.20 3.60
C ALA S 59 -26.82 48.50 2.24
N ILE S 60 -26.36 47.87 1.15
CA ILE S 60 -26.92 48.14 -0.17
C ILE S 60 -28.39 47.67 -0.19
N HIS S 61 -28.57 46.45 0.29
CA HIS S 61 -29.91 45.89 0.39
C HIS S 61 -30.85 46.77 1.24
N GLU S 62 -30.40 47.40 2.27
CA GLU S 62 -31.21 48.14 3.22
C GLU S 62 -31.41 49.56 2.76
N ALA S 63 -30.59 49.95 1.81
CA ALA S 63 -30.59 51.33 1.33
C ALA S 63 -31.91 51.70 0.68
N GLU S 64 -32.48 50.76 -0.03
CA GLU S 64 -33.66 50.85 -0.85
C GLU S 64 -34.82 51.53 -0.18
N GLU S 65 -35.03 51.30 1.10
CA GLU S 65 -36.10 51.85 1.89
C GLU S 65 -35.69 53.11 2.60
N GLN S 66 -34.53 53.69 2.33
CA GLN S 66 -34.16 54.87 3.13
C GLN S 66 -33.48 55.95 2.36
N TYR S 67 -32.80 55.65 1.27
CA TYR S 67 -32.05 56.66 0.55
C TYR S 67 -32.57 56.80 -0.86
N SER S 68 -32.16 57.80 -1.59
CA SER S 68 -32.57 57.83 -3.00
C SER S 68 -31.37 57.63 -3.91
N GLY S 69 -30.18 57.32 -3.38
CA GLY S 69 -29.01 57.08 -4.25
C GLY S 69 -27.82 56.68 -3.44
N ILE S 70 -26.84 55.96 -4.00
CA ILE S 70 -25.68 55.56 -3.23
C ILE S 70 -24.43 55.98 -4.04
N VAL S 71 -23.46 56.50 -3.38
CA VAL S 71 -22.11 56.81 -3.90
C VAL S 71 -21.24 55.71 -3.26
N LEU S 72 -20.67 54.85 -4.06
CA LEU S 72 -19.92 53.71 -3.56
C LEU S 72 -18.47 53.68 -4.08
N ASN S 73 -17.58 53.69 -3.12
CA ASN S 73 -16.15 53.49 -3.16
C ASN S 73 -15.86 52.20 -2.41
N PRO S 74 -15.81 51.12 -3.22
CA PRO S 74 -15.68 49.79 -2.62
C PRO S 74 -14.28 49.42 -2.30
N GLY S 75 -13.34 50.28 -2.63
CA GLY S 75 -11.97 49.86 -2.44
C GLY S 75 -11.68 48.75 -3.42
N ALA S 76 -10.75 47.93 -3.16
CA ALA S 76 -10.28 46.87 -4.04
C ALA S 76 -11.27 45.74 -4.30
N LEU S 77 -12.38 45.76 -3.60
CA LEU S 77 -13.50 44.82 -3.83
C LEU S 77 -14.11 45.13 -5.21
N SER S 78 -13.88 46.27 -5.74
CA SER S 78 -14.28 46.62 -7.10
C SER S 78 -13.83 45.55 -8.11
N HIS S 79 -12.59 45.08 -7.93
CA HIS S 79 -12.02 44.21 -8.94
C HIS S 79 -12.46 42.80 -8.85
N TYR S 80 -13.13 42.34 -7.78
CA TYR S 80 -13.45 40.91 -7.73
C TYR S 80 -14.79 40.59 -7.08
N SER S 81 -15.44 41.52 -6.43
CA SER S 81 -16.65 41.22 -5.70
C SER S 81 -17.85 41.12 -6.62
N TYR S 82 -18.11 39.92 -7.18
CA TYR S 82 -19.31 39.71 -7.96
C TYR S 82 -20.50 39.68 -7.00
N ALA S 83 -20.33 39.38 -5.69
CA ALA S 83 -21.41 39.45 -4.75
C ALA S 83 -21.90 40.91 -4.54
N ILE S 84 -21.07 41.89 -4.54
CA ILE S 84 -21.42 43.30 -4.43
C ILE S 84 -22.07 43.71 -5.74
N ARG S 85 -21.57 43.23 -6.87
CA ARG S 85 -22.17 43.53 -8.17
C ARG S 85 -23.65 43.10 -8.21
N ASP S 86 -23.99 41.91 -7.75
CA ASP S 86 -25.32 41.38 -7.71
C ASP S 86 -26.16 42.14 -6.68
N ALA S 87 -25.58 42.70 -5.60
CA ALA S 87 -26.27 43.46 -4.62
C ALA S 87 -26.82 44.69 -5.31
N VAL S 88 -26.02 45.37 -6.05
CA VAL S 88 -26.38 46.60 -6.74
C VAL S 88 -27.48 46.38 -7.80
N SER S 89 -27.45 45.30 -8.53
CA SER S 89 -28.42 44.88 -9.47
C SER S 89 -29.79 44.59 -8.83
N SER S 90 -29.78 44.09 -7.57
CA SER S 90 -31.02 43.76 -6.99
C SER S 90 -31.77 44.97 -6.41
N ILE S 91 -31.30 46.18 -6.51
CA ILE S 91 -31.95 47.31 -5.90
C ILE S 91 -32.32 48.26 -7.01
N SER S 92 -33.29 49.12 -6.74
CA SER S 92 -33.76 50.10 -7.73
C SER S 92 -33.04 51.43 -7.69
N LEU S 93 -32.33 51.77 -6.63
CA LEU S 93 -31.65 53.05 -6.59
C LEU S 93 -30.45 53.19 -7.50
N PRO S 94 -30.20 54.37 -8.00
CA PRO S 94 -29.04 54.64 -8.78
C PRO S 94 -27.78 54.58 -7.93
N VAL S 95 -26.73 53.88 -8.44
CA VAL S 95 -25.46 53.76 -7.71
C VAL S 95 -24.32 54.32 -8.57
N VAL S 96 -23.42 55.11 -7.99
CA VAL S 96 -22.30 55.67 -8.74
C VAL S 96 -21.00 55.12 -8.08
N GLU S 97 -20.15 54.45 -8.86
CA GLU S 97 -18.89 53.92 -8.34
C GLU S 97 -17.85 55.02 -8.38
N VAL S 98 -17.11 55.21 -7.27
CA VAL S 98 -16.09 56.23 -7.30
C VAL S 98 -14.76 55.77 -6.74
N HIS S 99 -13.62 56.14 -7.34
CA HIS S 99 -12.29 55.87 -6.88
C HIS S 99 -11.56 57.20 -7.02
N LEU S 100 -10.76 57.53 -6.01
CA LEU S 100 -9.99 58.75 -5.96
C LEU S 100 -8.76 58.74 -6.79
N SER S 101 -7.96 57.60 -6.73
CA SER S 101 -6.76 57.64 -7.54
C SER S 101 -7.11 57.23 -8.96
N ASN S 102 -6.18 57.48 -9.89
CA ASN S 102 -6.37 57.03 -11.24
C ASN S 102 -5.82 55.58 -11.26
N LEU S 103 -6.77 54.66 -11.11
CA LEU S 103 -6.57 53.23 -11.18
C LEU S 103 -5.89 52.81 -12.47
N TYR S 104 -6.16 53.44 -13.59
CA TYR S 104 -5.63 53.18 -14.90
C TYR S 104 -4.13 53.35 -15.03
N ALA S 105 -3.52 54.14 -14.14
CA ALA S 105 -2.11 54.35 -14.08
C ALA S 105 -1.52 53.45 -13.02
N ARG S 106 -2.25 52.64 -12.26
CA ARG S 106 -1.65 51.72 -11.27
C ARG S 106 -1.60 50.28 -11.73
N GLU S 107 -1.48 49.32 -10.77
CA GLU S 107 -1.42 47.91 -11.26
C GLU S 107 -2.63 47.56 -12.16
N GLU S 108 -2.42 46.60 -13.05
CA GLU S 108 -3.26 46.06 -14.04
C GLU S 108 -4.53 45.47 -13.48
N PHE S 109 -4.47 44.87 -12.30
CA PHE S 109 -5.61 44.26 -11.66
C PHE S 109 -6.63 45.34 -11.27
N ARG S 110 -6.23 46.58 -11.14
CA ARG S 110 -7.17 47.63 -10.77
C ARG S 110 -7.76 48.25 -12.06
N HIS S 111 -7.53 47.71 -13.22
CA HIS S 111 -8.06 48.32 -14.45
C HIS S 111 -9.44 47.85 -14.84
N GLN S 112 -10.11 46.98 -14.11
CA GLN S 112 -11.48 46.60 -14.40
C GLN S 112 -12.28 46.57 -13.10
N SER S 113 -13.56 47.00 -13.21
CA SER S 113 -14.50 46.94 -12.18
C SER S 113 -15.50 45.85 -12.50
N VAL S 114 -15.79 44.95 -11.50
CA VAL S 114 -16.84 44.01 -11.81
C VAL S 114 -18.21 44.62 -11.44
N ILE S 115 -18.26 45.74 -10.75
CA ILE S 115 -19.45 46.40 -10.31
C ILE S 115 -20.01 47.38 -11.29
N ALA S 116 -19.17 48.10 -11.95
CA ALA S 116 -19.50 49.13 -12.91
C ALA S 116 -20.47 48.77 -14.00
N PRO S 117 -20.45 47.62 -14.65
CA PRO S 117 -21.44 47.27 -15.64
C PRO S 117 -22.88 47.43 -15.15
N VAL S 118 -23.20 47.19 -13.89
CA VAL S 118 -24.55 47.22 -13.40
C VAL S 118 -24.87 48.52 -12.65
N ALA S 119 -23.89 49.38 -12.46
CA ALA S 119 -24.15 50.69 -11.84
C ALA S 119 -24.52 51.70 -12.91
N LYS S 120 -24.85 52.97 -12.42
CA LYS S 120 -25.14 54.01 -13.39
C LYS S 120 -23.90 54.43 -14.15
N GLY S 121 -22.78 54.42 -13.41
CA GLY S 121 -21.57 54.99 -13.99
C GLY S 121 -20.42 54.89 -13.02
N GLN S 122 -19.28 55.46 -13.43
CA GLN S 122 -18.09 55.44 -12.64
C GLN S 122 -17.22 56.67 -12.86
N ILE S 123 -16.60 57.11 -11.77
CA ILE S 123 -15.68 58.25 -11.83
C ILE S 123 -14.39 57.77 -11.21
N VAL S 124 -13.31 57.92 -11.90
CA VAL S 124 -12.02 57.46 -11.44
C VAL S 124 -10.95 58.54 -11.66
N GLY S 125 -10.06 58.69 -10.73
CA GLY S 125 -8.93 59.59 -10.87
C GLY S 125 -9.17 61.01 -10.45
N LEU S 126 -10.36 61.40 -10.07
CA LEU S 126 -10.56 62.84 -9.82
C LEU S 126 -10.48 63.20 -8.36
N GLY S 127 -9.82 62.36 -7.56
CA GLY S 127 -9.62 62.61 -6.15
C GLY S 127 -10.93 62.63 -5.41
N ALA S 128 -10.86 63.13 -4.15
CA ALA S 128 -11.98 63.34 -3.30
C ALA S 128 -13.09 64.13 -3.93
N GLU S 129 -12.84 64.99 -4.90
CA GLU S 129 -13.85 65.71 -5.68
C GLU S 129 -14.85 64.78 -6.35
N GLY S 130 -14.40 63.54 -6.69
CA GLY S 130 -15.24 62.54 -7.31
C GLY S 130 -16.48 62.29 -6.50
N TYR S 131 -16.43 62.30 -5.18
CA TYR S 131 -17.60 62.13 -4.33
C TYR S 131 -18.66 63.24 -4.52
N LYS S 132 -18.18 64.45 -4.64
CA LYS S 132 -19.07 65.62 -4.88
C LYS S 132 -19.71 65.52 -6.26
N LEU S 133 -18.87 65.22 -7.25
CA LEU S 133 -19.33 65.03 -8.62
C LEU S 133 -20.41 63.94 -8.67
N ALA S 134 -20.23 62.85 -7.91
CA ALA S 134 -21.15 61.75 -7.92
C ALA S 134 -22.48 62.25 -7.27
N VAL S 135 -22.34 63.03 -6.24
CA VAL S 135 -23.52 63.59 -5.55
C VAL S 135 -24.27 64.46 -6.53
N ARG S 136 -23.62 65.34 -7.25
CA ARG S 136 -24.26 66.20 -8.24
C ARG S 136 -24.98 65.43 -9.33
N TYR S 137 -24.32 64.37 -9.86
CA TYR S 137 -25.00 63.53 -10.83
C TYR S 137 -26.29 62.97 -10.27
N LEU S 138 -26.25 62.42 -9.08
CA LEU S 138 -27.40 61.82 -8.41
C LEU S 138 -28.53 62.84 -8.29
N LEU S 139 -28.18 64.07 -7.92
CA LEU S 139 -29.27 65.07 -7.85
C LEU S 139 -29.93 65.28 -9.20
N SER S 140 -29.10 65.45 -10.22
CA SER S 140 -29.56 65.77 -11.56
C SER S 140 -30.50 64.74 -12.14
N GLN S 141 -30.63 63.59 -11.56
CA GLN S 141 -31.45 62.49 -12.01
C GLN S 141 -32.79 62.49 -11.26
N GLN S 142 -32.99 63.95 -15.64
N PRO T 1 10.58 41.23 21.34
CA PRO T 1 9.37 41.94 20.89
C PRO T 1 8.09 41.11 20.89
N HIS T 2 7.10 41.72 20.29
CA HIS T 2 5.73 41.17 20.27
C HIS T 2 5.11 41.12 18.89
N PHE T 3 4.83 39.93 18.34
CA PHE T 3 4.33 39.70 17.02
C PHE T 3 2.93 39.05 17.04
N LEU T 4 2.23 39.33 15.94
CA LEU T 4 0.91 38.82 15.65
C LEU T 4 0.96 37.65 14.64
N ILE T 5 0.44 36.55 14.99
CA ILE T 5 0.33 35.36 14.14
C ILE T 5 -1.12 35.34 13.66
N LEU T 6 -1.37 35.83 12.45
CA LEU T 6 -2.78 35.98 12.00
C LEU T 6 -3.14 34.85 11.03
N ASN T 7 -4.21 34.11 11.28
CA ASN T 7 -4.55 32.97 10.48
C ASN T 7 -5.92 33.15 9.89
N GLY T 8 -6.05 32.87 8.61
CA GLY T 8 -7.25 33.04 7.85
C GLY T 8 -8.18 31.88 7.81
N PRO T 9 -9.13 31.87 6.86
CA PRO T 9 -10.15 30.85 6.71
C PRO T 9 -9.62 29.45 6.49
N ASN T 10 -10.22 28.52 7.18
CA ASN T 10 -9.98 27.12 7.21
C ASN T 10 -8.66 26.73 7.89
N VAL T 11 -7.85 27.62 8.43
CA VAL T 11 -6.59 27.32 9.02
C VAL T 11 -6.87 26.66 10.36
N ASN T 12 -8.06 26.95 10.92
CA ASN T 12 -8.50 26.25 12.11
C ASN T 12 -8.78 24.77 11.82
N ARG T 13 -8.91 24.34 10.59
CA ARG T 13 -9.30 22.96 10.30
C ARG T 13 -8.09 22.07 10.13
N LEU T 14 -6.88 22.62 10.26
CA LEU T 14 -5.71 21.77 10.14
C LEU T 14 -5.74 20.50 10.97
N GLY T 15 -5.14 19.47 10.36
CA GLY T 15 -5.06 18.16 11.03
C GLY T 15 -6.28 17.29 10.75
N SER T 16 -7.39 17.80 10.24
CA SER T 16 -8.60 17.04 10.00
C SER T 16 -8.53 16.11 8.79
N ARG T 17 -7.48 16.30 7.97
CA ARG T 17 -7.30 15.54 6.74
C ARG T 17 -5.84 15.43 6.32
N GLU T 18 -5.58 14.62 5.32
CA GLU T 18 -4.32 14.33 4.71
C GLU T 18 -3.07 14.91 5.36
N PRO T 19 -2.54 14.13 6.31
CA PRO T 19 -1.32 14.43 7.02
C PRO T 19 -0.06 14.46 6.17
N GLU T 20 -0.10 13.97 4.93
CA GLU T 20 1.07 14.03 4.06
C GLU T 20 1.13 15.40 3.36
N VAL T 21 -0.01 16.06 3.25
CA VAL T 21 -0.10 17.37 2.64
C VAL T 21 0.11 18.45 3.72
N PHE T 22 -0.76 18.41 4.73
CA PHE T 22 -0.93 19.34 5.80
C PHE T 22 -0.23 19.14 7.12
N GLY T 23 0.24 17.91 7.35
CA GLY T 23 0.87 17.64 8.64
C GLY T 23 -0.20 16.99 9.52
N ARG T 24 0.20 16.70 10.74
CA ARG T 24 -0.55 15.96 11.72
C ARG T 24 -1.19 16.84 12.78
N GLN T 25 -0.53 17.96 12.97
CA GLN T 25 -0.87 18.93 13.97
C GLN T 25 -2.12 19.75 13.78
N THR T 26 -2.87 19.94 14.88
CA THR T 26 -4.01 20.84 14.83
C THR T 26 -3.42 22.25 14.94
N LEU T 27 -4.28 23.25 14.73
CA LEU T 27 -3.90 24.64 14.94
C LEU T 27 -3.57 24.80 16.42
N THR T 28 -4.31 24.24 17.39
CA THR T 28 -3.91 24.38 18.80
C THR T 28 -2.55 23.74 19.06
N ASP T 29 -2.23 22.58 18.50
CA ASP T 29 -0.94 21.97 18.63
C ASP T 29 0.13 22.98 18.20
N ILE T 30 -0.02 23.62 17.06
CA ILE T 30 0.98 24.54 16.53
C ILE T 30 1.14 25.79 17.38
N GLU T 31 0.06 26.37 17.89
CA GLU T 31 0.12 27.55 18.74
C GLU T 31 0.85 27.15 20.04
N THR T 32 0.60 25.99 20.61
CA THR T 32 1.36 25.63 21.79
C THR T 32 2.85 25.54 21.47
N ASP T 33 3.23 24.93 20.33
CA ASP T 33 4.64 24.87 19.96
C ASP T 33 5.28 26.22 19.76
N LEU T 34 4.56 27.14 19.13
CA LEU T 34 5.02 28.50 18.96
C LEU T 34 5.12 29.29 20.24
N PHE T 35 4.22 29.19 21.19
CA PHE T 35 4.43 30.00 22.43
C PHE T 35 5.67 29.47 23.13
N GLN T 36 5.91 28.16 23.12
CA GLN T 36 7.07 27.51 23.66
C GLN T 36 8.34 28.00 22.98
N PHE T 37 8.31 28.16 21.68
CA PHE T 37 9.44 28.64 20.89
C PHE T 37 9.66 30.13 21.14
N ALA T 38 8.53 30.84 21.25
CA ALA T 38 8.68 32.28 21.43
C ALA T 38 9.26 32.67 22.80
N GLU T 39 8.86 32.00 23.85
CA GLU T 39 9.38 32.16 25.17
C GLU T 39 10.83 31.67 25.29
N ALA T 40 11.31 30.83 24.37
CA ALA T 40 12.68 30.38 24.40
C ALA T 40 13.70 31.40 23.92
N LEU T 41 13.34 32.37 23.12
CA LEU T 41 14.17 33.48 22.65
C LEU T 41 13.64 34.82 23.19
N HIS T 42 12.79 34.66 24.21
CA HIS T 42 12.16 35.83 24.84
C HIS T 42 11.42 36.73 23.90
N ILE T 43 10.33 36.27 23.25
CA ILE T 43 9.51 37.17 22.44
C ILE T 43 8.04 36.86 22.76
N GLN T 44 7.16 37.86 22.63
CA GLN T 44 5.75 37.59 22.83
C GLN T 44 5.04 37.41 21.47
N LEU T 45 4.08 36.51 21.43
CA LEU T 45 3.22 36.35 20.30
C LEU T 45 1.74 36.41 20.71
N THR T 46 0.91 36.97 19.87
CA THR T 46 -0.54 36.88 20.00
C THR T 46 -1.08 36.11 18.80
N PHE T 47 -2.06 35.29 19.02
CA PHE T 47 -2.65 34.49 17.94
C PHE T 47 -4.08 34.96 17.66
N PHE T 48 -4.55 34.91 16.45
CA PHE T 48 -5.88 35.22 16.05
C PHE T 48 -6.20 34.46 14.75
N GLN T 49 -7.34 33.81 14.74
CA GLN T 49 -7.85 33.14 13.58
C GLN T 49 -9.31 33.53 13.32
N SER T 50 -9.59 33.71 12.05
CA SER T 50 -10.96 33.94 11.62
C SER T 50 -11.18 33.47 10.18
N ASN T 51 -12.44 33.06 9.95
CA ASN T 51 -12.89 32.76 8.60
C ASN T 51 -13.40 33.98 7.85
N HIS T 52 -13.43 35.19 8.46
CA HIS T 52 -13.87 36.39 7.74
C HIS T 52 -12.78 37.25 7.17
N GLU T 53 -12.77 37.63 5.90
CA GLU T 53 -11.83 38.52 5.28
C GLU T 53 -11.73 39.85 6.02
N GLY T 54 -12.83 40.48 6.34
CA GLY T 54 -12.86 41.74 7.10
C GLY T 54 -12.21 41.65 8.50
N ASP T 55 -12.32 40.51 9.20
CA ASP T 55 -11.69 40.41 10.52
C ASP T 55 -10.16 40.42 10.34
N LEU T 56 -9.61 39.80 9.27
CA LEU T 56 -8.17 39.89 9.09
C LEU T 56 -7.81 41.35 8.73
N ILE T 57 -8.61 41.98 7.85
CA ILE T 57 -8.34 43.34 7.53
C ILE T 57 -8.34 44.29 8.75
N ASP T 58 -9.30 44.18 9.62
CA ASP T 58 -9.45 44.92 10.86
C ASP T 58 -8.20 44.70 11.75
N ALA T 59 -7.77 43.41 11.92
CA ALA T 59 -6.60 43.03 12.64
C ALA T 59 -5.31 43.65 12.09
N ILE T 60 -5.16 43.68 10.78
CA ILE T 60 -3.98 44.27 10.17
C ILE T 60 -3.97 45.74 10.46
N HIS T 61 -5.04 46.45 10.32
CA HIS T 61 -5.07 47.89 10.54
C HIS T 61 -4.75 48.20 12.01
N GLU T 62 -5.29 47.40 12.93
CA GLU T 62 -5.10 47.59 14.34
C GLU T 62 -3.74 47.18 14.86
N ALA T 63 -3.02 46.37 14.07
CA ALA T 63 -1.73 45.85 14.47
C ALA T 63 -0.64 46.88 14.63
N GLU T 64 -0.72 47.91 13.83
CA GLU T 64 0.23 49.01 13.72
C GLU T 64 0.54 49.66 15.05
N GLU T 65 -0.42 49.73 15.96
CA GLU T 65 -0.26 50.33 17.25
C GLU T 65 0.02 49.32 18.35
N GLN T 66 0.29 48.08 18.01
CA GLN T 66 0.49 47.12 19.10
C GLN T 66 1.55 46.08 18.87
N TYR T 67 1.93 45.83 17.62
CA TYR T 67 2.87 44.77 17.37
C TYR T 67 4.05 45.25 16.54
N SER T 68 5.13 44.49 16.46
CA SER T 68 6.20 45.03 15.59
C SER T 68 6.32 44.20 14.32
N GLY T 69 5.40 43.28 14.07
CA GLY T 69 5.45 42.50 12.87
C GLY T 69 4.34 41.45 12.82
N ILE T 70 3.99 40.94 11.62
CA ILE T 70 2.88 40.03 11.47
C ILE T 70 3.36 38.82 10.68
N VAL T 71 2.93 37.66 11.08
CA VAL T 71 3.13 36.41 10.34
C VAL T 71 1.67 36.10 9.91
N LEU T 72 1.39 36.08 8.65
CA LEU T 72 0.08 35.86 8.06
C LEU T 72 0.02 34.62 7.18
N ASN T 73 -0.93 33.78 7.52
CA ASN T 73 -1.39 32.59 6.81
C ASN T 73 -2.87 32.86 6.53
N PRO T 74 -3.12 33.46 5.35
CA PRO T 74 -4.47 33.87 4.98
C PRO T 74 -5.34 32.81 4.42
N GLY T 75 -4.84 31.54 4.40
CA GLY T 75 -5.60 30.51 3.73
C GLY T 75 -5.73 30.84 2.25
N ALA T 76 -6.85 30.35 1.68
CA ALA T 76 -7.09 30.57 0.25
C ALA T 76 -7.32 32.00 -0.20
N LEU T 77 -7.60 32.88 0.72
CA LEU T 77 -7.69 34.31 0.40
C LEU T 77 -6.41 34.84 -0.20
N SER T 78 -5.24 34.18 0.06
CA SER T 78 -4.00 34.49 -0.58
C SER T 78 -4.19 34.68 -2.12
N HIS T 79 -4.98 33.80 -2.73
CA HIS T 79 -5.10 33.89 -4.19
C HIS T 79 -6.04 34.89 -4.86
N TYR T 80 -6.81 35.63 -4.06
CA TYR T 80 -7.81 36.52 -4.65
C TYR T 80 -8.05 37.74 -3.79
N SER T 81 -7.80 37.79 -2.53
CA SER T 81 -8.07 38.96 -1.73
C SER T 81 -7.18 40.19 -1.90
N TYR T 82 -7.48 41.01 -2.87
CA TYR T 82 -6.82 42.27 -3.08
C TYR T 82 -7.09 43.21 -1.91
N ALA T 83 -8.20 42.95 -1.22
CA ALA T 83 -8.54 43.80 -0.09
C ALA T 83 -7.55 43.58 1.05
N ILE T 84 -7.11 42.31 1.24
CA ILE T 84 -6.15 42.10 2.32
C ILE T 84 -4.81 42.64 1.79
N ARG T 85 -4.55 42.54 0.47
CA ARG T 85 -3.28 43.08 -0.08
C ARG T 85 -3.13 44.54 0.30
N ASP T 86 -4.18 45.32 0.07
CA ASP T 86 -4.19 46.75 0.31
C ASP T 86 -4.05 47.09 1.78
N ALA T 87 -4.43 46.23 2.71
CA ALA T 87 -4.34 46.46 4.13
C ALA T 87 -2.89 46.33 4.53
N VAL T 88 -2.24 45.24 4.02
CA VAL T 88 -0.80 45.10 4.28
C VAL T 88 -0.08 46.36 3.81
N SER T 89 -0.39 46.93 2.65
CA SER T 89 0.22 48.04 2.04
C SER T 89 0.01 49.32 2.85
N SER T 90 -1.08 49.41 3.51
CA SER T 90 -1.41 50.61 4.27
C SER T 90 -0.80 50.64 5.64
N ILE T 91 -0.08 49.63 6.08
CA ILE T 91 0.57 49.66 7.41
C ILE T 91 2.08 49.67 7.26
N SER T 92 2.81 50.06 8.30
CA SER T 92 4.25 50.08 8.21
C SER T 92 4.96 48.84 8.71
N LEU T 93 4.30 47.96 9.43
CA LEU T 93 5.00 46.77 9.94
C LEU T 93 5.37 45.77 8.86
N PRO T 94 6.46 45.05 9.00
CA PRO T 94 6.88 44.01 8.08
C PRO T 94 5.97 42.76 8.21
N VAL T 95 5.45 42.23 7.13
CA VAL T 95 4.55 41.10 7.12
C VAL T 95 5.15 39.94 6.35
N VAL T 96 5.06 38.72 6.86
CA VAL T 96 5.63 37.59 6.12
C VAL T 96 4.45 36.65 5.89
N GLU T 97 4.18 36.26 4.66
CA GLU T 97 3.14 35.35 4.29
C GLU T 97 3.64 33.93 4.37
N VAL T 98 2.90 33.02 5.00
CA VAL T 98 3.25 31.66 5.25
C VAL T 98 2.16 30.66 4.91
N HIS T 99 2.50 29.51 4.28
CA HIS T 99 1.57 28.47 3.93
C HIS T 99 2.37 27.21 4.24
N LEU T 100 1.71 26.27 4.88
CA LEU T 100 2.36 25.04 5.32
C LEU T 100 2.56 24.03 4.21
N SER T 101 1.55 23.73 3.39
CA SER T 101 1.81 22.75 2.33
C SER T 101 2.49 23.45 1.13
N ASN T 102 3.14 22.70 0.30
CA ASN T 102 3.69 23.18 -0.93
C ASN T 102 2.56 23.41 -1.92
N LEU T 103 2.06 24.60 -2.01
CA LEU T 103 1.08 25.09 -2.89
C LEU T 103 1.42 24.83 -4.38
N TYR T 104 2.69 24.94 -4.75
CA TYR T 104 3.13 24.78 -6.12
C TYR T 104 2.92 23.40 -6.66
N ALA T 105 2.73 22.43 -5.78
CA ALA T 105 2.42 21.07 -6.12
C ALA T 105 0.92 20.75 -6.13
N ARG T 106 0.12 21.72 -5.78
CA ARG T 106 -1.33 21.57 -5.74
C ARG T 106 -2.01 22.27 -6.90
N GLU T 107 -3.29 22.59 -6.74
CA GLU T 107 -4.05 23.19 -7.87
C GLU T 107 -3.44 24.49 -8.35
N GLU T 108 -3.58 24.77 -9.61
CA GLU T 108 -2.98 25.91 -10.27
C GLU T 108 -3.38 27.27 -9.70
N PHE T 109 -4.59 27.40 -9.21
CA PHE T 109 -5.09 28.64 -8.68
C PHE T 109 -4.30 29.02 -7.44
N ARG T 110 -3.65 28.02 -6.79
CA ARG T 110 -2.94 28.30 -5.54
C ARG T 110 -1.52 28.74 -5.84
N HIS T 111 -1.12 28.75 -7.08
CA HIS T 111 0.25 29.13 -7.48
C HIS T 111 0.54 30.61 -7.52
N GLN T 112 -0.34 31.47 -7.11
CA GLN T 112 -0.08 32.91 -7.12
C GLN T 112 -0.69 33.48 -5.88
N SER T 113 0.06 34.43 -5.29
CA SER T 113 -0.45 35.15 -4.16
C SER T 113 -0.72 36.58 -4.59
N VAL T 114 -1.87 37.18 -4.31
CA VAL T 114 -2.03 38.62 -4.60
C VAL T 114 -1.51 39.47 -3.45
N ILE T 115 -1.20 38.90 -2.30
CA ILE T 115 -0.65 39.58 -1.15
C ILE T 115 0.85 39.70 -1.11
N ALA T 116 1.55 38.73 -1.63
CA ALA T 116 3.03 38.65 -1.59
C ALA T 116 3.80 39.79 -2.19
N PRO T 117 3.36 40.44 -3.27
CA PRO T 117 4.06 41.56 -3.88
C PRO T 117 4.26 42.71 -2.90
N VAL T 118 3.39 42.94 -1.90
CA VAL T 118 3.54 44.01 -0.98
C VAL T 118 3.96 43.59 0.44
N ALA T 119 4.26 42.30 0.64
CA ALA T 119 4.73 41.84 1.92
C ALA T 119 6.27 41.85 1.93
N LYS T 120 6.88 41.47 3.07
CA LYS T 120 8.34 41.39 2.97
C LYS T 120 8.69 40.19 2.13
N GLY T 121 7.95 39.09 2.34
CA GLY T 121 8.31 37.85 1.60
C GLY T 121 7.37 36.76 2.01
N GLN T 122 7.61 35.54 1.51
CA GLN T 122 6.76 34.42 1.65
C GLN T 122 7.51 33.10 1.82
N ILE T 123 6.92 32.27 2.72
CA ILE T 123 7.50 30.92 2.87
C ILE T 123 6.42 29.93 2.51
N VAL T 124 6.72 28.94 1.69
CA VAL T 124 5.73 27.98 1.32
C VAL T 124 6.34 26.58 1.41
N GLY T 125 5.48 25.66 1.81
CA GLY T 125 5.95 24.26 1.70
C GLY T 125 6.66 23.68 2.91
N LEU T 126 7.07 24.52 3.86
CA LEU T 126 7.91 24.04 4.93
C LEU T 126 7.16 23.67 6.17
N GLY T 127 5.88 23.37 6.12
CA GLY T 127 5.05 22.95 7.18
C GLY T 127 4.86 24.03 8.23
N ALA T 128 4.54 23.59 9.45
CA ALA T 128 4.38 24.43 10.63
C ALA T 128 5.66 25.15 11.01
N GLU T 129 6.78 24.58 10.66
CA GLU T 129 8.11 25.18 10.87
C GLU T 129 8.16 26.56 10.24
N GLY T 130 7.50 26.75 9.10
CA GLY T 130 7.36 27.98 8.42
C GLY T 130 7.00 29.12 9.32
N TYR T 131 6.12 28.92 10.29
CA TYR T 131 5.78 29.97 11.27
C TYR T 131 6.99 30.37 12.14
N LYS T 132 7.75 29.36 12.62
CA LYS T 132 8.95 29.71 13.37
C LYS T 132 9.98 30.47 12.57
N LEU T 133 10.21 30.02 11.34
CA LEU T 133 11.15 30.63 10.41
C LEU T 133 10.78 32.11 10.15
N ALA T 134 9.53 32.43 9.91
CA ALA T 134 9.08 33.79 9.71
C ALA T 134 9.24 34.58 10.99
N VAL T 135 9.03 34.02 12.15
CA VAL T 135 9.27 34.72 13.43
C VAL T 135 10.74 35.02 13.63
N ARG T 136 11.63 34.17 13.21
CA ARG T 136 13.06 34.46 13.18
C ARG T 136 13.40 35.55 12.20
N TYR T 137 12.85 35.47 10.96
CA TYR T 137 13.15 36.54 10.02
C TYR T 137 12.76 37.91 10.65
N LEU T 138 11.58 38.02 11.17
CA LEU T 138 11.04 39.24 11.76
C LEU T 138 11.92 39.75 12.90
N LEU T 139 12.47 38.87 13.74
CA LEU T 139 13.37 39.28 14.79
C LEU T 139 14.53 40.03 14.18
N SER T 140 15.06 39.62 13.03
CA SER T 140 16.12 40.34 12.37
C SER T 140 15.72 41.65 11.76
N GLN T 141 14.60 42.34 11.88
CA GLN T 141 14.43 43.59 11.14
C GLN T 141 14.27 44.76 12.11
N GLN T 142 14.49 42.87 8.90
N PRO U 1 -32.83 11.84 8.83
CA PRO U 1 -31.73 12.74 8.41
C PRO U 1 -32.14 14.19 8.58
N HIS U 2 -31.22 15.03 9.06
CA HIS U 2 -31.38 16.49 9.16
C HIS U 2 -30.42 17.13 8.12
N PHE U 3 -30.85 17.96 7.20
CA PHE U 3 -30.01 18.64 6.24
C PHE U 3 -30.00 20.15 6.45
N LEU U 4 -28.91 20.79 6.13
CA LEU U 4 -28.71 22.22 6.15
C LEU U 4 -28.86 22.74 4.70
N ILE U 5 -29.64 23.80 4.59
CA ILE U 5 -29.94 24.50 3.37
C ILE U 5 -29.28 25.86 3.60
N LEU U 6 -28.13 26.08 2.95
CA LEU U 6 -27.28 27.22 3.13
C LEU U 6 -27.25 28.16 1.94
N ASN U 7 -27.74 29.37 2.13
CA ASN U 7 -27.88 30.36 1.12
C ASN U 7 -26.98 31.55 1.35
N GLY U 8 -26.29 31.90 0.24
CA GLY U 8 -25.33 33.00 0.27
C GLY U 8 -25.88 34.35 -0.07
N PRO U 9 -24.96 35.26 -0.42
CA PRO U 9 -25.31 36.67 -0.55
C PRO U 9 -26.30 36.86 -1.66
N ASN U 10 -27.23 37.82 -1.50
CA ASN U 10 -28.25 38.17 -2.44
C ASN U 10 -29.33 37.12 -2.66
N VAL U 11 -29.28 35.92 -2.17
CA VAL U 11 -30.30 34.92 -2.34
C VAL U 11 -31.55 35.35 -1.60
N ASN U 12 -31.46 36.14 -0.55
CA ASN U 12 -32.56 36.73 0.18
C ASN U 12 -33.34 37.70 -0.71
N ARG U 13 -32.80 38.18 -1.81
CA ARG U 13 -33.44 39.12 -2.71
C ARG U 13 -34.26 38.49 -3.82
N LEU U 14 -34.37 37.18 -3.92
CA LEU U 14 -35.20 36.52 -4.93
C LEU U 14 -36.55 37.21 -4.89
N GLY U 15 -36.96 37.88 -5.97
CA GLY U 15 -38.22 38.62 -5.93
C GLY U 15 -38.25 40.00 -6.52
N SER U 16 -37.60 41.03 -6.01
CA SER U 16 -37.55 42.40 -6.45
C SER U 16 -37.41 42.79 -7.91
N ARG U 17 -36.91 41.87 -8.71
CA ARG U 17 -36.60 41.85 -10.10
C ARG U 17 -36.87 40.49 -10.78
N GLU U 18 -36.60 40.47 -12.07
CA GLU U 18 -36.63 39.39 -13.02
C GLU U 18 -37.12 38.01 -12.64
N PRO U 19 -38.43 37.79 -12.75
CA PRO U 19 -39.09 36.53 -12.50
C PRO U 19 -38.89 35.46 -13.57
N GLU U 20 -38.62 35.87 -14.80
CA GLU U 20 -38.39 34.99 -15.92
C GLU U 20 -37.14 34.11 -15.77
N VAL U 21 -36.07 34.71 -15.27
CA VAL U 21 -34.82 33.98 -15.06
C VAL U 21 -34.81 33.38 -13.66
N PHE U 22 -35.57 34.00 -12.75
CA PHE U 22 -35.59 33.65 -11.34
C PHE U 22 -36.83 33.06 -10.69
N GLY U 23 -38.01 33.11 -11.29
CA GLY U 23 -39.23 32.63 -10.60
C GLY U 23 -39.66 33.86 -9.76
N ARG U 24 -40.93 33.95 -9.37
CA ARG U 24 -41.39 35.12 -8.62
C ARG U 24 -41.56 34.82 -7.14
N GLN U 25 -41.16 33.58 -6.79
CA GLN U 25 -41.29 33.30 -5.36
C GLN U 25 -40.10 34.04 -4.74
N THR U 26 -40.25 34.27 -3.46
CA THR U 26 -39.25 34.87 -2.62
C THR U 26 -38.54 33.68 -1.95
N LEU U 27 -37.53 34.04 -1.16
CA LEU U 27 -36.77 33.04 -0.41
C LEU U 27 -37.68 32.45 0.68
N THR U 28 -38.53 33.25 1.28
CA THR U 28 -39.56 32.80 2.23
C THR U 28 -40.52 31.84 1.56
N ASP U 29 -41.02 32.15 0.36
CA ASP U 29 -41.85 31.17 -0.32
C ASP U 29 -41.16 29.81 -0.45
N ILE U 30 -39.93 29.79 -0.97
CA ILE U 30 -39.17 28.61 -1.20
C ILE U 30 -38.97 27.77 0.07
N GLU U 31 -38.65 28.46 1.17
CA GLU U 31 -38.44 27.81 2.46
C GLU U 31 -39.72 27.13 2.95
N THR U 32 -40.83 27.82 2.82
CA THR U 32 -42.13 27.24 3.14
C THR U 32 -42.35 25.98 2.36
N ASP U 33 -42.15 25.96 1.07
CA ASP U 33 -42.32 24.81 0.20
C ASP U 33 -41.40 23.67 0.58
N LEU U 34 -40.15 23.92 0.84
CA LEU U 34 -39.13 22.97 1.20
C LEU U 34 -39.53 22.24 2.49
N PHE U 35 -39.97 23.01 3.44
CA PHE U 35 -40.55 22.66 4.72
C PHE U 35 -41.66 21.62 4.60
N GLN U 36 -42.59 21.83 3.69
CA GLN U 36 -43.70 20.94 3.35
C GLN U 36 -43.15 19.70 2.70
N PHE U 37 -42.06 19.92 1.92
CA PHE U 37 -41.40 18.86 1.24
C PHE U 37 -40.72 17.97 2.27
N ALA U 38 -40.09 18.64 3.26
CA ALA U 38 -39.41 17.82 4.25
C ALA U 38 -40.46 17.03 5.04
N GLU U 39 -41.51 17.73 5.46
CA GLU U 39 -42.49 16.92 6.27
C GLU U 39 -42.83 15.68 5.47
N ALA U 40 -43.06 15.81 4.16
CA ALA U 40 -43.51 14.74 3.36
C ALA U 40 -42.50 13.67 3.14
N LEU U 41 -41.20 13.90 3.17
CA LEU U 41 -40.25 12.83 3.01
C LEU U 41 -39.75 12.33 4.36
N HIS U 42 -40.29 12.84 5.44
CA HIS U 42 -40.02 12.49 6.82
C HIS U 42 -38.56 12.81 7.15
N ILE U 43 -38.20 14.08 6.88
CA ILE U 43 -36.84 14.54 7.12
C ILE U 43 -36.83 15.92 7.74
N GLN U 44 -35.75 16.33 8.41
CA GLN U 44 -35.69 17.70 8.93
C GLN U 44 -34.70 18.54 8.07
N LEU U 45 -35.00 19.81 7.99
CA LEU U 45 -34.18 20.78 7.32
C LEU U 45 -33.97 22.03 8.20
N THR U 46 -32.82 22.65 8.17
CA THR U 46 -32.61 23.93 8.82
C THR U 46 -32.15 24.90 7.72
N PHE U 47 -32.65 26.09 7.74
CA PHE U 47 -32.34 27.12 6.74
C PHE U 47 -31.45 28.19 7.33
N PHE U 48 -30.50 28.67 6.58
CA PHE U 48 -29.66 29.77 7.03
C PHE U 48 -29.23 30.57 5.80
N GLN U 49 -29.41 31.88 5.88
CA GLN U 49 -28.90 32.76 4.85
C GLN U 49 -28.05 33.89 5.40
N SER U 50 -26.94 34.20 4.71
CA SER U 50 -26.11 35.35 5.03
C SER U 50 -25.43 35.93 3.78
N ASN U 51 -25.13 37.24 3.88
CA ASN U 51 -24.42 37.97 2.85
C ASN U 51 -22.91 37.91 3.06
N HIS U 52 -22.49 37.36 4.20
CA HIS U 52 -21.04 37.30 4.51
C HIS U 52 -20.40 35.95 4.22
N GLU U 53 -19.30 35.94 3.47
CA GLU U 53 -18.54 34.73 3.13
C GLU U 53 -18.19 33.93 4.38
N GLY U 54 -17.68 34.63 5.39
CA GLY U 54 -17.28 34.10 6.68
C GLY U 54 -18.37 33.34 7.45
N ASP U 55 -19.63 33.77 7.36
CA ASP U 55 -20.75 33.12 8.04
C ASP U 55 -21.05 31.80 7.33
N LEU U 56 -20.87 31.83 6.00
CA LEU U 56 -21.10 30.59 5.30
C LEU U 56 -20.02 29.57 5.64
N ILE U 57 -18.77 29.96 5.70
CA ILE U 57 -17.68 29.08 6.12
C ILE U 57 -17.82 28.55 7.55
N ASP U 58 -18.20 29.38 8.43
CA ASP U 58 -18.42 29.10 9.85
C ASP U 58 -19.52 28.06 9.97
N ALA U 59 -20.61 28.22 9.23
CA ALA U 59 -21.70 27.24 9.13
C ALA U 59 -21.23 25.94 8.49
N ILE U 60 -20.31 26.02 7.52
CA ILE U 60 -19.92 24.72 6.92
C ILE U 60 -19.13 23.88 7.91
N HIS U 61 -18.22 24.52 8.65
CA HIS U 61 -17.39 23.92 9.63
C HIS U 61 -18.23 23.27 10.76
N GLU U 62 -19.21 23.99 11.24
CA GLU U 62 -20.10 23.60 12.31
C GLU U 62 -21.17 22.58 11.92
N ALA U 63 -21.43 22.40 10.64
CA ALA U 63 -22.38 21.48 10.10
C ALA U 63 -22.03 20.03 10.41
N GLU U 64 -20.78 19.69 10.35
CA GLU U 64 -20.20 18.38 10.55
C GLU U 64 -20.73 17.65 11.75
N GLU U 65 -21.01 18.30 12.86
CA GLU U 65 -21.47 17.72 14.10
C GLU U 65 -22.98 17.81 14.27
N GLN U 66 -23.69 18.23 13.24
CA GLN U 66 -25.12 18.40 13.42
C GLN U 66 -25.99 17.90 12.28
N TYR U 67 -25.51 17.98 11.05
CA TYR U 67 -26.30 17.61 9.90
C TYR U 67 -25.73 16.42 9.13
N SER U 68 -26.53 15.83 8.22
CA SER U 68 -25.88 14.78 7.45
C SER U 68 -25.60 15.16 6.00
N GLY U 69 -25.88 16.40 5.61
CA GLY U 69 -25.60 16.84 4.24
C GLY U 69 -25.99 18.30 4.09
N ILE U 70 -25.42 19.00 3.09
CA ILE U 70 -25.71 20.41 2.94
C ILE U 70 -26.09 20.68 1.47
N VAL U 71 -27.08 21.51 1.25
CA VAL U 71 -27.49 21.99 -0.02
C VAL U 71 -27.07 23.45 -0.01
N LEU U 72 -26.10 23.81 -0.79
CA LEU U 72 -25.48 25.12 -0.83
C LEU U 72 -25.72 25.90 -2.14
N ASN U 73 -26.35 27.04 -2.03
CA ASN U 73 -26.54 28.07 -3.02
C ASN U 73 -25.73 29.27 -2.49
N PRO U 74 -24.50 29.43 -3.01
CA PRO U 74 -23.60 30.49 -2.56
C PRO U 74 -23.74 31.78 -3.28
N GLY U 75 -24.69 31.91 -4.22
CA GLY U 75 -24.80 33.25 -4.81
C GLY U 75 -23.52 33.33 -5.64
N ALA U 76 -23.13 34.53 -5.94
CA ALA U 76 -21.99 34.84 -6.80
C ALA U 76 -20.66 34.41 -6.23
N LEU U 77 -20.59 34.00 -4.94
CA LEU U 77 -19.41 33.51 -4.29
C LEU U 77 -18.97 32.20 -4.94
N SER U 78 -19.82 31.46 -5.61
CA SER U 78 -19.53 30.29 -6.43
C SER U 78 -18.35 30.57 -7.39
N HIS U 79 -18.37 31.75 -7.99
CA HIS U 79 -17.36 32.11 -9.01
C HIS U 79 -16.00 32.50 -8.48
N TYR U 80 -15.85 32.84 -7.18
CA TYR U 80 -14.49 33.24 -6.77
C TYR U 80 -14.11 32.85 -5.38
N SER U 81 -14.98 32.28 -4.53
CA SER U 81 -14.62 32.06 -3.15
C SER U 81 -13.90 30.77 -2.94
N TYR U 82 -12.61 30.70 -3.13
CA TYR U 82 -11.79 29.57 -2.90
C TYR U 82 -11.79 29.31 -1.38
N ALA U 83 -12.07 30.30 -0.54
CA ALA U 83 -12.22 30.09 0.91
C ALA U 83 -13.39 29.16 1.12
N ILE U 84 -14.56 29.44 0.49
CA ILE U 84 -15.67 28.45 0.66
C ILE U 84 -15.37 27.08 0.08
N ARG U 85 -14.61 27.06 -1.04
CA ARG U 85 -14.20 25.75 -1.60
C ARG U 85 -13.45 24.97 -0.52
N ASP U 86 -12.48 25.54 0.13
CA ASP U 86 -11.62 24.87 1.10
C ASP U 86 -12.39 24.47 2.33
N ALA U 87 -13.40 25.17 2.76
CA ALA U 87 -14.32 24.84 3.78
C ALA U 87 -15.07 23.55 3.45
N VAL U 88 -15.62 23.38 2.27
CA VAL U 88 -16.29 22.17 1.86
C VAL U 88 -15.36 20.99 1.91
N SER U 89 -14.14 21.20 1.43
CA SER U 89 -13.14 20.15 1.39
C SER U 89 -12.74 19.75 2.80
N SER U 90 -12.95 20.61 3.77
CA SER U 90 -12.51 20.29 5.13
C SER U 90 -13.56 19.56 5.95
N ILE U 91 -14.73 19.25 5.37
CA ILE U 91 -15.72 18.47 6.10
C ILE U 91 -16.00 17.13 5.40
N SER U 92 -16.61 16.20 6.08
CA SER U 92 -16.86 14.88 5.56
C SER U 92 -18.29 14.75 5.00
N LEU U 93 -19.15 15.72 5.25
CA LEU U 93 -20.49 15.63 4.73
C LEU U 93 -20.55 15.91 3.20
N PRO U 94 -21.52 15.25 2.56
CA PRO U 94 -21.83 15.51 1.19
C PRO U 94 -22.49 16.86 1.01
N VAL U 95 -21.99 17.65 0.09
CA VAL U 95 -22.46 18.94 -0.28
C VAL U 95 -22.89 18.96 -1.78
N VAL U 96 -24.06 19.47 -2.09
CA VAL U 96 -24.53 19.72 -3.46
C VAL U 96 -24.68 21.25 -3.71
N GLU U 97 -24.10 21.75 -4.82
CA GLU U 97 -24.23 23.17 -5.08
C GLU U 97 -25.42 23.39 -5.96
N VAL U 98 -26.24 24.42 -5.73
CA VAL U 98 -27.45 24.66 -6.45
C VAL U 98 -27.66 26.08 -6.84
N HIS U 99 -28.07 26.38 -8.06
CA HIS U 99 -28.33 27.74 -8.49
C HIS U 99 -29.65 27.65 -9.25
N LEU U 100 -30.54 28.62 -9.04
CA LEU U 100 -31.84 28.54 -9.72
C LEU U 100 -31.85 28.90 -11.19
N SER U 101 -31.25 30.01 -11.57
CA SER U 101 -31.23 30.37 -12.99
C SER U 101 -30.17 29.54 -13.72
N ASN U 102 -30.30 29.58 -15.03
CA ASN U 102 -29.39 28.88 -15.91
C ASN U 102 -28.23 29.82 -16.13
N LEU U 103 -27.22 29.70 -15.32
CA LEU U 103 -26.04 30.55 -15.35
C LEU U 103 -25.39 30.48 -16.72
N TYR U 104 -25.36 29.38 -17.41
CA TYR U 104 -24.69 29.13 -18.64
C TYR U 104 -25.20 30.01 -19.75
N ALA U 105 -26.39 30.59 -19.61
CA ALA U 105 -27.07 31.48 -20.47
C ALA U 105 -26.85 32.92 -20.02
N ARG U 106 -26.16 33.15 -18.90
CA ARG U 106 -25.96 34.55 -18.44
C ARG U 106 -24.55 35.09 -18.64
N GLU U 107 -24.00 36.00 -17.90
CA GLU U 107 -22.65 36.48 -18.05
C GLU U 107 -21.60 35.35 -17.92
N GLU U 108 -20.47 35.53 -18.61
CA GLU U 108 -19.43 34.58 -18.70
C GLU U 108 -18.73 34.28 -17.39
N PHE U 109 -18.63 35.21 -16.46
CA PHE U 109 -18.05 35.00 -15.19
C PHE U 109 -18.96 34.03 -14.42
N ARG U 110 -20.20 33.80 -14.77
CA ARG U 110 -21.05 32.87 -14.00
C ARG U 110 -20.94 31.45 -14.50
N HIS U 111 -20.06 31.19 -15.47
CA HIS U 111 -19.97 29.89 -16.08
C HIS U 111 -18.93 28.97 -15.42
N GLN U 112 -18.29 29.44 -14.37
CA GLN U 112 -17.44 28.50 -13.64
C GLN U 112 -17.74 28.62 -12.16
N SER U 113 -17.75 27.53 -11.46
CA SER U 113 -17.80 27.35 -10.05
C SER U 113 -16.40 26.91 -9.53
N VAL U 114 -15.93 27.65 -8.53
CA VAL U 114 -14.70 27.22 -7.89
C VAL U 114 -14.99 26.26 -6.76
N ILE U 115 -16.25 26.10 -6.39
CA ILE U 115 -16.67 25.22 -5.33
C ILE U 115 -17.04 23.83 -5.81
N ALA U 116 -17.63 23.76 -7.04
CA ALA U 116 -18.08 22.48 -7.53
C ALA U 116 -17.09 21.33 -7.64
N PRO U 117 -15.85 21.50 -7.98
CA PRO U 117 -14.89 20.42 -8.06
C PRO U 117 -14.74 19.59 -6.79
N VAL U 118 -15.05 20.12 -5.64
CA VAL U 118 -14.85 19.44 -4.37
C VAL U 118 -16.20 19.05 -3.78
N ALA U 119 -17.27 19.44 -4.34
CA ALA U 119 -18.58 19.03 -3.94
C ALA U 119 -18.95 17.69 -4.60
N LYS U 120 -20.11 17.16 -4.15
CA LYS U 120 -20.62 15.95 -4.75
C LYS U 120 -21.01 16.28 -6.19
N GLY U 121 -21.60 17.45 -6.39
CA GLY U 121 -22.02 17.85 -7.73
C GLY U 121 -22.79 19.15 -7.66
N GLN U 122 -23.44 19.46 -8.79
CA GLN U 122 -24.11 20.68 -8.91
C GLN U 122 -25.34 20.56 -9.80
N ILE U 123 -26.37 21.37 -9.50
CA ILE U 123 -27.62 21.45 -10.21
C ILE U 123 -27.76 22.90 -10.59
N VAL U 124 -27.91 23.17 -11.89
CA VAL U 124 -28.04 24.53 -12.41
C VAL U 124 -29.23 24.72 -13.37
N GLY U 125 -29.98 25.77 -13.30
CA GLY U 125 -31.06 26.11 -14.15
C GLY U 125 -32.44 25.50 -13.86
N LEU U 126 -32.68 24.68 -12.91
CA LEU U 126 -33.93 24.01 -12.65
C LEU U 126 -34.81 24.76 -11.68
N GLY U 127 -34.57 26.04 -11.42
CA GLY U 127 -35.37 26.84 -10.53
C GLY U 127 -35.31 26.28 -9.12
N ALA U 128 -36.25 26.84 -8.28
CA ALA U 128 -36.27 26.28 -6.92
C ALA U 128 -36.45 24.80 -6.77
N GLU U 129 -36.98 24.11 -7.76
CA GLU U 129 -37.08 22.68 -7.70
C GLU U 129 -35.70 22.02 -7.49
N GLY U 130 -34.61 22.69 -7.86
CA GLY U 130 -33.23 22.36 -7.69
C GLY U 130 -32.87 22.05 -6.22
N TYR U 131 -33.36 22.73 -5.28
CA TYR U 131 -33.24 22.46 -3.87
C TYR U 131 -33.80 21.10 -3.48
N LYS U 132 -35.01 20.78 -3.93
CA LYS U 132 -35.70 19.54 -3.65
C LYS U 132 -35.00 18.33 -4.29
N LEU U 133 -34.53 18.54 -5.49
CA LEU U 133 -33.77 17.56 -6.22
C LEU U 133 -32.46 17.27 -5.47
N ALA U 134 -31.80 18.35 -4.97
CA ALA U 134 -30.56 18.13 -4.19
C ALA U 134 -30.89 17.39 -2.90
N VAL U 135 -32.03 17.72 -2.31
CA VAL U 135 -32.44 16.98 -1.07
C VAL U 135 -32.66 15.50 -1.35
N ARG U 136 -33.25 15.19 -2.48
CA ARG U 136 -33.46 13.79 -2.82
C ARG U 136 -32.16 13.05 -3.04
N TYR U 137 -31.25 13.77 -3.72
CA TYR U 137 -29.94 13.12 -3.98
C TYR U 137 -29.30 12.73 -2.66
N LEU U 138 -29.29 13.62 -1.74
CA LEU U 138 -28.71 13.52 -0.41
C LEU U 138 -29.37 12.35 0.35
N LEU U 139 -30.67 12.15 0.10
CA LEU U 139 -31.33 11.03 0.74
C LEU U 139 -30.85 9.77 0.07
N SER U 140 -30.54 9.76 -1.22
CA SER U 140 -30.10 8.53 -1.83
C SER U 140 -28.66 8.27 -1.43
N GLN U 141 -28.01 9.28 -0.84
CA GLN U 141 -26.65 9.09 -0.34
C GLN U 141 -26.90 8.59 1.09
N GLN U 142 -27.39 6.02 -2.85
N PRO V 1 -23.32 24.28 -66.31
CA PRO V 1 -22.59 23.37 -65.37
C PRO V 1 -23.47 22.88 -64.26
N HIS V 2 -22.94 21.95 -63.47
CA HIS V 2 -23.74 21.39 -62.36
C HIS V 2 -22.97 21.63 -61.05
N PHE V 3 -23.61 22.24 -60.08
CA PHE V 3 -23.14 22.43 -58.76
C PHE V 3 -23.94 21.65 -57.70
N LEU V 4 -23.29 21.39 -56.61
CA LEU V 4 -23.80 20.70 -55.42
C LEU V 4 -24.04 21.75 -54.32
N ILE V 5 -25.23 21.79 -53.75
CA ILE V 5 -25.57 22.74 -52.69
C ILE V 5 -25.57 21.83 -51.46
N LEU V 6 -24.56 21.94 -50.66
CA LEU V 6 -24.45 20.97 -49.53
C LEU V 6 -24.83 21.61 -48.21
N ASN V 7 -25.79 21.12 -47.49
CA ASN V 7 -26.23 21.72 -46.23
C ASN V 7 -26.04 20.74 -45.07
N GLY V 8 -25.48 21.34 -44.00
CA GLY V 8 -25.09 20.56 -42.82
C GLY V 8 -26.16 20.55 -41.73
N PRO V 9 -25.76 20.13 -40.54
CA PRO V 9 -26.67 19.98 -39.43
C PRO V 9 -27.51 21.22 -39.12
N ASN V 10 -28.76 20.93 -38.78
CA ASN V 10 -29.76 21.92 -38.39
C ASN V 10 -30.23 22.83 -39.49
N VAL V 11 -29.69 22.91 -40.70
CA VAL V 11 -30.08 23.77 -41.80
C VAL V 11 -31.48 23.42 -42.28
N ASN V 12 -31.85 22.12 -42.07
CA ASN V 12 -33.17 21.62 -42.31
C ASN V 12 -34.20 22.20 -41.38
N ARG V 13 -33.83 22.82 -40.27
CA ARG V 13 -34.74 23.45 -39.34
C ARG V 13 -34.98 24.93 -39.57
N LEU V 14 -34.43 25.51 -40.59
CA LEU V 14 -34.64 26.92 -40.94
C LEU V 14 -36.17 27.14 -40.90
N GLY V 15 -36.57 28.11 -40.12
CA GLY V 15 -37.99 28.45 -40.01
C GLY V 15 -38.49 28.23 -38.60
N SER V 16 -38.44 27.03 -38.10
CA SER V 16 -38.91 26.58 -36.81
C SER V 16 -39.02 27.44 -35.58
N ARG V 17 -38.84 28.75 -35.46
CA ARG V 17 -38.98 29.43 -34.19
C ARG V 17 -39.25 30.92 -34.23
N ARG V 24 -37.53 33.40 -41.99
CA ARG V 24 -38.84 32.96 -42.47
C ARG V 24 -38.84 31.80 -43.47
N GLN V 25 -37.97 31.87 -44.47
CA GLN V 25 -38.03 30.81 -45.46
C GLN V 25 -37.73 29.44 -44.86
N THR V 26 -38.27 28.33 -45.35
CA THR V 26 -37.87 27.02 -44.90
C THR V 26 -36.77 26.54 -45.88
N LEU V 27 -36.07 25.45 -45.62
CA LEU V 27 -35.05 24.97 -46.52
C LEU V 27 -35.71 24.58 -47.85
N THR V 28 -36.89 23.98 -47.79
CA THR V 28 -37.66 23.64 -48.98
C THR V 28 -37.99 24.92 -49.73
N ASP V 29 -38.47 25.98 -49.09
CA ASP V 29 -38.65 27.22 -49.85
C ASP V 29 -37.41 27.61 -50.64
N ILE V 30 -36.27 27.68 -49.94
CA ILE V 30 -35.01 28.11 -50.57
C ILE V 30 -34.56 27.21 -51.70
N GLU V 31 -34.81 25.90 -51.56
CA GLU V 31 -34.45 24.99 -52.65
C GLU V 31 -35.29 25.24 -53.92
N THR V 32 -36.56 25.55 -53.75
CA THR V 32 -37.46 25.87 -54.84
C THR V 32 -36.99 27.16 -55.51
N ASP V 33 -36.60 28.18 -54.75
CA ASP V 33 -36.11 29.41 -55.34
C ASP V 33 -34.82 29.22 -56.16
N LEU V 34 -33.93 28.43 -55.59
CA LEU V 34 -32.63 28.19 -56.21
C LEU V 34 -32.83 27.39 -57.51
N PHE V 35 -33.83 26.54 -57.49
CA PHE V 35 -34.19 25.78 -58.67
C PHE V 35 -34.58 26.75 -59.78
N GLN V 36 -35.49 27.62 -59.46
CA GLN V 36 -35.96 28.72 -60.32
C GLN V 36 -34.77 29.50 -60.85
N PHE V 37 -33.82 29.86 -60.00
CA PHE V 37 -32.60 30.61 -60.36
C PHE V 37 -31.67 29.80 -61.25
N ALA V 38 -31.57 28.52 -60.97
CA ALA V 38 -30.72 27.58 -61.72
C ALA V 38 -31.16 27.47 -63.16
N GLU V 39 -32.47 27.24 -63.32
CA GLU V 39 -33.13 27.29 -64.62
C GLU V 39 -32.86 28.62 -65.32
N ALA V 40 -33.11 29.72 -64.62
CA ALA V 40 -32.85 31.05 -65.13
C ALA V 40 -31.46 31.25 -65.64
N LEU V 41 -30.43 30.57 -65.13
CA LEU V 41 -29.06 30.75 -65.58
C LEU V 41 -28.55 29.59 -66.41
N HIS V 42 -29.45 28.70 -66.78
CA HIS V 42 -29.05 27.56 -67.58
C HIS V 42 -28.05 26.67 -66.84
N ILE V 43 -28.20 26.56 -65.51
CA ILE V 43 -27.31 25.70 -64.71
C ILE V 43 -28.09 24.58 -64.07
N GLN V 44 -27.46 23.48 -63.65
CA GLN V 44 -28.06 22.41 -62.88
C GLN V 44 -27.51 22.48 -61.44
N LEU V 45 -28.39 22.14 -60.51
CA LEU V 45 -28.09 22.08 -59.10
C LEU V 45 -28.58 20.76 -58.47
N THR V 46 -27.86 20.20 -57.53
CA THR V 46 -28.29 19.06 -56.74
C THR V 46 -28.24 19.48 -55.28
N PHE V 47 -29.25 19.24 -54.49
CA PHE V 47 -29.29 19.58 -53.13
C PHE V 47 -29.10 18.40 -52.20
N PHE V 48 -28.30 18.50 -51.16
CA PHE V 48 -28.17 17.43 -50.19
C PHE V 48 -28.02 18.05 -48.81
N GLN V 49 -28.78 17.51 -47.86
CA GLN V 49 -28.71 17.91 -46.50
C GLN V 49 -28.45 16.76 -45.54
N SER V 50 -27.59 16.91 -44.56
CA SER V 50 -27.47 15.87 -43.50
C SER V 50 -27.02 16.47 -42.20
N ASN V 51 -27.44 15.88 -41.07
CA ASN V 51 -26.93 16.23 -39.78
C ASN V 51 -25.68 15.51 -39.36
N HIS V 52 -25.13 14.58 -40.14
CA HIS V 52 -23.95 13.85 -39.92
C HIS V 52 -22.69 14.47 -40.60
N GLU V 53 -21.66 14.84 -39.81
CA GLU V 53 -20.37 15.27 -40.34
C GLU V 53 -19.83 14.31 -41.44
N GLY V 54 -19.90 13.01 -41.20
CA GLY V 54 -19.42 12.00 -42.09
C GLY V 54 -20.05 12.02 -43.46
N ASP V 55 -21.36 12.30 -43.56
CA ASP V 55 -22.11 12.33 -44.79
C ASP V 55 -21.62 13.49 -45.62
N LEU V 56 -21.36 14.63 -45.01
CA LEU V 56 -20.83 15.78 -45.72
C LEU V 56 -19.44 15.47 -46.29
N ILE V 57 -18.59 14.88 -45.48
CA ILE V 57 -17.27 14.48 -45.90
C ILE V 57 -17.35 13.50 -47.11
N ASP V 58 -18.16 12.50 -47.04
CA ASP V 58 -18.43 11.54 -48.10
C ASP V 58 -18.88 12.27 -49.37
N ALA V 59 -19.82 13.21 -49.27
CA ALA V 59 -20.28 14.02 -50.39
C ALA V 59 -19.15 14.83 -51.00
N ILE V 60 -18.32 15.44 -50.14
CA ILE V 60 -17.25 16.30 -50.70
C ILE V 60 -16.31 15.43 -51.51
N HIS V 61 -15.83 14.32 -50.96
CA HIS V 61 -15.02 13.40 -51.68
C HIS V 61 -15.64 12.96 -53.02
N GLU V 62 -16.86 12.53 -53.06
CA GLU V 62 -17.57 12.05 -54.25
C GLU V 62 -17.93 13.14 -55.22
N ALA V 63 -17.88 14.41 -54.79
CA ALA V 63 -18.25 15.51 -55.65
C ALA V 63 -17.39 15.70 -56.89
N GLU V 64 -16.10 15.48 -56.68
CA GLU V 64 -15.02 15.64 -57.63
C GLU V 64 -15.31 15.02 -58.97
N GLU V 65 -16.01 13.89 -59.05
CA GLU V 65 -16.29 13.18 -60.27
C GLU V 65 -17.65 13.54 -60.81
N GLN V 66 -18.34 14.50 -60.22
CA GLN V 66 -19.69 14.76 -60.70
C GLN V 66 -20.07 16.22 -60.81
N TYR V 67 -19.45 17.08 -60.02
CA TYR V 67 -19.85 18.47 -60.03
C TYR V 67 -18.65 19.35 -60.40
N SER V 68 -18.93 20.62 -60.68
CA SER V 68 -17.83 21.52 -60.93
C SER V 68 -17.67 22.55 -59.84
N GLY V 69 -18.43 22.46 -58.76
CA GLY V 69 -18.30 23.39 -57.65
C GLY V 69 -19.29 23.05 -56.52
N ILE V 70 -18.95 23.47 -55.30
CA ILE V 70 -19.78 23.19 -54.16
C ILE V 70 -20.12 24.48 -53.41
N VAL V 71 -21.36 24.72 -53.08
CA VAL V 71 -21.82 25.79 -52.20
C VAL V 71 -22.13 25.04 -50.88
N LEU V 72 -21.36 25.29 -49.84
CA LEU V 72 -21.36 24.66 -48.57
C LEU V 72 -21.83 25.52 -47.41
N ASN V 73 -22.96 25.17 -46.84
CA ASN V 73 -23.46 25.73 -45.60
C ASN V 73 -23.35 24.58 -44.57
N PRO V 74 -22.28 24.49 -43.82
CA PRO V 74 -22.04 23.43 -42.85
C PRO V 74 -22.73 23.57 -41.51
N GLY V 75 -23.51 24.63 -41.27
CA GLY V 75 -24.10 24.76 -39.94
C GLY V 75 -22.98 25.08 -38.97
N ALA V 76 -23.19 24.68 -37.71
CA ALA V 76 -22.27 24.86 -36.64
C ALA V 76 -20.98 24.07 -36.78
N LEU V 77 -20.87 23.12 -37.72
CA LEU V 77 -19.65 22.40 -38.04
C LEU V 77 -18.62 23.36 -38.58
N SER V 78 -19.04 24.59 -39.02
CA SER V 78 -18.07 25.58 -39.45
C SER V 78 -17.00 25.87 -38.40
N HIS V 79 -17.47 25.91 -37.14
CA HIS V 79 -16.60 26.33 -36.08
C HIS V 79 -15.63 25.32 -35.50
N TYR V 80 -15.70 24.06 -35.86
CA TYR V 80 -14.86 23.05 -35.25
C TYR V 80 -14.54 21.84 -36.07
N SER V 81 -15.19 21.66 -37.24
CA SER V 81 -14.90 20.44 -38.01
C SER V 81 -13.71 20.50 -38.90
N TYR V 82 -12.51 20.18 -38.38
CA TYR V 82 -11.27 20.20 -39.12
C TYR V 82 -11.31 19.01 -40.13
N ALA V 83 -12.10 18.01 -39.86
CA ALA V 83 -12.34 16.89 -40.72
C ALA V 83 -13.06 17.36 -42.01
N ILE V 84 -14.02 18.25 -41.93
CA ILE V 84 -14.57 18.81 -43.20
C ILE V 84 -13.57 19.74 -43.82
N ARG V 85 -12.83 20.56 -43.08
CA ARG V 85 -11.73 21.36 -43.70
C ARG V 85 -10.87 20.43 -44.56
N ASP V 86 -10.31 19.37 -44.01
CA ASP V 86 -9.37 18.52 -44.75
C ASP V 86 -10.02 17.84 -45.95
N ALA V 87 -11.32 17.58 -45.93
CA ALA V 87 -12.04 17.11 -47.07
C ALA V 87 -12.07 18.12 -48.19
N VAL V 88 -12.38 19.37 -47.93
CA VAL V 88 -12.29 20.47 -48.91
C VAL V 88 -10.88 20.57 -49.52
N SER V 89 -9.84 20.49 -48.70
CA SER V 89 -8.49 20.59 -49.23
C SER V 89 -8.14 19.39 -50.12
N SER V 90 -8.80 18.27 -49.99
CA SER V 90 -8.40 17.07 -50.70
C SER V 90 -9.04 17.01 -52.07
N ILE V 91 -9.91 17.92 -52.44
CA ILE V 91 -10.55 17.93 -53.71
C ILE V 91 -10.10 19.16 -54.49
N SER V 92 -10.22 19.12 -55.80
CA SER V 92 -9.83 20.16 -56.71
C SER V 92 -10.95 21.14 -57.01
N LEU V 93 -12.23 20.84 -56.72
CA LEU V 93 -13.26 21.80 -57.00
C LEU V 93 -13.24 22.99 -56.09
N PRO V 94 -13.76 24.08 -56.63
CA PRO V 94 -13.97 25.32 -55.86
C PRO V 94 -15.17 25.22 -54.93
N VAL V 95 -14.91 25.62 -53.67
CA VAL V 95 -15.95 25.54 -52.63
C VAL V 95 -16.11 26.94 -52.06
N VAL V 96 -17.33 27.40 -51.91
CA VAL V 96 -17.72 28.60 -51.26
C VAL V 96 -18.50 28.28 -49.98
N GLU V 97 -18.11 28.91 -48.87
CA GLU V 97 -18.83 28.66 -47.62
C GLU V 97 -19.88 29.72 -47.43
N VAL V 98 -21.13 29.38 -47.11
CA VAL V 98 -22.21 30.35 -46.96
C VAL V 98 -22.97 30.20 -45.68
N HIS V 99 -23.41 31.25 -45.02
CA HIS V 99 -24.13 31.28 -43.78
C HIS V 99 -25.18 32.41 -43.94
N LEU V 100 -26.46 32.08 -43.70
CA LEU V 100 -27.48 33.10 -43.87
C LEU V 100 -27.43 34.24 -42.89
N SER V 101 -27.39 33.97 -41.58
CA SER V 101 -27.35 35.01 -40.57
C SER V 101 -25.96 35.62 -40.43
N ASN V 102 -25.99 36.81 -39.82
CA ASN V 102 -24.77 37.50 -39.58
C ASN V 102 -24.10 36.89 -38.36
N LEU V 103 -23.23 35.89 -38.54
CA LEU V 103 -22.56 35.21 -37.48
C LEU V 103 -21.79 36.17 -36.58
N TYR V 104 -21.15 37.16 -37.07
CA TYR V 104 -20.39 38.16 -36.37
C TYR V 104 -21.16 38.98 -35.37
N ALA V 105 -22.51 38.98 -35.46
CA ALA V 105 -23.35 39.66 -34.49
C ALA V 105 -23.89 38.63 -33.49
N ARG V 106 -23.54 37.36 -33.55
CA ARG V 106 -24.06 36.37 -32.64
C ARG V 106 -22.99 35.93 -31.65
N GLU V 107 -23.17 34.78 -31.00
CA GLU V 107 -22.18 34.28 -30.08
C GLU V 107 -20.78 34.23 -30.68
N GLU V 108 -19.82 34.37 -29.75
CA GLU V 108 -18.41 34.44 -30.06
C GLU V 108 -17.84 33.23 -30.77
N PHE V 109 -18.27 32.03 -30.40
CA PHE V 109 -17.77 30.81 -31.04
C PHE V 109 -18.13 30.76 -32.52
N ARG V 110 -19.09 31.53 -32.99
CA ARG V 110 -19.47 31.60 -34.40
C ARG V 110 -18.68 32.53 -35.24
N HIS V 111 -17.68 33.19 -34.69
CA HIS V 111 -16.91 34.22 -35.33
C HIS V 111 -15.70 33.67 -36.11
N GLN V 112 -15.48 32.36 -36.09
CA GLN V 112 -14.35 31.84 -36.80
C GLN V 112 -14.77 30.57 -37.52
N SER V 113 -14.36 30.42 -38.74
CA SER V 113 -14.54 29.23 -39.50
C SER V 113 -13.24 28.44 -39.67
N VAL V 114 -13.26 27.14 -39.34
CA VAL V 114 -12.03 26.36 -39.62
C VAL V 114 -11.99 25.80 -41.01
N ILE V 115 -13.08 25.88 -41.76
CA ILE V 115 -13.20 25.56 -43.15
C ILE V 115 -12.78 26.62 -44.14
N ALA V 116 -13.05 27.89 -43.82
CA ALA V 116 -12.81 28.97 -44.72
C ALA V 116 -11.41 29.18 -45.21
N PRO V 117 -10.37 28.92 -44.45
CA PRO V 117 -9.03 29.10 -44.92
C PRO V 117 -8.69 28.31 -46.17
N VAL V 118 -9.31 27.15 -46.39
CA VAL V 118 -8.95 26.29 -47.53
C VAL V 118 -10.01 26.36 -48.62
N ALA V 119 -11.10 27.09 -48.42
CA ALA V 119 -12.08 27.30 -49.47
C ALA V 119 -11.72 28.49 -50.36
N LYS V 120 -12.50 28.67 -51.44
CA LYS V 120 -12.25 29.87 -52.24
C LYS V 120 -12.57 31.11 -51.41
N GLY V 121 -13.67 31.05 -50.65
CA GLY V 121 -14.14 32.20 -49.88
C GLY V 121 -15.38 31.85 -49.08
N GLN V 122 -16.02 32.90 -48.50
CA GLN V 122 -17.15 32.77 -47.69
C GLN V 122 -18.07 34.02 -47.71
N ILE V 123 -19.35 33.88 -47.69
CA ILE V 123 -20.37 34.90 -47.65
C ILE V 123 -21.15 34.68 -46.38
N VAL V 124 -21.25 35.69 -45.55
CA VAL V 124 -21.98 35.58 -44.33
C VAL V 124 -22.93 36.77 -44.15
N GLY V 125 -24.14 36.55 -43.68
CA GLY V 125 -24.98 37.70 -43.35
C GLY V 125 -25.98 38.10 -44.41
N LEU V 126 -25.85 37.56 -45.63
CA LEU V 126 -26.76 38.02 -46.68
C LEU V 126 -27.99 37.14 -46.85
N GLY V 127 -28.34 36.32 -45.88
CA GLY V 127 -29.53 35.50 -45.96
C GLY V 127 -29.49 34.56 -47.12
N ALA V 128 -30.60 33.96 -47.50
CA ALA V 128 -30.71 32.97 -48.56
C ALA V 128 -30.20 33.47 -49.91
N GLU V 129 -30.11 34.72 -50.09
CA GLU V 129 -29.50 35.31 -51.27
C GLU V 129 -28.03 34.94 -51.38
N GLY V 130 -27.35 34.61 -50.26
CA GLY V 130 -25.96 34.19 -50.32
C GLY V 130 -25.70 32.90 -51.11
N TYR V 131 -26.64 32.03 -51.13
CA TYR V 131 -26.57 30.83 -51.98
C TYR V 131 -26.50 31.24 -53.44
N LYS V 132 -27.30 32.21 -53.85
CA LYS V 132 -27.36 32.63 -55.26
C LYS V 132 -26.04 33.31 -55.64
N LEU V 133 -25.62 34.19 -54.75
CA LEU V 133 -24.35 34.90 -54.92
C LEU V 133 -23.21 33.91 -55.07
N ALA V 134 -23.22 32.89 -54.23
CA ALA V 134 -22.17 31.86 -54.37
C ALA V 134 -22.24 31.17 -55.70
N VAL V 135 -23.48 30.82 -56.10
CA VAL V 135 -23.59 30.15 -57.39
C VAL V 135 -23.07 31.06 -58.49
N ARG V 136 -23.29 32.36 -58.43
CA ARG V 136 -22.79 33.28 -59.45
C ARG V 136 -21.30 33.39 -59.49
N TYR V 137 -20.65 33.38 -58.33
CA TYR V 137 -19.21 33.37 -58.27
C TYR V 137 -18.73 32.09 -58.91
N LEU V 138 -19.27 30.92 -58.60
CA LEU V 138 -18.77 29.68 -59.19
C LEU V 138 -18.84 29.72 -60.71
N LEU V 139 -19.84 30.32 -61.35
CA LEU V 139 -20.04 30.48 -62.76
C LEU V 139 -18.89 31.25 -63.38
N SER V 140 -18.48 32.29 -62.64
CA SER V 140 -17.37 33.11 -62.96
C SER V 140 -16.01 32.45 -62.86
N GLN V 141 -15.74 31.27 -62.41
CA GLN V 141 -14.45 30.67 -62.15
C GLN V 141 -13.71 29.72 -63.08
N GLN V 142 -14.21 31.34 -60.32
N PRO W 1 -46.95 11.65 -18.63
CA PRO W 1 -46.48 11.77 -20.04
C PRO W 1 -45.37 10.78 -20.41
N HIS W 2 -44.72 11.13 -21.51
CA HIS W 2 -43.64 10.44 -22.17
C HIS W 2 -42.36 11.23 -22.51
N PHE W 3 -41.20 10.85 -22.00
CA PHE W 3 -39.94 11.48 -22.19
C PHE W 3 -38.94 10.55 -22.87
N LEU W 4 -38.03 11.11 -23.61
CA LEU W 4 -36.89 10.52 -24.26
C LEU W 4 -35.64 10.58 -23.38
N ILE W 5 -34.94 9.50 -23.16
CA ILE W 5 -33.72 9.47 -22.40
C ILE W 5 -32.64 9.29 -23.49
N LEU W 6 -31.83 10.34 -23.73
CA LEU W 6 -30.95 10.23 -24.91
C LEU W 6 -29.49 10.15 -24.50
N ASN W 7 -28.76 9.13 -24.85
CA ASN W 7 -27.40 8.92 -24.38
C ASN W 7 -26.44 8.78 -25.54
N GLY W 8 -25.33 9.53 -25.42
CA GLY W 8 -24.35 9.71 -26.45
C GLY W 8 -23.16 8.78 -26.36
N PRO W 9 -22.09 9.12 -27.03
CA PRO W 9 -20.98 8.22 -27.22
C PRO W 9 -20.44 7.80 -25.87
N ASN W 10 -20.01 6.53 -25.81
CA ASN W 10 -19.41 5.84 -24.70
C ASN W 10 -20.31 5.68 -23.50
N VAL W 11 -21.53 6.20 -23.43
CA VAL W 11 -22.40 5.99 -22.29
C VAL W 11 -22.75 4.48 -22.14
N ASN W 12 -22.82 3.74 -23.24
CA ASN W 12 -22.99 2.32 -23.27
C ASN W 12 -21.84 1.57 -22.61
N ARG W 13 -20.69 2.19 -22.36
CA ARG W 13 -19.57 1.56 -21.72
C ARG W 13 -19.58 1.77 -20.20
N LEU W 14 -20.60 2.32 -19.60
CA LEU W 14 -20.62 2.42 -18.13
C LEU W 14 -20.38 1.04 -17.52
N GLY W 15 -19.45 0.87 -16.61
CA GLY W 15 -19.14 -0.43 -15.98
C GLY W 15 -17.72 -0.73 -16.50
N SER W 16 -17.68 -1.23 -17.72
CA SER W 16 -16.48 -1.51 -18.48
C SER W 16 -15.21 -1.15 -17.73
N GLN W 25 -21.95 -0.28 -11.96
CA GLN W 25 -23.22 -0.46 -12.71
C GLN W 25 -23.17 -0.27 -14.23
N THR W 26 -24.14 -0.82 -14.99
CA THR W 26 -24.11 -0.71 -16.45
C THR W 26 -25.26 0.15 -16.97
N LEU W 27 -25.25 0.51 -18.24
CA LEU W 27 -26.37 1.32 -18.73
C LEU W 27 -27.68 0.50 -18.70
N THR W 28 -27.54 -0.84 -19.00
CA THR W 28 -28.72 -1.72 -18.90
C THR W 28 -29.30 -1.72 -17.51
N ASP W 29 -28.42 -1.84 -16.52
CA ASP W 29 -28.86 -1.76 -15.12
C ASP W 29 -29.61 -0.44 -14.86
N ILE W 30 -29.10 0.73 -15.30
CA ILE W 30 -29.79 1.97 -15.08
C ILE W 30 -31.11 2.09 -15.79
N GLU W 31 -31.24 1.57 -17.00
CA GLU W 31 -32.47 1.60 -17.78
C GLU W 31 -33.55 0.76 -17.07
N THR W 32 -33.17 -0.38 -16.52
CA THR W 32 -34.14 -1.20 -15.77
C THR W 32 -34.65 -0.41 -14.57
N ASP W 33 -33.75 0.24 -13.82
CA ASP W 33 -34.17 1.08 -12.70
C ASP W 33 -35.07 2.22 -13.13
N LEU W 34 -34.76 2.90 -14.23
CA LEU W 34 -35.59 4.01 -14.70
C LEU W 34 -36.96 3.51 -15.11
N PHE W 35 -36.94 2.28 -15.63
CA PHE W 35 -38.15 1.56 -16.02
C PHE W 35 -39.08 1.29 -14.85
N GLN W 36 -38.46 0.83 -13.73
CA GLN W 36 -39.35 0.62 -12.57
C GLN W 36 -39.85 1.93 -12.02
N PHE W 37 -38.96 2.93 -12.02
CA PHE W 37 -39.34 4.25 -11.50
C PHE W 37 -40.40 4.97 -12.30
N ALA W 38 -40.30 4.80 -13.61
CA ALA W 38 -41.28 5.40 -14.51
C ALA W 38 -42.69 4.82 -14.25
N GLU W 39 -42.76 3.50 -14.20
CA GLU W 39 -44.01 2.79 -14.04
C GLU W 39 -44.73 3.24 -12.77
N ALA W 40 -44.00 3.28 -11.66
CA ALA W 40 -44.62 3.68 -10.41
C ALA W 40 -44.87 5.16 -10.32
N LEU W 41 -44.42 5.95 -11.29
CA LEU W 41 -44.68 7.36 -11.35
C LEU W 41 -45.69 7.56 -12.49
N HIS W 42 -46.01 6.47 -13.15
CA HIS W 42 -46.96 6.26 -14.21
C HIS W 42 -46.90 7.34 -15.30
N ILE W 43 -45.72 7.28 -15.91
CA ILE W 43 -45.20 8.03 -17.01
C ILE W 43 -44.44 7.05 -17.92
N GLN W 44 -44.25 7.45 -19.16
CA GLN W 44 -43.50 6.63 -20.11
C GLN W 44 -42.14 7.24 -20.50
N LEU W 45 -41.16 6.41 -20.73
CA LEU W 45 -39.83 6.73 -21.17
C LEU W 45 -39.43 5.90 -22.36
N THR W 46 -38.69 6.49 -23.26
CA THR W 46 -38.02 5.73 -24.33
C THR W 46 -36.54 6.00 -24.18
N PHE W 47 -35.71 4.97 -24.34
CA PHE W 47 -34.29 5.08 -24.23
C PHE W 47 -33.65 4.93 -25.60
N PHE W 48 -32.66 5.71 -25.89
CA PHE W 48 -31.89 5.53 -27.13
C PHE W 48 -30.43 5.98 -26.87
N GLN W 49 -29.48 5.17 -27.35
CA GLN W 49 -28.11 5.47 -27.23
C GLN W 49 -27.38 5.32 -28.57
N SER W 50 -26.38 6.17 -28.82
CA SER W 50 -25.64 6.09 -30.03
C SER W 50 -24.26 6.80 -29.88
N ASN W 51 -23.28 6.27 -30.58
CA ASN W 51 -21.98 6.85 -30.64
C ASN W 51 -21.80 7.91 -31.69
N HIS W 52 -22.73 8.15 -32.57
CA HIS W 52 -22.81 9.08 -33.65
C HIS W 52 -23.53 10.40 -33.32
N GLU W 53 -22.84 11.49 -33.47
CA GLU W 53 -23.37 12.82 -33.24
C GLU W 53 -24.64 13.03 -34.09
N GLY W 54 -24.64 12.72 -35.36
CA GLY W 54 -25.78 12.89 -36.26
C GLY W 54 -27.02 12.13 -35.82
N ASP W 55 -26.85 10.93 -35.27
CA ASP W 55 -28.01 10.21 -34.72
C ASP W 55 -28.59 11.00 -33.52
N LEU W 56 -27.73 11.61 -32.65
CA LEU W 56 -28.40 12.37 -31.56
C LEU W 56 -29.21 13.55 -32.09
N ILE W 57 -28.65 14.26 -33.03
CA ILE W 57 -29.29 15.40 -33.69
C ILE W 57 -30.56 14.97 -34.43
N ASP W 58 -30.51 13.87 -35.22
CA ASP W 58 -31.77 13.37 -35.82
C ASP W 58 -32.81 13.10 -34.73
N ALA W 59 -32.44 12.43 -33.65
CA ALA W 59 -33.39 12.13 -32.57
C ALA W 59 -33.96 13.35 -31.87
N ILE W 60 -33.18 14.39 -31.68
CA ILE W 60 -33.67 15.63 -31.07
C ILE W 60 -34.69 16.27 -32.00
N HIS W 61 -34.39 16.39 -33.31
CA HIS W 61 -35.29 16.97 -34.31
C HIS W 61 -36.64 16.23 -34.37
N GLU W 62 -36.64 14.90 -34.30
CA GLU W 62 -37.83 14.08 -34.36
C GLU W 62 -38.59 14.07 -33.05
N ALA W 63 -37.94 14.38 -31.92
CA ALA W 63 -38.52 14.31 -30.62
C ALA W 63 -39.75 15.18 -30.45
N GLU W 64 -39.77 16.32 -31.07
CA GLU W 64 -40.74 17.36 -31.08
C GLU W 64 -42.15 16.88 -31.31
N GLU W 65 -42.33 15.88 -32.16
CA GLU W 65 -43.61 15.33 -32.48
C GLU W 65 -43.99 14.13 -31.66
N GLN W 66 -43.18 13.70 -30.69
CA GLN W 66 -43.49 12.47 -30.00
C GLN W 66 -43.29 12.50 -28.51
N TYR W 67 -42.46 13.40 -28.00
CA TYR W 67 -42.21 13.41 -26.57
C TYR W 67 -42.49 14.77 -25.97
N SER W 68 -42.54 14.81 -24.61
CA SER W 68 -42.74 16.16 -24.07
C SER W 68 -41.46 16.68 -23.45
N GLY W 69 -40.40 15.89 -23.49
CA GLY W 69 -39.14 16.40 -22.86
C GLY W 69 -38.02 15.43 -23.05
N ILE W 70 -36.77 15.91 -22.96
CA ILE W 70 -35.62 15.08 -23.23
C ILE W 70 -34.61 15.25 -22.07
N VAL W 71 -34.10 14.14 -21.58
CA VAL W 71 -33.04 14.09 -20.61
C VAL W 71 -31.87 13.64 -21.51
N LEU W 72 -30.83 14.43 -21.58
CA LEU W 72 -29.68 14.22 -22.43
C LEU W 72 -28.36 14.07 -21.71
N ASN W 73 -27.66 13.02 -21.98
CA ASN W 73 -26.34 12.66 -21.54
C ASN W 73 -25.52 12.42 -22.83
N PRO W 74 -24.93 13.52 -23.30
CA PRO W 74 -24.20 13.47 -24.59
C PRO W 74 -22.81 12.88 -24.48
N GLY W 75 -22.38 12.45 -23.28
CA GLY W 75 -21.00 12.06 -23.15
C GLY W 75 -20.08 13.21 -23.49
N ALA W 76 -18.90 12.88 -24.04
CA ALA W 76 -17.93 13.97 -24.25
C ALA W 76 -18.39 14.98 -25.30
N LEU W 77 -19.28 14.69 -26.21
CA LEU W 77 -19.86 15.67 -27.13
C LEU W 77 -20.39 16.91 -26.40
N SER W 78 -20.68 16.85 -25.15
CA SER W 78 -20.99 18.05 -24.36
C SER W 78 -20.03 19.19 -24.52
N HIS W 79 -18.74 18.90 -24.54
CA HIS W 79 -17.67 19.86 -24.55
C HIS W 79 -17.35 20.43 -25.90
N TYR W 80 -17.89 20.01 -27.02
CA TYR W 80 -17.47 20.59 -28.30
C TYR W 80 -18.54 20.56 -29.40
N SER W 81 -19.60 19.79 -29.20
CA SER W 81 -20.59 19.70 -30.28
C SER W 81 -21.55 20.87 -30.32
N TYR W 82 -21.15 21.90 -31.04
CA TYR W 82 -22.04 23.01 -31.30
C TYR W 82 -23.22 22.59 -32.17
N ALA W 83 -23.09 21.51 -32.93
CA ALA W 83 -24.20 21.03 -33.74
C ALA W 83 -25.29 20.43 -32.84
N ILE W 84 -25.00 19.80 -31.71
CA ILE W 84 -26.03 19.29 -30.85
C ILE W 84 -26.66 20.50 -30.14
N ARG W 85 -25.81 21.52 -29.87
CA ARG W 85 -26.36 22.69 -29.24
C ARG W 85 -27.50 23.27 -30.09
N ASP W 86 -27.15 23.53 -31.37
CA ASP W 86 -28.13 24.15 -32.29
C ASP W 86 -29.35 23.28 -32.48
N ALA W 87 -29.29 21.96 -32.43
CA ALA W 87 -30.45 21.09 -32.48
C ALA W 87 -31.28 21.36 -31.26
N VAL W 88 -30.72 21.41 -30.03
CA VAL W 88 -31.53 21.69 -28.87
C VAL W 88 -32.24 23.01 -29.04
N SER W 89 -31.58 24.08 -29.53
CA SER W 89 -32.20 25.37 -29.75
C SER W 89 -33.29 25.40 -30.83
N SER W 90 -33.24 24.48 -31.76
CA SER W 90 -34.24 24.44 -32.81
C SER W 90 -35.55 23.74 -32.41
N ILE W 91 -35.73 23.16 -31.26
CA ILE W 91 -36.93 22.47 -30.86
C ILE W 91 -37.53 23.17 -29.61
N SER W 92 -38.81 23.02 -29.43
CA SER W 92 -39.52 23.67 -28.34
C SER W 92 -39.54 22.85 -27.07
N LEU W 93 -39.28 21.59 -26.99
CA LEU W 93 -39.29 20.81 -25.78
C LEU W 93 -38.21 21.14 -24.78
N PRO W 94 -38.49 20.99 -23.50
CA PRO W 94 -37.49 21.25 -22.47
C PRO W 94 -36.45 20.16 -22.51
N VAL W 95 -35.16 20.43 -22.51
CA VAL W 95 -34.06 19.45 -22.47
C VAL W 95 -33.22 19.63 -21.19
N VAL W 96 -32.79 18.58 -20.50
CA VAL W 96 -31.99 18.72 -19.31
C VAL W 96 -30.72 17.95 -19.54
N GLU W 97 -29.54 18.53 -19.33
CA GLU W 97 -28.29 17.81 -19.57
C GLU W 97 -27.85 17.17 -18.30
N VAL W 98 -27.46 15.87 -18.35
CA VAL W 98 -27.10 15.10 -17.23
C VAL W 98 -25.79 14.36 -17.36
N HIS W 99 -24.88 14.40 -16.41
CA HIS W 99 -23.61 13.70 -16.39
C HIS W 99 -23.46 13.07 -14.98
N LEU W 100 -23.09 11.81 -14.98
CA LEU W 100 -23.04 11.04 -13.78
C LEU W 100 -21.87 11.45 -12.88
N SER W 101 -20.68 11.41 -13.41
CA SER W 101 -19.52 11.76 -12.61
C SER W 101 -19.42 13.28 -12.46
N ASN W 102 -18.62 13.69 -11.51
CA ASN W 102 -18.37 15.06 -11.20
C ASN W 102 -17.30 15.54 -12.19
N LEU W 103 -17.67 16.06 -13.31
CA LEU W 103 -16.82 16.59 -14.35
C LEU W 103 -15.87 17.68 -13.84
N TYR W 104 -16.29 18.56 -12.97
CA TYR W 104 -15.50 19.63 -12.42
C TYR W 104 -14.32 19.11 -11.63
N ALA W 105 -14.28 17.83 -11.25
CA ALA W 105 -13.16 17.27 -10.53
C ALA W 105 -12.29 16.52 -11.54
N ARG W 106 -12.64 16.53 -12.83
CA ARG W 106 -11.87 15.72 -13.81
C ARG W 106 -11.09 16.61 -14.75
N GLU W 107 -10.64 16.17 -15.90
CA GLU W 107 -9.86 17.03 -16.78
C GLU W 107 -10.58 18.32 -17.08
N GLU W 108 -9.80 19.35 -17.34
CA GLU W 108 -10.23 20.70 -17.59
C GLU W 108 -11.13 20.82 -18.75
N PHE W 109 -10.89 20.01 -19.81
CA PHE W 109 -11.73 20.12 -21.02
C PHE W 109 -13.16 19.66 -20.69
N ARG W 110 -13.44 18.98 -19.58
CA ARG W 110 -14.78 18.59 -19.20
C ARG W 110 -15.52 19.62 -18.39
N HIS W 111 -14.91 20.73 -18.05
CA HIS W 111 -15.60 21.74 -17.20
C HIS W 111 -16.49 22.66 -17.95
N GLN W 112 -16.65 22.56 -19.28
CA GLN W 112 -17.56 23.48 -19.98
C GLN W 112 -18.50 22.72 -20.90
N SER W 113 -19.76 22.96 -20.88
CA SER W 113 -20.75 22.45 -21.80
C SER W 113 -21.06 23.49 -22.86
N VAL W 114 -21.02 23.19 -24.14
CA VAL W 114 -21.47 24.08 -25.17
C VAL W 114 -22.98 23.87 -25.38
N ILE W 115 -23.52 22.82 -24.79
CA ILE W 115 -24.97 22.61 -24.91
C ILE W 115 -25.83 23.27 -23.85
N ALA W 116 -25.33 23.32 -22.60
CA ALA W 116 -26.06 23.89 -21.49
C ALA W 116 -26.59 25.28 -21.55
N PRO W 117 -25.96 26.30 -22.18
CA PRO W 117 -26.53 27.61 -22.31
C PRO W 117 -27.92 27.66 -22.97
N VAL W 118 -28.35 26.71 -23.76
CA VAL W 118 -29.57 26.65 -24.51
C VAL W 118 -30.52 25.56 -23.95
N ALA W 119 -30.18 24.82 -22.96
CA ALA W 119 -30.98 23.87 -22.32
C ALA W 119 -31.65 24.52 -21.11
N LYS W 120 -32.62 23.77 -20.57
CA LYS W 120 -33.22 24.30 -19.35
C LYS W 120 -32.18 24.36 -18.26
N GLY W 121 -31.34 23.34 -18.15
CA GLY W 121 -30.36 23.25 -17.07
C GLY W 121 -29.49 22.02 -17.23
N GLN W 122 -28.76 21.76 -16.13
CA GLN W 122 -27.79 20.70 -16.09
C GLN W 122 -27.56 20.21 -14.68
N ILE W 123 -27.44 18.92 -14.56
CA ILE W 123 -27.13 18.17 -13.37
C ILE W 123 -25.83 17.38 -13.59
N VAL W 124 -24.80 17.68 -12.78
CA VAL W 124 -23.56 16.95 -12.91
C VAL W 124 -23.14 16.36 -11.55
N GLY W 125 -22.62 15.17 -11.54
CA GLY W 125 -22.01 14.61 -10.35
C GLY W 125 -22.86 13.81 -9.42
N LEU W 126 -24.16 13.73 -9.61
CA LEU W 126 -25.11 12.99 -8.82
C LEU W 126 -25.29 11.58 -9.27
N GLY W 127 -24.39 11.02 -10.04
CA GLY W 127 -24.46 9.65 -10.50
C GLY W 127 -25.76 9.36 -11.28
N ALA W 128 -26.15 8.08 -11.35
CA ALA W 128 -27.32 7.63 -12.07
C ALA W 128 -28.59 8.26 -11.56
N GLU W 129 -28.67 8.64 -10.33
CA GLU W 129 -29.82 9.33 -9.72
C GLU W 129 -30.12 10.58 -10.51
N GLY W 130 -29.11 11.25 -11.12
CA GLY W 130 -29.28 12.40 -11.94
C GLY W 130 -30.38 12.28 -12.98
N TYR W 131 -30.50 11.11 -13.58
CA TYR W 131 -31.50 10.80 -14.62
C TYR W 131 -32.90 10.92 -14.11
N LYS W 132 -33.13 10.44 -12.90
CA LYS W 132 -34.39 10.47 -12.18
C LYS W 132 -34.70 11.89 -11.73
N LEU W 133 -33.67 12.55 -11.22
CA LEU W 133 -33.87 13.93 -10.80
C LEU W 133 -34.32 14.76 -11.99
N ALA W 134 -33.77 14.52 -13.17
CA ALA W 134 -34.14 15.26 -14.36
C ALA W 134 -35.54 14.90 -14.84
N VAL W 135 -35.84 13.63 -14.85
CA VAL W 135 -37.23 13.24 -15.10
C VAL W 135 -38.17 13.90 -14.10
N ARG W 136 -37.85 13.99 -12.81
CA ARG W 136 -38.76 14.74 -11.94
C ARG W 136 -38.94 16.21 -12.26
N TYR W 137 -37.84 16.93 -12.60
CA TYR W 137 -37.95 18.35 -12.97
C TYR W 137 -38.90 18.54 -14.16
N LEU W 138 -38.72 17.70 -15.16
CA LEU W 138 -39.51 17.65 -16.38
C LEU W 138 -40.99 17.40 -15.96
N LEU W 139 -41.20 16.38 -15.08
CA LEU W 139 -42.54 16.14 -14.54
C LEU W 139 -43.09 17.40 -13.90
N SER W 140 -42.29 17.95 -12.98
CA SER W 140 -42.66 19.19 -12.29
C SER W 140 -42.96 20.37 -13.20
N GLN W 141 -42.57 20.43 -14.45
CA GLN W 141 -42.97 21.54 -15.33
C GLN W 141 -44.39 21.29 -15.85
N GLN W 142 -43.93 24.48 -16.49
N PRO X 1 -0.71 -12.64 -33.18
CA PRO X 1 -1.85 -11.72 -33.04
C PRO X 1 -2.61 -11.22 -34.26
N HIS X 2 -3.71 -10.52 -33.90
CA HIS X 2 -4.57 -9.87 -34.81
C HIS X 2 -4.75 -8.39 -34.36
N PHE X 3 -4.24 -7.50 -35.16
CA PHE X 3 -4.36 -6.09 -34.90
C PHE X 3 -5.28 -5.40 -35.90
N LEU X 4 -5.87 -4.34 -35.43
CA LEU X 4 -6.81 -3.53 -36.19
C LEU X 4 -6.07 -2.26 -36.60
N ILE X 5 -6.08 -1.94 -37.88
CA ILE X 5 -5.50 -0.77 -38.43
C ILE X 5 -6.70 0.17 -38.74
N LEU X 6 -6.93 1.17 -37.88
CA LEU X 6 -8.12 2.00 -38.02
C LEU X 6 -7.88 3.37 -38.60
N ASN X 7 -8.42 3.68 -39.76
CA ASN X 7 -8.18 4.97 -40.38
C ASN X 7 -9.40 5.85 -40.42
N GLY X 8 -9.28 7.12 -39.98
CA GLY X 8 -10.32 8.09 -39.92
C GLY X 8 -10.50 8.88 -41.21
N PRO X 9 -11.30 9.97 -41.11
CA PRO X 9 -11.62 10.85 -42.17
C PRO X 9 -10.49 11.37 -42.96
N ASN X 10 -10.61 11.37 -44.26
CA ASN X 10 -9.75 11.79 -45.31
C ASN X 10 -8.52 10.92 -45.45
N VAL X 11 -8.23 9.96 -44.61
CA VAL X 11 -7.06 9.08 -44.77
C VAL X 11 -7.11 8.33 -46.09
N ASN X 12 -8.24 7.97 -46.63
CA ASN X 12 -8.51 7.38 -47.89
C ASN X 12 -8.08 8.27 -49.06
N ARG X 13 -7.94 9.57 -48.89
CA ARG X 13 -7.52 10.48 -49.94
C ARG X 13 -6.01 10.65 -50.06
N LEU X 14 -5.19 9.91 -49.33
CA LEU X 14 -3.74 9.97 -49.52
C LEU X 14 -3.33 9.74 -50.99
N GLY X 15 -2.47 10.59 -51.55
CA GLY X 15 -1.92 10.42 -52.88
C GLY X 15 -2.66 11.13 -54.00
N SER X 16 -3.38 12.17 -53.66
CA SER X 16 -4.19 12.95 -54.56
C SER X 16 -3.83 14.42 -54.42
N ARG X 17 -2.66 14.60 -53.83
CA ARG X 17 -2.07 15.91 -53.59
C ARG X 17 -0.69 15.78 -52.94
N GLU X 18 0.01 16.91 -52.94
CA GLU X 18 1.31 17.10 -52.35
C GLU X 18 1.97 15.85 -51.79
N PRO X 19 2.71 15.16 -52.66
CA PRO X 19 3.46 13.96 -52.30
C PRO X 19 4.60 14.25 -51.34
N GLU X 20 5.15 15.47 -51.34
CA GLU X 20 6.26 15.83 -50.45
C GLU X 20 5.81 16.03 -49.00
N VAL X 21 4.49 16.04 -48.78
CA VAL X 21 3.97 16.17 -47.43
C VAL X 21 3.44 14.84 -46.90
N PHE X 22 2.81 14.03 -47.76
CA PHE X 22 2.25 12.77 -47.34
C PHE X 22 2.93 11.54 -47.91
N GLY X 23 3.53 11.68 -49.09
CA GLY X 23 4.13 10.52 -49.75
C GLY X 23 3.36 10.34 -51.08
N ARG X 24 3.95 9.58 -51.98
CA ARG X 24 3.49 9.35 -53.33
C ARG X 24 2.23 8.50 -53.54
N GLN X 25 2.15 7.49 -52.71
CA GLN X 25 1.21 6.46 -52.56
C GLN X 25 -0.23 6.83 -52.18
N THR X 26 -1.04 5.73 -52.20
CA THR X 26 -2.42 5.77 -51.87
C THR X 26 -2.60 4.87 -50.63
N LEU X 27 -3.77 4.99 -50.01
CA LEU X 27 -4.03 4.09 -48.87
C LEU X 27 -4.01 2.61 -49.27
N THR X 28 -4.39 2.26 -50.50
CA THR X 28 -4.39 0.90 -50.98
C THR X 28 -2.95 0.37 -51.08
N ASP X 29 -2.09 1.18 -51.61
CA ASP X 29 -0.66 0.86 -51.64
C ASP X 29 -0.17 0.49 -50.26
N ILE X 30 -0.40 1.33 -49.24
CA ILE X 30 0.07 1.07 -47.91
C ILE X 30 -0.47 -0.23 -47.34
N GLU X 31 -1.73 -0.48 -47.51
CA GLU X 31 -2.40 -1.69 -47.06
C GLU X 31 -1.71 -2.87 -47.72
N THR X 32 -1.42 -2.75 -49.01
CA THR X 32 -0.73 -3.88 -49.69
C THR X 32 0.60 -4.24 -49.05
N ASP X 33 1.36 -3.16 -48.81
CA ASP X 33 2.68 -3.32 -48.19
C ASP X 33 2.58 -3.84 -46.78
N LEU X 34 1.61 -3.39 -45.96
CA LEU X 34 1.51 -3.91 -44.58
C LEU X 34 1.10 -5.38 -44.56
N PHE X 35 0.36 -5.89 -45.52
CA PHE X 35 0.02 -7.29 -45.66
C PHE X 35 1.22 -8.18 -45.98
N GLN X 36 2.08 -7.69 -46.85
CA GLN X 36 3.32 -8.40 -47.22
C GLN X 36 4.08 -8.72 -45.93
N PHE X 37 4.28 -7.71 -45.10
CA PHE X 37 4.90 -7.82 -43.78
C PHE X 37 4.15 -8.71 -42.82
N ALA X 38 2.83 -8.74 -42.75
CA ALA X 38 2.13 -9.65 -41.85
C ALA X 38 2.20 -11.15 -42.14
N GLU X 39 2.16 -11.57 -43.39
CA GLU X 39 2.21 -13.02 -43.73
C GLU X 39 3.58 -13.57 -43.37
N ALA X 40 4.55 -12.85 -43.87
CA ALA X 40 5.94 -12.78 -43.68
C ALA X 40 6.40 -12.56 -42.24
N LEU X 41 5.53 -12.29 -41.27
CA LEU X 41 5.91 -12.02 -39.90
C LEU X 41 4.89 -12.77 -39.04
N HIS X 42 4.27 -13.74 -39.68
CA HIS X 42 3.24 -14.56 -39.09
C HIS X 42 2.02 -13.91 -38.48
N ILE X 43 1.64 -12.67 -38.90
CA ILE X 43 0.49 -12.08 -38.22
C ILE X 43 -0.67 -11.65 -39.12
N GLN X 44 -1.73 -11.38 -38.34
CA GLN X 44 -2.94 -10.91 -38.96
C GLN X 44 -3.31 -9.44 -38.63
N LEU X 45 -3.68 -8.77 -39.72
CA LEU X 45 -4.15 -7.41 -39.73
C LEU X 45 -5.51 -7.25 -40.41
N THR X 46 -6.39 -6.39 -39.91
CA THR X 46 -7.67 -6.06 -40.49
C THR X 46 -7.69 -4.53 -40.63
N PHE X 47 -7.95 -4.03 -41.80
CA PHE X 47 -8.03 -2.63 -42.11
C PHE X 47 -9.45 -2.11 -42.14
N PHE X 48 -9.69 -0.89 -41.68
CA PHE X 48 -11.00 -0.28 -41.68
C PHE X 48 -10.84 1.24 -41.74
N GLN X 49 -11.45 1.85 -42.70
CA GLN X 49 -11.46 3.30 -42.84
C GLN X 49 -12.89 3.81 -42.86
N SER X 50 -13.16 4.97 -42.31
CA SER X 50 -14.43 5.67 -42.35
C SER X 50 -14.24 7.16 -42.06
N ASN X 51 -15.12 7.94 -42.71
CA ASN X 51 -15.14 9.36 -42.50
C ASN X 51 -16.09 9.76 -41.35
N HIS X 52 -16.72 8.81 -40.71
CA HIS X 52 -17.61 9.06 -39.59
C HIS X 52 -17.00 8.79 -38.22
N GLU X 53 -17.09 9.77 -37.35
CA GLU X 53 -16.53 9.66 -36.01
C GLU X 53 -17.14 8.47 -35.32
N GLY X 54 -18.46 8.32 -35.38
CA GLY X 54 -19.16 7.26 -34.75
C GLY X 54 -18.73 5.87 -35.18
N ASP X 55 -18.39 5.70 -36.44
CA ASP X 55 -17.95 4.39 -36.93
C ASP X 55 -16.60 4.04 -36.27
N LEU X 56 -15.69 5.05 -36.11
CA LEU X 56 -14.44 4.73 -35.43
C LEU X 56 -14.69 4.32 -33.96
N ILE X 57 -15.62 4.98 -33.29
CA ILE X 57 -15.94 4.69 -31.92
C ILE X 57 -16.59 3.32 -31.76
N ASP X 58 -17.44 2.93 -32.67
CA ASP X 58 -18.11 1.63 -32.75
C ASP X 58 -17.05 0.54 -32.92
N ALA X 59 -16.12 0.75 -33.84
CA ALA X 59 -15.04 -0.16 -34.07
C ALA X 59 -14.12 -0.32 -32.84
N ILE X 60 -13.84 0.73 -32.10
CA ILE X 60 -12.96 0.69 -30.94
C ILE X 60 -13.63 -0.12 -29.85
N HIS X 61 -14.87 0.12 -29.54
CA HIS X 61 -15.68 -0.62 -28.63
C HIS X 61 -15.72 -2.11 -29.01
N GLU X 62 -15.98 -2.49 -30.20
CA GLU X 62 -16.05 -3.86 -30.65
C GLU X 62 -14.70 -4.55 -30.80
N ALA X 63 -13.59 -3.80 -30.80
CA ALA X 63 -12.28 -4.35 -30.99
C ALA X 63 -11.87 -5.27 -29.85
N GLU X 64 -12.34 -4.95 -28.68
CA GLU X 64 -12.01 -5.58 -27.40
C GLU X 64 -12.14 -7.08 -27.42
N GLU X 65 -13.16 -7.60 -28.08
CA GLU X 65 -13.42 -9.01 -28.23
C GLU X 65 -12.81 -9.65 -29.45
N GLN X 66 -12.04 -8.93 -30.24
CA GLN X 66 -11.52 -9.53 -31.46
C GLN X 66 -10.06 -9.28 -31.71
N TYR X 67 -9.51 -8.18 -31.20
CA TYR X 67 -8.12 -7.89 -31.53
C TYR X 67 -7.26 -7.75 -30.30
N SER X 68 -5.94 -7.72 -30.52
CA SER X 68 -5.10 -7.56 -29.33
C SER X 68 -4.41 -6.21 -29.33
N GLY X 69 -4.65 -5.38 -30.32
CA GLY X 69 -4.12 -4.02 -30.40
C GLY X 69 -4.61 -3.21 -31.57
N ILE X 70 -4.54 -1.87 -31.51
CA ILE X 70 -5.08 -1.04 -32.56
C ILE X 70 -4.02 -0.01 -32.99
N VAL X 71 -3.82 0.23 -34.26
CA VAL X 71 -3.00 1.28 -34.78
C VAL X 71 -4.01 2.29 -35.34
N LEU X 72 -4.14 3.47 -34.81
CA LEU X 72 -5.19 4.42 -35.16
C LEU X 72 -4.56 5.69 -35.73
N ASN X 73 -4.94 6.06 -36.92
CA ASN X 73 -4.73 7.25 -37.64
C ASN X 73 -6.12 7.88 -37.83
N PRO X 74 -6.48 8.78 -36.93
CA PRO X 74 -7.83 9.36 -36.90
C PRO X 74 -8.00 10.52 -37.79
N GLY X 75 -6.99 10.90 -38.54
CA GLY X 75 -7.02 12.07 -39.36
C GLY X 75 -7.23 13.24 -38.38
N ALA X 76 -7.81 14.28 -38.85
CA ALA X 76 -8.06 15.52 -38.13
C ALA X 76 -8.89 15.34 -36.92
N LEU X 77 -9.58 14.23 -36.63
CA LEU X 77 -10.30 14.01 -35.45
C LEU X 77 -9.37 14.02 -34.25
N SER X 78 -8.09 13.74 -34.45
CA SER X 78 -7.09 13.75 -33.41
C SER X 78 -7.18 15.03 -32.57
N HIS X 79 -7.42 16.13 -33.26
CA HIS X 79 -7.36 17.46 -32.64
C HIS X 79 -8.57 17.89 -31.90
N TYR X 80 -9.72 17.22 -32.02
CA TYR X 80 -10.92 17.71 -31.33
C TYR X 80 -11.87 16.63 -30.84
N SER X 81 -11.67 15.37 -31.25
CA SER X 81 -12.58 14.29 -30.86
C SER X 81 -12.39 13.72 -29.47
N TYR X 82 -12.91 14.40 -28.45
CA TYR X 82 -12.87 13.90 -27.11
C TYR X 82 -13.66 12.57 -27.03
N ALA X 83 -14.65 12.32 -27.89
CA ALA X 83 -15.46 11.12 -27.86
C ALA X 83 -14.61 9.92 -28.33
N ILE X 84 -13.62 10.11 -29.12
CA ILE X 84 -12.70 9.10 -29.57
C ILE X 84 -11.74 8.82 -28.41
N ARG X 85 -11.34 9.93 -27.76
CA ARG X 85 -10.55 9.75 -26.56
C ARG X 85 -11.21 8.84 -25.53
N ASP X 86 -12.41 9.02 -25.15
CA ASP X 86 -13.18 8.35 -24.13
C ASP X 86 -13.41 6.92 -24.63
N ALA X 87 -13.51 6.66 -25.91
CA ALA X 87 -13.64 5.31 -26.45
C ALA X 87 -12.32 4.57 -26.23
N VAL X 88 -11.15 5.11 -26.57
CA VAL X 88 -9.88 4.47 -26.27
C VAL X 88 -9.73 4.19 -24.77
N SER X 89 -10.12 5.06 -23.86
CA SER X 89 -10.03 4.85 -22.43
C SER X 89 -10.96 3.76 -21.91
N SER X 90 -11.99 3.40 -22.67
CA SER X 90 -12.91 2.41 -22.10
C SER X 90 -12.64 1.03 -22.58
N ILE X 91 -11.56 0.86 -23.31
CA ILE X 91 -11.20 -0.49 -23.69
C ILE X 91 -9.86 -0.82 -23.01
N SER X 92 -9.57 -2.12 -22.94
CA SER X 92 -8.31 -2.57 -22.40
C SER X 92 -7.17 -2.81 -23.37
N LEU X 93 -7.32 -2.80 -24.66
CA LEU X 93 -6.25 -3.00 -25.61
C LEU X 93 -5.33 -1.79 -25.73
N PRO X 94 -4.07 -2.03 -25.98
CA PRO X 94 -3.11 -0.99 -26.28
C PRO X 94 -3.42 -0.34 -27.64
N VAL X 95 -3.44 0.99 -27.66
CA VAL X 95 -3.65 1.71 -28.91
C VAL X 95 -2.47 2.65 -29.17
N VAL X 96 -2.03 2.74 -30.41
CA VAL X 96 -0.94 3.61 -30.83
C VAL X 96 -1.49 4.56 -31.87
N GLU X 97 -1.30 5.91 -31.64
CA GLU X 97 -1.79 6.89 -32.61
C GLU X 97 -0.70 7.15 -33.62
N VAL X 98 -1.02 7.21 -34.94
CA VAL X 98 -0.11 7.43 -36.01
C VAL X 98 -0.54 8.45 -37.03
N HIS X 99 0.34 9.32 -37.40
CA HIS X 99 0.20 10.33 -38.41
C HIS X 99 1.40 10.31 -39.33
N LEU X 100 1.24 10.41 -40.62
CA LEU X 100 2.27 10.30 -41.58
C LEU X 100 3.05 11.57 -41.69
N SER X 101 2.39 12.77 -41.87
CA SER X 101 3.15 13.93 -41.98
C SER X 101 3.64 14.45 -40.64
N ASN X 102 4.65 15.35 -40.75
CA ASN X 102 5.12 15.97 -39.52
C ASN X 102 4.13 17.08 -39.12
N LEU X 103 3.18 16.73 -38.32
CA LEU X 103 2.16 17.70 -37.88
C LEU X 103 2.68 19.00 -37.27
N TYR X 104 3.80 18.89 -36.55
CA TYR X 104 4.42 19.99 -35.87
C TYR X 104 4.89 21.06 -36.80
N ALA X 105 5.18 20.69 -38.06
CA ALA X 105 5.59 21.62 -39.10
C ALA X 105 4.38 22.21 -39.83
N ARG X 106 3.17 21.86 -39.49
CA ARG X 106 1.96 22.27 -40.20
C ARG X 106 1.21 23.29 -39.39
N GLU X 107 -0.08 23.48 -39.67
CA GLU X 107 -0.82 24.50 -38.93
C GLU X 107 -0.84 24.16 -37.45
N GLU X 108 -0.97 25.20 -36.62
CA GLU X 108 -1.02 25.13 -35.20
C GLU X 108 -2.07 24.26 -34.56
N PHE X 109 -3.25 24.18 -35.17
CA PHE X 109 -4.29 23.35 -34.61
C PHE X 109 -3.85 21.89 -34.67
N ARG X 110 -2.92 21.49 -35.52
CA ARG X 110 -2.52 20.09 -35.61
C ARG X 110 -1.50 19.74 -34.56
N HIS X 111 -1.07 20.68 -33.73
CA HIS X 111 0.03 20.32 -32.80
C HIS X 111 -0.40 19.63 -31.53
N GLN X 112 -1.66 19.39 -31.31
CA GLN X 112 -2.12 18.74 -30.10
C GLN X 112 -3.02 17.59 -30.51
N SER X 113 -2.94 16.52 -29.75
CA SER X 113 -3.83 15.38 -29.87
C SER X 113 -4.67 15.22 -28.62
N VAL X 114 -5.99 15.08 -28.76
CA VAL X 114 -6.78 14.89 -27.55
C VAL X 114 -6.91 13.42 -27.22
N ILE X 115 -6.39 12.62 -28.15
CA ILE X 115 -6.40 11.19 -28.04
C ILE X 115 -5.18 10.67 -27.33
N ALA X 116 -4.02 11.21 -27.68
CA ALA X 116 -2.76 10.68 -27.20
C ALA X 116 -2.61 10.50 -25.70
N PRO X 117 -3.04 11.38 -24.82
CA PRO X 117 -2.88 11.18 -23.41
C PRO X 117 -3.36 9.83 -22.85
N VAL X 118 -4.33 9.23 -23.57
CA VAL X 118 -4.95 8.00 -23.05
C VAL X 118 -4.51 6.78 -23.86
N ALA X 119 -3.68 7.05 -24.84
CA ALA X 119 -3.14 5.97 -25.64
C ALA X 119 -1.81 5.50 -25.12
N LYS X 120 -1.31 4.41 -25.64
CA LYS X 120 0.04 3.99 -25.29
C LYS X 120 1.05 5.06 -25.69
N GLY X 121 0.87 5.61 -26.87
CA GLY X 121 1.82 6.51 -27.40
C GLY X 121 1.50 6.96 -28.82
N GLN X 122 2.36 7.71 -29.41
CA GLN X 122 2.14 8.34 -30.69
C GLN X 122 3.40 8.54 -31.50
N ILE X 123 3.24 8.27 -32.80
CA ILE X 123 4.27 8.38 -33.81
C ILE X 123 3.84 9.36 -34.88
N VAL X 124 4.64 10.39 -35.15
CA VAL X 124 4.25 11.45 -36.04
C VAL X 124 5.45 11.83 -36.91
N GLY X 125 5.18 11.97 -38.18
CA GLY X 125 6.15 12.44 -39.13
C GLY X 125 7.04 11.43 -39.83
N LEU X 126 6.91 10.15 -39.51
CA LEU X 126 7.70 9.15 -40.14
C LEU X 126 7.06 8.55 -41.36
N GLY X 127 6.13 9.18 -42.07
CA GLY X 127 5.48 8.63 -43.27
C GLY X 127 4.73 7.35 -43.04
N ALA X 128 4.46 6.56 -44.10
CA ALA X 128 3.70 5.29 -43.94
C ALA X 128 4.39 4.17 -43.15
N GLU X 129 5.70 4.24 -43.01
CA GLU X 129 6.51 3.37 -42.16
C GLU X 129 6.04 3.41 -40.73
N GLY X 130 5.41 4.51 -40.27
CA GLY X 130 4.83 4.70 -38.97
C GLY X 130 3.84 3.61 -38.63
N TYR X 131 3.07 3.18 -39.58
CA TYR X 131 2.13 2.10 -39.35
C TYR X 131 2.90 0.80 -38.94
N LYS X 132 4.01 0.54 -39.64
CA LYS X 132 4.79 -0.66 -39.36
C LYS X 132 5.48 -0.56 -38.01
N LEU X 133 6.00 0.66 -37.74
CA LEU X 133 6.64 0.86 -36.45
C LEU X 133 5.66 0.57 -35.33
N ALA X 134 4.44 1.09 -35.50
CA ALA X 134 3.42 0.84 -34.47
C ALA X 134 3.15 -0.68 -34.31
N VAL X 135 2.96 -1.31 -35.45
CA VAL X 135 2.70 -2.76 -35.41
C VAL X 135 3.84 -3.48 -34.66
N ARG X 136 5.09 -3.08 -34.91
CA ARG X 136 6.20 -3.59 -34.17
C ARG X 136 6.15 -3.40 -32.67
N TYR X 137 5.78 -2.15 -32.27
CA TYR X 137 5.69 -1.89 -30.88
C TYR X 137 4.66 -2.83 -30.24
N LEU X 138 3.56 -2.97 -30.94
CA LEU X 138 2.43 -3.75 -30.42
C LEU X 138 2.92 -5.19 -30.33
N LEU X 139 3.67 -5.65 -31.31
CA LEU X 139 4.26 -7.00 -31.37
C LEU X 139 5.15 -7.21 -30.17
N SER X 140 5.92 -6.20 -29.81
CA SER X 140 6.86 -6.18 -28.71
C SER X 140 6.27 -6.06 -27.34
N GLN X 141 5.02 -5.70 -27.14
CA GLN X 141 4.49 -5.72 -25.77
C GLN X 141 3.93 -7.06 -25.35
N GLN X 142 4.91 -7.82 -21.51
C1 GOL Y . 27.20 -35.03 11.32
O1 GOL Y . 27.83 -36.32 10.95
C2 GOL Y . 27.80 -34.59 12.69
O2 GOL Y . 29.03 -33.89 12.53
C3 GOL Y . 26.85 -33.65 13.48
O3 GOL Y . 25.52 -33.71 13.00
C1 GOL Z . 19.76 -24.65 20.28
O1 GOL Z . 19.73 -25.21 18.93
C2 GOL Z . 18.68 -24.99 21.31
O2 GOL Z . 17.54 -25.79 21.03
C3 GOL Z . 19.25 -25.67 22.58
O3 GOL Z . 19.21 -27.07 22.35
C1 GOL AA . 32.31 -38.30 7.71
O1 GOL AA . 32.29 -37.56 6.45
C2 GOL AA . 32.12 -37.24 8.84
O2 GOL AA . 32.74 -37.55 10.06
C3 GOL AA . 30.67 -36.86 9.13
O3 GOL AA . 30.46 -35.49 9.47
C1 GOL BA . 20.91 -52.75 29.17
O1 GOL BA . 20.18 -53.89 29.78
C2 GOL BA . 20.62 -52.91 27.66
O2 GOL BA . 21.74 -53.58 27.10
C3 GOL BA . 20.33 -51.52 27.08
O3 GOL BA . 19.25 -50.82 27.66
C1 GOL CA . 14.23 -45.66 15.69
O1 GOL CA . 15.58 -46.18 15.75
C2 GOL CA . 13.69 -44.77 16.85
O2 GOL CA . 13.55 -45.63 17.98
C3 GOL CA . 14.56 -43.56 17.23
O3 GOL CA . 15.90 -43.97 16.84
C1 GOL DA . 23.85 -57.10 33.75
O1 GOL DA . 22.47 -56.83 33.97
C2 GOL DA . 24.35 -56.08 32.67
O2 GOL DA . 24.73 -54.84 33.26
C3 GOL DA . 23.29 -55.87 31.58
O3 GOL DA . 23.87 -56.08 30.29
C1 GOL EA . 26.03 -28.63 37.00
O1 GOL EA . 25.47 -27.59 37.90
C2 GOL EA . 25.29 -29.99 37.23
O2 GOL EA . 25.35 -30.36 38.64
C3 GOL EA . 23.77 -29.74 37.14
O3 GOL EA . 23.32 -29.90 35.84
C1 GOL FA . 13.63 -39.41 37.70
O1 GOL FA . 12.67 -40.38 38.22
C2 GOL FA . 12.92 -38.89 36.41
O2 GOL FA . 13.09 -37.51 36.15
C3 GOL FA . 13.32 -39.73 35.17
O3 GOL FA . 14.66 -39.40 34.86
C1 GOL GA . 29.93 -24.57 38.32
O1 GOL GA . 31.17 -23.78 38.36
C2 GOL GA . 30.31 -26.07 38.50
O2 GOL GA . 31.04 -26.49 37.37
C3 GOL GA . 29.14 -26.96 38.88
O3 GOL GA . 29.50 -28.31 38.93
C1 GOL HA . 15.49 -10.92 15.75
O1 GOL HA . 16.65 -10.65 16.66
C2 GOL HA . 16.18 -12.13 15.05
O2 GOL HA . 16.93 -11.60 13.98
C3 GOL HA . 15.39 -13.41 14.91
O3 GOL HA . 14.77 -13.91 16.10
C1 GOL IA . 14.92 -27.34 11.20
O1 GOL IA . 15.44 -26.02 10.81
C2 GOL IA . 13.94 -27.18 12.39
O2 GOL IA . 13.89 -28.27 13.26
C3 GOL IA . 12.53 -26.72 11.91
O3 GOL IA . 12.61 -26.11 10.64
C1 GOL JA . 16.18 -5.23 15.81
O1 GOL JA . 16.81 -4.69 16.99
C2 GOL JA . 16.03 -6.75 15.95
O2 GOL JA . 14.74 -7.31 16.02
C3 GOL JA . 17.19 -7.64 15.58
O3 GOL JA . 17.77 -7.56 14.31
C1 GOL KA . -10.43 -13.37 15.18
O1 GOL KA . -11.34 -13.06 16.24
C2 GOL KA . -9.02 -12.70 15.51
O2 GOL KA . -9.30 -11.31 15.52
C3 GOL KA . -8.58 -13.22 16.91
O3 GOL KA . -7.99 -14.52 16.87
C1 GOL LA . 2.65 -15.75 25.59
O1 GOL LA . 1.27 -15.41 25.86
C2 GOL LA . 2.78 -17.29 25.60
O2 GOL LA . 1.64 -17.92 26.16
C3 GOL LA . 3.10 -17.96 24.25
O3 GOL LA . 2.85 -17.17 23.12
C1 GOL MA . -13.85 -9.78 12.28
O1 GOL MA . -15.21 -10.22 12.53
C2 GOL MA . -12.85 -10.89 12.71
O2 GOL MA . -12.83 -12.08 11.93
C3 GOL MA . -12.83 -11.13 14.22
C1 GOL NA . 3.87 -25.55 -2.21
O1 GOL NA . 4.36 -26.74 -2.96
C2 GOL NA . 2.66 -26.12 -1.48
O2 GOL NA . 1.54 -26.47 -2.21
C3 GOL NA . 2.33 -25.72 -0.08
O3 GOL NA . 3.13 -26.35 0.85
C1 GOL OA . -5.88 -28.60 9.79
O1 GOL OA . -6.98 -29.45 9.40
C2 GOL OA . -5.77 -28.35 11.31
O2 GOL OA . -4.54 -28.78 11.89
C3 GOL OA . -5.91 -26.85 11.68
O3 GOL OA . -4.65 -26.24 11.56
C1 GOL PA . 6.74 -23.57 -7.18
O1 GOL PA . 7.77 -24.46 -7.79
C2 GOL PA . 6.16 -24.18 -5.90
O2 GOL PA . 6.65 -23.61 -4.69
C3 GOL PA . 4.63 -24.32 -5.85
C1 GOL QA . 6.48 -53.36 6.50
O1 GOL QA . 7.22 -54.10 5.46
C2 GOL QA . 6.91 -53.86 7.86
O2 GOL QA . 7.14 -55.28 8.04
C3 GOL QA . 6.13 -53.19 8.97
O3 GOL QA . 6.25 -51.77 8.94
C1 GOL RA . 8.17 -50.01 22.42
O1 GOL RA . 8.02 -51.42 22.09
C2 GOL RA . 6.82 -49.26 22.23
O2 GOL RA . 6.62 -47.95 22.71
C3 GOL RA . 5.65 -50.17 22.60
O3 GOL RA . 4.40 -49.64 22.26
C1 GOL SA . 5.77 -55.47 0.04
O1 GOL SA . 7.12 -56.03 0.04
C2 GOL SA . 5.42 -54.99 1.48
O2 GOL SA . 4.55 -53.91 1.72
C3 GOL SA . 5.59 -56.08 2.53
O3 GOL SA . 6.63 -55.90 3.46
C1 GOL TA . -16.22 -40.66 7.85
O1 GOL TA . -17.14 -39.55 7.49
C2 GOL TA . -14.96 -40.50 6.91
O2 GOL TA . -15.06 -41.39 5.78
C3 GOL TA . -13.63 -40.61 7.65
O3 GOL TA . -13.27 -39.79 8.73
C1 GOL UA . 0.51 -37.15 6.52
O1 GOL UA . -0.57 -37.53 5.61
C2 GOL UA . -0.05 -36.97 7.95
O2 GOL UA . -1.04 -35.94 8.11
C3 GOL UA . -0.68 -38.30 8.45
O3 GOL UA . -0.02 -39.38 7.82
C1 GOL VA . -21.83 -41.11 7.83
O1 GOL VA . -23.17 -41.25 7.28
C2 GOL VA . -20.92 -42.06 6.96
O2 GOL VA . -20.82 -43.29 7.62
C3 GOL VA . -19.62 -41.47 6.41
O3 GOL VA . -18.89 -42.38 5.58
C1 GOL WA . -8.78 -56.19 27.16
O1 GOL WA . -8.40 -56.70 28.49
C2 GOL WA . -9.36 -54.83 27.55
O2 GOL WA . -10.66 -54.91 28.05
C3 GOL WA . -8.99 -53.60 26.73
O3 GOL WA . -7.75 -53.01 27.10
C1 GOL XA . -12.19 -40.10 24.02
O1 GOL XA . -12.61 -40.66 25.28
C2 GOL XA . -10.70 -39.66 24.07
O2 GOL XA . -10.40 -39.04 25.31
C3 GOL XA . -9.77 -40.81 23.74
O3 GOL XA . -8.65 -40.56 22.92
C1 GOL YA . -8.29 -62.88 29.16
O1 GOL YA . -7.65 -62.13 30.20
C2 GOL YA . -8.82 -61.84 28.15
O2 GOL YA . -7.94 -61.56 27.06
C3 GOL YA . -9.40 -60.55 28.72
O3 GOL YA . -10.18 -59.90 27.68
C1 GOL ZA . 3.21 -39.33 48.65
O1 GOL ZA . 4.30 -40.35 48.71
C2 GOL ZA . 3.91 -38.01 48.30
O2 GOL ZA . 5.25 -38.13 48.75
C3 GOL ZA . 4.00 -37.34 46.94
O3 GOL ZA . 4.38 -38.00 45.81
C1 GOL AB . 11.35 -28.10 38.45
O1 GOL AB . 10.94 -28.48 39.81
C2 GOL AB . 10.49 -28.86 37.42
O2 GOL AB . 10.36 -30.26 37.50
C3 GOL AB . 9.13 -28.17 37.25
O3 GOL AB . 8.66 -27.81 38.54
C1 GOL BB . 0.89 -42.17 53.61
O1 GOL BB . 1.68 -43.38 53.35
C2 GOL BB . 0.95 -41.29 52.32
O2 GOL BB . 0.24 -41.96 51.26
C3 GOL BB . 2.41 -41.08 51.92
O3 GOL BB . 3.10 -39.91 52.30
C1 GOL CB . -18.43 -32.16 36.27
O1 GOL CB . -19.71 -32.22 35.48
C2 GOL CB . -17.91 -33.63 36.15
O2 GOL CB . -18.56 -34.44 37.14
C3 GOL CB . -16.40 -33.79 36.06
O3 GOL CB . -15.79 -33.15 34.94
C1 GOL DB . -5.84 -43.14 34.07
O1 GOL DB . -6.60 -42.49 35.12
C2 GOL DB . -4.92 -42.09 33.37
O2 GOL DB . -5.60 -40.98 32.83
C3 GOL DB . -3.82 -41.62 34.32
O3 GOL DB . -4.23 -40.43 34.99
C1 GOL EB . -22.91 -29.25 36.77
O1 GOL EB . -24.19 -28.60 37.03
C2 GOL EB . -22.68 -30.35 37.84
O2 GOL EB . -22.24 -29.81 39.04
C3 GOL EB . -21.82 -31.55 37.41
O3 GOL EB . -21.95 -32.75 38.14
C1 GOL FB . 0.43 -14.35 40.80
O1 GOL FB . 1.26 -13.34 40.07
C2 GOL FB . -0.78 -14.71 39.94
O2 GOL FB . -1.56 -13.60 39.53
C3 GOL FB . -0.89 -15.90 39.03
O3 GOL FB . 0.14 -16.37 38.22
C1 GOL GB . -8.20 -21.33 27.48
O1 GOL GB . -8.00 -20.23 28.40
C2 GOL GB . -6.94 -22.21 27.38
O2 GOL GB . -5.72 -21.52 27.60
C3 GOL GB . -6.98 -23.48 28.22
O3 GOL GB . -7.03 -23.28 29.61
C1 GOL HB . 1.04 -11.78 45.56
O1 GOL HB . 2.32 -11.10 45.60
C2 GOL HB . 0.84 -12.65 44.29
O2 GOL HB . 1.45 -13.94 44.29
C3 GOL HB . 1.06 -11.95 42.96
O3 GOL HB . 0.01 -11.12 42.52
C1 GOL IB . 6.99 56.18 -28.35
O1 GOL IB . 8.22 56.91 -28.04
C2 GOL IB . 6.86 55.75 -29.82
O2 GOL IB . 8.12 55.77 -30.60
C3 GOL IB . 6.46 54.24 -29.92
O3 GOL IB . 6.06 53.60 -28.68
C1 GOL JB . 5.91 41.25 -35.34
O1 GOL JB . 6.82 42.38 -35.16
C2 GOL JB . 5.17 40.86 -34.03
O2 GOL JB . 5.41 41.67 -32.91
C3 GOL JB . 3.65 40.71 -34.18
O3 GOL JB . 2.97 41.93 -33.99
C1 GOL KB . 8.31 62.63 -28.34
O1 GOL KB . 8.31 62.60 -26.89
C2 GOL KB . 7.61 61.40 -28.95
O2 GOL KB . 6.38 61.01 -28.37
C3 GOL KB . 8.55 60.20 -29.10
O3 GOL KB . 9.05 60.00 -30.41
C1 GOL LB . -18.75 55.62 -28.41
O1 GOL LB . -20.11 55.13 -28.01
C2 GOL LB . -18.08 55.65 -27.00
O2 GOL LB . -18.06 57.05 -26.57
C3 GOL LB . -16.73 54.92 -27.02
O3 GOL LB . -16.75 53.58 -27.36
C1 GOL MB . -5.98 50.85 -18.56
O1 GOL MB . -6.89 51.89 -19.02
C2 GOL MB . -5.56 49.89 -19.69
O2 GOL MB . -5.50 48.51 -19.50
C3 GOL MB . -6.12 50.15 -21.11
O3 GOL MB . -5.07 50.16 -22.05
C1 GOL NB . -24.19 58.05 -32.15
O1 GOL NB . -24.77 58.35 -30.86
C2 GOL NB . -22.65 58.24 -32.05
O2 GOL NB . -21.93 57.01 -32.21
C3 GOL NB . -22.21 58.99 -30.80
O3 GOL NB . -21.23 58.38 -29.98
C1 GOL OB . -6.06 43.90 -47.73
O1 GOL OB . -5.38 42.73 -48.29
C2 GOL OB . -7.37 43.24 -47.11
O2 GOL OB . -8.42 44.08 -47.72
C3 GOL OB . -7.33 43.48 -45.60
O3 GOL OB . -6.78 42.55 -44.72
C1 GOL PB . -16.70 39.62 -34.40
O1 GOL PB . -16.21 39.84 -35.74
C2 GOL PB . -15.47 39.33 -33.47
O2 GOL PB . -14.57 38.31 -33.86
C3 GOL PB . -14.60 40.61 -33.38
O3 GOL PB . -14.70 41.29 -34.62
C1 GOL QB . -3.51 45.57 -53.20
O1 GOL QB . -2.36 44.74 -53.50
C2 GOL QB . -3.30 46.40 -51.90
O2 GOL QB . -1.89 46.50 -51.73
C3 GOL QB . -3.88 45.77 -50.61
O3 GOL QB . -5.22 45.34 -50.80
C1 GOL RB . 18.73 33.08 -35.13
O1 GOL RB . 18.64 33.37 -36.60
C2 GOL RB . 18.26 34.42 -34.48
O2 GOL RB . 19.43 35.27 -34.42
C3 GOL RB . 17.51 34.20 -33.17
O3 GOL RB . 16.13 33.84 -33.35
C1 GOL SB . 11.06 42.52 -24.43
O1 GOL SB . 12.20 42.67 -25.29
C2 GOL SB . 9.83 41.98 -25.21
O2 GOL SB . 8.76 42.83 -24.86
C3 GOL SB . 9.37 40.56 -24.87
O3 GOL SB . 10.00 40.04 -23.73
C1 GOL TB . 22.79 30.18 -39.66
O1 GOL TB . 21.69 29.80 -40.52
C2 GOL TB . 22.22 30.47 -38.24
O2 GOL TB . 21.12 29.67 -37.85
C3 GOL TB . 21.90 31.96 -38.05
O3 GOL TB . 22.22 32.40 -36.73
C1 GOL UB . 11.56 13.65 -19.60
O1 GOL UB . 10.74 12.69 -18.79
C2 GOL UB . 10.61 13.80 -20.79
O2 GOL UB . 10.94 12.92 -21.91
C3 GOL UB . 10.47 15.22 -21.23
O3 GOL UB . 9.79 16.06 -20.39
C1 GOL VB . 3.81 21.56 -31.51
O1 GOL VB . 3.27 21.80 -30.17
C2 GOL VB . 5.28 22.05 -31.64
O2 GOL VB . 5.51 22.62 -32.93
C3 GOL VB . 5.53 23.14 -30.57
O3 GOL VB . 6.21 24.25 -31.07
C1 GOL WB . 13.78 9.99 -15.17
O1 GOL WB . 13.14 8.73 -14.80
C2 GOL WB . 14.48 9.94 -16.57
O2 GOL WB . 15.77 10.48 -16.44
C3 GOL WB . 13.76 10.69 -17.72
O3 GOL WB . 14.19 10.35 -19.03
C1 GOL XB . 17.94 36.50 -9.14
O1 GOL XB . 17.48 37.87 -8.71
C2 GOL XB . 16.82 35.67 -8.33
O2 GOL XB . 17.62 34.63 -7.67
C3 GOL XB . 15.91 35.14 -9.50
O3 GOL XB . 15.07 36.02 -10.29
C1 GOL YB . 5.11 26.41 -9.56
O1 GOL YB . 5.88 26.97 -8.51
C2 GOL YB . 3.89 27.15 -10.11
O2 GOL YB . 3.15 26.23 -10.90
C3 GOL YB . 4.14 28.41 -10.95
O3 GOL YB . 4.44 28.28 -12.30
C1 GOL ZB . 21.98 40.49 -7.77
O1 GOL ZB . 23.06 41.31 -8.26
C2 GOL ZB . 22.11 38.99 -8.17
O2 GOL ZB . 22.73 38.76 -9.43
C3 GOL ZB . 20.76 38.24 -8.18
O3 GOL ZB . 19.72 38.93 -8.85
C1 GOL AC . -7.72 51.79 -3.62
O1 GOL AC . -6.74 52.92 -4.11
C2 GOL AC . -8.68 51.70 -4.87
O2 GOL AC . -9.84 52.50 -4.54
C3 GOL AC . -8.98 50.28 -5.24
O3 GOL AC . -8.20 49.67 -6.25
C1 GOL BC . -15.76 46.15 -17.55
O1 GOL BC . -16.26 46.49 -16.23
C2 GOL BC . -14.40 45.46 -17.36
O2 GOL BC . -13.20 46.12 -17.61
C3 GOL BC . -14.43 44.29 -16.35
O3 GOL BC . -15.76 43.92 -16.02
C1 GOL CC . -5.35 54.60 0.39
O1 GOL CC . -4.42 54.56 1.50
C2 GOL CC . -6.24 53.35 0.28
O2 GOL CC . -5.57 52.08 0.18
C3 GOL CC . -7.24 53.48 -0.89
O3 GOL CC . -8.50 53.96 -0.51
C1 GOL DC . -4.56 26.26 2.20
O1 GOL DC . -3.93 24.97 1.82
C2 GOL DC . -3.41 27.31 1.94
O2 GOL DC . -3.19 28.11 3.13
C3 GOL DC . -3.72 28.19 0.72
O3 GOL DC . -4.17 27.73 -0.52
C1 GOL EC . 1.44 38.26 -7.33
O1 GOL EC . 2.68 37.57 -7.08
C2 GOL EC . 0.78 37.92 -8.70
O2 GOL EC . 1.26 36.67 -9.21
C3 GOL EC . -0.75 37.79 -8.57
O3 GOL EC . -1.32 38.95 -7.98
C1 GOL FC . -6.43 22.16 6.90
O1 GOL FC . -6.14 21.46 5.66
C2 GOL FC . -6.64 23.66 6.53
O2 GOL FC . -7.80 23.66 5.72
C3 GOL FC . -5.52 24.23 5.64
O3 GOL FC . -5.27 25.59 6.02
C1 GOL GC . -26.96 34.40 -8.81
O1 GOL GC . -27.90 34.43 -9.96
C2 GOL GC . -26.27 33.03 -9.12
O2 GOL GC . -26.90 31.96 -8.44
C3 GOL GC . -24.74 33.11 -9.03
O3 GOL GC . -24.15 33.60 -10.22
C1 GOL HC . -14.86 23.82 -11.41
O1 GOL HC . -16.26 23.58 -11.63
C2 GOL HC . -14.09 23.76 -12.74
O2 GOL HC . -14.72 22.67 -13.42
C3 GOL HC . -14.18 25.03 -13.58
O3 GOL HC . -12.96 25.72 -13.72
C1 GOL IC . -32.32 37.47 -6.78
O1 GOL IC . -32.18 37.77 -8.21
C2 GOL IC . -30.90 37.08 -6.28
O2 GOL IC . -29.95 38.11 -6.60
C3 GOL IC . -30.39 35.80 -7.00
O3 GOL IC . -29.85 34.97 -6.00
C1 GOL JC . -25.96 28.37 -37.76
O1 GOL JC . -26.87 29.45 -37.41
C2 GOL JC . -24.76 28.87 -38.58
O2 GOL JC . -24.83 28.72 -40.00
C3 GOL JC . -23.40 28.47 -37.96
O3 GOL JC . -23.25 29.21 -36.76
C1 GOL KC . -9.59 32.02 -39.72
O1 GOL KC . -10.23 30.97 -40.49
C2 GOL KC . -9.21 31.49 -38.32
O2 GOL KC . -9.40 32.15 -37.12
C3 GOL KC . -9.13 29.98 -38.25
O3 GOL KC . -10.40 29.34 -38.35
C1 GOL LC . -32.35 27.71 -37.49
O1 GOL LC . -33.01 29.00 -37.74
C2 GOL LC . -31.18 27.55 -38.47
O2 GOL LC . -30.83 26.23 -38.84
C3 GOL LC . -29.85 28.20 -38.08
O3 GOL LC . -28.84 27.35 -38.65
C1 GOL MC . -18.14 12.29 -18.49
O1 GOL MC . -17.60 10.90 -18.81
C2 GOL MC . -18.83 12.79 -19.80
O2 GOL MC . -18.85 11.60 -20.60
C3 GOL MC . -17.97 13.79 -20.58
O3 GOL MC . -16.99 14.44 -19.80
C1 GOL NC . -20.63 25.89 -19.76
O1 GOL NC . -19.31 25.78 -19.16
C2 GOL NC . -20.70 27.21 -20.55
O2 GOL NC . -21.96 27.81 -20.70
C3 GOL NC . -19.83 27.52 -21.76
O3 GOL NC . -20.17 26.76 -22.91
C1 GOL OC . -17.04 5.53 -19.52
O1 GOL OC . -17.95 4.72 -18.73
C2 GOL OC . -17.88 6.43 -20.47
O2 GOL OC . -17.09 7.09 -21.43
C3 GOL OC . -18.66 7.50 -19.66
O3 GOL OC . -19.02 6.97 -18.40
C1 GOL PC . -4.27 14.93 -41.57
O1 GOL PC . -2.93 15.12 -42.16
C2 GOL PC . -4.14 14.20 -40.25
O2 GOL PC . -3.45 12.94 -40.23
C3 GOL PC . -3.70 15.12 -39.14
O3 GOL PC . -4.29 16.38 -38.89
C1 GOL QC . -2.15 16.04 -24.93
O1 GOL QC . -1.73 15.21 -26.03
C2 GOL QC . -2.65 17.41 -25.48
O2 GOL QC . -2.03 17.86 -26.67
C3 GOL QC . -4.15 17.54 -25.64
O3 GOL QC . -4.56 18.81 -26.13
C1 GOL RC . -3.97 13.16 -48.25
O1 GOL RC . -3.26 14.33 -47.78
C2 GOL RC . -4.72 12.62 -46.98
O2 GOL RC . -5.94 13.29 -46.81
C3 GOL RC . -3.88 12.91 -45.72
O3 GOL RC . -4.50 12.47 -44.55
#